data_7EP9
#
_entry.id   7EP9
#
_cell.length_a   192.004
_cell.length_b   124.797
_cell.length_c   128.898
_cell.angle_alpha   90.000
_cell.angle_beta   90.000
_cell.angle_gamma   90.000
#
_symmetry.space_group_name_H-M   'P 21 21 2'
#
loop_
_entity.id
_entity.type
_entity.pdbx_description
1 polymer 'S9 family peptidase'
2 water water
#
_entity_poly.entity_id   1
_entity_poly.type   'polypeptide(L)'
_entity_poly.pdbx_seq_one_letter_code
;MENLKLDSFLEYKFLSNLDFNPDGSNLAFSLSEADLENNSYKHFIYNLDTKNKEIKKLTHSGKEKNSLWLNNNTILFSAD
RDKDIEEKKKLGETWTIFYALDIKNGGEAYEYMKLPVNVTEIKIIDENNFILTADFDNNSLNLNDLKGGEREKAIKQIEE
NKDYEVLDEIPFWSNGNGFRNKKRNRLYHFDKSNNKLTPISDEYTNVESFNIKENKVIFVGRTYKDKQALTAGLYTYDVK
SNKLEIIISDNLYDISYANFIEDKIICALSDMKEYGINENHKIYLIDSNKNINLLYENDTWLACTVGSDCRLGGGKSFKV
IGNKLYFLSTIADSVHLSSLDTNGKVEILSSENGSIDFFDIANNEIYYVGMRDYTLQEIYKLENNSSIKLSSFNEEINKK
YKISKPEVFDFITNGDTTKGFVIYPIDYDKNKTYPAILDIHGGPKTVYGDVYYHEMQVWANMGYFVIFTNPHGSDGYGNK
FADIRGKYGTIDYEDLMNFTDYVLEKYPIDKSRVGVTGGSYGGYMTNWIIGHTDRFKCAASQRSISNWISKFGTTDIGYY
FNADQNQATPWINHDKLWWHSPLKYADKAKTPTLFIHSEEDYRCWLAEGLQMFTALKYHGIEARLCMFRGENHELSRSGK
PKHRIRRLTEITNWFEKYLK
;
_entity_poly.pdbx_strand_id   G,A,B,C
#
# COMPACT_ATOMS: atom_id res chain seq x y z
N MET A 1 42.71 24.04 3.21
CA MET A 1 42.42 23.19 4.35
C MET A 1 41.13 23.62 5.05
N GLU A 2 40.14 22.75 4.99
CA GLU A 2 38.86 22.97 5.65
C GLU A 2 38.82 22.25 7.00
N ASN A 3 37.87 22.65 7.83
CA ASN A 3 37.70 22.03 9.13
C ASN A 3 36.93 20.72 9.00
N LEU A 4 37.44 19.66 9.62
CA LEU A 4 36.72 18.40 9.65
C LEU A 4 35.44 18.56 10.44
N LYS A 5 34.31 18.23 9.83
CA LYS A 5 33.01 18.42 10.44
C LYS A 5 32.53 17.13 11.13
N LEU A 6 31.49 17.26 11.94
CA LEU A 6 30.95 16.11 12.67
C LEU A 6 30.50 15.02 11.70
N ASP A 7 29.81 15.39 10.63
CA ASP A 7 29.27 14.44 9.68
C ASP A 7 30.23 14.16 8.53
N SER A 8 31.51 14.46 8.70
CA SER A 8 32.49 14.22 7.64
C SER A 8 32.68 12.74 7.34
N PHE A 9 32.37 11.85 8.30
CA PHE A 9 32.50 10.43 8.06
C PHE A 9 31.54 9.94 6.98
N LEU A 10 30.51 10.73 6.64
CA LEU A 10 29.64 10.38 5.53
C LEU A 10 30.38 10.32 4.20
N GLU A 11 31.58 10.87 4.14
CA GLU A 11 32.40 10.87 2.93
C GLU A 11 33.53 9.86 2.97
N TYR A 12 33.68 9.11 4.07
CA TYR A 12 34.72 8.11 4.18
C TYR A 12 34.35 6.87 3.37
N LYS A 13 35.37 6.09 3.02
CA LYS A 13 35.21 4.80 2.37
C LYS A 13 35.74 3.71 3.29
N PHE A 14 35.06 2.57 3.30
CA PHE A 14 35.44 1.45 4.14
C PHE A 14 35.59 0.20 3.27
N LEU A 15 36.70 -0.51 3.46
CA LEU A 15 37.01 -1.70 2.68
C LEU A 15 36.73 -2.96 3.50
N SER A 16 36.38 -4.04 2.79
CA SER A 16 36.11 -5.31 3.46
C SER A 16 36.23 -6.44 2.45
N ASN A 17 36.41 -7.64 2.98
CA ASN A 17 36.38 -8.88 2.21
C ASN A 17 37.48 -8.92 1.14
N LEU A 18 38.70 -8.61 1.55
CA LEU A 18 39.85 -8.76 0.68
C LEU A 18 40.10 -10.24 0.41
N ASP A 19 39.96 -10.65 -0.85
CA ASP A 19 39.95 -12.08 -1.18
C ASP A 19 40.63 -12.32 -2.51
N PHE A 20 41.58 -13.26 -2.52
CA PHE A 20 42.28 -13.67 -3.73
C PHE A 20 41.41 -14.62 -4.56
N ASN A 21 41.68 -14.65 -5.86
CA ASN A 21 41.18 -15.75 -6.67
C ASN A 21 42.20 -16.89 -6.69
N PRO A 22 41.82 -18.10 -7.10
CA PRO A 22 42.70 -19.26 -6.88
C PRO A 22 44.10 -19.15 -7.48
N ASP A 23 44.33 -18.30 -8.48
CA ASP A 23 45.64 -18.21 -9.10
C ASP A 23 46.35 -16.89 -8.82
N GLY A 24 45.88 -16.14 -7.81
CA GLY A 24 46.55 -14.92 -7.39
C GLY A 24 46.59 -13.81 -8.42
N SER A 25 45.78 -13.95 -9.47
CA SER A 25 45.78 -12.92 -10.51
C SER A 25 44.94 -11.71 -10.11
N ASN A 26 43.85 -11.93 -9.38
CA ASN A 26 42.93 -10.87 -9.02
C ASN A 26 42.68 -10.87 -7.52
N LEU A 27 42.33 -9.69 -7.00
CA LEU A 27 41.98 -9.51 -5.60
C LEU A 27 40.64 -8.80 -5.53
N ALA A 28 39.61 -9.52 -5.11
CA ALA A 28 38.31 -8.92 -4.91
C ALA A 28 38.22 -8.29 -3.53
N PHE A 29 37.42 -7.24 -3.42
CA PHE A 29 37.13 -6.62 -2.14
C PHE A 29 35.86 -5.78 -2.28
N SER A 30 35.32 -5.38 -1.15
CA SER A 30 34.10 -4.59 -1.10
C SER A 30 34.38 -3.20 -0.54
N LEU A 31 33.70 -2.20 -1.10
CA LEU A 31 33.75 -0.84 -0.59
C LEU A 31 32.39 -0.48 -0.01
N SER A 32 32.41 0.23 1.12
CA SER A 32 31.19 0.63 1.80
C SER A 32 31.21 2.12 2.07
N GLU A 33 30.08 2.77 1.83
CA GLU A 33 29.94 4.20 2.08
C GLU A 33 28.56 4.48 2.64
N ALA A 34 28.47 5.52 3.47
CA ALA A 34 27.21 5.86 4.10
C ALA A 34 26.23 6.46 3.09
N ASP A 35 24.96 6.13 3.26
CA ASP A 35 23.87 6.65 2.45
C ASP A 35 22.90 7.32 3.42
N LEU A 36 23.13 8.61 3.70
CA LEU A 36 22.36 9.30 4.73
C LEU A 36 20.88 9.35 4.39
N GLU A 37 20.55 9.57 3.11
CA GLU A 37 19.15 9.74 2.72
C GLU A 37 18.34 8.49 3.02
N ASN A 38 18.94 7.31 2.84
CA ASN A 38 18.28 6.05 3.15
C ASN A 38 18.67 5.50 4.52
N ASN A 39 19.50 6.22 5.27
CA ASN A 39 19.95 5.80 6.60
C ASN A 39 20.47 4.37 6.57
N SER A 40 21.34 4.09 5.60
CA SER A 40 21.86 2.75 5.39
C SER A 40 23.29 2.87 4.87
N TYR A 41 23.78 1.82 4.23
CA TYR A 41 25.12 1.81 3.67
C TYR A 41 25.09 1.14 2.30
N LYS A 42 25.59 1.84 1.30
CA LYS A 42 25.79 1.25 -0.01
C LYS A 42 27.06 0.41 -0.01
N HIS A 43 27.05 -0.66 -0.82
CA HIS A 43 28.19 -1.57 -0.93
C HIS A 43 28.46 -1.87 -2.39
N PHE A 44 29.74 -1.86 -2.76
CA PHE A 44 30.17 -2.11 -4.13
C PHE A 44 31.33 -3.08 -4.12
N ILE A 45 31.37 -3.94 -5.13
CA ILE A 45 32.45 -4.90 -5.31
C ILE A 45 33.48 -4.32 -6.26
N TYR A 46 34.75 -4.37 -5.86
CA TYR A 46 35.86 -3.90 -6.66
C TYR A 46 36.79 -5.07 -6.99
N ASN A 47 37.72 -4.82 -7.92
CA ASN A 47 38.72 -5.81 -8.28
C ASN A 47 40.07 -5.13 -8.40
N LEU A 48 41.13 -5.88 -8.07
CA LEU A 48 42.51 -5.41 -8.19
C LEU A 48 43.29 -6.45 -8.97
N ASP A 49 43.69 -6.11 -10.19
CA ASP A 49 44.58 -6.97 -10.97
C ASP A 49 45.99 -6.86 -10.41
N THR A 50 46.55 -7.98 -9.97
CA THR A 50 47.80 -7.96 -9.21
C THR A 50 49.03 -7.68 -10.07
N LYS A 51 48.92 -7.74 -11.39
CA LYS A 51 50.10 -7.54 -12.23
C LYS A 51 50.44 -6.06 -12.37
N ASN A 52 49.44 -5.21 -12.63
CA ASN A 52 49.67 -3.78 -12.82
C ASN A 52 48.85 -2.92 -11.87
N LYS A 53 48.18 -3.53 -10.89
CA LYS A 53 47.54 -2.81 -9.78
C LYS A 53 46.36 -1.95 -10.26
N GLU A 54 45.61 -2.44 -11.23
CA GLU A 54 44.44 -1.71 -11.71
C GLU A 54 43.26 -1.95 -10.77
N ILE A 55 42.62 -0.87 -10.36
CA ILE A 55 41.42 -0.93 -9.51
C ILE A 55 40.21 -0.73 -10.42
N LYS A 56 39.20 -1.59 -10.24
CA LYS A 56 37.98 -1.54 -11.04
C LYS A 56 36.77 -1.65 -10.15
N LYS A 57 35.76 -0.81 -10.41
CA LYS A 57 34.46 -0.97 -9.78
C LYS A 57 33.62 -1.92 -10.63
N LEU A 58 33.00 -2.90 -9.97
CA LEU A 58 32.29 -3.96 -10.69
C LEU A 58 30.79 -3.94 -10.51
N THR A 59 30.29 -3.49 -9.36
CA THR A 59 28.86 -3.34 -9.13
C THR A 59 28.54 -1.90 -8.79
N HIS A 60 27.31 -1.49 -9.08
CA HIS A 60 26.91 -0.10 -8.93
C HIS A 60 25.58 0.12 -8.24
N SER A 61 24.76 -0.92 -8.06
CA SER A 61 23.47 -0.74 -7.41
C SER A 61 23.61 -0.40 -5.93
N GLY A 62 24.73 -0.77 -5.30
CA GLY A 62 24.97 -0.42 -3.92
C GLY A 62 24.51 -1.44 -2.91
N LYS A 63 24.22 -2.67 -3.32
CA LYS A 63 23.70 -3.70 -2.43
C LYS A 63 24.41 -5.02 -2.66
N GLU A 64 25.74 -4.99 -2.77
CA GLU A 64 26.51 -6.19 -3.10
C GLU A 64 27.81 -6.23 -2.33
N LYS A 65 28.08 -7.38 -1.71
CA LYS A 65 29.37 -7.69 -1.11
C LYS A 65 29.88 -8.99 -1.72
N ASN A 66 31.17 -9.05 -2.01
CA ASN A 66 31.75 -10.25 -2.61
C ASN A 66 31.87 -11.36 -1.57
N SER A 67 31.47 -12.57 -1.95
CA SER A 67 31.53 -13.74 -1.09
C SER A 67 32.64 -14.70 -1.45
N LEU A 68 32.69 -15.13 -2.71
CA LEU A 68 33.65 -16.12 -3.15
C LEU A 68 34.09 -15.83 -4.57
N TRP A 69 35.12 -16.56 -5.00
CA TRP A 69 35.51 -16.63 -6.40
C TRP A 69 35.03 -17.97 -6.93
N LEU A 70 34.04 -17.94 -7.83
CA LEU A 70 33.56 -19.16 -8.44
C LEU A 70 34.67 -19.85 -9.24
N ASN A 71 35.45 -19.07 -9.97
CA ASN A 71 36.65 -19.55 -10.65
C ASN A 71 37.61 -18.38 -10.75
N ASN A 72 38.55 -18.46 -11.69
CA ASN A 72 39.53 -17.39 -11.84
C ASN A 72 38.97 -16.14 -12.49
N ASN A 73 37.72 -16.18 -12.99
CA ASN A 73 37.17 -15.06 -13.73
C ASN A 73 35.82 -14.59 -13.20
N THR A 74 35.33 -15.15 -12.09
CA THR A 74 33.94 -14.90 -11.67
C THR A 74 33.86 -14.73 -10.17
N ILE A 75 33.29 -13.60 -9.73
CA ILE A 75 32.99 -13.35 -8.33
C ILE A 75 31.56 -13.75 -8.04
N LEU A 76 31.35 -14.43 -6.92
CA LEU A 76 30.02 -14.86 -6.48
C LEU A 76 29.58 -13.99 -5.31
N PHE A 77 28.37 -13.44 -5.41
CA PHE A 77 27.84 -12.60 -4.34
C PHE A 77 26.36 -12.89 -4.13
N SER A 78 25.87 -12.53 -2.94
CA SER A 78 24.48 -12.69 -2.57
C SER A 78 23.77 -11.35 -2.63
N ALA A 79 22.54 -11.36 -3.14
CA ALA A 79 21.73 -10.15 -3.25
C ALA A 79 20.27 -10.56 -3.34
N ASP A 80 19.40 -9.56 -3.44
CA ASP A 80 17.95 -9.76 -3.50
C ASP A 80 17.41 -9.10 -4.77
N ARG A 81 17.49 -9.84 -5.88
CA ARG A 81 16.99 -9.37 -7.17
C ARG A 81 15.79 -10.17 -7.65
N ASP A 82 15.25 -11.06 -6.83
CA ASP A 82 14.06 -11.84 -7.16
C ASP A 82 12.95 -11.42 -6.20
N LYS A 83 11.92 -10.77 -6.74
CA LYS A 83 10.87 -10.21 -5.88
C LYS A 83 9.96 -11.30 -5.32
N ASP A 84 9.84 -12.44 -6.02
CA ASP A 84 9.05 -13.54 -5.48
C ASP A 84 9.72 -14.13 -4.25
N ILE A 85 11.03 -14.37 -4.32
CA ILE A 85 11.77 -14.85 -3.17
C ILE A 85 11.78 -13.79 -2.06
N GLU A 86 11.87 -12.52 -2.45
CA GLU A 86 11.90 -11.44 -1.46
C GLU A 86 10.63 -11.40 -0.63
N GLU A 87 9.47 -11.59 -1.27
CA GLU A 87 8.22 -11.59 -0.53
C GLU A 87 8.04 -12.87 0.29
N LYS A 88 8.54 -13.99 -0.20
CA LYS A 88 8.46 -15.24 0.57
C LYS A 88 9.33 -15.16 1.82
N LYS A 89 10.43 -14.42 1.77
CA LYS A 89 11.25 -14.23 2.96
C LYS A 89 10.49 -13.44 4.02
N LYS A 90 9.71 -12.45 3.60
CA LYS A 90 8.90 -11.69 4.55
C LYS A 90 7.83 -12.55 5.20
N LEU A 91 7.31 -13.53 4.47
CA LEU A 91 6.30 -14.42 5.05
C LEU A 91 6.92 -15.40 6.04
N GLY A 92 8.15 -15.84 5.80
CA GLY A 92 8.81 -16.72 6.74
C GLY A 92 9.76 -17.71 6.09
N GLU A 93 9.80 -17.73 4.76
CA GLU A 93 10.67 -18.65 4.05
C GLU A 93 12.13 -18.21 4.19
N THR A 94 13.02 -19.19 4.30
CA THR A 94 14.46 -18.95 4.40
C THR A 94 15.08 -19.15 3.02
N TRP A 95 15.81 -18.14 2.55
CA TRP A 95 16.35 -18.18 1.20
C TRP A 95 17.59 -17.33 1.09
N THR A 96 18.48 -17.73 0.18
CA THR A 96 19.66 -16.94 -0.17
C THR A 96 19.99 -17.22 -1.63
N ILE A 97 20.03 -16.15 -2.43
CA ILE A 97 20.32 -16.25 -3.86
C ILE A 97 21.73 -15.72 -4.09
N PHE A 98 22.55 -16.52 -4.77
CA PHE A 98 23.92 -16.14 -5.10
C PHE A 98 24.05 -15.90 -6.60
N TYR A 99 24.59 -14.74 -6.96
CA TYR A 99 24.77 -14.34 -8.34
C TYR A 99 26.26 -14.38 -8.70
N ALA A 100 26.53 -14.68 -9.96
CA ALA A 100 27.89 -14.79 -10.48
C ALA A 100 28.17 -13.68 -11.47
N LEU A 101 29.32 -13.02 -11.33
CA LEU A 101 29.70 -11.89 -12.16
C LEU A 101 31.03 -12.21 -12.83
N ASP A 102 30.98 -12.49 -14.13
CA ASP A 102 32.17 -12.82 -14.91
C ASP A 102 32.94 -11.54 -15.21
N ILE A 103 34.10 -11.37 -14.58
CA ILE A 103 34.90 -10.16 -14.77
C ILE A 103 35.61 -10.16 -16.12
N LYS A 104 35.88 -11.33 -16.69
CA LYS A 104 36.66 -11.41 -17.92
C LYS A 104 35.79 -11.24 -19.16
N ASN A 105 34.71 -12.02 -19.28
CA ASN A 105 33.89 -11.99 -20.49
C ASN A 105 32.89 -10.84 -20.51
N GLY A 106 32.66 -10.18 -19.38
CA GLY A 106 31.82 -9.00 -19.36
C GLY A 106 30.35 -9.30 -19.10
N GLY A 107 29.58 -8.23 -19.04
CA GLY A 107 28.16 -8.31 -18.77
C GLY A 107 27.84 -8.00 -17.32
N GLU A 108 26.58 -8.21 -16.98
CA GLU A 108 26.09 -8.01 -15.63
C GLU A 108 25.99 -9.34 -14.91
N ALA A 109 25.57 -9.28 -13.64
CA ALA A 109 25.49 -10.48 -12.83
C ALA A 109 24.30 -11.34 -13.24
N TYR A 110 24.51 -12.65 -13.23
CA TYR A 110 23.44 -13.61 -13.49
C TYR A 110 23.29 -14.54 -12.29
N GLU A 111 22.06 -14.99 -12.07
CA GLU A 111 21.78 -15.88 -10.95
C GLU A 111 22.47 -17.23 -11.13
N TYR A 112 23.09 -17.70 -10.06
CA TYR A 112 23.84 -18.95 -10.10
C TYR A 112 23.28 -20.02 -9.17
N MET A 113 22.96 -19.66 -7.93
CA MET A 113 22.51 -20.62 -6.93
C MET A 113 21.30 -20.09 -6.17
N LYS A 114 20.59 -21.03 -5.55
CA LYS A 114 19.51 -20.72 -4.62
C LYS A 114 19.55 -21.76 -3.51
N LEU A 115 19.61 -21.29 -2.26
CA LEU A 115 19.76 -22.17 -1.12
C LEU A 115 18.66 -21.87 -0.11
N PRO A 116 17.94 -22.87 0.37
CA PRO A 116 16.76 -22.61 1.21
C PRO A 116 17.08 -22.31 2.66
N VAL A 117 18.20 -21.62 2.91
CA VAL A 117 18.56 -21.20 4.26
C VAL A 117 19.13 -19.79 4.20
N ASN A 118 19.15 -19.13 5.35
CA ASN A 118 19.78 -17.82 5.49
C ASN A 118 21.25 -18.04 5.85
N VAL A 119 22.13 -17.74 4.89
CA VAL A 119 23.54 -18.11 4.98
C VAL A 119 24.30 -17.04 5.73
N THR A 120 25.12 -17.46 6.70
CA THR A 120 25.99 -16.55 7.45
C THR A 120 27.42 -16.54 6.93
N GLU A 121 27.88 -17.60 6.28
CA GLU A 121 29.18 -17.65 5.64
C GLU A 121 29.21 -18.81 4.67
N ILE A 122 29.97 -18.65 3.59
CA ILE A 122 30.00 -19.61 2.49
C ILE A 122 31.44 -19.81 2.04
N LYS A 123 31.80 -21.06 1.75
CA LYS A 123 33.10 -21.40 1.19
C LYS A 123 32.90 -22.42 0.08
N ILE A 124 33.82 -22.43 -0.88
CA ILE A 124 33.67 -23.19 -2.11
C ILE A 124 34.71 -24.30 -2.15
N ILE A 125 34.26 -25.52 -2.45
CA ILE A 125 35.15 -26.65 -2.69
C ILE A 125 35.46 -26.69 -4.18
N ASP A 126 34.42 -26.87 -5.00
CA ASP A 126 34.51 -26.68 -6.45
C ASP A 126 33.28 -25.91 -6.90
N GLU A 127 33.10 -25.80 -8.22
CA GLU A 127 32.03 -24.98 -8.77
C GLU A 127 30.64 -25.55 -8.52
N ASN A 128 30.54 -26.76 -7.97
CA ASN A 128 29.24 -27.39 -7.70
C ASN A 128 29.10 -27.84 -6.25
N ASN A 129 30.07 -27.54 -5.39
CA ASN A 129 30.06 -28.02 -4.01
C ASN A 129 30.53 -26.92 -3.08
N PHE A 130 29.73 -26.63 -2.05
CA PHE A 130 30.01 -25.54 -1.14
C PHE A 130 29.78 -25.99 0.29
N ILE A 131 30.55 -25.42 1.21
CA ILE A 131 30.39 -25.63 2.65
C ILE A 131 29.83 -24.35 3.25
N LEU A 132 28.77 -24.50 4.05
CA LEU A 132 28.04 -23.36 4.58
C LEU A 132 28.01 -23.39 6.09
N THR A 133 27.86 -22.21 6.68
CA THR A 133 27.25 -22.04 7.99
C THR A 133 26.04 -21.12 7.81
N ALA A 134 24.93 -21.49 8.45
CA ALA A 134 23.67 -20.81 8.17
C ALA A 134 22.77 -20.85 9.39
N ASP A 135 21.84 -19.89 9.43
CA ASP A 135 20.91 -19.79 10.54
C ASP A 135 19.97 -20.99 10.57
N PHE A 136 19.86 -21.62 11.74
CA PHE A 136 18.97 -22.75 11.94
C PHE A 136 18.16 -22.54 13.21
N ASP A 137 16.88 -22.90 13.17
CA ASP A 137 15.96 -22.70 14.28
C ASP A 137 15.32 -24.04 14.63
N ASN A 138 15.48 -24.47 15.88
CA ASN A 138 14.87 -25.70 16.35
C ASN A 138 13.35 -25.59 16.49
N ASN A 139 12.81 -24.36 16.46
CA ASN A 139 11.37 -24.14 16.49
C ASN A 139 10.85 -23.58 15.17
N SER A 140 11.60 -23.77 14.09
CA SER A 140 11.18 -23.27 12.79
C SER A 140 9.92 -23.99 12.32
N LEU A 141 9.04 -23.26 11.67
CA LEU A 141 7.83 -23.84 11.10
C LEU A 141 8.07 -24.40 9.70
N ASN A 142 9.26 -24.19 9.14
CA ASN A 142 9.63 -24.70 7.82
C ASN A 142 8.61 -24.29 6.76
N LEU A 143 8.31 -22.99 6.73
CA LEU A 143 7.31 -22.46 5.79
C LEU A 143 7.67 -22.76 4.34
N ASN A 144 8.95 -23.01 4.05
CA ASN A 144 9.34 -23.37 2.69
C ASN A 144 8.63 -24.62 2.22
N ASP A 145 8.43 -25.58 3.11
CA ASP A 145 7.86 -26.88 2.76
C ASP A 145 6.34 -26.94 2.91
N LEU A 146 5.70 -25.85 3.31
CA LEU A 146 4.28 -25.88 3.62
C LEU A 146 3.45 -25.34 2.45
N LYS A 147 2.21 -25.82 2.37
CA LYS A 147 1.35 -25.52 1.23
C LYS A 147 -0.11 -25.60 1.67
N GLY A 148 -0.94 -24.80 1.02
CA GLY A 148 -2.39 -24.89 1.24
C GLY A 148 -2.79 -24.31 2.58
N GLY A 149 -3.64 -25.05 3.30
CA GLY A 149 -4.18 -24.60 4.57
C GLY A 149 -3.15 -24.56 5.69
N GLU A 150 -2.28 -25.56 5.74
CA GLU A 150 -1.20 -25.57 6.73
C GLU A 150 -0.26 -24.38 6.52
N ARG A 151 -0.18 -23.90 5.28
CA ARG A 151 0.63 -22.71 5.00
C ARG A 151 -0.01 -21.45 5.56
N GLU A 152 -1.29 -21.22 5.25
CA GLU A 152 -1.96 -20.04 5.76
C GLU A 152 -1.98 -20.03 7.29
N LYS A 153 -2.05 -21.21 7.92
CA LYS A 153 -2.01 -21.25 9.38
C LYS A 153 -0.60 -21.01 9.89
N ALA A 154 0.41 -21.47 9.15
CA ALA A 154 1.79 -21.23 9.55
C ALA A 154 2.18 -19.77 9.33
N ILE A 155 1.68 -19.15 8.25
CA ILE A 155 1.97 -17.75 8.00
C ILE A 155 1.43 -16.89 9.13
N LYS A 156 0.17 -17.12 9.51
CA LYS A 156 -0.43 -16.36 10.61
C LYS A 156 0.27 -16.67 11.92
N GLN A 157 0.64 -17.93 12.15
CA GLN A 157 1.34 -18.28 13.38
C GLN A 157 2.71 -17.63 13.43
N ILE A 158 3.40 -17.54 12.29
CA ILE A 158 4.69 -16.86 12.25
C ILE A 158 4.51 -15.38 12.55
N GLU A 159 3.45 -14.77 11.98
CA GLU A 159 3.22 -13.35 12.21
C GLU A 159 2.84 -13.07 13.66
N GLU A 160 2.00 -13.92 14.25
CA GLU A 160 1.60 -13.71 15.63
C GLU A 160 2.74 -14.00 16.60
N ASN A 161 3.63 -14.93 16.23
CA ASN A 161 4.77 -15.26 17.10
C ASN A 161 5.73 -14.08 17.26
N LYS A 162 5.66 -13.08 16.39
CA LYS A 162 6.50 -11.89 16.53
C LYS A 162 6.21 -11.13 17.80
N ASP A 163 5.04 -11.34 18.40
CA ASP A 163 4.67 -10.63 19.62
C ASP A 163 5.28 -11.22 20.88
N TYR A 164 5.97 -12.35 20.78
CA TYR A 164 6.53 -13.03 21.94
C TYR A 164 7.97 -13.42 21.71
N GLU A 165 8.65 -13.72 22.82
CA GLU A 165 9.97 -14.34 22.83
C GLU A 165 10.01 -15.37 23.94
N VAL A 166 10.47 -16.57 23.62
CA VAL A 166 10.56 -17.67 24.57
C VAL A 166 12.02 -17.91 24.91
N LEU A 167 12.34 -17.95 26.20
CA LEU A 167 13.69 -18.18 26.67
C LEU A 167 13.73 -19.49 27.45
N ASP A 168 14.71 -20.35 27.12
CA ASP A 168 14.99 -21.52 27.95
C ASP A 168 16.46 -21.93 27.87
N GLU A 169 17.34 -21.00 27.52
CA GLU A 169 18.78 -21.17 27.59
C GLU A 169 19.38 -19.96 28.27
N ILE A 170 20.59 -20.11 28.82
CA ILE A 170 21.17 -19.02 29.60
C ILE A 170 21.87 -18.01 28.69
N PRO A 171 22.32 -18.37 27.47
CA PRO A 171 22.51 -17.32 26.46
C PRO A 171 21.36 -17.32 25.48
N PHE A 172 20.41 -16.42 25.67
CA PHE A 172 19.21 -16.38 24.83
C PHE A 172 19.25 -15.31 23.76
N TRP A 173 20.17 -14.35 23.85
CA TRP A 173 20.39 -13.41 22.77
C TRP A 173 21.90 -13.19 22.60
N SER A 174 22.27 -12.68 21.44
CA SER A 174 23.66 -12.35 21.13
C SER A 174 23.68 -10.95 20.53
N ASN A 175 24.59 -10.11 21.02
CA ASN A 175 24.66 -8.73 20.57
C ASN A 175 24.88 -8.67 19.06
N GLY A 176 24.10 -7.84 18.39
CA GLY A 176 24.15 -7.75 16.94
C GLY A 176 23.43 -8.87 16.21
N ASN A 177 22.74 -9.75 16.94
CA ASN A 177 22.03 -10.85 16.30
C ASN A 177 20.64 -11.08 16.90
N GLY A 178 20.20 -10.23 17.83
CA GLY A 178 18.88 -10.37 18.40
C GLY A 178 18.74 -11.59 19.30
N PHE A 179 17.49 -11.95 19.57
CA PHE A 179 17.20 -13.14 20.36
C PHE A 179 17.66 -14.38 19.62
N ARG A 180 18.38 -15.26 20.32
CA ARG A 180 18.95 -16.46 19.71
C ARG A 180 18.57 -17.73 20.46
N ASN A 181 17.47 -17.71 21.22
CA ASN A 181 17.06 -18.87 21.99
C ASN A 181 16.74 -20.04 21.06
N LYS A 182 17.45 -21.15 21.27
CA LYS A 182 17.27 -22.39 20.50
C LYS A 182 17.53 -22.19 19.01
N LYS A 183 18.29 -21.16 18.64
CA LYS A 183 18.77 -20.96 17.29
C LYS A 183 20.29 -21.15 17.27
N ARG A 184 20.79 -21.80 16.23
CA ARG A 184 22.20 -22.15 16.15
C ARG A 184 22.76 -21.76 14.79
N ASN A 185 24.09 -21.59 14.76
CA ASN A 185 24.84 -21.39 13.53
C ASN A 185 25.29 -22.76 13.06
N ARG A 186 24.58 -23.33 12.09
CA ARG A 186 24.73 -24.73 11.69
C ARG A 186 25.53 -24.86 10.40
N LEU A 187 26.37 -25.88 10.33
CA LEU A 187 27.19 -26.15 9.16
C LEU A 187 26.45 -27.06 8.19
N TYR A 188 26.55 -26.75 6.90
CA TYR A 188 25.89 -27.52 5.86
C TYR A 188 26.83 -27.76 4.70
N HIS A 189 26.56 -28.82 3.93
CA HIS A 189 27.16 -29.03 2.63
C HIS A 189 26.05 -28.99 1.58
N PHE A 190 26.24 -28.17 0.55
CA PHE A 190 25.28 -28.03 -0.51
C PHE A 190 25.88 -28.53 -1.82
N ASP A 191 25.20 -29.51 -2.43
CA ASP A 191 25.56 -30.01 -3.75
C ASP A 191 24.67 -29.32 -4.78
N LYS A 192 25.29 -28.53 -5.65
CA LYS A 192 24.51 -27.77 -6.63
C LYS A 192 23.97 -28.65 -7.76
N SER A 193 24.60 -29.80 -8.02
CA SER A 193 24.16 -30.66 -9.10
C SER A 193 22.78 -31.25 -8.82
N ASN A 194 22.62 -31.93 -7.68
CA ASN A 194 21.35 -32.51 -7.30
C ASN A 194 20.60 -31.68 -6.27
N ASN A 195 21.06 -30.46 -6.00
CA ASN A 195 20.34 -29.51 -5.14
C ASN A 195 20.11 -30.06 -3.73
N LYS A 196 21.10 -30.77 -3.21
CA LYS A 196 21.02 -31.37 -1.88
C LYS A 196 21.76 -30.49 -0.87
N LEU A 197 21.08 -30.19 0.24
CA LEU A 197 21.69 -29.50 1.36
C LEU A 197 21.76 -30.47 2.53
N THR A 198 22.97 -30.77 2.99
CA THR A 198 23.19 -31.80 3.99
C THR A 198 23.79 -31.19 5.25
N PRO A 199 23.17 -31.40 6.42
CA PRO A 199 23.75 -30.87 7.67
C PRO A 199 25.00 -31.63 8.06
N ILE A 200 25.85 -30.95 8.83
CA ILE A 200 27.09 -31.54 9.31
C ILE A 200 27.10 -31.46 10.84
N SER A 201 27.02 -30.24 11.37
CA SER A 201 26.84 -30.08 12.80
C SER A 201 25.40 -30.40 13.19
N ASP A 202 25.23 -30.87 14.42
CA ASP A 202 23.91 -31.30 14.87
C ASP A 202 23.02 -30.08 15.13
N GLU A 203 21.79 -30.36 15.58
CA GLU A 203 20.75 -29.35 15.71
C GLU A 203 20.95 -28.38 16.87
N TYR A 204 21.99 -28.57 17.70
CA TYR A 204 22.18 -27.73 18.87
C TYR A 204 23.60 -27.17 18.98
N THR A 205 24.40 -27.24 17.92
CA THR A 205 25.78 -26.81 17.95
C THR A 205 25.94 -25.46 17.27
N ASN A 206 26.60 -24.52 17.95
CA ASN A 206 26.98 -23.24 17.36
C ASN A 206 28.36 -23.39 16.73
N VAL A 207 28.41 -23.38 15.41
CA VAL A 207 29.68 -23.42 14.69
C VAL A 207 30.23 -22.00 14.63
N GLU A 208 31.45 -21.82 15.12
CA GLU A 208 32.06 -20.50 15.22
C GLU A 208 33.24 -20.33 14.28
N SER A 209 33.67 -21.37 13.58
CA SER A 209 34.82 -21.32 12.70
C SER A 209 34.86 -22.60 11.87
N PHE A 210 35.23 -22.47 10.60
CA PHE A 210 35.40 -23.65 9.76
C PHE A 210 36.29 -23.32 8.56
N ASN A 211 37.01 -24.34 8.10
CA ASN A 211 37.89 -24.22 6.93
C ASN A 211 37.83 -25.53 6.16
N ILE A 212 38.30 -25.49 4.92
CA ILE A 212 38.24 -26.64 4.02
C ILE A 212 39.58 -26.83 3.33
N LYS A 213 39.98 -28.10 3.16
CA LYS A 213 41.08 -28.48 2.29
C LYS A 213 40.59 -29.64 1.43
N GLU A 214 40.62 -29.45 0.10
CA GLU A 214 40.06 -30.41 -0.84
C GLU A 214 38.62 -30.72 -0.50
N ASN A 215 38.32 -31.99 -0.18
CA ASN A 215 36.96 -32.41 0.16
C ASN A 215 36.83 -32.80 1.63
N LYS A 216 37.61 -32.16 2.50
CA LYS A 216 37.50 -32.34 3.94
C LYS A 216 37.20 -31.00 4.61
N VAL A 217 36.58 -31.07 5.78
CA VAL A 217 36.15 -29.88 6.51
C VAL A 217 36.64 -29.98 7.94
N ILE A 218 37.21 -28.88 8.45
CA ILE A 218 37.51 -28.72 9.86
C ILE A 218 36.61 -27.61 10.40
N PHE A 219 36.09 -27.80 11.60
CA PHE A 219 35.21 -26.76 12.16
C PHE A 219 35.16 -26.88 13.68
N VAL A 220 34.72 -25.78 14.30
CA VAL A 220 34.74 -25.60 15.74
C VAL A 220 33.31 -25.64 16.25
N GLY A 221 33.11 -26.32 17.38
CA GLY A 221 31.76 -26.52 17.88
C GLY A 221 31.50 -26.11 19.32
N ARG A 222 30.38 -25.41 19.53
CA ARG A 222 29.85 -25.12 20.85
C ARG A 222 28.45 -25.71 20.94
N THR A 223 28.28 -26.71 21.79
CA THR A 223 27.05 -27.49 21.85
C THR A 223 26.42 -27.38 23.23
N TYR A 224 25.14 -26.99 23.26
CA TYR A 224 24.42 -26.85 24.51
C TYR A 224 22.92 -26.90 24.25
N LYS A 225 22.18 -27.43 25.22
CA LYS A 225 20.73 -27.35 25.23
C LYS A 225 20.19 -26.39 26.28
N ASP A 226 20.97 -26.11 27.34
CA ASP A 226 20.52 -25.26 28.43
C ASP A 226 21.56 -24.26 28.92
N LYS A 227 22.85 -24.53 28.76
CA LYS A 227 23.88 -23.64 29.30
C LYS A 227 25.14 -23.78 28.44
N GLN A 228 25.47 -22.73 27.71
CA GLN A 228 26.69 -22.74 26.90
C GLN A 228 27.91 -22.79 27.81
N ALA A 229 28.78 -23.77 27.55
CA ALA A 229 29.99 -23.95 28.34
C ALA A 229 31.11 -23.06 27.83
N LEU A 230 32.22 -23.05 28.57
CA LEU A 230 33.37 -22.24 28.20
C LEU A 230 34.29 -22.94 27.20
N THR A 231 34.15 -24.25 27.04
CA THR A 231 35.01 -25.01 26.14
C THR A 231 34.31 -25.23 24.81
N ALA A 232 35.11 -25.52 23.79
CA ALA A 232 34.62 -25.76 22.44
C ALA A 232 35.11 -27.11 21.95
N GLY A 233 34.42 -27.64 20.95
CA GLY A 233 34.73 -28.94 20.37
C GLY A 233 35.29 -28.78 18.97
N LEU A 234 36.31 -29.59 18.67
CA LEU A 234 36.94 -29.61 17.35
C LEU A 234 36.57 -30.92 16.67
N TYR A 235 35.92 -30.82 15.51
CA TYR A 235 35.51 -31.98 14.74
C TYR A 235 35.91 -31.80 13.29
N THR A 236 35.92 -32.92 12.55
CA THR A 236 36.24 -32.92 11.14
C THR A 236 35.18 -33.69 10.38
N TYR A 237 35.00 -33.32 9.11
CA TYR A 237 33.96 -33.93 8.28
C TYR A 237 34.51 -34.16 6.87
N ASP A 238 34.32 -35.37 6.37
CA ASP A 238 34.63 -35.71 4.98
C ASP A 238 33.32 -35.79 4.20
N VAL A 239 33.25 -35.05 3.09
CA VAL A 239 31.98 -34.93 2.37
C VAL A 239 31.67 -36.14 1.50
N LYS A 240 32.67 -36.96 1.15
CA LYS A 240 32.39 -38.13 0.33
C LYS A 240 31.88 -39.29 1.18
N SER A 241 32.63 -39.65 2.22
CA SER A 241 32.20 -40.72 3.12
C SER A 241 31.15 -40.26 4.12
N ASN A 242 30.87 -38.96 4.18
CA ASN A 242 29.93 -38.40 5.16
C ASN A 242 30.33 -38.77 6.59
N LYS A 243 31.64 -38.81 6.83
CA LYS A 243 32.17 -39.24 8.11
C LYS A 243 32.47 -38.03 8.98
N LEU A 244 31.87 -38.00 10.17
CA LEU A 244 32.21 -37.03 11.20
C LEU A 244 33.13 -37.69 12.21
N GLU A 245 34.14 -36.95 12.66
CA GLU A 245 35.13 -37.49 13.58
C GLU A 245 35.46 -36.46 14.64
N ILE A 246 35.34 -36.85 15.91
CA ILE A 246 35.72 -36.00 17.03
C ILE A 246 37.22 -36.13 17.24
N ILE A 247 37.94 -35.01 17.05
CA ILE A 247 39.38 -35.01 17.30
C ILE A 247 39.76 -34.33 18.61
N ILE A 248 38.90 -33.46 19.14
CA ILE A 248 39.01 -32.95 20.51
C ILE A 248 37.60 -32.88 21.08
N SER A 249 37.43 -33.42 22.28
CA SER A 249 36.14 -33.31 22.97
C SER A 249 35.84 -31.85 23.30
N ASP A 250 34.56 -31.57 23.55
CA ASP A 250 34.10 -30.20 23.78
C ASP A 250 34.10 -29.83 25.26
N ASN A 251 34.80 -30.58 26.11
CA ASN A 251 34.87 -30.30 27.53
C ASN A 251 36.30 -30.10 28.02
N LEU A 252 37.23 -29.82 27.11
CA LEU A 252 38.64 -29.71 27.45
C LEU A 252 39.20 -28.30 27.27
N TYR A 253 39.02 -27.70 26.09
CA TYR A 253 39.67 -26.44 25.78
C TYR A 253 38.71 -25.50 25.07
N ASP A 254 39.01 -24.21 25.17
CA ASP A 254 38.46 -23.21 24.27
C ASP A 254 39.43 -23.01 23.12
N ILE A 255 38.89 -22.93 21.90
CA ILE A 255 39.71 -22.86 20.70
C ILE A 255 39.27 -21.66 19.87
N SER A 256 40.25 -20.92 19.34
CA SER A 256 39.99 -19.75 18.52
C SER A 256 40.19 -20.02 17.03
N TYR A 257 41.25 -20.74 16.67
CA TYR A 257 41.53 -21.06 15.28
C TYR A 257 41.78 -22.56 15.13
N ALA A 258 41.33 -23.11 14.00
CA ALA A 258 41.56 -24.51 13.67
C ALA A 258 41.54 -24.65 12.16
N ASN A 259 42.53 -25.34 11.61
CA ASN A 259 42.65 -25.45 10.16
C ASN A 259 43.52 -26.65 9.81
N PHE A 260 43.43 -27.06 8.55
CA PHE A 260 44.31 -28.10 8.03
C PHE A 260 45.62 -27.50 7.59
N ILE A 261 46.72 -28.17 7.90
CA ILE A 261 48.05 -27.77 7.45
C ILE A 261 48.81 -29.02 7.03
N GLU A 262 49.27 -29.04 5.78
CA GLU A 262 49.91 -30.21 5.19
C GLU A 262 49.07 -31.46 5.43
N ASP A 263 49.58 -32.41 6.21
CA ASP A 263 48.87 -33.65 6.49
C ASP A 263 48.35 -33.72 7.93
N LYS A 264 48.41 -32.62 8.66
CA LYS A 264 48.01 -32.60 10.07
C LYS A 264 47.03 -31.47 10.33
N ILE A 265 47.02 -30.94 11.55
CA ILE A 265 46.08 -29.89 11.95
C ILE A 265 46.81 -28.92 12.87
N ILE A 266 46.73 -27.62 12.54
CA ILE A 266 47.25 -26.56 13.39
C ILE A 266 46.07 -25.88 14.07
N CYS A 267 46.23 -25.58 15.36
CA CYS A 267 45.08 -25.19 16.16
C CYS A 267 45.52 -24.32 17.33
N ALA A 268 44.71 -23.30 17.64
CA ALA A 268 44.95 -22.41 18.76
C ALA A 268 44.00 -22.78 19.89
N LEU A 269 44.57 -23.27 21.00
CA LEU A 269 43.81 -23.80 22.12
C LEU A 269 44.16 -23.06 23.40
N SER A 270 43.53 -23.49 24.49
CA SER A 270 43.89 -23.12 25.84
C SER A 270 43.00 -23.82 26.85
N ASP A 271 43.59 -24.45 27.86
CA ASP A 271 42.86 -24.65 29.11
C ASP A 271 42.97 -23.35 29.90
N MET A 272 41.82 -22.76 30.21
CA MET A 272 41.75 -21.44 30.81
C MET A 272 42.11 -21.47 32.28
N LYS A 273 43.21 -22.15 32.62
CA LYS A 273 43.59 -22.38 34.01
C LYS A 273 44.61 -21.37 34.53
N GLU A 274 45.44 -20.81 33.66
CA GLU A 274 46.48 -19.88 34.09
C GLU A 274 46.04 -18.42 34.01
N TYR A 275 45.18 -18.06 33.05
CA TYR A 275 44.74 -16.69 32.93
C TYR A 275 43.26 -16.54 32.62
N GLY A 276 42.50 -17.62 32.53
CA GLY A 276 41.06 -17.53 32.41
C GLY A 276 40.57 -17.53 30.98
N ILE A 277 39.35 -17.02 30.81
CA ILE A 277 38.68 -17.02 29.51
C ILE A 277 39.54 -16.33 28.46
N ASN A 278 40.03 -15.14 28.79
CA ASN A 278 40.78 -14.32 27.85
C ASN A 278 42.25 -14.68 27.76
N GLU A 279 42.63 -15.86 28.25
CA GLU A 279 44.02 -16.29 28.18
C GLU A 279 44.46 -16.42 26.72
N ASN A 280 45.64 -15.88 26.42
CA ASN A 280 46.19 -15.98 25.07
C ASN A 280 46.31 -17.44 24.66
N HIS A 281 45.91 -17.74 23.43
CA HIS A 281 45.89 -19.10 22.94
C HIS A 281 47.27 -19.49 22.42
N LYS A 282 47.84 -20.54 22.99
CA LYS A 282 48.98 -21.19 22.37
C LYS A 282 48.55 -21.85 21.07
N ILE A 283 49.52 -22.12 20.21
CA ILE A 283 49.26 -22.78 18.93
C ILE A 283 49.85 -24.18 18.98
N TYR A 284 48.98 -25.18 18.87
CA TYR A 284 49.38 -26.57 18.97
C TYR A 284 49.22 -27.26 17.63
N LEU A 285 49.88 -28.40 17.50
CA LEU A 285 49.83 -29.22 16.30
C LEU A 285 49.24 -30.57 16.64
N ILE A 286 48.20 -30.96 15.91
CA ILE A 286 47.46 -32.18 16.18
C ILE A 286 47.76 -33.19 15.08
N ASP A 287 48.34 -34.33 15.47
CA ASP A 287 48.70 -35.37 14.52
C ASP A 287 47.50 -36.27 14.23
N SER A 288 47.69 -37.23 13.32
CA SER A 288 46.61 -38.14 12.95
C SER A 288 46.20 -39.05 14.09
N ASN A 289 47.06 -39.22 15.11
CA ASN A 289 46.69 -39.94 16.31
C ASN A 289 45.96 -39.06 17.32
N LYS A 290 45.59 -37.84 16.91
CA LYS A 290 44.84 -36.88 17.73
C LYS A 290 45.60 -36.46 18.99
N ASN A 291 46.92 -36.64 18.99
CA ASN A 291 47.75 -36.07 20.04
C ASN A 291 48.04 -34.61 19.72
N ILE A 292 48.08 -33.78 20.76
CA ILE A 292 48.17 -32.34 20.62
C ILE A 292 49.52 -31.90 21.14
N ASN A 293 50.41 -31.50 20.23
CA ASN A 293 51.79 -31.15 20.56
C ASN A 293 51.99 -29.65 20.42
N LEU A 294 52.64 -29.06 21.43
CA LEU A 294 52.89 -27.62 21.41
C LEU A 294 53.81 -27.25 20.25
N LEU A 295 53.45 -26.20 19.53
CA LEU A 295 54.25 -25.68 18.43
C LEU A 295 54.85 -24.30 18.71
N TYR A 296 54.13 -23.46 19.46
CA TYR A 296 54.58 -22.11 19.75
C TYR A 296 53.78 -21.52 20.91
N GLU A 297 54.47 -21.13 21.98
CA GLU A 297 53.80 -20.56 23.16
C GLU A 297 53.48 -19.09 22.88
N ASN A 298 52.51 -18.89 22.00
CA ASN A 298 52.09 -17.55 21.63
C ASN A 298 51.53 -16.81 22.83
N ASP A 299 51.92 -15.55 22.98
CA ASP A 299 51.42 -14.72 24.07
C ASP A 299 50.72 -13.49 23.50
N THR A 300 49.86 -13.68 22.51
CA THR A 300 49.13 -12.59 21.88
C THR A 300 47.67 -12.97 21.71
N TRP A 301 46.80 -11.97 21.73
CA TRP A 301 45.43 -12.14 21.27
C TRP A 301 45.45 -12.08 19.75
N LEU A 302 45.45 -13.26 19.13
CA LEU A 302 45.66 -13.37 17.69
C LEU A 302 44.56 -12.68 16.90
N ALA A 303 44.58 -11.35 16.89
CA ALA A 303 43.60 -10.55 16.15
C ALA A 303 44.08 -9.11 16.17
N CYS A 304 43.37 -8.27 15.42
CA CYS A 304 43.58 -6.83 15.45
C CYS A 304 42.67 -6.23 16.52
N THR A 305 43.27 -5.63 17.55
CA THR A 305 42.52 -5.00 18.63
C THR A 305 42.78 -3.50 18.70
N VAL A 306 43.25 -2.90 17.60
CA VAL A 306 43.45 -1.46 17.56
C VAL A 306 42.12 -0.79 17.21
N GLY A 307 41.60 0.00 18.14
CA GLY A 307 40.26 0.53 17.99
C GLY A 307 40.20 1.66 16.97
N SER A 308 39.01 1.83 16.40
CA SER A 308 38.70 2.85 15.41
C SER A 308 37.22 2.78 15.09
N ASP A 309 36.64 3.93 14.74
CA ASP A 309 35.25 4.00 14.32
C ASP A 309 35.12 4.11 12.81
N CYS A 310 36.21 3.96 12.07
CA CYS A 310 36.23 4.11 10.62
C CYS A 310 36.43 2.77 9.92
N ARG A 311 35.74 1.74 10.40
CA ARG A 311 35.72 0.42 9.76
C ARG A 311 34.29 -0.01 9.56
N LEU A 312 34.04 -0.74 8.47
CA LEU A 312 32.73 -1.34 8.22
C LEU A 312 32.96 -2.68 7.54
N GLY A 313 32.86 -3.76 8.30
CA GLY A 313 33.17 -5.09 7.80
C GLY A 313 34.60 -5.48 8.12
N GLY A 314 34.95 -6.66 7.64
CA GLY A 314 36.28 -7.18 7.87
C GLY A 314 36.65 -8.23 6.85
N GLY A 315 37.69 -9.00 7.18
CA GLY A 315 38.15 -10.05 6.29
C GLY A 315 38.92 -11.14 7.01
N LYS A 316 40.04 -11.57 6.43
CA LYS A 316 40.80 -12.69 6.94
C LYS A 316 41.88 -12.21 7.90
N SER A 317 41.90 -12.79 9.10
CA SER A 317 42.99 -12.59 10.04
C SER A 317 43.87 -13.82 10.18
N PHE A 318 43.54 -14.90 9.47
CA PHE A 318 44.34 -16.12 9.47
C PHE A 318 44.48 -16.60 8.03
N LYS A 319 45.59 -17.29 7.77
CA LYS A 319 45.83 -17.85 6.45
C LYS A 319 46.88 -18.95 6.57
N VAL A 320 46.53 -20.15 6.13
CA VAL A 320 47.46 -21.27 6.06
C VAL A 320 47.88 -21.44 4.60
N ILE A 321 49.18 -21.48 4.35
CA ILE A 321 49.73 -21.64 3.02
C ILE A 321 50.98 -22.51 3.12
N GLY A 322 50.97 -23.63 2.40
CA GLY A 322 52.06 -24.58 2.50
C GLY A 322 52.20 -25.14 3.90
N ASN A 323 53.30 -24.79 4.58
CA ASN A 323 53.55 -25.26 5.93
C ASN A 323 53.55 -24.14 6.96
N LYS A 324 53.13 -22.94 6.58
CA LYS A 324 53.12 -21.78 7.47
C LYS A 324 51.70 -21.37 7.81
N LEU A 325 51.56 -20.71 8.96
CA LEU A 325 50.29 -20.11 9.38
C LEU A 325 50.52 -18.63 9.62
N TYR A 326 49.97 -17.80 8.74
CA TYR A 326 50.11 -16.36 8.82
C TYR A 326 48.97 -15.79 9.67
N PHE A 327 49.31 -14.96 10.64
CA PHE A 327 48.34 -14.49 11.62
C PHE A 327 48.66 -13.06 12.03
N LEU A 328 47.65 -12.38 12.58
CA LEU A 328 47.79 -11.05 13.11
C LEU A 328 48.00 -11.09 14.62
N SER A 329 48.66 -10.07 15.15
CA SER A 329 48.87 -9.96 16.59
C SER A 329 49.12 -8.50 16.92
N THR A 330 48.27 -7.94 17.79
CA THR A 330 48.46 -6.58 18.28
C THR A 330 49.58 -6.60 19.32
N ILE A 331 50.75 -6.11 18.93
CA ILE A 331 51.94 -6.29 19.76
C ILE A 331 52.01 -5.27 20.89
N ALA A 332 51.52 -4.06 20.66
CA ALA A 332 51.40 -3.03 21.70
C ALA A 332 50.63 -1.84 21.16
N ASP A 333 51.25 -1.13 20.22
CA ASP A 333 50.66 0.04 19.59
C ASP A 333 50.03 -0.28 18.24
N SER A 334 50.32 -1.46 17.68
CA SER A 334 50.03 -1.75 16.29
C SER A 334 49.75 -3.23 16.13
N VAL A 335 49.49 -3.65 14.90
CA VAL A 335 49.17 -5.03 14.56
C VAL A 335 50.30 -5.58 13.70
N HIS A 336 50.94 -6.65 14.17
CA HIS A 336 51.96 -7.33 13.40
C HIS A 336 51.34 -8.35 12.46
N LEU A 337 52.15 -8.82 11.51
CA LEU A 337 51.78 -9.94 10.64
C LEU A 337 52.94 -10.93 10.67
N SER A 338 52.71 -12.09 11.26
CA SER A 338 53.75 -13.09 11.46
C SER A 338 53.41 -14.36 10.69
N SER A 339 54.34 -15.31 10.74
CA SER A 339 54.13 -16.64 10.17
C SER A 339 54.68 -17.67 11.15
N LEU A 340 54.15 -18.89 11.04
CA LEU A 340 54.54 -19.98 11.93
C LEU A 340 54.56 -21.27 11.13
N ASP A 341 55.75 -21.81 10.91
CA ASP A 341 55.88 -23.05 10.15
C ASP A 341 55.78 -24.26 11.09
N THR A 342 55.50 -25.42 10.50
CA THR A 342 55.31 -26.63 11.27
C THR A 342 56.56 -27.06 12.02
N ASN A 343 57.72 -26.47 11.71
CA ASN A 343 58.93 -26.72 12.49
C ASN A 343 59.00 -25.85 13.74
N GLY A 344 58.10 -24.90 13.91
CA GLY A 344 58.03 -24.08 15.09
C GLY A 344 58.64 -22.70 14.98
N LYS A 345 59.12 -22.32 13.79
CA LYS A 345 59.79 -21.03 13.63
C LYS A 345 58.78 -19.93 13.36
N VAL A 346 59.00 -18.78 14.00
CA VAL A 346 58.16 -17.60 13.85
C VAL A 346 58.93 -16.56 13.07
N GLU A 347 58.29 -15.98 12.05
CA GLU A 347 58.86 -14.90 11.26
C GLU A 347 57.97 -13.67 11.36
N ILE A 348 58.58 -12.51 11.53
CA ILE A 348 57.85 -11.24 11.53
C ILE A 348 57.87 -10.68 10.12
N LEU A 349 56.70 -10.59 9.50
CA LEU A 349 56.60 -10.09 8.13
C LEU A 349 56.14 -8.64 8.05
N SER A 350 55.55 -8.10 9.12
CA SER A 350 55.14 -6.71 9.14
C SER A 350 55.11 -6.24 10.59
N SER A 351 55.77 -5.12 10.86
CA SER A 351 55.79 -4.55 12.20
C SER A 351 55.82 -3.03 12.10
N GLU A 352 54.89 -2.47 11.32
CA GLU A 352 54.81 -1.04 11.11
C GLU A 352 53.90 -0.40 12.16
N ASN A 353 53.80 0.93 12.12
CA ASN A 353 53.15 1.67 13.20
C ASN A 353 51.63 1.57 13.15
N GLY A 354 51.04 1.50 11.96
CA GLY A 354 49.59 1.56 11.84
C GLY A 354 48.86 0.30 12.28
N SER A 355 47.78 -0.02 11.60
CA SER A 355 46.98 -1.21 11.91
C SER A 355 46.82 -2.05 10.65
N ILE A 356 46.79 -3.37 10.83
CA ILE A 356 46.50 -4.31 9.76
C ILE A 356 45.14 -4.92 10.08
N ASP A 357 44.13 -4.56 9.29
CA ASP A 357 42.77 -5.00 9.58
C ASP A 357 42.53 -6.43 9.11
N PHE A 358 42.89 -6.73 7.86
CA PHE A 358 42.81 -8.08 7.33
C PHE A 358 43.65 -8.16 6.06
N PHE A 359 44.08 -9.38 5.72
CA PHE A 359 45.05 -9.60 4.67
C PHE A 359 44.65 -10.81 3.84
N ASP A 360 45.52 -11.17 2.89
CA ASP A 360 45.37 -12.34 2.05
C ASP A 360 46.68 -12.58 1.31
N ILE A 361 46.95 -13.84 1.00
CA ILE A 361 48.21 -14.27 0.39
C ILE A 361 47.93 -15.22 -0.75
N ALA A 362 48.78 -15.17 -1.78
CA ALA A 362 48.62 -16.01 -2.97
C ALA A 362 49.88 -16.83 -3.25
N ASN A 363 50.82 -16.26 -3.99
CA ASN A 363 52.09 -16.90 -4.30
C ASN A 363 53.22 -16.08 -3.69
N ASN A 364 53.36 -16.16 -2.37
CA ASN A 364 54.27 -15.34 -1.58
C ASN A 364 53.98 -13.85 -1.74
N GLU A 365 52.80 -13.52 -2.25
CA GLU A 365 52.35 -12.14 -2.38
C GLU A 365 51.35 -11.86 -1.26
N ILE A 366 51.65 -10.90 -0.40
CA ILE A 366 50.82 -10.56 0.74
C ILE A 366 50.29 -9.15 0.53
N TYR A 367 48.98 -9.04 0.34
CA TYR A 367 48.28 -7.76 0.34
C TYR A 367 47.45 -7.63 1.61
N TYR A 368 47.15 -6.40 1.99
CA TYR A 368 46.32 -6.17 3.16
C TYR A 368 45.72 -4.78 3.07
N VAL A 369 44.67 -4.58 3.85
CA VAL A 369 44.06 -3.26 4.05
C VAL A 369 44.45 -2.78 5.43
N GLY A 370 44.93 -1.55 5.52
CA GLY A 370 45.44 -1.06 6.78
C GLY A 370 45.28 0.44 6.91
N MET A 371 45.46 0.90 8.14
CA MET A 371 45.35 2.31 8.49
C MET A 371 46.73 2.77 8.93
N ARG A 372 47.50 3.33 8.00
CA ARG A 372 48.86 3.77 8.23
C ARG A 372 48.95 5.30 8.17
N ASP A 373 49.92 5.84 8.89
CA ASP A 373 50.22 7.28 8.86
C ASP A 373 48.99 8.11 9.18
N TYR A 374 48.16 7.60 10.08
CA TYR A 374 46.91 8.25 10.48
C TYR A 374 46.03 8.59 9.28
N THR A 375 45.92 7.64 8.35
CA THR A 375 45.03 7.76 7.21
C THR A 375 44.03 6.62 7.24
N LEU A 376 42.91 6.82 6.54
CA LEU A 376 41.84 5.83 6.55
C LEU A 376 42.25 4.59 5.76
N GLN A 377 41.31 3.67 5.63
CA GLN A 377 41.62 2.35 5.07
C GLN A 377 42.08 2.43 3.62
N GLU A 378 43.19 1.76 3.32
CA GLU A 378 43.68 1.61 1.96
C GLU A 378 44.27 0.22 1.81
N ILE A 379 44.38 -0.22 0.55
CA ILE A 379 44.99 -1.50 0.24
C ILE A 379 46.50 -1.31 0.12
N TYR A 380 47.26 -2.20 0.75
CA TYR A 380 48.71 -2.18 0.69
C TYR A 380 49.24 -3.55 0.29
N LYS A 381 50.36 -3.55 -0.44
CA LYS A 381 51.12 -4.75 -0.69
C LYS A 381 52.34 -4.77 0.23
N LEU A 382 52.65 -5.93 0.79
CA LEU A 382 53.68 -6.07 1.81
C LEU A 382 54.92 -6.71 1.19
N GLU A 383 56.03 -5.98 1.20
CA GLU A 383 57.30 -6.48 0.66
C GLU A 383 58.43 -6.08 1.60
N ASN A 384 59.08 -7.07 2.20
CA ASN A 384 60.27 -6.88 3.02
C ASN A 384 60.01 -5.88 4.16
N ASN A 385 58.94 -6.14 4.90
CA ASN A 385 58.59 -5.36 6.10
C ASN A 385 58.42 -3.87 5.80
N SER A 386 57.83 -3.58 4.64
CA SER A 386 57.45 -2.22 4.28
C SER A 386 56.32 -2.31 3.27
N SER A 387 55.43 -1.32 3.30
CA SER A 387 54.18 -1.38 2.55
C SER A 387 54.19 -0.36 1.42
N ILE A 388 53.57 -0.73 0.30
CA ILE A 388 53.38 0.15 -0.85
C ILE A 388 51.89 0.37 -1.00
N LYS A 389 51.48 1.64 -1.02
CA LYS A 389 50.06 1.99 -1.09
C LYS A 389 49.56 1.77 -2.51
N LEU A 390 48.52 0.95 -2.65
CA LEU A 390 47.96 0.61 -3.96
C LEU A 390 46.59 1.22 -4.21
N SER A 391 45.97 1.84 -3.21
CA SER A 391 44.68 2.48 -3.36
C SER A 391 44.73 3.87 -2.73
N SER A 392 43.76 4.69 -3.10
CA SER A 392 43.65 6.05 -2.58
C SER A 392 42.18 6.44 -2.43
N PHE A 393 41.37 5.53 -1.87
CA PHE A 393 39.95 5.78 -1.73
C PHE A 393 39.68 6.94 -0.76
N ASN A 394 40.57 7.15 0.21
CA ASN A 394 40.39 8.19 1.23
C ASN A 394 41.56 9.16 1.27
N GLU A 395 42.34 9.26 0.19
CA GLU A 395 43.53 10.10 0.22
C GLU A 395 43.18 11.58 0.29
N GLU A 396 42.03 11.99 -0.26
CA GLU A 396 41.67 13.39 -0.25
C GLU A 396 41.25 13.88 1.13
N ILE A 397 40.90 12.97 2.04
CA ILE A 397 40.38 13.38 3.35
C ILE A 397 41.45 14.15 4.13
N ASN A 398 42.64 13.56 4.27
CA ASN A 398 43.72 14.24 4.98
C ASN A 398 44.27 15.43 4.20
N LYS A 399 44.06 15.46 2.89
CA LYS A 399 44.50 16.59 2.06
C LYS A 399 43.50 17.73 2.04
N LYS A 400 42.24 17.46 2.33
CA LYS A 400 41.18 18.47 2.27
C LYS A 400 40.75 18.97 3.64
N TYR A 401 40.83 18.13 4.67
CA TYR A 401 40.42 18.50 6.02
C TYR A 401 41.62 18.67 6.93
N LYS A 402 41.38 19.33 8.06
CA LYS A 402 42.43 19.60 9.05
C LYS A 402 42.50 18.43 10.02
N ILE A 403 43.49 17.56 9.82
CA ILE A 403 43.67 16.37 10.65
C ILE A 403 44.84 16.61 11.58
N SER A 404 44.57 16.54 12.89
CA SER A 404 45.60 16.70 13.91
C SER A 404 46.09 15.33 14.33
N LYS A 405 47.31 14.98 13.91
CA LYS A 405 47.86 13.67 14.19
C LYS A 405 48.35 13.58 15.64
N PRO A 406 48.31 12.40 16.24
CA PRO A 406 48.66 12.27 17.65
C PRO A 406 50.15 12.35 17.90
N GLU A 407 50.49 12.82 19.10
CA GLU A 407 51.85 12.77 19.63
C GLU A 407 51.95 11.55 20.54
N VAL A 408 52.87 10.64 20.23
CA VAL A 408 53.00 9.37 20.93
C VAL A 408 54.27 9.38 21.75
N PHE A 409 54.18 8.91 22.99
CA PHE A 409 55.34 8.85 23.87
C PHE A 409 55.19 7.65 24.81
N ASP A 410 56.31 7.24 25.38
CA ASP A 410 56.30 6.19 26.40
C ASP A 410 55.83 6.75 27.73
N PHE A 411 55.11 5.93 28.49
CA PHE A 411 54.52 6.37 29.74
C PHE A 411 54.56 5.23 30.75
N ILE A 412 55.38 5.37 31.78
CA ILE A 412 55.48 4.36 32.83
C ILE A 412 54.39 4.61 33.86
N THR A 413 53.77 3.51 34.32
CA THR A 413 52.80 3.60 35.41
C THR A 413 52.61 2.21 36.00
N ASN A 414 52.61 2.15 37.33
CA ASN A 414 52.42 0.88 38.07
C ASN A 414 53.37 -0.21 37.57
N GLY A 415 54.63 0.16 37.36
CA GLY A 415 55.67 -0.79 37.03
C GLY A 415 55.72 -1.27 35.61
N ASP A 416 55.03 -0.61 34.68
CA ASP A 416 55.03 -1.01 33.29
C ASP A 416 55.05 0.23 32.40
N THR A 417 55.68 0.08 31.23
CA THR A 417 55.82 1.17 30.28
C THR A 417 54.86 0.92 29.11
N THR A 418 53.80 1.72 29.06
CA THR A 418 52.80 1.66 28.00
C THR A 418 52.90 2.90 27.13
N LYS A 419 51.93 3.08 26.24
CA LYS A 419 51.93 4.18 25.29
C LYS A 419 50.97 5.28 25.74
N GLY A 420 51.35 6.53 25.48
CA GLY A 420 50.51 7.67 25.75
C GLY A 420 50.32 8.50 24.49
N PHE A 421 49.14 9.11 24.39
CA PHE A 421 48.77 9.85 23.19
C PHE A 421 48.13 11.18 23.57
N VAL A 422 48.46 12.22 22.81
CA VAL A 422 47.87 13.54 22.97
C VAL A 422 47.66 14.14 21.59
N ILE A 423 46.42 14.49 21.27
CA ILE A 423 46.07 15.16 20.02
C ILE A 423 45.88 16.64 20.33
N TYR A 424 46.68 17.49 19.69
CA TYR A 424 46.56 18.93 19.88
C TYR A 424 45.28 19.46 19.26
N PRO A 425 44.77 20.58 19.75
CA PRO A 425 43.65 21.23 19.06
C PRO A 425 44.10 21.83 17.74
N ILE A 426 43.17 21.93 16.80
CA ILE A 426 43.49 22.50 15.50
C ILE A 426 43.79 23.99 15.67
N ASP A 427 44.67 24.51 14.82
CA ASP A 427 45.16 25.88 14.91
C ASP A 427 45.67 26.18 16.31
N TYR A 428 46.65 25.37 16.72
CA TYR A 428 47.11 25.36 18.10
C TYR A 428 48.06 26.50 18.39
N ASP A 429 47.91 27.11 19.57
CA ASP A 429 48.74 28.22 20.01
C ASP A 429 49.42 27.86 21.33
N LYS A 430 50.74 28.06 21.39
CA LYS A 430 51.50 27.67 22.57
C LYS A 430 51.14 28.48 23.81
N ASN A 431 50.62 29.69 23.65
CA ASN A 431 50.40 30.60 24.77
C ASN A 431 48.96 30.68 25.23
N LYS A 432 48.03 30.10 24.49
CA LYS A 432 46.64 30.00 24.92
C LYS A 432 46.43 28.72 25.73
N THR A 433 45.23 28.58 26.29
CA THR A 433 44.82 27.41 27.05
C THR A 433 43.60 26.78 26.41
N TYR A 434 43.41 25.49 26.67
CA TYR A 434 42.41 24.70 25.96
C TYR A 434 41.72 23.73 26.91
N PRO A 435 40.51 23.29 26.58
CA PRO A 435 39.90 22.16 27.28
C PRO A 435 40.32 20.83 26.68
N ALA A 436 40.11 19.77 27.45
CA ALA A 436 40.57 18.44 27.06
C ALA A 436 39.45 17.42 27.22
N ILE A 437 39.61 16.30 26.52
CA ILE A 437 38.67 15.19 26.55
C ILE A 437 39.46 13.90 26.72
N LEU A 438 39.05 13.09 27.70
CA LEU A 438 39.68 11.79 27.94
C LEU A 438 38.85 10.71 27.27
N ASP A 439 39.47 9.94 26.39
CA ASP A 439 38.84 8.83 25.70
C ASP A 439 39.44 7.53 26.20
N ILE A 440 38.58 6.64 26.69
CA ILE A 440 38.97 5.34 27.22
C ILE A 440 38.41 4.28 26.30
N HIS A 441 39.29 3.45 25.73
CA HIS A 441 38.83 2.49 24.72
C HIS A 441 37.92 1.44 25.34
N GLY A 442 37.00 0.94 24.50
CA GLY A 442 35.89 0.15 24.97
C GLY A 442 36.10 -1.30 25.39
N GLY A 443 36.83 -2.10 24.61
CA GLY A 443 37.08 -3.47 24.99
C GLY A 443 38.15 -3.55 26.04
N PRO A 444 37.91 -4.29 27.12
CA PRO A 444 38.87 -4.29 28.23
C PRO A 444 40.28 -4.66 27.81
N LYS A 445 40.42 -5.67 26.96
CA LYS A 445 41.71 -6.10 26.44
C LYS A 445 41.86 -5.71 24.97
N THR A 446 41.77 -4.41 24.69
CA THR A 446 42.01 -3.90 23.35
C THR A 446 43.10 -2.82 23.45
N VAL A 447 43.25 -2.03 22.40
CA VAL A 447 44.38 -1.11 22.29
C VAL A 447 43.96 0.13 21.51
N TYR A 448 44.35 1.30 22.02
CA TYR A 448 44.34 2.53 21.25
C TYR A 448 45.67 2.65 20.50
N GLY A 449 45.60 3.13 19.26
CA GLY A 449 46.81 3.21 18.46
C GLY A 449 46.96 4.49 17.66
N ASP A 450 48.02 4.56 16.85
CA ASP A 450 48.24 5.70 15.95
C ASP A 450 47.38 5.53 14.69
N VAL A 451 46.08 5.42 14.92
CA VAL A 451 45.10 5.10 13.89
C VAL A 451 44.03 6.18 13.87
N TYR A 452 43.64 6.60 12.67
CA TYR A 452 42.59 7.59 12.49
C TYR A 452 41.35 7.23 13.29
N TYR A 453 40.93 8.14 14.16
CA TYR A 453 39.72 7.97 14.96
C TYR A 453 38.88 9.22 14.80
N HIS A 454 37.68 9.05 14.21
CA HIS A 454 36.89 10.19 13.75
C HIS A 454 36.46 11.08 14.91
N GLU A 455 35.83 10.50 15.93
CA GLU A 455 35.29 11.32 17.02
C GLU A 455 36.40 12.12 17.71
N MET A 456 37.62 11.58 17.72
CA MET A 456 38.75 12.33 18.26
C MET A 456 39.06 13.54 17.39
N GLN A 457 38.99 13.36 16.07
CA GLN A 457 39.31 14.44 15.15
C GLN A 457 38.22 15.50 15.11
N VAL A 458 36.96 15.08 15.31
CA VAL A 458 35.86 16.05 15.36
C VAL A 458 36.06 17.00 16.54
N TRP A 459 36.46 16.47 17.68
CA TRP A 459 36.62 17.30 18.88
C TRP A 459 37.85 18.19 18.78
N ALA A 460 38.93 17.68 18.18
CA ALA A 460 40.13 18.51 17.99
C ALA A 460 39.86 19.68 17.07
N ASN A 461 39.01 19.48 16.06
CA ASN A 461 38.64 20.56 15.15
C ASN A 461 37.72 21.57 15.82
N MET A 462 37.22 21.30 17.02
CA MET A 462 36.38 22.23 17.76
C MET A 462 37.09 22.81 18.97
N GLY A 463 38.41 22.70 19.02
CA GLY A 463 39.20 23.36 20.04
C GLY A 463 39.47 22.55 21.28
N TYR A 464 39.50 21.22 21.19
CA TYR A 464 39.72 20.36 22.34
C TYR A 464 41.06 19.63 22.23
N PHE A 465 41.68 19.41 23.37
CA PHE A 465 42.72 18.39 23.49
C PHE A 465 42.05 17.03 23.61
N VAL A 466 42.60 16.03 22.93
CA VAL A 466 42.11 14.65 23.05
C VAL A 466 43.27 13.80 23.51
N ILE A 467 43.08 13.10 24.62
CA ILE A 467 44.14 12.34 25.28
C ILE A 467 43.64 10.94 25.56
N PHE A 468 44.51 9.95 25.36
CA PHE A 468 44.14 8.56 25.53
C PHE A 468 45.40 7.72 25.67
N THR A 469 45.25 6.56 26.31
CA THR A 469 46.38 5.71 26.65
C THR A 469 45.92 4.26 26.73
N ASN A 470 46.85 3.38 27.13
CA ASN A 470 46.60 1.94 27.25
C ASN A 470 46.92 1.51 28.68
N PRO A 471 45.93 1.47 29.56
CA PRO A 471 46.17 1.12 30.97
C PRO A 471 46.34 -0.40 31.12
N HIS A 472 46.65 -0.81 32.34
CA HIS A 472 46.70 -2.23 32.66
C HIS A 472 45.33 -2.86 32.43
N GLY A 473 45.34 -4.06 31.85
CA GLY A 473 44.15 -4.70 31.35
C GLY A 473 44.01 -4.66 29.84
N SER A 474 44.74 -3.75 29.19
CA SER A 474 44.68 -3.61 27.74
C SER A 474 45.42 -4.77 27.06
N ASP A 475 45.17 -4.90 25.76
CA ASP A 475 45.90 -5.83 24.93
C ASP A 475 47.33 -5.33 24.69
N GLY A 476 48.15 -6.19 24.11
CA GLY A 476 49.44 -5.77 23.60
C GLY A 476 50.60 -5.84 24.56
N TYR A 477 50.49 -6.59 25.66
CA TYR A 477 51.67 -6.83 26.49
C TYR A 477 51.59 -8.18 27.21
N GLY A 478 51.00 -9.18 26.57
CA GLY A 478 50.88 -10.47 27.18
C GLY A 478 49.74 -10.56 28.18
N ASN A 479 49.64 -11.74 28.79
CA ASN A 479 48.58 -12.00 29.76
C ASN A 479 48.74 -11.14 31.01
N LYS A 480 49.97 -11.06 31.53
CA LYS A 480 50.20 -10.39 32.81
C LYS A 480 49.69 -8.96 32.80
N PHE A 481 50.04 -8.20 31.76
CA PHE A 481 49.59 -6.82 31.65
C PHE A 481 48.08 -6.72 31.51
N ALA A 482 47.45 -7.71 30.89
CA ALA A 482 46.01 -7.73 30.69
C ALA A 482 45.26 -8.38 31.84
N ASP A 483 45.94 -8.66 32.95
CA ASP A 483 45.37 -9.41 34.08
C ASP A 483 44.88 -8.40 35.12
N ILE A 484 43.66 -7.92 34.96
CA ILE A 484 43.02 -7.07 35.95
C ILE A 484 41.81 -7.81 36.54
N ARG A 485 41.88 -9.13 36.54
CA ARG A 485 40.82 -9.95 37.13
C ARG A 485 40.72 -9.68 38.62
N GLY A 486 39.50 -9.45 39.10
CA GLY A 486 39.33 -8.99 40.46
C GLY A 486 40.00 -7.67 40.77
N LYS A 487 40.45 -6.94 39.75
CA LYS A 487 41.17 -5.68 39.92
C LYS A 487 40.50 -4.53 39.16
N TYR A 488 39.22 -4.68 38.83
CA TYR A 488 38.50 -3.64 38.11
C TYR A 488 38.33 -2.41 39.00
N GLY A 489 38.92 -1.29 38.57
CA GLY A 489 38.80 -0.06 39.31
C GLY A 489 39.94 0.24 40.25
N THR A 490 41.03 -0.54 40.21
CA THR A 490 42.17 -0.32 41.08
C THR A 490 43.32 0.16 40.23
N ILE A 491 44.19 -0.73 39.74
CA ILE A 491 45.36 -0.28 38.98
C ILE A 491 44.94 0.36 37.66
N ASP A 492 43.90 -0.17 37.03
CA ASP A 492 43.45 0.39 35.76
C ASP A 492 42.91 1.80 35.93
N TYR A 493 42.23 2.07 37.05
CA TYR A 493 41.79 3.43 37.34
C TYR A 493 42.97 4.34 37.64
N GLU A 494 44.00 3.81 38.31
CA GLU A 494 45.17 4.62 38.64
C GLU A 494 45.97 4.98 37.39
N ASP A 495 46.14 4.02 36.48
CA ASP A 495 46.93 4.28 35.27
C ASP A 495 46.29 5.36 34.41
N LEU A 496 44.97 5.43 34.38
CA LEU A 496 44.29 6.50 33.63
C LEU A 496 44.45 7.83 34.34
N MET A 497 44.22 7.86 35.65
CA MET A 497 44.37 9.10 36.41
C MET A 497 45.83 9.54 36.48
N ASN A 498 46.76 8.59 36.51
CA ASN A 498 48.17 8.95 36.42
C ASN A 498 48.49 9.55 35.06
N PHE A 499 47.91 8.99 33.99
CA PHE A 499 48.12 9.53 32.65
C PHE A 499 47.50 10.92 32.52
N THR A 500 46.28 11.08 33.02
CA THR A 500 45.62 12.37 32.95
C THR A 500 46.40 13.44 33.71
N ASP A 501 46.93 13.09 34.89
CA ASP A 501 47.76 14.04 35.63
C ASP A 501 49.04 14.36 34.88
N TYR A 502 49.65 13.34 34.25
CA TYR A 502 50.84 13.57 33.44
C TYR A 502 50.55 14.57 32.33
N VAL A 503 49.42 14.41 31.65
CA VAL A 503 49.13 15.25 30.49
C VAL A 503 48.71 16.65 30.94
N LEU A 504 47.99 16.74 32.05
CA LEU A 504 47.55 18.04 32.55
C LEU A 504 48.70 18.91 33.01
N GLU A 505 49.86 18.33 33.29
CA GLU A 505 51.03 19.09 33.69
C GLU A 505 51.89 19.50 32.49
N LYS A 506 52.11 18.59 31.55
CA LYS A 506 53.00 18.88 30.43
C LYS A 506 52.36 19.85 29.43
N TYR A 507 51.04 19.75 29.25
CA TYR A 507 50.35 20.49 28.21
C TYR A 507 49.50 21.61 28.81
N PRO A 508 49.23 22.68 28.06
CA PRO A 508 48.43 23.80 28.58
C PRO A 508 46.94 23.51 28.55
N ILE A 509 46.50 22.65 29.46
CA ILE A 509 45.11 22.22 29.54
C ILE A 509 44.47 22.87 30.74
N ASP A 510 43.37 23.58 30.51
CA ASP A 510 42.57 24.15 31.60
C ASP A 510 42.01 23.01 32.43
N LYS A 511 42.66 22.70 33.55
CA LYS A 511 42.23 21.59 34.39
C LYS A 511 40.80 21.78 34.90
N SER A 512 40.25 22.99 34.78
CA SER A 512 38.86 23.23 35.14
C SER A 512 37.89 22.70 34.10
N ARG A 513 38.35 22.45 32.87
CA ARG A 513 37.48 22.06 31.75
C ARG A 513 38.07 20.81 31.09
N VAL A 514 37.83 19.66 31.70
CA VAL A 514 38.34 18.37 31.21
C VAL A 514 37.19 17.38 31.23
N GLY A 515 36.76 16.93 30.05
CA GLY A 515 35.73 15.93 29.95
C GLY A 515 36.29 14.51 29.85
N VAL A 516 35.45 13.54 30.17
CA VAL A 516 35.81 12.13 30.12
C VAL A 516 34.69 11.36 29.43
N THR A 517 35.06 10.36 28.64
CA THR A 517 34.08 9.59 27.89
C THR A 517 34.66 8.25 27.50
N GLY A 518 33.78 7.32 27.13
CA GLY A 518 34.16 5.99 26.72
C GLY A 518 32.98 5.04 26.70
N GLY A 519 33.08 3.96 25.92
CA GLY A 519 32.06 2.95 25.86
C GLY A 519 32.54 1.62 26.43
N SER A 520 31.56 0.75 26.68
CA SER A 520 31.82 -0.63 27.13
C SER A 520 32.65 -0.59 28.40
N TYR A 521 33.83 -1.22 28.45
CA TYR A 521 34.67 -1.12 29.64
C TYR A 521 35.11 0.32 29.88
N GLY A 522 35.25 1.10 28.81
CA GLY A 522 35.44 2.54 28.97
C GLY A 522 34.22 3.26 29.48
N GLY A 523 33.04 2.65 29.32
CA GLY A 523 31.85 3.18 29.96
C GLY A 523 31.72 2.74 31.41
N TYR A 524 32.22 1.55 31.73
CA TYR A 524 32.32 1.14 33.13
C TYR A 524 33.26 2.06 33.89
N MET A 525 34.42 2.36 33.30
CA MET A 525 35.40 3.21 33.98
C MET A 525 34.92 4.64 34.08
N THR A 526 34.18 5.13 33.08
CA THR A 526 33.57 6.44 33.20
C THR A 526 32.56 6.48 34.34
N ASN A 527 31.72 5.44 34.44
CA ASN A 527 30.86 5.31 35.60
C ASN A 527 31.67 5.18 36.88
N TRP A 528 32.79 4.48 36.81
CA TRP A 528 33.68 4.35 37.97
C TRP A 528 34.31 5.69 38.33
N ILE A 529 34.73 6.45 37.32
CA ILE A 529 35.48 7.68 37.58
C ILE A 529 34.60 8.70 38.30
N ILE A 530 33.39 8.94 37.78
CA ILE A 530 32.52 9.96 38.36
C ILE A 530 32.12 9.60 39.79
N GLY A 531 32.20 8.33 40.16
CA GLY A 531 31.94 7.93 41.52
C GLY A 531 33.13 7.96 42.44
N HIS A 532 34.34 8.11 41.90
CA HIS A 532 35.56 8.09 42.68
C HIS A 532 36.39 9.36 42.56
N THR A 533 35.95 10.33 41.76
CA THR A 533 36.64 11.62 41.68
C THR A 533 35.71 12.64 41.04
N ASP A 534 36.03 13.92 41.27
CA ASP A 534 35.24 15.02 40.74
C ASP A 534 36.02 15.88 39.75
N ARG A 535 37.22 15.45 39.34
CA ARG A 535 38.11 16.30 38.56
C ARG A 535 37.59 16.58 37.16
N PHE A 536 36.66 15.77 36.65
CA PHE A 536 36.11 15.98 35.31
C PHE A 536 34.83 16.79 35.43
N LYS A 537 34.77 17.91 34.70
CA LYS A 537 33.60 18.79 34.81
C LYS A 537 32.38 18.20 34.11
N CYS A 538 32.56 17.25 33.21
CA CYS A 538 31.44 16.58 32.58
C CYS A 538 31.90 15.22 32.06
N ALA A 539 30.95 14.29 31.98
CA ALA A 539 31.24 12.92 31.58
C ALA A 539 30.24 12.46 30.52
N ALA A 540 30.65 11.46 29.75
CA ALA A 540 29.79 10.84 28.74
C ALA A 540 29.99 9.35 28.82
N SER A 541 28.98 8.61 29.27
CA SER A 541 29.06 7.18 29.49
C SER A 541 28.26 6.47 28.40
N GLN A 542 28.95 5.78 27.50
CA GLN A 542 28.31 5.06 26.40
C GLN A 542 28.32 3.57 26.66
N ARG A 543 27.25 2.89 26.23
CA ARG A 543 27.06 1.45 26.32
C ARG A 543 27.75 0.86 27.56
N SER A 544 27.48 1.45 28.72
CA SER A 544 28.32 1.31 29.89
C SER A 544 27.91 0.12 30.74
N ILE A 545 28.69 -0.12 31.79
CA ILE A 545 28.40 -1.09 32.85
C ILE A 545 28.34 -0.33 34.17
N SER A 546 27.33 -0.63 34.97
CA SER A 546 27.14 0.05 36.25
C SER A 546 26.86 -0.90 37.41
N ASN A 547 26.36 -2.11 37.15
CA ASN A 547 25.88 -2.98 38.22
C ASN A 547 26.20 -4.42 37.81
N TRP A 548 27.20 -5.01 38.49
CA TRP A 548 27.69 -6.32 38.06
C TRP A 548 26.67 -7.41 38.30
N ILE A 549 25.96 -7.36 39.44
CA ILE A 549 24.91 -8.35 39.68
C ILE A 549 23.78 -8.20 38.68
N SER A 550 23.57 -6.97 38.18
CA SER A 550 22.56 -6.75 37.16
C SER A 550 23.02 -7.29 35.81
N LYS A 551 24.30 -7.09 35.48
CA LYS A 551 24.82 -7.58 34.21
C LYS A 551 24.97 -9.09 34.18
N PHE A 552 25.02 -9.74 35.34
CA PHE A 552 25.15 -11.19 35.39
C PHE A 552 23.98 -11.88 34.68
N GLY A 553 22.77 -11.46 35.00
CA GLY A 553 21.59 -12.12 34.49
C GLY A 553 20.98 -11.55 33.22
N THR A 554 21.51 -10.43 32.71
CA THR A 554 20.90 -9.74 31.57
C THR A 554 21.99 -9.35 30.55
N THR A 555 22.70 -10.34 30.03
CA THR A 555 23.76 -10.08 29.06
C THR A 555 24.19 -11.40 28.43
N ASP A 556 24.52 -11.35 27.13
CA ASP A 556 24.89 -12.56 26.40
C ASP A 556 26.10 -13.25 26.99
N ILE A 557 26.97 -12.52 27.68
CA ILE A 557 28.19 -13.07 28.26
C ILE A 557 28.26 -12.90 29.77
N GLY A 558 27.26 -12.27 30.38
CA GLY A 558 27.41 -11.82 31.75
C GLY A 558 27.54 -12.94 32.77
N TYR A 559 27.00 -14.12 32.47
CA TYR A 559 26.98 -15.17 33.49
C TYR A 559 28.31 -15.90 33.60
N TYR A 560 29.19 -15.81 32.61
CA TYR A 560 30.52 -16.40 32.72
C TYR A 560 31.65 -15.39 32.63
N PHE A 561 31.46 -14.28 31.89
CA PHE A 561 32.52 -13.30 31.74
C PHE A 561 32.65 -12.41 32.96
N ASN A 562 31.52 -12.01 33.56
CA ASN A 562 31.57 -11.15 34.74
C ASN A 562 32.23 -11.85 35.91
N ALA A 563 31.97 -13.15 36.08
CA ALA A 563 32.64 -13.91 37.13
C ALA A 563 34.13 -14.08 36.84
N ASP A 564 34.50 -14.12 35.56
CA ASP A 564 35.91 -14.28 35.21
C ASP A 564 36.71 -13.01 35.48
N GLN A 565 36.11 -11.85 35.21
CA GLN A 565 36.83 -10.58 35.32
C GLN A 565 36.82 -10.00 36.73
N ASN A 566 35.85 -10.37 37.57
CA ASN A 566 35.78 -9.86 38.93
C ASN A 566 36.05 -10.92 39.98
N GLN A 567 36.21 -12.18 39.58
CA GLN A 567 36.46 -13.29 40.52
C GLN A 567 35.40 -13.32 41.62
N ALA A 568 34.17 -12.95 41.27
CA ALA A 568 33.06 -12.91 42.22
C ALA A 568 31.81 -13.38 41.48
N THR A 569 30.67 -13.26 42.16
CA THR A 569 29.41 -13.86 41.72
C THR A 569 28.31 -13.34 42.64
N PRO A 570 27.08 -13.16 42.15
CA PRO A 570 26.00 -12.71 43.04
C PRO A 570 25.78 -13.61 44.25
N TRP A 571 26.35 -14.82 44.27
CA TRP A 571 26.17 -15.74 45.37
C TRP A 571 27.49 -16.20 45.99
N ILE A 572 28.63 -15.90 45.39
CA ILE A 572 29.94 -16.24 45.93
C ILE A 572 30.74 -14.95 46.05
N ASN A 573 31.01 -14.53 47.28
CA ASN A 573 31.65 -13.26 47.57
C ASN A 573 30.93 -12.11 46.86
N HIS A 574 29.65 -11.96 47.21
CA HIS A 574 28.84 -10.90 46.63
C HIS A 574 29.39 -9.52 46.99
N ASP A 575 29.98 -9.39 48.17
CA ASP A 575 30.56 -8.11 48.59
C ASP A 575 31.59 -7.62 47.58
N LYS A 576 32.37 -8.54 47.01
CA LYS A 576 33.37 -8.15 46.01
C LYS A 576 32.70 -7.74 44.71
N LEU A 577 31.72 -8.50 44.25
CA LEU A 577 31.03 -8.14 43.01
C LEU A 577 30.31 -6.82 43.13
N TRP A 578 29.73 -6.53 44.31
CA TRP A 578 29.10 -5.24 44.53
C TRP A 578 30.15 -4.14 44.68
N TRP A 579 31.35 -4.49 45.14
CA TRP A 579 32.40 -3.49 45.29
C TRP A 579 32.84 -2.93 43.94
N HIS A 580 33.11 -3.82 42.99
CA HIS A 580 33.55 -3.42 41.64
C HIS A 580 32.45 -2.79 40.81
N SER A 581 31.25 -2.55 41.35
CA SER A 581 30.17 -1.95 40.57
C SER A 581 30.16 -0.44 40.81
N PRO A 582 30.21 0.37 39.75
CA PRO A 582 30.22 1.83 39.95
C PRO A 582 28.93 2.38 40.52
N LEU A 583 27.82 1.63 40.44
CA LEU A 583 26.56 2.12 41.02
C LEU A 583 26.66 2.29 42.52
N LYS A 584 27.57 1.55 43.17
CA LYS A 584 27.72 1.64 44.61
C LYS A 584 28.16 3.03 45.06
N TYR A 585 28.84 3.77 44.19
CA TYR A 585 29.39 5.07 44.53
C TYR A 585 28.64 6.21 43.85
N ALA A 586 27.42 5.96 43.39
CA ALA A 586 26.65 7.00 42.71
C ALA A 586 26.28 8.14 43.66
N ASP A 587 26.18 7.85 44.96
CA ASP A 587 25.88 8.91 45.93
C ASP A 587 27.02 9.91 46.05
N LYS A 588 28.23 9.54 45.62
CA LYS A 588 29.37 10.45 45.61
C LYS A 588 29.59 11.10 44.25
N ALA A 589 28.75 10.79 43.26
CA ALA A 589 28.91 11.35 41.93
C ALA A 589 28.39 12.78 41.89
N LYS A 590 29.25 13.70 41.45
CA LYS A 590 28.89 15.10 41.29
C LYS A 590 29.12 15.61 39.88
N THR A 591 29.68 14.78 38.99
CA THR A 591 30.00 15.20 37.63
C THR A 591 28.79 15.00 36.73
N PRO A 592 28.28 16.04 36.07
CA PRO A 592 27.17 15.85 35.13
C PRO A 592 27.55 14.89 34.02
N THR A 593 26.73 13.87 33.83
CA THR A 593 27.08 12.75 32.96
C THR A 593 25.96 12.50 31.95
N LEU A 594 26.33 12.44 30.68
CA LEU A 594 25.44 12.00 29.62
C LEU A 594 25.63 10.49 29.40
N PHE A 595 24.53 9.82 29.08
CA PHE A 595 24.54 8.37 28.91
C PHE A 595 24.05 8.01 27.50
N ILE A 596 24.90 7.31 26.76
CA ILE A 596 24.56 6.78 25.45
C ILE A 596 24.31 5.29 25.60
N HIS A 597 23.14 4.83 25.19
CA HIS A 597 22.82 3.42 25.28
C HIS A 597 21.85 3.03 24.16
N SER A 598 21.99 1.80 23.69
CA SER A 598 21.13 1.26 22.65
C SER A 598 20.19 0.22 23.24
N GLU A 599 19.02 0.06 22.61
CA GLU A 599 18.01 -0.86 23.12
C GLU A 599 18.39 -2.31 22.83
N GLU A 600 18.94 -2.58 21.66
CA GLU A 600 19.29 -3.95 21.27
C GLU A 600 20.75 -4.28 21.59
N ASP A 601 21.36 -3.57 22.55
CA ASP A 601 22.69 -3.91 23.02
C ASP A 601 22.57 -5.04 24.05
N TYR A 602 23.18 -6.18 23.75
CA TYR A 602 23.13 -7.34 24.62
C TYR A 602 24.48 -7.67 25.25
N ARG A 603 25.52 -6.88 24.95
CA ARG A 603 26.80 -6.98 25.64
C ARG A 603 26.80 -6.16 26.93
N CYS A 604 26.20 -4.97 26.90
CA CYS A 604 25.95 -4.15 28.08
C CYS A 604 24.50 -3.68 27.95
N TRP A 605 23.60 -4.42 28.58
CA TRP A 605 22.18 -4.25 28.34
C TRP A 605 21.66 -2.94 28.95
N LEU A 606 20.45 -2.56 28.55
CA LEU A 606 19.89 -1.24 28.87
C LEU A 606 19.83 -0.97 30.36
N ALA A 607 19.75 -2.02 31.19
CA ALA A 607 19.61 -1.81 32.63
C ALA A 607 20.79 -1.03 33.20
N GLU A 608 22.00 -1.28 32.67
CA GLU A 608 23.18 -0.60 33.20
C GLU A 608 23.10 0.91 33.01
N GLY A 609 22.67 1.35 31.83
CA GLY A 609 22.60 2.78 31.57
C GLY A 609 21.50 3.47 32.37
N LEU A 610 20.37 2.79 32.57
CA LEU A 610 19.25 3.40 33.27
C LEU A 610 19.57 3.61 34.75
N GLN A 611 20.30 2.68 35.36
CA GLN A 611 20.54 2.74 36.80
C GLN A 611 21.44 3.92 37.15
N MET A 612 22.54 4.09 36.42
CA MET A 612 23.43 5.22 36.68
C MET A 612 22.71 6.55 36.48
N PHE A 613 21.89 6.65 35.44
CA PHE A 613 21.16 7.88 35.18
C PHE A 613 20.16 8.17 36.29
N THR A 614 19.32 7.18 36.64
CA THR A 614 18.34 7.37 37.70
C THR A 614 19.02 7.68 39.02
N ALA A 615 20.18 7.06 39.28
CA ALA A 615 20.91 7.32 40.52
C ALA A 615 21.40 8.76 40.56
N LEU A 616 21.92 9.28 39.45
CA LEU A 616 22.43 10.65 39.44
C LEU A 616 21.29 11.66 39.52
N LYS A 617 20.18 11.40 38.84
CA LYS A 617 19.01 12.26 38.98
C LYS A 617 18.43 12.18 40.39
N TYR A 618 18.60 11.03 41.05
CA TYR A 618 18.11 10.87 42.41
C TYR A 618 18.89 11.72 43.40
N HIS A 619 20.17 11.97 43.12
CA HIS A 619 21.03 12.74 44.01
C HIS A 619 21.17 14.19 43.57
N GLY A 620 20.29 14.67 42.70
CA GLY A 620 20.26 16.08 42.33
C GLY A 620 21.27 16.49 41.28
N ILE A 621 21.99 15.55 40.68
CA ILE A 621 22.99 15.86 39.66
C ILE A 621 22.31 15.96 38.31
N GLU A 622 22.82 16.83 37.45
CA GLU A 622 22.33 16.92 36.08
C GLU A 622 22.82 15.71 35.28
N ALA A 623 21.91 15.09 34.53
CA ALA A 623 22.26 13.93 33.73
C ALA A 623 21.29 13.82 32.56
N ARG A 624 21.73 13.14 31.52
CA ARG A 624 20.96 12.98 30.29
C ARG A 624 21.23 11.60 29.72
N LEU A 625 20.17 10.96 29.22
CA LEU A 625 20.28 9.64 28.62
C LEU A 625 19.61 9.67 27.25
N CYS A 626 20.34 9.25 26.23
CA CYS A 626 19.82 9.11 24.88
C CYS A 626 19.77 7.63 24.53
N MET A 627 18.58 7.11 24.31
CA MET A 627 18.37 5.71 23.98
C MET A 627 18.17 5.56 22.48
N PHE A 628 18.84 4.57 21.90
CA PHE A 628 18.84 4.35 20.46
C PHE A 628 18.12 3.05 20.14
N ARG A 629 17.07 3.16 19.32
CA ARG A 629 16.35 1.99 18.83
C ARG A 629 17.02 1.46 17.57
N GLY A 630 16.95 0.14 17.40
CA GLY A 630 17.50 -0.50 16.23
C GLY A 630 19.00 -0.69 16.22
N GLU A 631 19.72 -0.14 17.20
CA GLU A 631 21.17 -0.25 17.27
C GLU A 631 21.57 -1.13 18.45
N ASN A 632 22.83 -1.54 18.44
CA ASN A 632 23.36 -2.41 19.50
C ASN A 632 24.70 -1.85 19.97
N HIS A 633 25.54 -2.73 20.52
CA HIS A 633 26.83 -2.31 21.07
C HIS A 633 27.76 -1.74 20.00
N GLU A 634 27.55 -2.08 18.73
CA GLU A 634 28.40 -1.63 17.64
C GLU A 634 27.90 -0.33 17.01
N LEU A 635 27.13 0.47 17.75
CA LEU A 635 26.54 1.68 17.19
C LEU A 635 27.60 2.64 16.68
N SER A 636 28.58 2.95 17.52
CA SER A 636 29.59 3.94 17.15
C SER A 636 30.48 3.47 16.01
N ARG A 637 30.52 2.17 15.74
CA ARG A 637 31.37 1.62 14.68
C ARG A 637 30.61 1.29 13.41
N SER A 638 29.40 0.73 13.53
CA SER A 638 28.69 0.25 12.34
C SER A 638 27.20 0.58 12.37
N GLY A 639 26.76 1.51 13.21
CA GLY A 639 25.36 1.89 13.26
C GLY A 639 24.93 2.64 12.02
N LYS A 640 23.62 2.84 11.91
CA LYS A 640 23.07 3.56 10.77
C LYS A 640 23.51 5.01 10.80
N PRO A 641 23.65 5.64 9.62
CA PRO A 641 24.29 6.97 9.57
C PRO A 641 23.66 8.02 10.47
N LYS A 642 22.33 8.16 10.44
CA LYS A 642 21.69 9.19 11.24
C LYS A 642 21.88 8.95 12.73
N HIS A 643 21.89 7.68 13.15
CA HIS A 643 22.07 7.36 14.55
C HIS A 643 23.53 7.56 14.97
N ARG A 644 24.48 7.32 14.06
CA ARG A 644 25.87 7.67 14.35
C ARG A 644 26.04 9.17 14.49
N ILE A 645 25.30 9.94 13.70
CA ILE A 645 25.35 11.40 13.81
C ILE A 645 24.68 11.86 15.11
N ARG A 646 23.60 11.19 15.51
CA ARG A 646 22.93 11.54 16.74
C ARG A 646 23.82 11.27 17.95
N ARG A 647 24.47 10.11 17.99
CA ARG A 647 25.36 9.79 19.09
C ARG A 647 26.51 10.78 19.16
N LEU A 648 27.15 11.05 18.02
CA LEU A 648 28.22 12.05 17.99
C LEU A 648 27.72 13.40 18.45
N THR A 649 26.53 13.81 17.98
CA THR A 649 26.00 15.11 18.34
C THR A 649 25.58 15.16 19.81
N GLU A 650 25.01 14.07 20.32
CA GLU A 650 24.65 14.03 21.74
C GLU A 650 25.88 14.20 22.62
N ILE A 651 26.97 13.49 22.29
CA ILE A 651 28.19 13.60 23.08
C ILE A 651 28.82 14.97 22.94
N THR A 652 28.79 15.53 21.72
CA THR A 652 29.49 16.79 21.47
C THR A 652 28.81 17.97 22.16
N ASN A 653 27.50 18.10 21.97
CA ASN A 653 26.76 19.18 22.63
C ASN A 653 26.90 19.09 24.14
N TRP A 654 27.04 17.88 24.69
CA TRP A 654 27.28 17.72 26.11
C TRP A 654 28.62 18.32 26.51
N PHE A 655 29.68 17.97 25.77
CA PHE A 655 30.98 18.59 26.01
C PHE A 655 30.90 20.10 25.82
N GLU A 656 30.23 20.55 24.75
CA GLU A 656 30.12 21.98 24.48
C GLU A 656 29.38 22.70 25.60
N LYS A 657 28.35 22.07 26.17
CA LYS A 657 27.56 22.73 27.19
C LYS A 657 28.33 22.92 28.49
N TYR A 658 29.23 22.00 28.82
CA TYR A 658 29.91 22.03 30.11
C TYR A 658 31.40 22.37 30.02
N LEU A 659 32.03 22.17 28.87
CA LEU A 659 33.46 22.42 28.72
C LEU A 659 33.77 23.73 27.98
N LYS A 660 32.74 24.51 27.66
CA LYS A 660 32.95 25.78 26.96
C LYS A 660 32.01 26.86 27.50
N MET B 1 -24.39 -28.06 32.37
CA MET B 1 -23.30 -27.12 32.17
C MET B 1 -22.27 -27.64 31.17
N GLU B 2 -21.14 -26.95 31.11
CA GLU B 2 -19.98 -27.42 30.36
C GLU B 2 -18.73 -26.83 31.02
N ASN B 3 -17.61 -27.51 30.81
CA ASN B 3 -16.36 -27.08 31.43
C ASN B 3 -15.99 -25.68 30.96
N LEU B 4 -15.68 -24.80 31.91
CA LEU B 4 -15.05 -23.54 31.55
C LEU B 4 -13.70 -23.81 30.94
N LYS B 5 -13.34 -23.02 29.92
CA LYS B 5 -12.12 -23.25 29.16
C LYS B 5 -11.20 -22.04 29.30
N LEU B 6 -9.99 -22.19 28.74
CA LEU B 6 -8.97 -21.16 28.89
C LEU B 6 -9.41 -19.84 28.26
N ASP B 7 -10.01 -19.91 27.07
CA ASP B 7 -10.40 -18.72 26.33
C ASP B 7 -11.84 -18.29 26.59
N SER B 8 -12.52 -18.91 27.54
CA SER B 8 -13.93 -18.60 27.77
C SER B 8 -14.15 -17.14 28.17
N PHE B 9 -13.11 -16.45 28.62
CA PHE B 9 -13.22 -15.03 28.95
C PHE B 9 -13.50 -14.17 27.72
N LEU B 10 -13.33 -14.71 26.51
CA LEU B 10 -13.68 -13.95 25.31
C LEU B 10 -15.16 -13.61 25.27
N GLU B 11 -16.00 -14.38 25.94
CA GLU B 11 -17.43 -14.15 25.98
C GLU B 11 -17.84 -13.26 27.15
N TYR B 12 -16.91 -12.87 28.02
CA TYR B 12 -17.24 -12.03 29.15
C TYR B 12 -17.54 -10.60 28.69
N LYS B 13 -18.42 -9.93 29.43
CA LYS B 13 -18.75 -8.54 29.19
C LYS B 13 -18.25 -7.68 30.35
N PHE B 14 -17.64 -6.54 30.02
CA PHE B 14 -17.07 -5.64 31.00
C PHE B 14 -17.73 -4.28 30.90
N LEU B 15 -18.16 -3.75 32.03
CA LEU B 15 -18.90 -2.49 32.09
C LEU B 15 -17.98 -1.36 32.56
N SER B 16 -18.24 -0.16 32.04
CA SER B 16 -17.44 0.99 32.41
C SER B 16 -18.23 2.27 32.16
N ASN B 17 -17.75 3.35 32.78
CA ASN B 17 -18.22 4.72 32.53
C ASN B 17 -19.70 4.88 32.87
N LEU B 18 -20.01 4.67 34.15
CA LEU B 18 -21.37 4.89 34.64
C LEU B 18 -21.55 6.38 34.94
N ASP B 19 -22.45 7.03 34.20
CA ASP B 19 -22.62 8.47 34.30
C ASP B 19 -24.08 8.84 34.06
N PHE B 20 -24.61 9.73 34.90
CA PHE B 20 -25.99 10.19 34.80
C PHE B 20 -26.09 11.42 33.91
N ASN B 21 -27.30 11.67 33.41
CA ASN B 21 -27.58 12.99 32.88
C ASN B 21 -28.03 13.90 34.03
N PRO B 22 -28.02 15.22 33.82
CA PRO B 22 -28.34 16.13 34.94
C PRO B 22 -29.69 15.88 35.60
N ASP B 23 -30.69 15.40 34.88
CA ASP B 23 -32.03 15.25 35.46
C ASP B 23 -32.28 13.85 36.03
N GLY B 24 -31.27 12.97 36.00
CA GLY B 24 -31.40 11.66 36.61
C GLY B 24 -32.30 10.68 35.88
N SER B 25 -32.80 11.03 34.70
CA SER B 25 -33.69 10.13 33.98
C SER B 25 -32.93 9.01 33.28
N ASN B 26 -31.79 9.33 32.67
CA ASN B 26 -31.00 8.37 31.92
C ASN B 26 -29.59 8.33 32.46
N LEU B 27 -29.04 7.12 32.60
CA LEU B 27 -27.65 6.93 32.98
C LEU B 27 -26.96 6.12 31.89
N ALA B 28 -25.78 6.58 31.48
CA ALA B 28 -25.04 5.96 30.39
C ALA B 28 -23.92 5.09 30.94
N PHE B 29 -23.58 4.05 30.18
CA PHE B 29 -22.46 3.18 30.53
C PHE B 29 -21.95 2.53 29.25
N SER B 30 -20.77 1.92 29.35
CA SER B 30 -20.11 1.31 28.21
C SER B 30 -19.91 -0.17 28.44
N LEU B 31 -20.00 -0.94 27.36
CA LEU B 31 -19.76 -2.38 27.37
C LEU B 31 -18.56 -2.68 26.50
N SER B 32 -17.59 -3.41 27.06
CA SER B 32 -16.42 -3.85 26.33
C SER B 32 -16.43 -5.37 26.23
N GLU B 33 -15.94 -5.87 25.10
CA GLU B 33 -15.86 -7.31 24.89
C GLU B 33 -14.69 -7.60 23.95
N ALA B 34 -14.16 -8.81 24.05
CA ALA B 34 -12.97 -9.17 23.31
C ALA B 34 -13.26 -9.28 21.81
N ASP B 35 -12.24 -8.97 21.01
CA ASP B 35 -12.29 -9.06 19.56
C ASP B 35 -11.06 -9.88 19.15
N LEU B 36 -11.22 -11.19 19.08
CA LEU B 36 -10.07 -12.07 18.83
C LEU B 36 -9.53 -11.90 17.42
N GLU B 37 -10.41 -11.71 16.44
CA GLU B 37 -9.97 -11.57 15.05
C GLU B 37 -8.99 -10.42 14.91
N ASN B 38 -9.32 -9.25 15.46
CA ASN B 38 -8.48 -8.07 15.38
C ASN B 38 -7.58 -7.90 16.61
N ASN B 39 -7.63 -8.83 17.56
CA ASN B 39 -6.80 -8.78 18.77
C ASN B 39 -6.97 -7.46 19.50
N SER B 40 -8.21 -6.96 19.55
CA SER B 40 -8.52 -5.69 20.19
C SER B 40 -9.79 -5.88 21.01
N TYR B 41 -10.49 -4.78 21.28
CA TYR B 41 -11.72 -4.81 22.05
C TYR B 41 -12.76 -3.91 21.39
N LYS B 42 -14.00 -4.38 21.39
CA LYS B 42 -15.13 -3.60 20.90
C LYS B 42 -15.77 -2.88 22.06
N HIS B 43 -15.99 -1.57 21.90
CA HIS B 43 -16.59 -0.74 22.94
C HIS B 43 -17.92 -0.20 22.43
N PHE B 44 -19.00 -0.51 23.15
CA PHE B 44 -20.32 -0.03 22.83
C PHE B 44 -20.81 0.93 23.91
N ILE B 45 -21.74 1.80 23.52
CA ILE B 45 -22.38 2.73 24.44
C ILE B 45 -23.80 2.25 24.68
N TYR B 46 -24.23 2.30 25.94
CA TYR B 46 -25.53 1.79 26.35
C TYR B 46 -26.25 2.84 27.17
N ASN B 47 -27.56 2.63 27.36
CA ASN B 47 -28.38 3.51 28.18
C ASN B 47 -29.47 2.72 28.88
N LEU B 48 -29.76 3.11 30.12
CA LEU B 48 -30.90 2.58 30.88
C LEU B 48 -31.75 3.75 31.34
N ASP B 49 -33.07 3.58 31.25
CA ASP B 49 -34.01 4.59 31.72
C ASP B 49 -34.35 4.31 33.18
N THR B 50 -34.13 5.29 34.05
CA THR B 50 -34.16 5.05 35.49
C THR B 50 -35.55 4.70 36.02
N LYS B 51 -36.61 5.06 35.30
CA LYS B 51 -37.95 4.64 35.67
C LYS B 51 -38.50 3.51 34.80
N ASN B 52 -38.10 3.47 33.52
CA ASN B 52 -38.46 2.35 32.67
C ASN B 52 -37.65 1.10 33.02
N LYS B 53 -36.43 1.29 33.54
CA LYS B 53 -35.52 0.19 33.88
C LYS B 53 -35.17 -0.66 32.66
N GLU B 54 -35.09 -0.04 31.49
CA GLU B 54 -34.85 -0.73 30.23
C GLU B 54 -33.46 -0.41 29.70
N ILE B 55 -32.71 -1.46 29.36
CA ILE B 55 -31.36 -1.32 28.81
C ILE B 55 -31.46 -1.15 27.30
N LYS B 56 -30.67 -0.23 26.76
CA LYS B 56 -30.68 0.06 25.33
C LYS B 56 -29.27 0.16 24.79
N LYS B 57 -29.01 -0.59 23.71
CA LYS B 57 -27.73 -0.55 23.02
C LYS B 57 -27.71 0.63 22.05
N LEU B 58 -26.75 1.54 22.24
CA LEU B 58 -26.73 2.80 21.50
C LEU B 58 -25.76 2.82 20.34
N THR B 59 -24.64 2.12 20.43
CA THR B 59 -23.63 2.12 19.37
C THR B 59 -23.31 0.69 18.97
N HIS B 60 -22.83 0.53 17.74
CA HIS B 60 -22.65 -0.81 17.18
C HIS B 60 -21.36 -1.00 16.37
N SER B 61 -20.60 0.05 16.09
CA SER B 61 -19.35 -0.13 15.36
C SER B 61 -18.22 -0.63 16.26
N GLY B 62 -18.32 -0.41 17.57
CA GLY B 62 -17.37 -0.98 18.51
C GLY B 62 -16.15 -0.14 18.80
N LYS B 63 -16.19 1.17 18.53
CA LYS B 63 -15.04 2.04 18.75
C LYS B 63 -15.39 3.26 19.58
N GLU B 64 -16.48 3.22 20.34
CA GLU B 64 -16.99 4.39 21.03
C GLU B 64 -17.25 4.08 22.49
N LYS B 65 -16.74 4.94 23.38
CA LYS B 65 -17.07 4.92 24.79
C LYS B 65 -17.63 6.27 25.20
N ASN B 66 -18.72 6.27 25.95
CA ASN B 66 -19.31 7.52 26.40
C ASN B 66 -18.38 8.22 27.40
N SER B 67 -18.28 9.54 27.28
CA SER B 67 -17.44 10.33 28.16
C SER B 67 -18.20 11.39 28.93
N LEU B 68 -19.38 11.79 28.49
CA LEU B 68 -19.99 13.01 29.00
C LEU B 68 -21.41 13.15 28.43
N TRP B 69 -22.29 13.74 29.24
CA TRP B 69 -23.63 14.10 28.81
C TRP B 69 -23.66 15.57 28.43
N LEU B 70 -23.90 15.86 27.15
CA LEU B 70 -24.05 17.26 26.73
C LEU B 70 -25.28 17.88 27.38
N ASN B 71 -26.41 17.18 27.31
CA ASN B 71 -27.61 17.54 28.05
C ASN B 71 -28.40 16.26 28.32
N ASN B 72 -29.59 16.39 28.89
CA ASN B 72 -30.36 15.20 29.30
C ASN B 72 -30.76 14.38 28.09
N ASN B 73 -30.45 14.86 26.91
CA ASN B 73 -30.90 14.13 25.71
C ASN B 73 -29.72 13.51 24.96
N THR B 74 -28.55 14.08 25.15
CA THR B 74 -27.46 13.79 24.20
C THR B 74 -26.15 13.40 24.88
N ILE B 75 -25.62 12.25 24.46
CA ILE B 75 -24.35 11.74 24.96
C ILE B 75 -23.25 12.09 23.96
N LEU B 76 -22.15 12.64 24.46
CA LEU B 76 -20.98 12.95 23.64
C LEU B 76 -19.91 11.89 23.85
N PHE B 77 -19.18 11.59 22.77
CA PHE B 77 -18.08 10.63 22.85
C PHE B 77 -17.03 10.99 21.81
N SER B 78 -15.81 10.52 22.05
CA SER B 78 -14.68 10.74 21.15
C SER B 78 -14.52 9.54 20.22
N ALA B 79 -14.18 9.82 18.96
CA ALA B 79 -13.97 8.77 17.97
C ALA B 79 -13.06 9.33 16.88
N ASP B 80 -12.91 8.57 15.79
CA ASP B 80 -12.02 8.93 14.69
C ASP B 80 -12.73 8.66 13.36
N ARG B 81 -13.88 9.31 13.16
CA ARG B 81 -14.65 9.15 11.94
C ARG B 81 -14.33 10.20 10.88
N ASP B 82 -13.16 10.83 10.98
CA ASP B 82 -12.70 11.84 10.03
C ASP B 82 -11.36 11.37 9.48
N LYS B 83 -11.36 10.81 8.27
CA LYS B 83 -10.15 10.22 7.70
C LYS B 83 -9.05 11.26 7.45
N ASP B 84 -9.42 12.53 7.26
CA ASP B 84 -8.40 13.56 7.10
C ASP B 84 -7.66 13.81 8.39
N ILE B 85 -8.39 14.03 9.49
CA ILE B 85 -7.77 14.24 10.79
C ILE B 85 -6.96 13.03 11.21
N GLU B 86 -7.41 11.83 10.85
CA GLU B 86 -6.70 10.61 11.23
C GLU B 86 -5.30 10.57 10.61
N GLU B 87 -5.20 10.87 9.32
CA GLU B 87 -3.90 10.87 8.67
C GLU B 87 -3.02 11.99 9.17
N LYS B 88 -3.61 13.11 9.60
CA LYS B 88 -2.82 14.18 10.20
C LYS B 88 -2.22 13.74 11.52
N LYS B 89 -2.95 12.94 12.30
CA LYS B 89 -2.43 12.47 13.58
C LYS B 89 -1.26 11.50 13.38
N LYS B 90 -1.32 10.69 12.33
CA LYS B 90 -0.20 9.80 12.02
C LYS B 90 1.08 10.58 11.81
N LEU B 91 0.98 11.75 11.16
CA LEU B 91 2.16 12.55 10.86
C LEU B 91 2.72 13.24 12.10
N GLY B 92 1.91 13.43 13.14
CA GLY B 92 2.38 14.05 14.35
C GLY B 92 1.44 15.10 14.92
N GLU B 93 0.31 15.32 14.26
CA GLU B 93 -0.66 16.29 14.72
C GLU B 93 -1.49 15.70 15.86
N THR B 94 -1.95 16.57 16.75
CA THR B 94 -2.74 16.19 17.91
C THR B 94 -4.17 16.65 17.72
N TRP B 95 -5.13 15.73 17.84
CA TRP B 95 -6.53 16.04 17.60
C TRP B 95 -7.41 15.09 18.38
N THR B 96 -8.58 15.62 18.80
CA THR B 96 -9.62 14.82 19.44
C THR B 96 -10.96 15.30 18.93
N ILE B 97 -11.73 14.41 18.30
CA ILE B 97 -13.02 14.74 17.72
C ILE B 97 -14.11 14.13 18.58
N PHE B 98 -15.11 14.94 18.93
CA PHE B 98 -16.24 14.50 19.73
C PHE B 98 -17.52 14.51 18.91
N TYR B 99 -18.34 13.48 19.07
CA TYR B 99 -19.59 13.30 18.36
C TYR B 99 -20.76 13.32 19.35
N ALA B 100 -21.97 13.32 18.79
CA ALA B 100 -23.20 13.49 19.57
C ALA B 100 -24.29 12.56 19.04
N LEU B 101 -25.03 11.94 19.96
CA LEU B 101 -25.84 10.74 19.71
C LEU B 101 -27.25 10.87 20.30
N ASP B 102 -28.17 11.53 19.60
CA ASP B 102 -29.45 11.88 20.21
C ASP B 102 -30.24 10.62 20.61
N ILE B 103 -30.64 10.55 21.89
CA ILE B 103 -31.58 9.52 22.32
C ILE B 103 -33.01 10.03 22.23
N LYS B 104 -33.25 11.23 22.75
CA LYS B 104 -34.60 11.79 22.78
C LYS B 104 -35.12 12.04 21.38
N ASN B 105 -34.29 12.63 20.52
CA ASN B 105 -34.71 12.95 19.16
C ASN B 105 -34.16 11.99 18.11
N GLY B 106 -33.19 11.15 18.47
CA GLY B 106 -32.78 10.05 17.60
C GLY B 106 -31.81 10.45 16.50
N GLY B 107 -31.49 9.46 15.67
CA GLY B 107 -30.58 9.66 14.55
C GLY B 107 -29.31 8.85 14.69
N GLU B 108 -28.19 9.41 14.25
CA GLU B 108 -26.87 8.81 14.41
C GLU B 108 -25.93 9.85 15.01
N ALA B 109 -24.70 9.45 15.24
CA ALA B 109 -23.72 10.34 15.86
C ALA B 109 -23.24 11.38 14.85
N TYR B 110 -23.18 12.64 15.26
CA TYR B 110 -22.73 13.73 14.41
C TYR B 110 -21.62 14.51 15.10
N GLU B 111 -20.69 15.02 14.29
CA GLU B 111 -19.53 15.72 14.83
C GLU B 111 -19.96 16.98 15.56
N TYR B 112 -19.50 17.12 16.81
CA TYR B 112 -19.81 18.26 17.65
C TYR B 112 -18.62 19.16 17.93
N MET B 113 -17.44 18.58 18.16
CA MET B 113 -16.26 19.36 18.52
C MET B 113 -15.02 18.79 17.84
N LYS B 114 -14.05 19.69 17.60
CA LYS B 114 -12.70 19.34 17.22
C LYS B 114 -11.75 20.07 18.16
N LEU B 115 -10.86 19.33 18.80
CA LEU B 115 -9.93 19.92 19.75
C LEU B 115 -8.51 19.55 19.37
N PRO B 116 -7.60 20.51 19.26
CA PRO B 116 -6.26 20.23 18.71
C PRO B 116 -5.29 19.65 19.74
N VAL B 117 -5.80 18.94 20.74
CA VAL B 117 -4.96 18.23 21.69
C VAL B 117 -5.48 16.80 21.84
N ASN B 118 -4.64 15.95 22.41
CA ASN B 118 -4.99 14.56 22.69
C ASN B 118 -5.49 14.47 24.13
N VAL B 119 -6.80 14.33 24.28
CA VAL B 119 -7.49 14.52 25.56
C VAL B 119 -7.47 13.22 26.36
N THR B 120 -7.22 13.35 27.66
CA THR B 120 -7.26 12.22 28.57
C THR B 120 -8.54 12.17 29.39
N GLU B 121 -9.15 13.31 29.71
CA GLU B 121 -10.46 13.34 30.37
C GLU B 121 -11.11 14.68 30.10
N ILE B 122 -12.44 14.68 30.08
CA ILE B 122 -13.23 15.87 29.75
C ILE B 122 -14.38 16.00 30.74
N LYS B 123 -14.68 17.24 31.12
CA LYS B 123 -15.83 17.55 31.94
C LYS B 123 -16.47 18.82 31.43
N ILE B 124 -17.71 19.07 31.86
CA ILE B 124 -18.59 20.04 31.21
C ILE B 124 -18.91 21.18 32.16
N ILE B 125 -18.59 22.40 31.75
CA ILE B 125 -19.18 23.58 32.37
C ILE B 125 -20.60 23.79 31.84
N ASP B 126 -20.74 23.97 30.53
CA ASP B 126 -22.04 24.03 29.86
C ASP B 126 -21.86 23.50 28.44
N GLU B 127 -22.83 23.80 27.56
CA GLU B 127 -22.83 23.20 26.22
C GLU B 127 -21.65 23.66 25.37
N ASN B 128 -21.14 24.88 25.60
CA ASN B 128 -20.03 25.42 24.83
C ASN B 128 -18.81 25.71 25.71
N ASN B 129 -18.72 25.06 26.86
CA ASN B 129 -17.60 25.26 27.77
C ASN B 129 -17.26 23.92 28.42
N PHE B 130 -15.98 23.52 28.30
CA PHE B 130 -15.52 22.23 28.80
C PHE B 130 -14.19 22.41 29.52
N ILE B 131 -13.99 21.62 30.57
CA ILE B 131 -12.73 21.59 31.30
C ILE B 131 -11.98 20.33 30.87
N LEU B 132 -10.67 20.47 30.67
CA LEU B 132 -9.89 19.51 29.90
C LEU B 132 -8.62 19.12 30.63
N THR B 133 -8.29 17.83 30.62
CA THR B 133 -6.93 17.37 30.86
C THR B 133 -6.47 16.59 29.63
N ALA B 134 -5.23 16.84 29.22
CA ALA B 134 -4.78 16.31 27.93
C ALA B 134 -3.27 16.18 27.94
N ASP B 135 -2.78 15.38 26.98
CA ASP B 135 -1.34 15.20 26.82
C ASP B 135 -0.69 16.49 26.34
N PHE B 136 0.46 16.81 26.92
CA PHE B 136 1.21 18.01 26.57
C PHE B 136 2.69 17.68 26.54
N ASP B 137 3.35 17.98 25.42
CA ASP B 137 4.77 17.70 25.22
C ASP B 137 5.53 19.02 25.21
N ASN B 138 6.46 19.17 26.15
CA ASN B 138 7.29 20.37 26.21
C ASN B 138 8.28 20.45 25.06
N ASN B 139 8.48 19.35 24.32
CA ASN B 139 9.34 19.33 23.15
C ASN B 139 8.56 19.13 21.86
N SER B 140 7.26 19.43 21.88
CA SER B 140 6.42 19.22 20.71
C SER B 140 6.84 20.14 19.57
N LEU B 141 6.74 19.64 18.34
CA LEU B 141 7.03 20.45 17.16
C LEU B 141 5.83 21.28 16.72
N ASN B 142 4.66 21.07 17.33
CA ASN B 142 3.44 21.82 17.01
C ASN B 142 3.09 21.70 15.53
N LEU B 143 2.91 20.45 15.09
CA LEU B 143 2.63 20.18 13.68
C LEU B 143 1.30 20.79 13.24
N ASN B 144 0.39 21.07 14.17
CA ASN B 144 -0.87 21.70 13.81
C ASN B 144 -0.66 23.10 13.26
N ASP B 145 0.29 23.85 13.81
CA ASP B 145 0.50 25.24 13.45
C ASP B 145 1.46 25.42 12.28
N LEU B 146 2.09 24.36 11.79
CA LEU B 146 3.13 24.47 10.78
C LEU B 146 2.57 24.30 9.38
N LYS B 147 3.24 24.94 8.42
CA LYS B 147 2.85 24.89 7.02
C LYS B 147 4.10 24.99 6.16
N GLY B 148 3.92 24.75 4.86
CA GLY B 148 4.99 24.99 3.90
C GLY B 148 6.18 24.06 4.12
N GLY B 149 7.38 24.64 3.95
CA GLY B 149 8.59 23.84 4.11
C GLY B 149 8.82 23.41 5.55
N GLU B 150 8.50 24.28 6.51
CA GLU B 150 8.67 23.92 7.91
C GLU B 150 7.82 22.72 8.29
N ARG B 151 6.68 22.53 7.61
CA ARG B 151 5.84 21.38 7.88
C ARG B 151 6.53 20.08 7.47
N GLU B 152 7.02 20.01 6.24
CA GLU B 152 7.71 18.81 5.78
C GLU B 152 9.01 18.59 6.54
N LYS B 153 9.63 19.65 7.03
CA LYS B 153 10.81 19.50 7.89
C LYS B 153 10.43 18.86 9.23
N ALA B 154 9.26 19.23 9.76
CA ALA B 154 8.82 18.66 11.03
C ALA B 154 8.36 17.21 10.87
N ILE B 155 7.66 16.92 9.77
CA ILE B 155 7.21 15.55 9.51
C ILE B 155 8.39 14.60 9.49
N LYS B 156 9.52 15.04 8.92
CA LYS B 156 10.70 14.19 8.87
C LYS B 156 11.37 14.11 10.24
N GLN B 157 11.44 15.22 10.96
CA GLN B 157 12.04 15.21 12.28
C GLN B 157 11.23 14.36 13.26
N ILE B 158 9.90 14.44 13.18
CA ILE B 158 9.06 13.61 14.03
C ILE B 158 9.24 12.14 13.68
N GLU B 159 9.41 11.83 12.38
CA GLU B 159 9.62 10.45 11.97
C GLU B 159 10.96 9.93 12.44
N GLU B 160 12.01 10.76 12.34
CA GLU B 160 13.33 10.32 12.78
C GLU B 160 13.40 10.20 14.30
N ASN B 161 12.71 11.08 15.02
CA ASN B 161 12.74 11.06 16.48
C ASN B 161 12.13 9.81 17.07
N LYS B 162 11.42 9.00 16.28
CA LYS B 162 10.90 7.72 16.75
C LYS B 162 11.99 6.71 17.04
N ASP B 163 13.22 6.96 16.56
CA ASP B 163 14.33 6.06 16.80
C ASP B 163 15.08 6.37 18.10
N TYR B 164 14.62 7.36 18.87
CA TYR B 164 15.31 7.75 20.09
C TYR B 164 14.33 7.99 21.22
N GLU B 165 14.88 8.00 22.43
CA GLU B 165 14.18 8.49 23.62
C GLU B 165 15.21 9.25 24.47
N VAL B 166 14.88 10.48 24.83
CA VAL B 166 15.76 11.33 25.63
C VAL B 166 15.20 11.40 27.04
N LEU B 167 16.07 11.22 28.04
CA LEU B 167 15.67 11.20 29.44
C LEU B 167 16.47 12.22 30.23
N ASP B 168 15.76 13.06 30.99
CA ASP B 168 16.43 14.00 31.90
C ASP B 168 15.55 14.35 33.09
N GLU B 169 14.64 13.44 33.48
CA GLU B 169 13.91 13.54 34.73
C GLU B 169 13.69 12.13 35.25
N ILE B 170 13.64 11.99 36.56
CA ILE B 170 13.87 10.67 37.17
C ILE B 170 12.69 9.72 37.00
N PRO B 171 11.43 10.19 36.81
CA PRO B 171 10.45 9.28 36.21
C PRO B 171 10.32 9.54 34.71
N PHE B 172 10.96 8.71 33.89
CA PHE B 172 11.00 8.93 32.46
C PHE B 172 9.98 8.09 31.70
N TRP B 173 9.20 7.26 32.39
CA TRP B 173 8.10 6.55 31.75
C TRP B 173 7.08 6.18 32.83
N SER B 174 5.88 5.84 32.38
CA SER B 174 4.82 5.37 33.25
C SER B 174 4.24 4.10 32.65
N ASN B 175 3.97 3.11 33.50
CA ASN B 175 3.38 1.88 33.03
C ASN B 175 2.00 2.15 32.44
N GLY B 176 1.73 1.54 31.28
CA GLY B 176 0.49 1.78 30.57
C GLY B 176 0.46 3.04 29.73
N ASN B 177 1.56 3.81 29.70
CA ASN B 177 1.56 5.07 28.97
C ASN B 177 2.87 5.33 28.23
N GLY B 178 3.82 4.40 28.23
CA GLY B 178 5.05 4.59 27.48
C GLY B 178 5.97 5.63 28.11
N PHE B 179 6.93 6.09 27.29
CA PHE B 179 7.88 7.09 27.73
C PHE B 179 7.17 8.42 27.97
N ARG B 180 7.53 9.10 29.05
CA ARG B 180 6.85 10.32 29.48
C ARG B 180 7.83 11.42 29.85
N ASN B 181 9.02 11.42 29.29
CA ASN B 181 10.02 12.42 29.63
C ASN B 181 9.60 13.79 29.10
N LYS B 182 9.57 14.78 29.98
CA LYS B 182 9.22 16.16 29.65
C LYS B 182 7.83 16.29 29.05
N LYS B 183 6.97 15.29 29.26
CA LYS B 183 5.58 15.33 28.85
C LYS B 183 4.70 15.27 30.08
N ARG B 184 3.62 16.04 30.08
CA ARG B 184 2.78 16.20 31.26
C ARG B 184 1.31 16.03 30.89
N ASN B 185 0.50 15.76 31.92
CA ASN B 185 -0.95 15.76 31.80
C ASN B 185 -1.43 17.15 32.19
N ARG B 186 -1.73 17.98 31.20
CA ARG B 186 -2.02 19.39 31.40
C ARG B 186 -3.52 19.65 31.38
N LEU B 187 -3.94 20.64 32.17
CA LEU B 187 -5.35 21.01 32.29
C LEU B 187 -5.66 22.19 31.37
N TYR B 188 -6.78 22.11 30.66
CA TYR B 188 -7.16 23.12 29.68
C TYR B 188 -8.62 23.51 29.88
N HIS B 189 -8.96 24.72 29.40
CA HIS B 189 -10.33 25.18 29.28
C HIS B 189 -10.61 25.45 27.81
N PHE B 190 -11.70 24.88 27.30
CA PHE B 190 -12.07 25.06 25.89
C PHE B 190 -13.43 25.73 25.81
N ASP B 191 -13.48 26.84 25.07
CA ASP B 191 -14.70 27.59 24.82
C ASP B 191 -15.11 27.32 23.37
N LYS B 192 -16.08 26.44 23.18
CA LYS B 192 -16.54 26.07 21.84
C LYS B 192 -17.09 27.28 21.08
N SER B 193 -17.55 28.31 21.79
CA SER B 193 -18.12 29.47 21.12
C SER B 193 -17.10 30.15 20.22
N ASN B 194 -15.89 30.38 20.74
CA ASN B 194 -14.85 31.06 19.97
C ASN B 194 -13.64 30.16 19.70
N ASN B 195 -13.76 28.86 19.93
CA ASN B 195 -12.70 27.89 19.60
C ASN B 195 -11.40 28.18 20.34
N LYS B 196 -11.49 28.74 21.54
CA LYS B 196 -10.33 29.14 22.31
C LYS B 196 -9.94 28.03 23.28
N LEU B 197 -8.71 27.55 23.18
CA LEU B 197 -8.16 26.51 24.05
C LEU B 197 -7.20 27.19 25.02
N THR B 198 -7.59 27.27 26.29
CA THR B 198 -6.84 28.04 27.28
C THR B 198 -6.19 27.11 28.30
N PRO B 199 -4.87 27.16 28.46
CA PRO B 199 -4.22 26.34 29.48
C PRO B 199 -4.55 26.83 30.89
N ILE B 200 -4.55 25.89 31.83
CA ILE B 200 -4.78 26.21 33.23
C ILE B 200 -3.51 25.89 34.03
N SER B 201 -3.16 24.61 34.10
CA SER B 201 -1.92 24.22 34.74
C SER B 201 -0.74 24.54 33.82
N ASP B 202 0.42 24.75 34.43
CA ASP B 202 1.59 25.21 33.68
C ASP B 202 2.23 24.04 32.93
N GLU B 203 3.38 24.30 32.31
CA GLU B 203 3.95 23.36 31.35
C GLU B 203 4.55 22.12 31.98
N TYR B 204 4.85 22.15 33.29
CA TYR B 204 5.57 21.07 33.94
C TYR B 204 4.73 20.33 34.98
N THR B 205 3.41 20.48 34.94
CA THR B 205 2.53 19.95 35.98
C THR B 205 1.74 18.76 35.46
N ASN B 206 1.78 17.66 36.20
CA ASN B 206 0.93 16.50 35.95
C ASN B 206 -0.36 16.66 36.76
N VAL B 207 -1.48 16.78 36.06
CA VAL B 207 -2.79 16.90 36.71
C VAL B 207 -3.30 15.50 36.99
N GLU B 208 -3.38 15.14 38.27
CA GLU B 208 -3.78 13.79 38.66
C GLU B 208 -5.29 13.66 38.91
N SER B 209 -5.99 14.77 39.11
CA SER B 209 -7.43 14.76 39.34
C SER B 209 -7.93 16.19 39.29
N PHE B 210 -9.19 16.35 38.88
CA PHE B 210 -9.79 17.68 38.88
C PHE B 210 -11.30 17.57 38.96
N ASN B 211 -11.92 18.61 39.51
CA ASN B 211 -13.36 18.69 39.64
C ASN B 211 -13.82 20.12 39.39
N ILE B 212 -15.11 20.26 39.09
CA ILE B 212 -15.73 21.56 38.83
C ILE B 212 -17.10 21.58 39.47
N LYS B 213 -17.49 22.74 40.01
CA LYS B 213 -18.84 22.91 40.52
C LYS B 213 -19.68 23.69 39.51
N GLU B 214 -19.36 24.96 39.29
CA GLU B 214 -20.16 25.76 38.37
C GLU B 214 -19.29 26.47 37.34
N ASN B 215 -18.48 27.45 37.77
CA ASN B 215 -17.49 28.07 36.90
C ASN B 215 -16.12 28.10 37.56
N LYS B 216 -15.88 27.17 38.49
CA LYS B 216 -14.68 27.13 39.30
C LYS B 216 -14.09 25.72 39.23
N VAL B 217 -12.77 25.64 39.10
CA VAL B 217 -12.07 24.38 38.93
C VAL B 217 -11.21 24.12 40.15
N ILE B 218 -11.14 22.85 40.57
CA ILE B 218 -10.24 22.41 41.63
C ILE B 218 -9.51 21.18 41.11
N PHE B 219 -8.17 21.19 41.20
CA PHE B 219 -7.40 20.09 40.64
C PHE B 219 -6.18 19.78 41.50
N VAL B 220 -5.64 18.59 41.27
CA VAL B 220 -4.47 18.08 41.98
C VAL B 220 -3.24 18.30 41.10
N GLY B 221 -2.17 18.83 41.70
CA GLY B 221 -1.00 19.17 40.91
C GLY B 221 0.32 18.65 41.43
N ARG B 222 1.00 17.87 40.60
CA ARG B 222 2.38 17.45 40.84
C ARG B 222 3.26 18.10 39.79
N THR B 223 4.29 18.83 40.25
CA THR B 223 5.13 19.63 39.38
C THR B 223 6.58 19.34 39.66
N TYR B 224 7.36 19.13 38.60
CA TYR B 224 8.78 18.81 38.73
C TYR B 224 9.46 19.05 37.41
N LYS B 225 10.74 19.42 37.48
CA LYS B 225 11.59 19.54 36.30
C LYS B 225 12.61 18.42 36.18
N ASP B 226 13.10 17.89 37.29
CA ASP B 226 14.06 16.78 37.28
C ASP B 226 13.70 15.64 38.21
N LYS B 227 12.87 15.86 39.23
CA LYS B 227 12.61 14.83 40.23
C LYS B 227 11.20 14.99 40.77
N GLN B 228 10.36 13.98 40.57
CA GLN B 228 8.99 14.04 41.04
C GLN B 228 8.95 13.87 42.56
N ALA B 229 8.33 14.81 43.24
CA ALA B 229 8.22 14.76 44.69
C ALA B 229 7.06 13.85 45.12
N LEU B 230 7.09 13.45 46.39
CA LEU B 230 6.05 12.61 46.94
C LEU B 230 4.78 13.39 47.29
N THR B 231 4.84 14.72 47.28
CA THR B 231 3.71 15.55 47.69
C THR B 231 3.08 16.22 46.47
N ALA B 232 1.79 16.50 46.58
CA ALA B 232 1.03 17.17 45.54
C ALA B 232 0.43 18.46 46.09
N GLY B 233 0.29 19.45 45.23
CA GLY B 233 -0.31 20.72 45.59
C GLY B 233 -1.78 20.75 45.20
N LEU B 234 -2.54 21.55 45.92
CA LEU B 234 -3.96 21.76 45.63
C LEU B 234 -4.14 23.16 45.05
N TYR B 235 -4.86 23.24 43.93
CA TYR B 235 -5.02 24.49 43.20
C TYR B 235 -6.46 24.67 42.77
N THR B 236 -6.85 25.94 42.60
CA THR B 236 -8.16 26.30 42.12
C THR B 236 -8.03 27.34 41.00
N TYR B 237 -9.07 27.41 40.17
CA TYR B 237 -9.06 28.30 39.02
C TYR B 237 -10.49 28.61 38.58
N ASP B 238 -10.78 29.88 38.34
CA ASP B 238 -12.08 30.33 37.88
C ASP B 238 -12.00 30.66 36.39
N VAL B 239 -13.04 30.26 35.64
CA VAL B 239 -13.04 30.40 34.19
C VAL B 239 -13.66 31.73 33.77
N LYS B 240 -13.82 32.64 34.72
CA LYS B 240 -14.23 34.01 34.44
C LYS B 240 -13.22 35.05 34.89
N SER B 241 -12.59 34.85 36.05
CA SER B 241 -11.55 35.75 36.51
C SER B 241 -10.15 35.35 36.04
N ASN B 242 -9.99 34.12 35.55
CA ASN B 242 -8.69 33.60 35.11
C ASN B 242 -7.63 33.76 36.20
N LYS B 243 -8.07 33.66 37.46
CA LYS B 243 -7.18 33.73 38.62
C LYS B 243 -6.87 32.32 39.10
N LEU B 244 -5.58 32.04 39.25
CA LEU B 244 -5.11 30.80 39.86
C LEU B 244 -4.68 31.08 41.29
N GLU B 245 -5.18 30.28 42.23
CA GLU B 245 -4.92 30.51 43.65
C GLU B 245 -4.36 29.24 44.27
N ILE B 246 -3.17 29.35 44.86
CA ILE B 246 -2.55 28.23 45.56
C ILE B 246 -3.32 27.99 46.85
N ILE B 247 -3.98 26.84 46.95
CA ILE B 247 -4.72 26.48 48.15
C ILE B 247 -3.82 25.81 49.18
N ILE B 248 -3.02 24.84 48.73
CA ILE B 248 -2.03 24.17 49.57
C ILE B 248 -0.72 24.15 48.80
N SER B 249 0.36 24.53 49.47
CA SER B 249 1.68 24.44 48.87
C SER B 249 2.00 22.99 48.53
N ASP B 250 2.90 22.80 47.57
CA ASP B 250 3.14 21.49 46.97
C ASP B 250 4.18 20.66 47.72
N ASN B 251 4.53 21.03 48.96
CA ASN B 251 5.57 20.32 49.69
C ASN B 251 5.10 19.86 51.06
N LEU B 252 3.79 19.77 51.29
CA LEU B 252 3.24 19.35 52.57
C LEU B 252 2.66 17.94 52.52
N TYR B 253 1.67 17.70 51.68
CA TYR B 253 0.92 16.46 51.70
C TYR B 253 0.76 15.89 50.29
N ASP B 254 0.41 14.61 50.24
CA ASP B 254 0.02 13.93 49.01
C ASP B 254 -1.48 13.70 49.07
N ILE B 255 -2.23 14.42 48.24
CA ILE B 255 -3.68 14.35 48.27
C ILE B 255 -4.14 13.36 47.20
N SER B 256 -5.26 12.69 47.50
CA SER B 256 -5.86 11.74 46.57
C SER B 256 -7.20 12.20 46.02
N TYR B 257 -7.99 12.93 46.79
CA TYR B 257 -9.25 13.47 46.31
C TYR B 257 -9.45 14.88 46.82
N ALA B 258 -10.00 15.74 45.96
CA ALA B 258 -10.35 17.10 46.32
C ALA B 258 -11.48 17.57 45.44
N ASN B 259 -12.53 18.13 46.05
CA ASN B 259 -13.70 18.58 45.32
C ASN B 259 -14.41 19.66 46.12
N PHE B 260 -15.33 20.35 45.46
CA PHE B 260 -16.14 21.37 46.11
C PHE B 260 -17.31 20.72 46.82
N ILE B 261 -17.54 21.11 48.07
CA ILE B 261 -18.71 20.66 48.83
C ILE B 261 -19.31 21.87 49.55
N GLU B 262 -20.51 22.25 49.16
CA GLU B 262 -21.19 23.44 49.69
C GLU B 262 -20.27 24.64 49.41
N ASP B 263 -19.89 25.44 50.40
CA ASP B 263 -19.10 26.64 50.14
C ASP B 263 -17.62 26.48 50.44
N LYS B 264 -17.15 25.25 50.63
CA LYS B 264 -15.72 25.00 50.82
C LYS B 264 -15.36 23.62 50.25
N ILE B 265 -14.16 23.15 50.56
CA ILE B 265 -13.54 22.04 49.83
C ILE B 265 -13.26 20.89 50.78
N ILE B 266 -13.63 19.68 50.36
CA ILE B 266 -13.31 18.45 51.07
C ILE B 266 -12.13 17.79 50.36
N CYS B 267 -11.27 17.14 51.14
CA CYS B 267 -10.01 16.65 50.56
C CYS B 267 -9.48 15.48 51.37
N ALA B 268 -9.16 14.39 50.68
CA ALA B 268 -8.39 13.30 51.28
C ALA B 268 -6.90 13.63 51.17
N LEU B 269 -6.16 13.34 52.24
CA LEU B 269 -4.86 13.99 52.40
C LEU B 269 -4.06 13.26 53.48
N SER B 270 -2.73 13.33 53.37
CA SER B 270 -1.85 12.73 54.35
C SER B 270 -0.43 13.24 54.14
N ASP B 271 0.28 13.46 55.25
CA ASP B 271 1.68 13.84 55.21
C ASP B 271 2.61 12.64 55.32
N MET B 272 2.08 11.42 55.27
CA MET B 272 2.85 10.18 55.15
C MET B 272 3.85 9.99 56.28
N LYS B 273 3.64 10.66 57.42
CA LYS B 273 4.61 10.61 58.51
C LYS B 273 4.54 9.31 59.30
N GLU B 274 3.35 8.72 59.42
CA GLU B 274 3.18 7.53 60.25
C GLU B 274 3.41 6.24 59.49
N TYR B 275 2.86 6.11 58.27
CA TYR B 275 2.90 4.84 57.56
C TYR B 275 3.46 4.98 56.14
N GLY B 276 4.15 6.08 55.85
CA GLY B 276 4.83 6.21 54.58
C GLY B 276 3.90 6.56 53.43
N ILE B 277 4.38 6.25 52.22
CA ILE B 277 3.71 6.69 50.99
C ILE B 277 2.27 6.20 50.94
N ASN B 278 2.06 4.93 51.29
CA ASN B 278 0.77 4.27 51.13
C ASN B 278 -0.14 4.45 52.35
N GLU B 279 0.14 5.43 53.20
CA GLU B 279 -0.70 5.65 54.37
C GLU B 279 -2.11 6.02 53.96
N ASN B 280 -3.10 5.43 54.64
CA ASN B 280 -4.49 5.76 54.40
C ASN B 280 -4.73 7.25 54.62
N HIS B 281 -5.36 7.89 53.66
CA HIS B 281 -5.59 9.33 53.74
C HIS B 281 -6.75 9.64 54.66
N LYS B 282 -6.55 10.60 55.56
CA LYS B 282 -7.66 11.15 56.32
C LYS B 282 -8.36 12.24 55.49
N ILE B 283 -9.62 12.46 55.80
CA ILE B 283 -10.45 13.42 55.06
C ILE B 283 -10.58 14.70 55.88
N TYR B 284 -10.23 15.82 55.28
CA TYR B 284 -10.25 17.13 55.92
C TYR B 284 -11.21 18.06 55.19
N LEU B 285 -11.44 19.22 55.79
CA LEU B 285 -12.19 20.31 55.16
C LEU B 285 -11.28 21.53 55.08
N ILE B 286 -11.38 22.25 53.97
CA ILE B 286 -10.57 23.44 53.73
C ILE B 286 -11.50 24.64 53.72
N ASP B 287 -11.40 25.50 54.74
CA ASP B 287 -12.28 26.66 54.84
C ASP B 287 -11.83 27.77 53.89
N SER B 288 -12.52 28.91 53.96
CA SER B 288 -12.23 30.02 53.07
C SER B 288 -10.84 30.58 53.32
N ASN B 289 -10.43 30.63 54.57
CA ASN B 289 -9.12 31.15 54.95
C ASN B 289 -8.03 30.10 54.86
N LYS B 290 -8.28 29.01 54.15
CA LYS B 290 -7.27 28.00 53.82
C LYS B 290 -6.73 27.31 55.07
N ASN B 291 -7.60 27.08 56.04
CA ASN B 291 -7.27 26.26 57.20
C ASN B 291 -7.72 24.83 56.95
N ILE B 292 -6.87 23.88 57.32
CA ILE B 292 -7.15 22.46 57.12
C ILE B 292 -7.63 21.90 58.46
N ASN B 293 -8.82 21.29 58.45
CA ASN B 293 -9.43 20.77 59.67
C ASN B 293 -9.95 19.36 59.42
N LEU B 294 -9.61 18.44 60.32
CA LEU B 294 -10.02 17.06 60.18
C LEU B 294 -11.54 16.94 60.22
N LEU B 295 -12.06 16.08 59.34
CA LEU B 295 -13.49 15.78 59.30
C LEU B 295 -13.82 14.34 59.64
N TYR B 296 -12.96 13.39 59.27
CA TYR B 296 -13.22 11.97 59.52
C TYR B 296 -11.90 11.22 59.39
N GLU B 297 -11.53 10.49 60.43
CA GLU B 297 -10.25 9.77 60.47
C GLU B 297 -10.44 8.40 59.83
N ASN B 298 -10.36 8.38 58.50
CA ASN B 298 -10.50 7.15 57.74
C ASN B 298 -9.23 6.31 57.84
N ASP B 299 -9.40 5.00 57.99
CA ASP B 299 -8.28 4.08 57.98
C ASP B 299 -8.48 3.04 56.89
N THR B 300 -8.77 3.49 55.67
CA THR B 300 -8.95 2.62 54.52
C THR B 300 -8.35 3.28 53.29
N TRP B 301 -7.84 2.47 52.38
CA TRP B 301 -7.55 2.99 51.05
C TRP B 301 -8.85 3.22 50.31
N LEU B 302 -9.11 4.46 49.95
CA LEU B 302 -10.42 4.88 49.44
C LEU B 302 -10.60 4.42 48.00
N ALA B 303 -10.67 3.10 47.83
CA ALA B 303 -10.81 2.50 46.51
C ALA B 303 -11.18 1.04 46.67
N CYS B 304 -11.75 0.48 45.60
CA CYS B 304 -11.99 -0.95 45.51
C CYS B 304 -10.70 -1.63 45.10
N THR B 305 -10.11 -2.40 46.02
CA THR B 305 -8.85 -3.09 45.78
C THR B 305 -9.03 -4.60 45.64
N VAL B 306 -10.26 -5.07 45.47
CA VAL B 306 -10.49 -6.50 45.30
C VAL B 306 -10.02 -6.92 43.91
N GLY B 307 -9.09 -7.87 43.88
CA GLY B 307 -8.49 -8.26 42.62
C GLY B 307 -9.43 -9.08 41.74
N SER B 308 -9.24 -8.93 40.44
CA SER B 308 -9.99 -9.67 39.43
C SER B 308 -9.33 -9.46 38.08
N ASP B 309 -9.51 -10.42 37.19
CA ASP B 309 -9.02 -10.32 35.82
C ASP B 309 -10.17 -10.21 34.82
N CYS B 310 -11.35 -9.84 35.28
CA CYS B 310 -12.54 -9.71 34.44
C CYS B 310 -13.10 -8.28 34.52
N ARG B 311 -12.21 -7.31 34.47
CA ARG B 311 -12.59 -5.89 34.41
C ARG B 311 -11.90 -5.24 33.23
N LEU B 312 -12.62 -4.35 32.55
CA LEU B 312 -12.03 -3.54 31.48
C LEU B 312 -12.71 -2.19 31.51
N GLY B 313 -12.00 -1.18 32.01
CA GLY B 313 -12.55 0.15 32.19
C GLY B 313 -13.07 0.37 33.60
N GLY B 314 -13.34 1.63 33.91
CA GLY B 314 -13.82 2.00 35.22
C GLY B 314 -14.78 3.16 35.22
N GLY B 315 -15.08 3.70 36.39
CA GLY B 315 -15.98 4.82 36.54
C GLY B 315 -15.62 5.64 37.76
N LYS B 316 -16.64 6.24 38.38
CA LYS B 316 -16.42 7.11 39.52
C LYS B 316 -16.37 6.29 40.81
N SER B 317 -15.36 6.56 41.64
CA SER B 317 -15.27 6.01 42.98
C SER B 317 -15.55 7.04 44.07
N PHE B 318 -15.54 8.33 43.72
CA PHE B 318 -15.91 9.40 44.62
C PHE B 318 -17.08 10.18 44.02
N LYS B 319 -17.91 10.74 44.90
CA LYS B 319 -19.01 11.58 44.45
C LYS B 319 -19.36 12.56 45.58
N VAL B 320 -19.75 13.77 45.18
CA VAL B 320 -20.18 14.80 46.12
C VAL B 320 -21.57 15.26 45.69
N ILE B 321 -22.54 15.14 46.59
CA ILE B 321 -23.91 15.56 46.33
C ILE B 321 -24.44 16.21 47.60
N GLY B 322 -24.87 17.46 47.49
CA GLY B 322 -25.38 18.16 48.66
C GLY B 322 -24.27 18.37 49.67
N ASN B 323 -24.43 17.76 50.85
CA ASN B 323 -23.48 17.90 51.94
C ASN B 323 -22.70 16.62 52.22
N LYS B 324 -22.98 15.54 51.52
CA LYS B 324 -22.34 14.25 51.77
C LYS B 324 -21.31 13.94 50.70
N LEU B 325 -20.21 13.30 51.10
CA LEU B 325 -19.20 12.80 50.18
C LEU B 325 -19.28 11.27 50.19
N TYR B 326 -19.75 10.70 49.09
CA TYR B 326 -19.87 9.26 48.96
C TYR B 326 -18.57 8.70 48.39
N PHE B 327 -18.09 7.61 48.98
CA PHE B 327 -16.79 7.06 48.62
C PHE B 327 -16.82 5.55 48.74
N LEU B 328 -15.70 4.92 48.40
CA LEU B 328 -15.53 3.49 48.51
C LEU B 328 -14.42 3.17 49.50
N SER B 329 -14.51 2.00 50.12
CA SER B 329 -13.49 1.52 51.03
C SER B 329 -13.56 0.00 51.10
N THR B 330 -12.44 -0.65 50.82
CA THR B 330 -12.34 -2.11 50.89
C THR B 330 -12.03 -2.50 52.32
N ILE B 331 -12.91 -3.33 52.92
CA ILE B 331 -12.96 -3.51 54.36
C ILE B 331 -12.40 -4.86 54.78
N ALA B 332 -12.60 -5.90 53.97
CA ALA B 332 -12.00 -7.20 54.27
C ALA B 332 -11.68 -7.92 52.97
N ASP B 333 -12.67 -8.63 52.43
CA ASP B 333 -12.62 -9.15 51.08
C ASP B 333 -13.60 -8.42 50.17
N SER B 334 -14.22 -7.35 50.66
CA SER B 334 -15.34 -6.71 49.98
C SER B 334 -15.16 -5.21 50.02
N VAL B 335 -16.06 -4.51 49.33
CA VAL B 335 -16.03 -3.05 49.22
C VAL B 335 -17.29 -2.50 49.87
N HIS B 336 -17.12 -1.42 50.63
CA HIS B 336 -18.23 -0.69 51.22
C HIS B 336 -18.47 0.61 50.46
N LEU B 337 -19.73 1.01 50.38
CA LEU B 337 -20.11 2.33 49.88
C LEU B 337 -20.64 3.13 51.06
N SER B 338 -19.93 4.19 51.43
CA SER B 338 -20.31 4.99 52.59
C SER B 338 -20.41 6.45 52.20
N SER B 339 -21.05 7.22 53.08
CA SER B 339 -21.20 8.66 52.93
C SER B 339 -20.51 9.37 54.09
N LEU B 340 -20.31 10.67 53.93
CA LEU B 340 -19.67 11.47 54.96
C LEU B 340 -20.12 12.92 54.75
N ASP B 341 -20.96 13.41 55.67
CA ASP B 341 -21.49 14.76 55.55
C ASP B 341 -20.53 15.77 56.18
N THR B 342 -20.87 17.05 56.02
CA THR B 342 -20.07 18.12 56.57
C THR B 342 -20.10 18.18 58.09
N ASN B 343 -20.93 17.36 58.73
CA ASN B 343 -20.93 17.23 60.17
C ASN B 343 -20.04 16.09 60.67
N GLY B 344 -19.51 15.26 59.77
CA GLY B 344 -18.68 14.15 60.15
C GLY B 344 -19.42 12.86 60.42
N LYS B 345 -20.71 12.79 60.11
CA LYS B 345 -21.49 11.58 60.34
C LYS B 345 -21.22 10.59 59.21
N VAL B 346 -20.69 9.42 59.57
CA VAL B 346 -20.42 8.38 58.57
C VAL B 346 -21.57 7.39 58.63
N GLU B 347 -22.42 7.41 57.60
CA GLU B 347 -23.40 6.37 57.36
C GLU B 347 -22.78 5.35 56.44
N ILE B 348 -23.05 4.07 56.70
CA ILE B 348 -22.64 3.00 55.79
C ILE B 348 -23.85 2.58 54.97
N LEU B 349 -23.67 2.52 53.65
CA LEU B 349 -24.75 2.35 52.70
C LEU B 349 -24.81 0.97 52.05
N SER B 350 -23.67 0.31 51.87
CA SER B 350 -23.65 -0.98 51.19
C SER B 350 -22.44 -1.78 51.67
N SER B 351 -22.70 -2.80 52.49
CA SER B 351 -21.66 -3.68 53.00
C SER B 351 -21.88 -5.11 52.54
N GLU B 352 -22.28 -5.28 51.28
CA GLU B 352 -22.51 -6.60 50.73
C GLU B 352 -21.17 -7.34 50.53
N ASN B 353 -21.28 -8.62 50.17
CA ASN B 353 -20.09 -9.47 50.12
C ASN B 353 -19.24 -9.20 48.90
N GLY B 354 -19.86 -8.83 47.77
CA GLY B 354 -19.12 -8.65 46.54
C GLY B 354 -18.36 -7.34 46.49
N SER B 355 -17.74 -7.10 45.33
CA SER B 355 -17.03 -5.86 45.09
C SER B 355 -17.95 -4.82 44.46
N ILE B 356 -17.70 -3.56 44.80
CA ILE B 356 -18.33 -2.42 44.13
C ILE B 356 -17.25 -1.75 43.30
N ASP B 357 -17.40 -1.77 41.98
CA ASP B 357 -16.35 -1.25 41.12
C ASP B 357 -16.46 0.26 40.94
N PHE B 358 -17.64 0.74 40.54
CA PHE B 358 -17.90 2.17 40.47
C PHE B 358 -19.40 2.40 40.50
N PHE B 359 -19.79 3.66 40.65
CA PHE B 359 -21.16 4.00 40.93
C PHE B 359 -21.45 5.43 40.45
N ASP B 360 -22.71 5.80 40.51
CA ASP B 360 -23.15 7.17 40.28
C ASP B 360 -24.42 7.43 41.06
N ILE B 361 -24.61 8.68 41.47
CA ILE B 361 -25.75 9.10 42.26
C ILE B 361 -26.36 10.33 41.63
N ALA B 362 -27.69 10.44 41.68
CA ALA B 362 -28.39 11.54 41.02
C ALA B 362 -29.38 12.23 41.95
N ASN B 363 -30.45 11.54 42.32
CA ASN B 363 -31.51 12.08 43.18
C ASN B 363 -31.71 11.18 44.39
N ASN B 364 -30.61 10.90 45.09
CA ASN B 364 -30.55 9.91 46.17
C ASN B 364 -30.99 8.53 45.71
N GLU B 365 -30.97 8.29 44.40
CA GLU B 365 -31.01 6.95 43.83
C GLU B 365 -29.59 6.56 43.48
N ILE B 366 -29.14 5.41 44.00
CA ILE B 366 -27.76 4.99 43.87
C ILE B 366 -27.70 3.79 42.94
N TYR B 367 -26.93 3.92 41.87
CA TYR B 367 -26.68 2.84 40.93
C TYR B 367 -25.18 2.55 40.91
N TYR B 368 -24.84 1.27 40.75
CA TYR B 368 -23.45 0.86 40.74
C TYR B 368 -23.30 -0.40 39.90
N VAL B 369 -22.05 -0.66 39.52
CA VAL B 369 -21.66 -1.93 38.92
C VAL B 369 -20.85 -2.70 39.95
N GLY B 370 -21.00 -4.02 39.96
CA GLY B 370 -20.29 -4.82 40.95
C GLY B 370 -20.26 -6.27 40.55
N MET B 371 -19.54 -7.05 41.36
CA MET B 371 -19.44 -8.51 41.18
C MET B 371 -19.95 -9.18 42.45
N ARG B 372 -21.20 -9.64 42.39
CA ARG B 372 -21.85 -10.28 43.51
C ARG B 372 -22.09 -11.75 43.20
N ASP B 373 -22.26 -12.53 44.28
CA ASP B 373 -22.61 -13.94 44.19
C ASP B 373 -21.62 -14.72 43.33
N TYR B 374 -20.38 -14.25 43.27
CA TYR B 374 -19.34 -14.81 42.41
C TYR B 374 -19.82 -14.88 40.97
N THR B 375 -20.34 -13.76 40.47
CA THR B 375 -20.68 -13.59 39.07
C THR B 375 -19.95 -12.38 38.53
N LEU B 376 -19.99 -12.21 37.21
CA LEU B 376 -19.27 -11.14 36.55
C LEU B 376 -20.01 -9.82 36.72
N GLN B 377 -19.43 -8.76 36.15
CA GLN B 377 -19.93 -7.41 36.36
C GLN B 377 -21.38 -7.26 35.88
N GLU B 378 -22.21 -6.67 36.75
CA GLU B 378 -23.59 -6.33 36.40
C GLU B 378 -23.94 -5.01 37.05
N ILE B 379 -24.96 -4.35 36.51
CA ILE B 379 -25.46 -3.11 37.07
C ILE B 379 -26.51 -3.41 38.12
N TYR B 380 -26.34 -2.83 39.31
CA TYR B 380 -27.30 -2.99 40.40
C TYR B 380 -27.71 -1.62 40.90
N LYS B 381 -28.98 -1.50 41.27
CA LYS B 381 -29.46 -0.33 41.98
C LYS B 381 -29.45 -0.61 43.48
N LEU B 382 -29.07 0.39 44.26
CA LEU B 382 -28.88 0.23 45.70
C LEU B 382 -30.10 0.78 46.43
N GLU B 383 -30.73 -0.06 47.24
CA GLU B 383 -31.91 0.32 48.02
C GLU B 383 -31.81 -0.31 49.40
N ASN B 384 -31.55 0.52 50.41
CA ASN B 384 -31.57 0.11 51.82
C ASN B 384 -30.62 -1.07 52.07
N ASN B 385 -29.35 -0.84 51.77
CA ASN B 385 -28.27 -1.81 52.01
C ASN B 385 -28.49 -3.12 51.27
N SER B 386 -29.29 -3.11 50.21
CA SER B 386 -29.53 -4.29 49.39
C SER B 386 -29.61 -3.87 47.93
N SER B 387 -29.24 -4.79 47.04
CA SER B 387 -29.09 -4.48 45.63
C SER B 387 -30.11 -5.25 44.79
N ILE B 388 -30.67 -4.56 43.80
CA ILE B 388 -31.57 -5.14 42.81
C ILE B 388 -30.81 -5.25 41.50
N LYS B 389 -30.78 -6.44 40.91
CA LYS B 389 -30.00 -6.68 39.70
C LYS B 389 -30.81 -6.25 38.48
N LEU B 390 -30.33 -5.21 37.80
CA LEU B 390 -31.01 -4.68 36.63
C LEU B 390 -30.51 -5.33 35.33
N SER B 391 -29.20 -5.33 35.12
CA SER B 391 -28.64 -5.85 33.88
C SER B 391 -28.44 -7.37 33.96
N SER B 392 -28.37 -7.98 32.79
CA SER B 392 -28.18 -9.44 32.67
C SER B 392 -27.13 -9.75 31.62
N PHE B 393 -26.07 -8.94 31.58
CA PHE B 393 -25.06 -9.08 30.53
C PHE B 393 -24.28 -10.37 30.66
N ASN B 394 -24.08 -10.87 31.88
CA ASN B 394 -23.23 -12.04 32.11
C ASN B 394 -23.96 -13.11 32.91
N GLU B 395 -25.30 -13.16 32.83
CA GLU B 395 -26.03 -14.09 33.68
C GLU B 395 -25.89 -15.52 33.21
N GLU B 396 -25.77 -15.75 31.90
CA GLU B 396 -25.63 -17.12 31.42
C GLU B 396 -24.25 -17.68 31.69
N ILE B 397 -23.24 -16.83 31.93
CA ILE B 397 -21.88 -17.29 32.17
C ILE B 397 -21.85 -18.32 33.30
N ASN B 398 -22.45 -17.96 34.44
CA ASN B 398 -22.50 -18.88 35.57
C ASN B 398 -23.46 -20.04 35.34
N LYS B 399 -24.43 -19.88 34.44
CA LYS B 399 -25.36 -20.96 34.13
C LYS B 399 -24.90 -21.82 32.96
N LYS B 400 -24.01 -21.28 32.11
CA LYS B 400 -23.47 -22.03 30.97
C LYS B 400 -22.28 -22.89 31.35
N TYR B 401 -21.45 -22.41 32.29
CA TYR B 401 -20.19 -23.07 32.62
C TYR B 401 -20.16 -23.48 34.08
N LYS B 402 -19.36 -24.51 34.37
CA LYS B 402 -19.22 -25.04 35.72
C LYS B 402 -18.27 -24.15 36.51
N ILE B 403 -18.83 -23.30 37.36
CA ILE B 403 -18.05 -22.40 38.21
C ILE B 403 -17.95 -23.01 39.60
N SER B 404 -16.74 -23.01 40.15
CA SER B 404 -16.50 -23.50 41.51
C SER B 404 -16.30 -22.30 42.42
N LYS B 405 -17.29 -22.04 43.27
CA LYS B 405 -17.24 -20.86 44.11
C LYS B 405 -16.36 -21.10 45.34
N PRO B 406 -15.59 -20.10 45.76
CA PRO B 406 -14.62 -20.33 46.84
C PRO B 406 -15.31 -20.63 48.16
N GLU B 407 -14.64 -21.46 48.98
CA GLU B 407 -15.05 -21.69 50.35
C GLU B 407 -14.33 -20.66 51.22
N VAL B 408 -15.08 -19.69 51.71
CA VAL B 408 -14.52 -18.61 52.52
C VAL B 408 -14.48 -19.05 53.97
N PHE B 409 -13.36 -18.78 54.64
CA PHE B 409 -13.23 -19.09 56.06
C PHE B 409 -12.24 -18.12 56.68
N ASP B 410 -12.31 -18.01 58.01
CA ASP B 410 -11.40 -17.17 58.75
C ASP B 410 -10.10 -17.92 59.04
N PHE B 411 -8.98 -17.23 58.87
CA PHE B 411 -7.66 -17.81 59.07
C PHE B 411 -6.85 -16.93 59.99
N ILE B 412 -6.27 -17.52 61.03
CA ILE B 412 -5.47 -16.81 62.02
C ILE B 412 -4.00 -17.06 61.74
N THR B 413 -3.21 -15.99 61.70
CA THR B 413 -1.77 -16.11 61.52
C THR B 413 -1.12 -14.81 61.94
N ASN B 414 -0.12 -14.90 62.81
CA ASN B 414 0.67 -13.75 63.24
C ASN B 414 -0.20 -12.70 63.94
N GLY B 415 -0.92 -13.14 64.96
CA GLY B 415 -1.65 -12.23 65.82
C GLY B 415 -2.84 -11.53 65.20
N ASP B 416 -3.26 -11.93 64.00
CA ASP B 416 -4.40 -11.30 63.35
C ASP B 416 -5.20 -12.36 62.59
N THR B 417 -6.46 -12.04 62.33
CA THR B 417 -7.39 -12.94 61.67
C THR B 417 -7.76 -12.36 60.31
N THR B 418 -7.52 -13.14 59.26
CA THR B 418 -7.78 -12.71 57.89
C THR B 418 -8.75 -13.69 57.21
N LYS B 419 -8.86 -13.58 55.89
CA LYS B 419 -9.72 -14.44 55.11
C LYS B 419 -8.91 -15.49 54.38
N GLY B 420 -9.44 -16.69 54.30
CA GLY B 420 -8.81 -17.77 53.54
C GLY B 420 -9.80 -18.37 52.55
N PHE B 421 -9.31 -18.68 51.36
CA PHE B 421 -10.15 -19.12 50.27
C PHE B 421 -9.61 -20.40 49.67
N VAL B 422 -10.50 -21.38 49.48
CA VAL B 422 -10.16 -22.66 48.86
C VAL B 422 -11.23 -22.97 47.83
N ILE B 423 -10.81 -23.14 46.57
CA ILE B 423 -11.72 -23.44 45.48
C ILE B 423 -11.57 -24.91 45.12
N TYR B 424 -12.67 -25.66 45.28
CA TYR B 424 -12.64 -27.09 45.00
C TYR B 424 -12.46 -27.36 43.51
N PRO B 425 -11.92 -28.52 43.16
CA PRO B 425 -11.90 -28.92 41.75
C PRO B 425 -13.30 -29.27 41.26
N ILE B 426 -13.50 -29.08 39.96
CA ILE B 426 -14.79 -29.43 39.35
C ILE B 426 -14.97 -30.94 39.40
N ASP B 427 -16.19 -31.38 39.73
CA ASP B 427 -16.52 -32.79 39.93
C ASP B 427 -15.62 -33.40 41.02
N TYR B 428 -15.83 -32.89 42.23
CA TYR B 428 -14.94 -33.19 43.34
C TYR B 428 -15.30 -34.52 44.00
N ASP B 429 -14.27 -35.31 44.27
CA ASP B 429 -14.41 -36.62 44.91
C ASP B 429 -13.54 -36.64 46.15
N LYS B 430 -14.18 -36.83 47.31
CA LYS B 430 -13.43 -36.88 48.57
C LYS B 430 -12.59 -38.13 48.72
N ASN B 431 -12.76 -39.12 47.83
CA ASN B 431 -11.99 -40.34 47.87
C ASN B 431 -10.70 -40.27 47.07
N LYS B 432 -10.48 -39.20 46.31
CA LYS B 432 -9.29 -39.03 45.50
C LYS B 432 -8.43 -37.90 46.06
N THR B 433 -7.21 -37.79 45.53
CA THR B 433 -6.28 -36.74 45.90
C THR B 433 -5.98 -35.87 44.67
N TYR B 434 -5.93 -34.57 44.89
CA TYR B 434 -5.84 -33.58 43.81
C TYR B 434 -4.60 -32.71 43.97
N PRO B 435 -4.13 -32.10 42.88
CA PRO B 435 -3.10 -31.06 43.00
C PRO B 435 -3.74 -29.71 43.30
N ALA B 436 -2.89 -28.76 43.68
CA ALA B 436 -3.35 -27.44 44.09
C ALA B 436 -2.43 -26.36 43.56
N ILE B 437 -2.96 -25.14 43.48
CA ILE B 437 -2.22 -23.95 43.08
C ILE B 437 -2.44 -22.87 44.13
N LEU B 438 -1.35 -22.31 44.64
CA LEU B 438 -1.42 -21.17 45.54
C LEU B 438 -1.29 -19.89 44.72
N ASP B 439 -2.33 -19.04 44.78
CA ASP B 439 -2.36 -17.78 44.05
C ASP B 439 -2.13 -16.66 45.05
N ILE B 440 -1.09 -15.85 44.81
CA ILE B 440 -0.74 -14.73 45.68
C ILE B 440 -1.17 -13.45 44.97
N HIS B 441 -2.02 -12.67 45.61
CA HIS B 441 -2.58 -11.50 44.95
C HIS B 441 -1.52 -10.43 44.74
N GLY B 442 -1.46 -9.90 43.52
CA GLY B 442 -0.50 -8.87 43.20
C GLY B 442 -0.79 -7.58 43.94
N GLY B 443 0.24 -6.77 44.10
CA GLY B 443 0.16 -5.57 44.89
C GLY B 443 0.09 -5.91 46.36
N PRO B 444 0.98 -5.33 47.16
CA PRO B 444 0.96 -5.59 48.59
C PRO B 444 -0.35 -5.17 49.23
N LYS B 445 -0.71 -3.91 49.06
CA LYS B 445 -1.92 -3.34 49.68
C LYS B 445 -3.14 -3.51 48.77
N THR B 446 -3.39 -4.77 48.40
CA THR B 446 -4.61 -5.12 47.69
C THR B 446 -5.31 -6.29 48.38
N VAL B 447 -6.32 -6.88 47.73
CA VAL B 447 -7.23 -7.80 48.41
C VAL B 447 -7.68 -8.88 47.44
N TYR B 448 -7.68 -10.12 47.92
CA TYR B 448 -8.42 -11.22 47.31
C TYR B 448 -9.80 -11.32 47.96
N GLY B 449 -10.79 -11.70 47.17
CA GLY B 449 -12.15 -11.75 47.68
C GLY B 449 -13.01 -12.78 46.97
N ASP B 450 -14.26 -12.87 47.43
CA ASP B 450 -15.26 -13.74 46.82
C ASP B 450 -15.79 -13.07 45.55
N VAL B 451 -14.91 -12.99 44.55
CA VAL B 451 -15.17 -12.28 43.31
C VAL B 451 -14.69 -13.14 42.16
N TYR B 452 -15.53 -13.28 41.12
CA TYR B 452 -15.20 -14.09 39.96
C TYR B 452 -13.82 -13.75 39.41
N TYR B 453 -12.93 -14.76 39.41
CA TYR B 453 -11.57 -14.61 38.91
C TYR B 453 -11.34 -15.70 37.87
N HIS B 454 -11.08 -15.29 36.63
CA HIS B 454 -11.09 -16.23 35.51
C HIS B 454 -9.99 -17.27 35.62
N GLU B 455 -8.76 -16.83 35.90
CA GLU B 455 -7.62 -17.75 35.87
C GLU B 455 -7.76 -18.86 36.91
N MET B 456 -8.46 -18.59 38.01
CA MET B 456 -8.65 -19.62 39.02
C MET B 456 -9.71 -20.64 38.60
N GLN B 457 -10.80 -20.18 37.99
CA GLN B 457 -11.82 -21.10 37.52
C GLN B 457 -11.30 -21.97 36.38
N VAL B 458 -10.37 -21.44 35.58
CA VAL B 458 -9.79 -22.22 34.49
C VAL B 458 -9.09 -23.45 35.03
N TRP B 459 -8.32 -23.30 36.10
CA TRP B 459 -7.59 -24.42 36.67
C TRP B 459 -8.48 -25.35 37.48
N ALA B 460 -9.51 -24.79 38.15
CA ALA B 460 -10.47 -25.63 38.84
C ALA B 460 -11.26 -26.51 37.88
N ASN B 461 -11.45 -26.05 36.64
CA ASN B 461 -12.08 -26.85 35.61
C ASN B 461 -11.14 -27.87 34.99
N MET B 462 -9.88 -27.93 35.44
CA MET B 462 -8.91 -28.90 34.95
C MET B 462 -8.41 -29.82 36.05
N GLY B 463 -9.12 -29.90 37.16
CA GLY B 463 -8.78 -30.82 38.24
C GLY B 463 -7.84 -30.26 39.29
N TYR B 464 -7.80 -28.95 39.47
CA TYR B 464 -6.92 -28.31 40.45
C TYR B 464 -7.71 -27.76 41.61
N PHE B 465 -7.14 -27.86 42.81
CA PHE B 465 -7.48 -26.97 43.89
C PHE B 465 -6.82 -25.62 43.64
N VAL B 466 -7.51 -24.55 44.01
CA VAL B 466 -6.98 -23.20 43.89
C VAL B 466 -7.20 -22.50 45.22
N ILE B 467 -6.12 -22.20 45.94
CA ILE B 467 -6.18 -21.63 47.27
C ILE B 467 -5.50 -20.27 47.26
N PHE B 468 -5.96 -19.39 48.14
CA PHE B 468 -5.41 -18.04 48.25
C PHE B 468 -5.90 -17.41 49.53
N THR B 469 -5.16 -16.38 49.97
CA THR B 469 -5.44 -15.70 51.23
C THR B 469 -4.96 -14.25 51.13
N ASN B 470 -5.11 -13.51 52.23
CA ASN B 470 -4.73 -12.10 52.32
C ASN B 470 -3.74 -11.94 53.48
N PRO B 471 -2.44 -12.09 53.22
CA PRO B 471 -1.46 -12.02 54.30
C PRO B 471 -1.26 -10.59 54.79
N HIS B 472 -0.44 -10.48 55.85
CA HIS B 472 -0.09 -9.18 56.39
C HIS B 472 0.54 -8.31 55.31
N GLY B 473 -0.01 -7.12 55.12
CA GLY B 473 0.34 -6.26 54.01
C GLY B 473 -0.80 -5.97 53.07
N SER B 474 -1.82 -6.82 53.06
CA SER B 474 -3.00 -6.59 52.24
C SER B 474 -3.78 -5.37 52.73
N ASP B 475 -4.72 -4.92 51.90
CA ASP B 475 -5.63 -3.87 52.30
C ASP B 475 -6.79 -4.47 53.09
N GLY B 476 -7.57 -3.60 53.73
CA GLY B 476 -8.76 -4.05 54.42
C GLY B 476 -8.76 -3.81 55.91
N TYR B 477 -7.64 -4.09 56.58
CA TYR B 477 -7.58 -4.02 58.03
C TYR B 477 -6.72 -2.84 58.52
N GLY B 478 -6.74 -1.73 57.79
CA GLY B 478 -6.09 -0.52 58.24
C GLY B 478 -4.61 -0.46 57.90
N ASN B 479 -4.00 0.66 58.31
CA ASN B 479 -2.58 0.86 58.07
C ASN B 479 -1.74 -0.17 58.81
N LYS B 480 -2.15 -0.55 60.02
CA LYS B 480 -1.37 -1.47 60.83
C LYS B 480 -1.21 -2.83 60.13
N PHE B 481 -2.32 -3.37 59.62
CA PHE B 481 -2.24 -4.66 58.94
C PHE B 481 -1.45 -4.57 57.64
N ALA B 482 -1.51 -3.42 56.96
CA ALA B 482 -0.81 -3.27 55.69
C ALA B 482 0.67 -2.96 55.85
N ASP B 483 1.11 -2.54 57.04
CA ASP B 483 2.49 -2.14 57.24
C ASP B 483 3.39 -3.37 57.25
N ILE B 484 4.15 -3.56 56.18
CA ILE B 484 5.20 -4.57 56.14
C ILE B 484 6.48 -3.92 55.64
N ARG B 485 6.61 -2.61 55.87
CA ARG B 485 7.82 -1.90 55.50
C ARG B 485 9.03 -2.47 56.24
N GLY B 486 10.06 -2.81 55.46
CA GLY B 486 11.20 -3.49 56.04
C GLY B 486 10.94 -4.90 56.48
N LYS B 487 9.79 -5.47 56.12
CA LYS B 487 9.43 -6.83 56.51
C LYS B 487 9.08 -7.70 55.31
N TYR B 488 9.43 -7.29 54.10
CA TYR B 488 9.16 -8.08 52.91
C TYR B 488 9.82 -9.45 53.04
N GLY B 489 9.02 -10.51 52.91
CA GLY B 489 9.53 -11.85 52.97
C GLY B 489 9.66 -12.46 54.34
N THR B 490 9.05 -11.86 55.37
CA THR B 490 9.11 -12.41 56.71
C THR B 490 7.73 -12.83 57.19
N ILE B 491 7.00 -11.90 57.82
CA ILE B 491 5.70 -12.24 58.39
C ILE B 491 4.68 -12.51 57.30
N ASP B 492 4.84 -11.89 56.13
CA ASP B 492 3.94 -12.20 55.01
C ASP B 492 4.26 -13.56 54.42
N TYR B 493 5.55 -13.88 54.26
CA TYR B 493 5.94 -15.20 53.80
C TYR B 493 5.48 -16.28 54.77
N GLU B 494 5.62 -16.03 56.08
CA GLU B 494 5.09 -16.96 57.07
C GLU B 494 3.58 -17.13 56.92
N ASP B 495 2.87 -16.02 56.73
CA ASP B 495 1.42 -16.08 56.58
C ASP B 495 1.02 -16.98 55.43
N LEU B 496 1.70 -16.86 54.28
CA LEU B 496 1.38 -17.70 53.14
C LEU B 496 1.75 -19.16 53.40
N MET B 497 2.92 -19.40 54.01
CA MET B 497 3.32 -20.77 54.31
C MET B 497 2.44 -21.37 55.41
N ASN B 498 2.04 -20.56 56.39
CA ASN B 498 1.09 -21.04 57.39
C ASN B 498 -0.24 -21.39 56.75
N PHE B 499 -0.66 -20.61 55.75
CA PHE B 499 -1.92 -20.89 55.06
C PHE B 499 -1.81 -22.16 54.23
N THR B 500 -0.68 -22.37 53.56
CA THR B 500 -0.49 -23.59 52.78
C THR B 500 -0.45 -24.82 53.69
N ASP B 501 0.17 -24.70 54.86
CA ASP B 501 0.18 -25.80 55.82
C ASP B 501 -1.24 -26.16 56.25
N TYR B 502 -2.04 -25.14 56.58
CA TYR B 502 -3.40 -25.39 57.05
C TYR B 502 -4.27 -26.02 55.97
N VAL B 503 -4.05 -25.66 54.71
CA VAL B 503 -4.97 -26.09 53.65
C VAL B 503 -4.66 -27.52 53.22
N LEU B 504 -3.39 -27.83 52.99
CA LEU B 504 -3.02 -29.18 52.54
C LEU B 504 -3.28 -30.25 53.58
N GLU B 505 -3.57 -29.86 54.83
CA GLU B 505 -3.99 -30.80 55.86
C GLU B 505 -5.50 -30.86 56.03
N LYS B 506 -6.17 -29.71 55.98
CA LYS B 506 -7.63 -29.70 56.12
C LYS B 506 -8.31 -30.19 54.85
N TYR B 507 -7.71 -29.96 53.69
CA TYR B 507 -8.29 -30.34 52.41
C TYR B 507 -7.48 -31.46 51.76
N PRO B 508 -8.13 -32.33 50.96
CA PRO B 508 -7.45 -33.53 50.42
C PRO B 508 -6.61 -33.25 49.18
N ILE B 509 -5.40 -32.74 49.39
CA ILE B 509 -4.50 -32.34 48.32
C ILE B 509 -3.21 -33.14 48.43
N ASP B 510 -2.72 -33.61 47.28
CA ASP B 510 -1.41 -34.25 47.21
C ASP B 510 -0.34 -33.20 47.50
N LYS B 511 0.35 -33.34 48.63
CA LYS B 511 1.40 -32.39 48.99
C LYS B 511 2.55 -32.41 48.01
N SER B 512 2.69 -33.47 47.22
CA SER B 512 3.80 -33.62 46.28
C SER B 512 3.53 -32.99 44.92
N ARG B 513 2.38 -32.34 44.73
CA ARG B 513 2.01 -31.73 43.45
C ARG B 513 1.33 -30.39 43.69
N VAL B 514 2.07 -29.44 44.28
CA VAL B 514 1.55 -28.13 44.60
C VAL B 514 2.35 -27.09 43.83
N GLY B 515 1.65 -26.19 43.15
CA GLY B 515 2.27 -25.08 42.45
C GLY B 515 1.97 -23.75 43.12
N VAL B 516 2.68 -22.72 42.67
CA VAL B 516 2.51 -21.38 43.21
C VAL B 516 2.70 -20.37 42.08
N THR B 517 1.81 -19.38 42.04
CA THR B 517 1.90 -18.33 41.04
C THR B 517 1.41 -17.02 41.62
N GLY B 518 1.84 -15.92 41.01
CA GLY B 518 1.46 -14.60 41.45
C GLY B 518 2.10 -13.52 40.59
N GLY B 519 1.47 -12.35 40.53
CA GLY B 519 2.00 -11.24 39.75
C GLY B 519 2.38 -10.06 40.61
N SER B 520 3.17 -9.14 40.05
CA SER B 520 3.65 -7.96 40.76
C SER B 520 4.30 -8.34 42.08
N TYR B 521 3.74 -7.87 43.19
CA TYR B 521 4.24 -8.30 44.50
C TYR B 521 4.11 -9.80 44.68
N GLY B 522 3.04 -10.39 44.12
CA GLY B 522 2.92 -11.84 44.16
C GLY B 522 4.02 -12.54 43.40
N GLY B 523 4.47 -11.93 42.28
CA GLY B 523 5.63 -12.45 41.59
C GLY B 523 6.91 -12.32 42.39
N TYR B 524 7.01 -11.25 43.19
CA TYR B 524 8.14 -11.13 44.10
C TYR B 524 8.14 -12.28 45.10
N MET B 525 6.98 -12.59 45.68
CA MET B 525 6.91 -13.65 46.68
C MET B 525 7.21 -15.02 46.06
N THR B 526 6.75 -15.24 44.83
CA THR B 526 7.08 -16.49 44.14
C THR B 526 8.58 -16.66 44.00
N ASN B 527 9.27 -15.59 43.59
CA ASN B 527 10.74 -15.63 43.55
C ASN B 527 11.32 -15.81 44.95
N TRP B 528 10.67 -15.23 45.95
CA TRP B 528 11.09 -15.42 47.33
C TRP B 528 10.78 -16.84 47.82
N ILE B 529 9.60 -17.35 47.46
CA ILE B 529 9.17 -18.67 47.94
C ILE B 529 10.13 -19.75 47.47
N ILE B 530 10.44 -19.75 46.17
CA ILE B 530 11.29 -20.79 45.61
C ILE B 530 12.71 -20.72 46.17
N GLY B 531 13.12 -19.58 46.71
CA GLY B 531 14.42 -19.45 47.31
C GLY B 531 14.49 -19.78 48.80
N HIS B 532 13.37 -20.19 49.39
CA HIS B 532 13.32 -20.46 50.83
C HIS B 532 12.65 -21.78 51.20
N THR B 533 12.03 -22.48 50.26
CA THR B 533 11.37 -23.74 50.58
C THR B 533 11.32 -24.62 49.34
N ASP B 534 11.19 -25.92 49.58
CA ASP B 534 11.16 -26.93 48.52
C ASP B 534 9.78 -27.55 48.35
N ARG B 535 8.74 -26.96 48.94
CA ARG B 535 7.47 -27.65 49.04
C ARG B 535 6.65 -27.58 47.76
N PHE B 536 6.87 -26.56 46.92
CA PHE B 536 6.14 -26.45 45.66
C PHE B 536 6.96 -27.10 44.55
N LYS B 537 6.31 -27.97 43.77
CA LYS B 537 7.00 -28.69 42.72
C LYS B 537 7.21 -27.85 41.46
N CYS B 538 6.48 -26.76 41.30
CA CYS B 538 6.69 -25.85 40.19
C CYS B 538 6.09 -24.49 40.56
N ALA B 539 6.57 -23.46 39.86
CA ALA B 539 6.16 -22.09 40.17
C ALA B 539 6.03 -21.29 38.88
N ALA B 540 5.22 -20.23 38.96
CA ALA B 540 5.03 -19.31 37.85
C ALA B 540 5.15 -17.89 38.38
N SER B 541 6.18 -17.18 37.96
CA SER B 541 6.47 -15.83 38.45
C SER B 541 6.18 -14.83 37.34
N GLN B 542 5.21 -13.96 37.57
CA GLN B 542 4.73 -13.02 36.57
C GLN B 542 5.04 -11.59 37.00
N ARG B 543 5.41 -10.74 36.02
CA ARG B 543 5.72 -9.33 36.20
C ARG B 543 6.36 -9.04 37.55
N SER B 544 7.41 -9.80 37.87
CA SER B 544 7.88 -9.94 39.24
C SER B 544 8.99 -8.94 39.57
N ILE B 545 9.40 -8.97 40.83
CA ILE B 545 10.55 -8.22 41.34
C ILE B 545 11.56 -9.22 41.87
N SER B 546 12.79 -9.11 41.40
CA SER B 546 13.86 -10.02 41.81
C SER B 546 15.04 -9.33 42.44
N ASN B 547 15.28 -8.05 42.12
CA ASN B 547 16.47 -7.34 42.55
C ASN B 547 16.05 -5.92 42.90
N TRP B 548 15.94 -5.64 44.20
CA TRP B 548 15.47 -4.32 44.63
C TRP B 548 16.43 -3.21 44.21
N ILE B 549 17.73 -3.52 44.09
CA ILE B 549 18.68 -2.51 43.64
C ILE B 549 18.49 -2.22 42.16
N SER B 550 18.45 -3.27 41.34
CA SER B 550 18.19 -3.08 39.91
C SER B 550 16.83 -2.45 39.68
N LYS B 551 15.84 -2.81 40.50
CA LYS B 551 14.51 -2.25 40.37
C LYS B 551 14.45 -0.79 40.79
N PHE B 552 15.42 -0.33 41.59
CA PHE B 552 15.41 1.06 42.04
C PHE B 552 15.60 2.02 40.87
N GLY B 553 16.51 1.69 39.95
CA GLY B 553 16.87 2.61 38.89
C GLY B 553 16.17 2.42 37.57
N THR B 554 15.19 1.50 37.48
CA THR B 554 14.55 1.23 36.19
C THR B 554 13.03 1.14 36.30
N THR B 555 12.42 1.67 37.36
CA THR B 555 10.99 1.53 37.59
C THR B 555 10.35 2.91 37.71
N ASP B 556 9.14 3.04 37.18
CA ASP B 556 8.41 4.30 37.19
C ASP B 556 8.06 4.79 38.60
N ILE B 557 8.15 3.91 39.61
CA ILE B 557 7.94 4.33 41.00
C ILE B 557 9.08 3.79 41.85
N GLY B 558 10.08 3.21 41.20
CA GLY B 558 11.07 2.42 41.92
C GLY B 558 11.95 3.22 42.86
N TYR B 559 12.31 4.45 42.45
CA TYR B 559 13.29 5.20 43.24
C TYR B 559 12.74 5.74 44.55
N TYR B 560 11.42 5.68 44.76
CA TYR B 560 10.84 6.06 46.04
C TYR B 560 9.97 4.99 46.67
N PHE B 561 9.33 4.13 45.87
CA PHE B 561 8.49 3.08 46.41
C PHE B 561 9.30 1.91 46.98
N ASN B 562 10.54 1.72 46.51
CA ASN B 562 11.38 0.68 47.08
C ASN B 562 11.89 1.08 48.46
N ALA B 563 12.33 2.34 48.61
CA ALA B 563 12.82 2.79 49.90
C ALA B 563 11.73 2.79 50.95
N ASP B 564 10.51 3.12 50.55
CA ASP B 564 9.40 3.14 51.50
C ASP B 564 9.05 1.73 51.97
N GLN B 565 9.09 0.75 51.07
CA GLN B 565 8.63 -0.60 51.38
C GLN B 565 9.70 -1.49 51.98
N ASN B 566 10.97 -1.20 51.75
CA ASN B 566 12.06 -2.02 52.28
C ASN B 566 12.93 -1.29 53.29
N GLN B 567 12.65 -0.01 53.58
CA GLN B 567 13.41 0.77 54.55
C GLN B 567 14.90 0.76 54.23
N ALA B 568 15.24 0.69 52.95
CA ALA B 568 16.62 0.59 52.51
C ALA B 568 16.78 1.32 51.18
N THR B 569 18.01 1.36 50.70
CA THR B 569 18.40 2.16 49.55
C THR B 569 19.73 1.62 49.07
N PRO B 570 20.00 1.56 47.76
CA PRO B 570 21.29 1.01 47.28
C PRO B 570 22.52 1.66 47.91
N TRP B 571 22.32 2.76 48.65
CA TRP B 571 23.41 3.45 49.30
C TRP B 571 23.21 3.65 50.80
N ILE B 572 22.04 3.34 51.34
CA ILE B 572 21.78 3.38 52.78
C ILE B 572 21.25 2.02 53.19
N ASN B 573 22.01 1.29 53.99
CA ASN B 573 21.70 -0.09 54.37
C ASN B 573 21.43 -0.95 53.13
N HIS B 574 22.47 -1.04 52.29
CA HIS B 574 22.38 -1.85 51.09
C HIS B 574 22.19 -3.32 51.43
N ASP B 575 22.81 -3.78 52.53
CA ASP B 575 22.67 -5.18 52.92
C ASP B 575 21.23 -5.54 53.22
N LYS B 576 20.43 -4.58 53.69
CA LYS B 576 19.02 -4.84 53.92
C LYS B 576 18.26 -4.94 52.59
N LEU B 577 18.48 -3.98 51.68
CA LEU B 577 17.83 -4.02 50.39
C LEU B 577 18.21 -5.28 49.60
N TRP B 578 19.44 -5.77 49.79
CA TRP B 578 19.86 -7.00 49.14
C TRP B 578 19.30 -8.23 49.86
N TRP B 579 19.18 -8.15 51.18
CA TRP B 579 18.60 -9.26 51.95
C TRP B 579 17.17 -9.54 51.52
N HIS B 580 16.42 -8.50 51.17
CA HIS B 580 15.03 -8.65 50.77
C HIS B 580 14.87 -9.01 49.28
N SER B 581 15.97 -9.12 48.54
CA SER B 581 15.88 -9.44 47.12
C SER B 581 15.85 -10.95 46.92
N PRO B 582 14.90 -11.47 46.14
CA PRO B 582 14.88 -12.93 45.91
C PRO B 582 16.05 -13.43 45.09
N LEU B 583 16.67 -12.57 44.27
CA LEU B 583 17.82 -12.99 43.49
C LEU B 583 18.97 -13.44 44.39
N LYS B 584 19.06 -12.90 45.60
CA LYS B 584 20.09 -13.30 46.54
C LYS B 584 19.98 -14.79 46.89
N TYR B 585 18.77 -15.33 46.91
CA TYR B 585 18.53 -16.72 47.29
C TYR B 585 18.25 -17.61 46.10
N ALA B 586 18.65 -17.19 44.90
CA ALA B 586 18.39 -17.99 43.71
C ALA B 586 19.31 -19.20 43.61
N ASP B 587 20.43 -19.20 44.32
CA ASP B 587 21.34 -20.35 44.31
C ASP B 587 20.88 -21.47 45.22
N LYS B 588 19.80 -21.28 45.97
CA LYS B 588 19.18 -22.34 46.75
C LYS B 588 17.84 -22.77 46.17
N ALA B 589 17.41 -22.16 45.07
CA ALA B 589 16.15 -22.51 44.46
C ALA B 589 16.30 -23.78 43.63
N LYS B 590 15.38 -24.73 43.83
CA LYS B 590 15.35 -25.96 43.06
C LYS B 590 14.02 -26.16 42.36
N THR B 591 13.10 -25.20 42.46
CA THR B 591 11.75 -25.35 41.94
C THR B 591 11.68 -24.88 40.50
N PRO B 592 11.25 -25.71 39.55
CA PRO B 592 11.06 -25.24 38.17
C PRO B 592 10.10 -24.06 38.13
N THR B 593 10.51 -23.01 37.44
CA THR B 593 9.79 -21.74 37.45
C THR B 593 9.60 -21.22 36.03
N LEU B 594 8.34 -20.93 35.68
CA LEU B 594 8.02 -20.20 34.46
C LEU B 594 7.94 -18.71 34.78
N PHE B 595 8.44 -17.88 33.87
CA PHE B 595 8.50 -16.44 34.08
C PHE B 595 7.67 -15.75 33.01
N ILE B 596 6.62 -15.06 33.43
CA ILE B 596 5.81 -14.21 32.56
C ILE B 596 6.26 -12.76 32.76
N HIS B 597 6.55 -12.07 31.66
CA HIS B 597 6.94 -10.67 31.77
C HIS B 597 6.66 -9.96 30.46
N SER B 598 6.36 -8.66 30.57
CA SER B 598 6.05 -7.81 29.43
C SER B 598 7.17 -6.82 29.19
N GLU B 599 7.43 -6.53 27.92
CA GLU B 599 8.56 -5.67 27.57
C GLU B 599 8.31 -4.22 27.95
N GLU B 600 7.08 -3.75 27.86
CA GLU B 600 6.73 -2.38 28.22
C GLU B 600 6.19 -2.26 29.64
N ASP B 601 6.39 -3.29 30.46
CA ASP B 601 6.05 -3.22 31.87
C ASP B 601 7.08 -2.34 32.58
N TYR B 602 6.65 -1.17 33.03
CA TYR B 602 7.53 -0.23 33.71
C TYR B 602 7.27 -0.15 35.20
N ARG B 603 6.25 -0.85 35.70
CA ARG B 603 6.09 -1.03 37.13
C ARG B 603 7.05 -2.09 37.66
N CYS B 604 7.31 -3.11 36.85
CA CYS B 604 8.32 -4.12 37.15
C CYS B 604 9.10 -4.36 35.86
N TRP B 605 10.29 -3.78 35.77
CA TRP B 605 11.06 -3.76 34.54
C TRP B 605 11.46 -5.18 34.12
N LEU B 606 11.75 -5.33 32.82
CA LEU B 606 12.10 -6.64 32.27
C LEU B 606 13.34 -7.22 32.92
N ALA B 607 14.22 -6.36 33.47
CA ALA B 607 15.44 -6.84 34.11
C ALA B 607 15.14 -7.80 35.25
N GLU B 608 14.02 -7.58 35.96
CA GLU B 608 13.71 -8.42 37.12
C GLU B 608 13.47 -9.86 36.72
N GLY B 609 12.57 -10.08 35.74
CA GLY B 609 12.32 -11.43 35.28
C GLY B 609 13.51 -12.06 34.58
N LEU B 610 14.32 -11.25 33.90
CA LEU B 610 15.49 -11.77 33.20
C LEU B 610 16.54 -12.30 34.17
N GLN B 611 16.61 -11.76 35.39
CA GLN B 611 17.66 -12.13 36.32
C GLN B 611 17.39 -13.47 37.00
N MET B 612 16.18 -13.62 37.58
CA MET B 612 15.84 -14.87 38.22
C MET B 612 15.88 -16.04 37.23
N PHE B 613 15.45 -15.79 35.99
CA PHE B 613 15.48 -16.84 34.98
C PHE B 613 16.91 -17.27 34.66
N THR B 614 17.82 -16.29 34.54
CA THR B 614 19.22 -16.62 34.28
C THR B 614 19.84 -17.33 35.47
N ALA B 615 19.47 -16.94 36.68
CA ALA B 615 20.05 -17.53 37.88
C ALA B 615 19.70 -19.00 38.00
N LEU B 616 18.41 -19.33 37.83
CA LEU B 616 17.99 -20.74 37.87
C LEU B 616 18.68 -21.53 36.77
N LYS B 617 18.83 -20.94 35.58
CA LYS B 617 19.51 -21.63 34.49
C LYS B 617 21.00 -21.76 34.76
N TYR B 618 21.59 -20.78 35.47
CA TYR B 618 23.00 -20.88 35.82
C TYR B 618 23.26 -22.05 36.75
N HIS B 619 22.34 -22.31 37.66
CA HIS B 619 22.45 -23.42 38.61
C HIS B 619 21.77 -24.69 38.10
N GLY B 620 21.51 -24.78 36.81
CA GLY B 620 21.01 -26.01 36.22
C GLY B 620 19.58 -26.36 36.59
N ILE B 621 18.73 -25.37 36.85
CA ILE B 621 17.33 -25.60 37.17
C ILE B 621 16.49 -25.32 35.94
N GLU B 622 15.51 -26.18 35.67
CA GLU B 622 14.62 -25.98 34.54
C GLU B 622 13.83 -24.68 34.72
N ALA B 623 13.80 -23.88 33.65
CA ALA B 623 13.14 -22.57 33.71
C ALA B 623 12.67 -22.20 32.31
N ARG B 624 11.82 -21.18 32.25
CA ARG B 624 11.24 -20.71 31.00
C ARG B 624 10.73 -19.29 31.21
N LEU B 625 10.83 -18.48 30.15
CA LEU B 625 10.38 -17.11 30.20
C LEU B 625 9.69 -16.75 28.89
N CYS B 626 8.50 -16.18 28.98
CA CYS B 626 7.77 -15.66 27.82
C CYS B 626 7.71 -14.16 27.93
N MET B 627 8.36 -13.47 27.00
CA MET B 627 8.31 -12.01 26.94
C MET B 627 7.18 -11.59 26.01
N PHE B 628 6.35 -10.65 26.47
CA PHE B 628 5.19 -10.20 25.73
C PHE B 628 5.45 -8.79 25.20
N ARG B 629 5.33 -8.63 23.88
CA ARG B 629 5.56 -7.34 23.25
C ARG B 629 4.27 -6.53 23.21
N GLY B 630 4.41 -5.21 23.23
CA GLY B 630 3.27 -4.32 23.19
C GLY B 630 2.39 -4.36 24.42
N GLU B 631 2.83 -5.02 25.49
CA GLU B 631 2.04 -5.15 26.71
C GLU B 631 2.85 -4.66 27.90
N ASN B 632 2.17 -4.50 29.03
CA ASN B 632 2.81 -3.96 30.22
C ASN B 632 2.37 -4.73 31.47
N HIS B 633 2.36 -4.03 32.62
CA HIS B 633 1.96 -4.66 33.87
C HIS B 633 0.53 -5.16 33.81
N GLU B 634 -0.34 -4.43 33.11
CA GLU B 634 -1.77 -4.74 33.05
C GLU B 634 -2.11 -5.85 32.08
N LEU B 635 -1.13 -6.70 31.72
CA LEU B 635 -1.38 -7.74 30.71
C LEU B 635 -2.51 -8.68 31.15
N SER B 636 -2.53 -9.07 32.42
CA SER B 636 -3.52 -10.03 32.88
C SER B 636 -4.92 -9.44 32.97
N ARG B 637 -5.03 -8.13 33.13
CA ARG B 637 -6.32 -7.49 33.34
C ARG B 637 -6.84 -6.77 32.11
N SER B 638 -5.97 -6.32 31.20
CA SER B 638 -6.44 -5.52 30.07
C SER B 638 -5.58 -5.67 28.82
N GLY B 639 -4.77 -6.71 28.70
CA GLY B 639 -3.96 -6.89 27.52
C GLY B 639 -4.78 -7.30 26.30
N LYS B 640 -4.11 -7.35 25.17
CA LYS B 640 -4.76 -7.78 23.94
C LYS B 640 -5.18 -9.24 24.07
N PRO B 641 -6.35 -9.61 23.51
CA PRO B 641 -6.90 -10.96 23.80
C PRO B 641 -5.95 -12.11 23.51
N LYS B 642 -5.27 -12.09 22.35
CA LYS B 642 -4.33 -13.16 22.03
C LYS B 642 -3.19 -13.23 23.05
N HIS B 643 -2.74 -12.07 23.53
CA HIS B 643 -1.66 -12.05 24.51
C HIS B 643 -2.13 -12.50 25.88
N ARG B 644 -3.43 -12.35 26.16
CA ARG B 644 -3.98 -12.93 27.38
C ARG B 644 -4.10 -14.44 27.26
N ILE B 645 -4.55 -14.92 26.11
CA ILE B 645 -4.65 -16.37 25.87
C ILE B 645 -3.27 -17.00 25.92
N ARG B 646 -2.26 -16.31 25.38
CA ARG B 646 -0.90 -16.84 25.42
C ARG B 646 -0.36 -16.91 26.85
N ARG B 647 -0.61 -15.88 27.66
CA ARG B 647 -0.17 -15.91 29.04
C ARG B 647 -0.87 -17.02 29.82
N LEU B 648 -2.19 -17.12 29.68
CA LEU B 648 -2.92 -18.18 30.36
C LEU B 648 -2.49 -19.55 29.88
N THR B 649 -2.09 -19.67 28.61
CA THR B 649 -1.63 -20.96 28.09
C THR B 649 -0.27 -21.33 28.66
N GLU B 650 0.67 -20.39 28.67
CA GLU B 650 1.99 -20.65 29.21
C GLU B 650 1.90 -21.07 30.68
N ILE B 651 1.10 -20.35 31.46
CA ILE B 651 0.95 -20.67 32.87
C ILE B 651 0.21 -21.99 33.05
N THR B 652 -0.81 -22.28 32.22
CA THR B 652 -1.55 -23.52 32.39
C THR B 652 -0.74 -24.71 31.91
N ASN B 653 0.12 -24.52 30.91
CA ASN B 653 0.90 -25.65 30.40
C ASN B 653 2.06 -26.01 31.33
N TRP B 654 2.52 -25.05 32.14
CA TRP B 654 3.64 -25.30 33.04
C TRP B 654 3.23 -26.21 34.20
N PHE B 655 2.14 -25.86 34.88
CA PHE B 655 1.52 -26.72 35.91
C PHE B 655 1.23 -28.11 35.35
N GLU B 656 0.67 -28.20 34.15
CA GLU B 656 0.35 -29.51 33.59
C GLU B 656 1.60 -30.36 33.44
N LYS B 657 2.72 -29.75 33.06
CA LYS B 657 3.95 -30.50 32.87
C LYS B 657 4.51 -31.04 34.18
N TYR B 658 4.28 -30.33 35.29
CA TYR B 658 4.92 -30.68 36.55
C TYR B 658 3.96 -31.12 37.66
N LEU B 659 2.65 -30.86 37.52
CA LEU B 659 1.70 -31.22 38.56
C LEU B 659 0.81 -32.41 38.19
N LYS B 660 0.67 -32.72 36.91
CA LYS B 660 -0.17 -33.84 36.49
C LYS B 660 0.62 -35.13 36.40
N MET C 1 10.11 -34.64 -31.12
CA MET C 1 9.18 -34.43 -32.21
C MET C 1 7.74 -34.60 -31.73
N GLU C 2 7.20 -33.54 -31.14
CA GLU C 2 5.86 -33.53 -30.58
C GLU C 2 5.00 -32.50 -31.32
N ASN C 3 3.75 -32.37 -30.88
CA ASN C 3 2.80 -31.48 -31.53
C ASN C 3 3.01 -30.05 -31.06
N LEU C 4 3.04 -29.12 -32.01
CA LEU C 4 3.12 -27.70 -31.69
C LEU C 4 1.82 -27.26 -31.02
N LYS C 5 1.94 -26.54 -29.90
CA LYS C 5 0.79 -26.13 -29.11
C LYS C 5 0.43 -24.68 -29.40
N LEU C 6 -0.69 -24.24 -28.81
CA LEU C 6 -1.13 -22.86 -28.99
C LEU C 6 -0.25 -21.89 -28.22
N ASP C 7 0.07 -22.21 -26.98
CA ASP C 7 0.91 -21.37 -26.14
C ASP C 7 2.40 -21.69 -26.30
N SER C 8 2.78 -22.34 -27.40
CA SER C 8 4.19 -22.65 -27.62
C SER C 8 5.01 -21.42 -27.98
N PHE C 9 4.36 -20.34 -28.41
CA PHE C 9 5.09 -19.13 -28.79
C PHE C 9 5.82 -18.51 -27.61
N LEU C 10 5.45 -18.88 -26.37
CA LEU C 10 6.18 -18.39 -25.21
C LEU C 10 7.63 -18.83 -25.23
N GLU C 11 7.93 -19.94 -25.91
CA GLU C 11 9.29 -20.45 -26.00
C GLU C 11 10.08 -19.84 -27.15
N TYR C 12 9.48 -18.93 -27.92
CA TYR C 12 10.18 -18.30 -29.02
C TYR C 12 11.08 -17.18 -28.52
N LYS C 13 12.15 -16.92 -29.27
CA LYS C 13 13.06 -15.82 -29.01
C LYS C 13 13.01 -14.84 -30.17
N PHE C 14 12.96 -13.54 -29.84
CA PHE C 14 12.88 -12.49 -30.84
C PHE C 14 14.09 -11.58 -30.72
N LEU C 15 14.70 -11.24 -31.85
CA LEU C 15 15.90 -10.42 -31.88
C LEU C 15 15.58 -9.04 -32.43
N SER C 16 16.38 -8.05 -32.01
CA SER C 16 16.12 -6.67 -32.39
C SER C 16 17.38 -5.85 -32.15
N ASN C 17 17.41 -4.66 -32.78
CA ASN C 17 18.42 -3.64 -32.53
C ASN C 17 19.83 -4.14 -32.84
N LEU C 18 19.98 -4.79 -33.98
CA LEU C 18 21.30 -5.22 -34.45
C LEU C 18 22.15 -4.00 -34.76
N ASP C 19 23.19 -3.76 -33.97
CA ASP C 19 23.95 -2.52 -34.05
C ASP C 19 25.45 -2.81 -34.00
N PHE C 20 26.20 -2.20 -34.91
CA PHE C 20 27.64 -2.29 -34.95
C PHE C 20 28.26 -1.21 -34.05
N ASN C 21 29.43 -1.53 -33.49
CA ASN C 21 30.27 -0.50 -32.91
C ASN C 21 31.12 0.11 -34.02
N PRO C 22 31.72 1.29 -33.78
CA PRO C 22 32.41 1.99 -34.87
C PRO C 22 33.41 1.16 -35.67
N ASP C 23 34.30 0.41 -35.00
CA ASP C 23 35.32 -0.34 -35.72
C ASP C 23 34.83 -1.71 -36.21
N GLY C 24 33.54 -1.98 -36.10
CA GLY C 24 32.97 -3.21 -36.62
C GLY C 24 33.41 -4.48 -35.94
N SER C 25 34.09 -4.39 -34.79
CA SER C 25 34.53 -5.58 -34.09
C SER C 25 33.45 -6.21 -33.24
N ASN C 26 32.41 -5.46 -32.90
CA ASN C 26 31.33 -5.95 -32.04
C ASN C 26 29.98 -5.66 -32.68
N LEU C 27 29.03 -6.55 -32.43
CA LEU C 27 27.64 -6.38 -32.84
C LEU C 27 26.77 -6.55 -31.61
N ALA C 28 26.00 -5.50 -31.27
CA ALA C 28 25.04 -5.57 -30.18
C ALA C 28 23.66 -5.84 -30.73
N PHE C 29 22.87 -6.59 -29.95
CA PHE C 29 21.49 -6.88 -30.32
C PHE C 29 20.76 -7.34 -29.07
N SER C 30 19.43 -7.26 -29.13
CA SER C 30 18.59 -7.60 -28.00
C SER C 30 17.79 -8.86 -28.29
N LEU C 31 17.48 -9.60 -27.23
CA LEU C 31 16.65 -10.79 -27.31
C LEU C 31 15.41 -10.60 -26.43
N SER C 32 14.27 -11.05 -26.94
CA SER C 32 13.00 -10.90 -26.24
C SER C 32 12.31 -12.25 -26.14
N GLU C 33 11.58 -12.44 -25.04
CA GLU C 33 10.81 -13.65 -24.82
C GLU C 33 9.63 -13.32 -23.92
N ALA C 34 8.57 -14.11 -24.05
CA ALA C 34 7.36 -13.88 -23.27
C ALA C 34 7.57 -14.22 -21.81
N ASP C 35 7.06 -13.37 -20.93
CA ASP C 35 7.00 -13.64 -19.49
C ASP C 35 5.52 -13.83 -19.16
N LEU C 36 5.09 -15.09 -19.10
CA LEU C 36 3.67 -15.37 -18.92
C LEU C 36 3.20 -14.97 -17.53
N GLU C 37 4.03 -15.14 -16.51
CA GLU C 37 3.62 -14.85 -15.14
C GLU C 37 3.29 -13.36 -14.97
N ASN C 38 4.06 -12.49 -15.61
CA ASN C 38 3.89 -11.05 -15.44
C ASN C 38 3.23 -10.37 -16.63
N ASN C 39 2.82 -11.14 -17.63
CA ASN C 39 2.09 -10.61 -18.80
C ASN C 39 2.87 -9.49 -19.48
N SER C 40 4.18 -9.70 -19.63
CA SER C 40 5.04 -8.73 -20.28
C SER C 40 6.08 -9.51 -21.09
N TYR C 41 7.18 -8.85 -21.43
CA TYR C 41 8.28 -9.50 -22.13
C TYR C 41 9.58 -9.15 -21.44
N LYS C 42 10.52 -10.10 -21.48
CA LYS C 42 11.87 -9.89 -20.96
C LYS C 42 12.79 -9.50 -22.11
N HIS C 43 13.61 -8.48 -21.89
CA HIS C 43 14.55 -7.99 -22.89
C HIS C 43 15.96 -8.07 -22.34
N PHE C 44 16.87 -8.69 -23.09
CA PHE C 44 18.26 -8.82 -22.70
C PHE C 44 19.15 -8.27 -23.80
N ILE C 45 20.30 -7.73 -23.42
CA ILE C 45 21.29 -7.26 -24.37
C ILE C 45 22.31 -8.37 -24.60
N TYR C 46 22.61 -8.63 -25.87
CA TYR C 46 23.59 -9.63 -26.26
C TYR C 46 24.72 -8.97 -27.04
N ASN C 47 25.75 -9.75 -27.32
CA ASN C 47 26.89 -9.27 -28.10
C ASN C 47 27.44 -10.39 -28.95
N LEU C 48 27.86 -10.03 -30.17
CA LEU C 48 28.49 -10.96 -31.09
C LEU C 48 29.83 -10.40 -31.53
N ASP C 49 30.89 -11.19 -31.37
CA ASP C 49 32.23 -10.80 -31.83
C ASP C 49 32.36 -11.16 -33.31
N THR C 50 32.65 -10.17 -34.14
CA THR C 50 32.62 -10.37 -35.59
C THR C 50 33.77 -11.25 -36.05
N LYS C 51 35.00 -10.92 -35.65
CA LYS C 51 36.16 -11.73 -35.99
C LYS C 51 36.10 -13.12 -35.38
N ASN C 52 35.13 -13.39 -34.53
CA ASN C 52 35.20 -14.52 -33.62
C ASN C 52 33.94 -15.36 -33.61
N LYS C 53 32.79 -14.74 -33.94
CA LYS C 53 31.48 -15.38 -33.96
C LYS C 53 31.01 -15.82 -32.57
N GLU C 54 31.59 -15.26 -31.51
CA GLU C 54 31.17 -15.59 -30.16
C GLU C 54 29.92 -14.80 -29.78
N ILE C 55 28.90 -15.51 -29.32
CA ILE C 55 27.67 -14.90 -28.83
C ILE C 55 27.72 -14.89 -27.30
N LYS C 56 27.22 -13.82 -26.69
CA LYS C 56 27.41 -13.58 -25.27
C LYS C 56 26.24 -12.79 -24.71
N LYS C 57 25.65 -13.29 -23.62
CA LYS C 57 24.58 -12.59 -22.95
C LYS C 57 25.17 -11.56 -21.99
N LEU C 58 24.70 -10.31 -22.08
CA LEU C 58 25.27 -9.21 -21.32
C LEU C 58 24.42 -8.77 -20.14
N THR C 59 23.10 -8.78 -20.28
CA THR C 59 22.19 -8.40 -19.21
C THR C 59 21.31 -9.58 -18.85
N HIS C 60 20.77 -9.54 -17.62
CA HIS C 60 20.02 -10.68 -17.12
C HIS C 60 18.75 -10.33 -16.34
N SER C 61 18.53 -9.07 -15.96
CA SER C 61 17.30 -8.75 -15.24
C SER C 61 16.08 -8.83 -16.14
N GLY C 62 16.24 -8.51 -17.42
CA GLY C 62 15.16 -8.61 -18.38
C GLY C 62 14.47 -7.31 -18.74
N LYS C 63 15.01 -6.17 -18.34
CA LYS C 63 14.37 -4.87 -18.56
C LYS C 63 15.28 -3.92 -19.32
N GLU C 64 16.20 -4.46 -20.13
CA GLU C 64 17.20 -3.66 -20.82
C GLU C 64 17.19 -3.98 -22.30
N LYS C 65 17.22 -2.94 -23.12
CA LYS C 65 17.34 -3.07 -24.58
C LYS C 65 18.38 -2.06 -25.05
N ASN C 66 19.32 -2.51 -25.87
CA ASN C 66 20.42 -1.66 -26.29
C ASN C 66 19.94 -0.53 -27.20
N SER C 67 20.53 0.64 -27.02
CA SER C 67 20.19 1.83 -27.79
C SER C 67 21.32 2.32 -28.68
N LEU C 68 22.55 2.30 -28.19
CA LEU C 68 23.67 2.90 -28.91
C LEU C 68 24.95 2.18 -28.53
N TRP C 69 26.05 2.63 -29.15
CA TRP C 69 27.40 2.30 -28.73
C TRP C 69 28.07 3.60 -28.33
N LEU C 70 28.32 3.77 -27.02
CA LEU C 70 29.03 4.96 -26.56
C LEU C 70 30.41 5.04 -27.19
N ASN C 71 31.17 3.96 -27.12
CA ASN C 71 32.41 3.80 -27.85
C ASN C 71 32.50 2.33 -28.26
N ASN C 72 33.70 1.90 -28.67
CA ASN C 72 33.87 0.53 -29.13
C ASN C 72 33.64 -0.49 -28.02
N ASN C 73 33.69 -0.06 -26.75
CA ASN C 73 33.63 -0.98 -25.63
C ASN C 73 32.33 -0.94 -24.84
N THR C 74 31.59 0.17 -24.87
CA THR C 74 30.49 0.40 -23.95
C THR C 74 29.17 0.55 -24.70
N ILE C 75 28.17 -0.21 -24.27
CA ILE C 75 26.81 -0.12 -24.80
C ILE C 75 25.96 0.68 -23.84
N LEU C 76 25.15 1.60 -24.39
CA LEU C 76 24.24 2.42 -23.61
C LEU C 76 22.82 1.91 -23.75
N PHE C 77 22.07 1.93 -22.65
CA PHE C 77 20.67 1.52 -22.68
C PHE C 77 19.88 2.32 -21.66
N SER C 78 18.59 2.47 -21.92
CA SER C 78 17.68 3.14 -21.01
C SER C 78 17.00 2.12 -20.11
N ALA C 79 16.81 2.49 -18.84
CA ALA C 79 16.19 1.61 -17.85
C ALA C 79 15.74 2.46 -16.67
N ASP C 80 15.12 1.80 -15.69
CA ASP C 80 14.59 2.46 -14.50
C ASP C 80 15.23 1.80 -13.27
N ARG C 81 16.40 2.28 -12.88
CA ARG C 81 17.09 1.79 -11.69
C ARG C 81 17.30 2.90 -10.67
N ASP C 82 16.34 3.84 -10.62
CA ASP C 82 16.42 5.00 -9.72
C ASP C 82 15.00 5.28 -9.23
N LYS C 83 14.68 4.78 -8.02
CA LYS C 83 13.33 4.89 -7.51
C LYS C 83 12.88 6.34 -7.36
N ASP C 84 13.82 7.26 -7.13
CA ASP C 84 13.48 8.67 -7.07
C ASP C 84 12.91 9.15 -8.39
N ILE C 85 13.57 8.82 -9.50
CA ILE C 85 13.05 9.17 -10.81
C ILE C 85 11.78 8.38 -11.12
N GLU C 86 11.75 7.11 -10.71
CA GLU C 86 10.59 6.26 -10.98
C GLU C 86 9.32 6.85 -10.38
N GLU C 87 9.42 7.42 -9.18
CA GLU C 87 8.26 8.05 -8.55
C GLU C 87 7.95 9.40 -9.17
N LYS C 88 8.98 10.16 -9.55
CA LYS C 88 8.75 11.48 -10.14
C LYS C 88 8.03 11.38 -11.48
N LYS C 89 8.24 10.31 -12.22
CA LYS C 89 7.54 10.14 -13.50
C LYS C 89 6.06 9.89 -13.30
N LYS C 90 5.71 9.16 -12.23
CA LYS C 90 4.29 8.92 -11.95
C LYS C 90 3.56 10.22 -11.61
N LEU C 91 4.28 11.20 -11.06
CA LEU C 91 3.66 12.48 -10.73
C LEU C 91 3.49 13.38 -11.95
N GLY C 92 4.24 13.14 -13.02
CA GLY C 92 4.09 13.94 -14.23
C GLY C 92 5.40 14.46 -14.77
N GLU C 93 6.51 14.10 -14.13
CA GLU C 93 7.83 14.50 -14.60
C GLU C 93 8.28 13.61 -15.74
N THR C 94 9.10 14.18 -16.62
CA THR C 94 9.61 13.49 -17.80
C THR C 94 11.09 13.23 -17.65
N TRP C 95 11.51 11.97 -17.81
CA TRP C 95 12.89 11.60 -17.62
C TRP C 95 13.21 10.35 -18.44
N THR C 96 14.50 10.19 -18.75
CA THR C 96 15.01 8.97 -19.35
C THR C 96 16.46 8.82 -18.90
N ILE C 97 16.75 7.71 -18.22
CA ILE C 97 18.06 7.45 -17.65
C ILE C 97 18.78 6.42 -18.51
N PHE C 98 19.97 6.76 -18.99
CA PHE C 98 20.79 5.87 -19.79
C PHE C 98 21.93 5.31 -18.94
N TYR C 99 22.17 4.00 -19.06
CA TYR C 99 23.20 3.32 -18.30
C TYR C 99 24.26 2.78 -19.24
N ALA C 100 25.48 2.67 -18.75
CA ALA C 100 26.63 2.26 -19.54
C ALA C 100 27.09 0.87 -19.10
N LEU C 101 27.23 -0.04 -20.08
CA LEU C 101 27.71 -1.39 -19.84
C LEU C 101 28.98 -1.62 -20.65
N ASP C 102 30.07 -1.92 -19.96
CA ASP C 102 31.38 -2.10 -20.58
C ASP C 102 31.68 -3.59 -20.72
N ILE C 103 31.93 -4.02 -21.95
CA ILE C 103 32.35 -5.40 -22.18
C ILE C 103 33.84 -5.57 -21.89
N LYS C 104 34.65 -4.59 -22.27
CA LYS C 104 36.10 -4.71 -22.17
C LYS C 104 36.55 -4.85 -20.72
N ASN C 105 36.30 -3.81 -19.91
CA ASN C 105 36.75 -3.83 -18.53
C ASN C 105 35.77 -4.56 -17.60
N GLY C 106 34.60 -4.93 -18.08
CA GLY C 106 33.70 -5.76 -17.31
C GLY C 106 32.90 -5.01 -16.26
N GLY C 107 32.21 -5.79 -15.44
CA GLY C 107 31.35 -5.25 -14.40
C GLY C 107 29.96 -4.93 -14.90
N GLU C 108 29.05 -4.74 -13.95
CA GLU C 108 27.66 -4.43 -14.28
C GLU C 108 27.55 -3.01 -14.81
N ALA C 109 26.34 -2.59 -15.12
CA ALA C 109 26.08 -1.30 -15.73
C ALA C 109 25.99 -0.19 -14.67
N TYR C 110 26.42 1.00 -15.07
CA TYR C 110 26.36 2.18 -14.21
C TYR C 110 25.63 3.30 -14.92
N GLU C 111 25.03 4.20 -14.14
CA GLU C 111 24.26 5.30 -14.71
C GLU C 111 25.18 6.26 -15.44
N TYR C 112 24.78 6.64 -16.67
CA TYR C 112 25.56 7.54 -17.50
C TYR C 112 24.95 8.93 -17.62
N MET C 113 23.66 9.02 -17.93
CA MET C 113 23.04 10.30 -18.24
C MET C 113 21.63 10.36 -17.69
N LYS C 114 21.18 11.60 -17.47
CA LYS C 114 19.79 11.92 -17.18
C LYS C 114 19.31 12.94 -18.20
N LEU C 115 18.19 12.64 -18.85
CA LEU C 115 17.59 13.55 -19.82
C LEU C 115 16.18 13.88 -19.38
N PRO C 116 15.83 15.15 -19.16
CA PRO C 116 14.51 15.48 -18.62
C PRO C 116 13.39 15.43 -19.64
N VAL C 117 13.43 14.45 -20.55
CA VAL C 117 12.38 14.22 -21.52
C VAL C 117 12.18 12.72 -21.69
N ASN C 118 11.04 12.35 -22.25
CA ASN C 118 10.74 10.95 -22.56
C ASN C 118 11.23 10.66 -23.98
N VAL C 119 12.35 9.96 -24.08
CA VAL C 119 13.09 9.81 -25.33
C VAL C 119 12.50 8.66 -26.13
N THR C 120 12.26 8.90 -27.43
CA THR C 120 11.76 7.89 -28.34
C THR C 120 12.83 7.31 -29.26
N GLU C 121 13.90 8.05 -29.52
CA GLU C 121 15.04 7.53 -30.26
C GLU C 121 16.25 8.42 -29.98
N ILE C 122 17.44 7.82 -29.99
CA ILE C 122 18.65 8.52 -29.60
C ILE C 122 19.80 8.08 -30.50
N LYS C 123 20.63 9.04 -30.89
CA LYS C 123 21.85 8.78 -31.64
C LYS C 123 22.99 9.57 -31.02
N ILE C 124 24.21 9.14 -31.30
CA ILE C 124 25.39 9.65 -30.62
C ILE C 124 26.31 10.33 -31.63
N ILE C 125 26.71 11.55 -31.33
CA ILE C 125 27.75 12.24 -32.09
C ILE C 125 29.12 12.00 -31.47
N ASP C 126 29.26 12.29 -30.18
CA ASP C 126 30.39 11.85 -29.39
C ASP C 126 29.89 11.50 -28.00
N GLU C 127 30.81 11.17 -27.10
CA GLU C 127 30.44 10.68 -25.78
C GLU C 127 29.74 11.72 -24.92
N ASN C 128 29.70 12.99 -25.34
CA ASN C 128 29.06 14.04 -24.56
C ASN C 128 28.04 14.84 -25.36
N ASN C 129 27.67 14.39 -26.55
CA ASN C 129 26.69 15.09 -27.38
C ASN C 129 25.82 14.07 -28.10
N PHE C 130 24.50 14.23 -28.00
CA PHE C 130 23.55 13.29 -28.56
C PHE C 130 22.44 14.06 -29.28
N ILE C 131 21.88 13.43 -30.32
CA ILE C 131 20.71 13.95 -31.03
C ILE C 131 19.57 12.98 -30.81
N LEU C 132 18.46 13.48 -30.25
CA LEU C 132 17.35 12.63 -29.84
C LEU C 132 16.03 13.15 -30.38
N THR C 133 15.11 12.23 -30.61
CA THR C 133 13.70 12.55 -30.75
C THR C 133 12.98 12.09 -29.49
N ALA C 134 12.02 12.90 -29.03
CA ALA C 134 11.44 12.67 -27.72
C ALA C 134 10.00 13.20 -27.70
N ASP C 135 9.29 12.83 -26.63
CA ASP C 135 7.90 13.22 -26.46
C ASP C 135 7.82 14.65 -25.95
N PHE C 136 7.02 15.47 -26.63
CA PHE C 136 6.84 16.87 -26.25
C PHE C 136 5.37 17.22 -26.35
N ASP C 137 4.82 17.82 -25.29
CA ASP C 137 3.42 18.20 -25.23
C ASP C 137 3.32 19.73 -25.19
N ASN C 138 2.49 20.28 -26.08
CA ASN C 138 2.28 21.73 -26.07
C ASN C 138 1.47 22.17 -24.85
N ASN C 139 0.56 21.32 -24.38
CA ASN C 139 -0.23 21.60 -23.19
C ASN C 139 0.37 20.95 -21.96
N SER C 140 1.68 21.11 -21.78
CA SER C 140 2.42 20.45 -20.71
C SER C 140 2.63 21.42 -19.55
N LEU C 141 2.33 20.96 -18.35
CA LEU C 141 2.78 21.62 -17.12
C LEU C 141 4.17 21.10 -16.83
N ASN C 142 5.19 21.87 -17.21
CA ASN C 142 6.57 21.45 -17.01
C ASN C 142 6.85 21.21 -15.54
N LEU C 143 6.52 20.00 -15.07
CA LEU C 143 6.61 19.69 -13.64
C LEU C 143 8.05 19.63 -13.16
N ASN C 144 9.00 19.34 -14.06
CA ASN C 144 10.40 19.22 -13.65
C ASN C 144 10.93 20.52 -13.08
N ASP C 145 10.43 21.66 -13.55
CA ASP C 145 10.93 22.96 -13.14
C ASP C 145 10.10 23.60 -12.02
N LEU C 146 8.93 23.04 -11.69
CA LEU C 146 8.07 23.63 -10.69
C LEU C 146 8.61 23.37 -9.29
N LYS C 147 8.66 24.44 -8.48
CA LYS C 147 9.34 24.36 -7.19
C LYS C 147 8.44 23.78 -6.11
N GLY C 148 7.49 24.57 -5.62
CA GLY C 148 6.62 24.17 -4.52
C GLY C 148 5.64 25.26 -4.18
N GLY C 149 4.40 24.88 -3.88
CA GLY C 149 3.30 25.82 -3.78
C GLY C 149 2.59 26.03 -5.10
N GLU C 150 3.31 25.94 -6.21
CA GLU C 150 2.73 25.74 -7.52
C GLU C 150 2.99 24.35 -8.06
N ARG C 151 3.97 23.63 -7.50
CA ARG C 151 4.13 22.21 -7.79
C ARG C 151 2.99 21.40 -7.18
N GLU C 152 2.50 21.84 -6.02
CA GLU C 152 1.30 21.24 -5.43
C GLU C 152 0.18 21.11 -6.45
N LYS C 153 -0.25 22.24 -6.99
CA LYS C 153 -1.47 22.32 -7.77
C LYS C 153 -1.30 21.82 -9.21
N ALA C 154 -0.06 21.70 -9.69
CA ALA C 154 0.14 21.07 -10.99
C ALA C 154 0.06 19.56 -10.89
N ILE C 155 0.60 18.98 -9.81
CA ILE C 155 0.43 17.55 -9.57
C ILE C 155 -1.05 17.20 -9.49
N LYS C 156 -1.83 18.04 -8.83
CA LYS C 156 -3.27 17.80 -8.73
C LYS C 156 -3.95 18.02 -10.07
N GLN C 157 -3.53 19.04 -10.83
CA GLN C 157 -4.13 19.28 -12.13
C GLN C 157 -3.77 18.19 -13.11
N ILE C 158 -2.55 17.66 -13.03
CA ILE C 158 -2.15 16.55 -13.90
C ILE C 158 -2.97 15.31 -13.58
N GLU C 159 -3.17 15.03 -12.29
CA GLU C 159 -3.97 13.88 -11.89
C GLU C 159 -5.41 14.02 -12.36
N GLU C 160 -5.97 15.23 -12.27
CA GLU C 160 -7.34 15.45 -12.72
C GLU C 160 -7.45 15.33 -14.23
N ASN C 161 -6.49 15.89 -14.96
CA ASN C 161 -6.56 15.92 -16.42
C ASN C 161 -6.51 14.53 -17.04
N LYS C 162 -6.18 13.49 -16.26
CA LYS C 162 -6.26 12.13 -16.78
C LYS C 162 -7.68 11.74 -17.16
N ASP C 163 -8.68 12.40 -16.57
CA ASP C 163 -10.08 12.11 -16.85
C ASP C 163 -10.58 12.70 -18.16
N TYR C 164 -9.73 13.44 -18.89
CA TYR C 164 -10.18 14.20 -20.04
C TYR C 164 -9.29 13.97 -21.24
N GLU C 165 -9.86 14.15 -22.43
CA GLU C 165 -9.12 14.19 -23.68
C GLU C 165 -9.68 15.33 -24.52
N VAL C 166 -8.82 16.29 -24.86
CA VAL C 166 -9.20 17.42 -25.69
C VAL C 166 -8.67 17.19 -27.10
N LEU C 167 -9.55 17.29 -28.09
CA LEU C 167 -9.18 17.10 -29.49
C LEU C 167 -9.44 18.40 -30.26
N ASP C 168 -8.40 18.91 -30.92
CA ASP C 168 -8.57 20.05 -31.82
C ASP C 168 -7.73 19.93 -33.08
N GLU C 169 -7.07 18.80 -33.30
CA GLU C 169 -6.43 18.46 -34.57
C GLU C 169 -7.22 17.33 -35.22
N ILE C 170 -6.94 17.10 -36.50
CA ILE C 170 -7.69 16.06 -37.23
C ILE C 170 -7.01 14.69 -37.09
N PRO C 171 -5.68 14.59 -36.83
CA PRO C 171 -5.17 13.32 -36.31
C PRO C 171 -4.90 13.42 -34.82
N PHE C 172 -5.89 13.08 -34.00
CA PHE C 172 -5.79 13.27 -32.56
C PHE C 172 -5.27 12.05 -31.82
N TRP C 173 -5.33 10.87 -32.41
CA TRP C 173 -4.68 9.70 -31.82
C TRP C 173 -3.96 8.92 -32.91
N SER C 174 -3.08 8.02 -32.47
CA SER C 174 -2.26 7.21 -33.37
C SER C 174 -2.10 5.83 -32.74
N ASN C 175 -2.20 4.81 -33.59
CA ASN C 175 -2.18 3.43 -33.08
C ASN C 175 -0.85 3.13 -32.40
N GLY C 176 -0.92 2.51 -31.23
CA GLY C 176 0.26 2.18 -30.45
C GLY C 176 0.78 3.30 -29.58
N ASN C 177 0.22 4.50 -29.67
CA ASN C 177 0.71 5.64 -28.90
C ASN C 177 -0.41 6.43 -28.24
N GLY C 178 -1.65 5.94 -28.28
CA GLY C 178 -2.73 6.62 -27.57
C GLY C 178 -3.10 7.96 -28.19
N PHE C 179 -3.55 8.87 -27.33
CA PHE C 179 -3.97 10.19 -27.77
C PHE C 179 -2.77 11.09 -28.00
N ARG C 180 -2.80 11.84 -29.11
CA ARG C 180 -1.66 12.64 -29.54
C ARG C 180 -2.00 14.10 -29.79
N ASN C 181 -3.20 14.55 -29.41
CA ASN C 181 -3.61 15.92 -29.73
C ASN C 181 -2.69 16.93 -29.06
N LYS C 182 -2.09 17.80 -29.88
CA LYS C 182 -1.14 18.83 -29.46
C LYS C 182 0.13 18.24 -28.84
N LYS C 183 0.31 16.92 -28.92
CA LYS C 183 1.58 16.29 -28.58
C LYS C 183 2.34 15.98 -29.86
N ARG C 184 3.66 16.09 -29.81
CA ARG C 184 4.48 15.92 -31.01
C ARG C 184 5.69 15.06 -30.67
N ASN C 185 6.44 14.71 -31.73
CA ASN C 185 7.71 14.00 -31.62
C ASN C 185 8.81 15.00 -31.97
N ARG C 186 9.43 15.57 -30.94
CA ARG C 186 10.35 16.68 -31.09
C ARG C 186 11.80 16.21 -31.12
N LEU C 187 12.62 16.95 -31.86
CA LEU C 187 14.04 16.65 -32.00
C LEU C 187 14.87 17.62 -31.15
N TYR C 188 15.81 17.08 -30.38
CA TYR C 188 16.66 17.87 -29.52
C TYR C 188 18.12 17.52 -29.76
N HIS C 189 19.00 18.38 -29.25
CA HIS C 189 20.41 18.08 -29.07
C HIS C 189 20.74 18.18 -27.60
N PHE C 190 21.43 17.18 -27.06
CA PHE C 190 21.77 17.14 -25.64
C PHE C 190 23.28 17.16 -25.50
N ASP C 191 23.79 18.17 -24.79
CA ASP C 191 25.20 18.28 -24.45
C ASP C 191 25.38 17.86 -22.99
N LYS C 192 26.06 16.73 -22.77
CA LYS C 192 26.22 16.22 -21.41
C LYS C 192 27.16 17.10 -20.59
N SER C 193 28.12 17.76 -21.24
CA SER C 193 29.13 18.53 -20.52
C SER C 193 28.49 19.67 -19.73
N ASN C 194 27.46 20.30 -20.29
CA ASN C 194 26.79 21.41 -19.62
C ASN C 194 25.32 21.13 -19.32
N ASN C 195 24.81 19.95 -19.70
CA ASN C 195 23.44 19.54 -19.40
C ASN C 195 22.40 20.45 -20.04
N LYS C 196 22.71 21.01 -21.22
CA LYS C 196 21.75 21.81 -21.95
C LYS C 196 21.04 20.95 -22.99
N LEU C 197 19.74 21.21 -23.15
CA LEU C 197 18.90 20.48 -24.11
C LEU C 197 18.35 21.48 -25.11
N THR C 198 18.84 21.43 -26.34
CA THR C 198 18.51 22.43 -27.36
C THR C 198 17.44 21.89 -28.28
N PRO C 199 16.27 22.52 -28.37
CA PRO C 199 15.25 22.06 -29.31
C PRO C 199 15.64 22.40 -30.74
N ILE C 200 15.38 21.45 -31.65
CA ILE C 200 15.74 21.60 -33.06
C ILE C 200 14.51 21.82 -33.93
N SER C 201 13.57 20.87 -33.91
CA SER C 201 12.29 21.09 -34.58
C SER C 201 11.40 21.95 -33.71
N ASP C 202 10.47 22.66 -34.36
CA ASP C 202 9.61 23.59 -33.63
C ASP C 202 8.52 22.81 -32.89
N GLU C 203 7.56 23.53 -32.30
CA GLU C 203 6.63 22.94 -31.35
C GLU C 203 5.49 22.18 -31.99
N TYR C 204 5.29 22.28 -33.31
CA TYR C 204 4.17 21.62 -33.98
C TYR C 204 4.64 20.68 -35.08
N THR C 205 5.88 20.21 -35.02
CA THR C 205 6.45 19.34 -36.04
C THR C 205 6.63 17.93 -35.49
N ASN C 206 6.06 16.96 -36.18
CA ASN C 206 6.34 15.55 -35.92
C ASN C 206 7.55 15.15 -36.75
N VAL C 207 8.61 14.73 -36.09
CA VAL C 207 9.82 14.27 -36.77
C VAL C 207 9.68 12.78 -37.04
N GLU C 208 9.63 12.40 -38.32
CA GLU C 208 9.37 11.01 -38.70
C GLU C 208 10.64 10.19 -38.86
N SER C 209 11.79 10.83 -39.06
CA SER C 209 13.09 10.16 -39.09
C SER C 209 14.18 11.21 -39.08
N PHE C 210 15.34 10.85 -38.55
CA PHE C 210 16.47 11.75 -38.50
C PHE C 210 17.77 10.96 -38.59
N ASN C 211 18.82 11.61 -39.09
CA ASN C 211 20.13 11.01 -39.23
C ASN C 211 21.19 12.08 -38.98
N ILE C 212 22.41 11.62 -38.71
CA ILE C 212 23.51 12.50 -38.34
C ILE C 212 24.75 12.12 -39.12
N LYS C 213 25.54 13.14 -39.49
CA LYS C 213 26.82 12.94 -40.17
C LYS C 213 27.97 13.31 -39.24
N GLU C 214 28.34 14.59 -39.23
CA GLU C 214 29.38 15.11 -38.33
C GLU C 214 28.88 16.46 -37.83
N ASN C 215 28.37 16.49 -36.60
CA ASN C 215 27.75 17.67 -36.00
C ASN C 215 26.59 18.22 -36.84
N LYS C 216 26.21 17.50 -37.89
CA LYS C 216 25.16 17.90 -38.82
C LYS C 216 24.02 16.90 -38.74
N VAL C 217 22.79 17.41 -38.75
CA VAL C 217 21.59 16.60 -38.59
C VAL C 217 20.70 16.80 -39.80
N ILE C 218 20.11 15.71 -40.28
CA ILE C 218 19.05 15.75 -41.29
C ILE C 218 17.83 15.04 -40.72
N PHE C 219 16.66 15.63 -40.92
CA PHE C 219 15.45 15.06 -40.35
C PHE C 219 14.24 15.45 -41.20
N VAL C 220 13.21 14.61 -41.09
CA VAL C 220 11.97 14.78 -41.84
C VAL C 220 10.91 15.32 -40.89
N GLY C 221 10.13 16.28 -41.36
CA GLY C 221 9.17 16.96 -40.52
C GLY C 221 7.77 16.94 -41.07
N ARG C 222 6.79 16.82 -40.18
CA ARG C 222 5.38 16.93 -40.49
C ARG C 222 4.80 17.99 -39.57
N THR C 223 4.56 19.19 -40.10
CA THR C 223 4.18 20.35 -39.29
C THR C 223 2.75 20.73 -39.59
N TYR C 224 1.88 20.61 -38.58
CA TYR C 224 0.49 21.01 -38.70
C TYR C 224 0.02 21.55 -37.35
N LYS C 225 -1.04 22.36 -37.41
CA LYS C 225 -1.64 22.92 -36.21
C LYS C 225 -3.13 22.59 -36.07
N ASP C 226 -3.80 22.26 -37.16
CA ASP C 226 -5.20 21.82 -37.15
C ASP C 226 -5.42 20.57 -37.99
N LYS C 227 -4.71 20.44 -39.11
CA LYS C 227 -4.94 19.33 -40.02
C LYS C 227 -3.60 18.90 -40.63
N GLN C 228 -3.22 17.65 -40.40
CA GLN C 228 -1.98 17.13 -40.95
C GLN C 228 -2.12 16.89 -42.45
N ALA C 229 -1.09 17.25 -43.20
CA ALA C 229 -1.10 17.12 -44.65
C ALA C 229 -0.47 15.79 -45.06
N LEU C 230 -0.43 15.56 -46.38
CA LEU C 230 0.16 14.35 -46.93
C LEU C 230 1.63 14.52 -47.27
N THR C 231 2.12 15.75 -47.37
CA THR C 231 3.51 16.03 -47.70
C THR C 231 4.31 16.25 -46.43
N ALA C 232 5.64 16.14 -46.57
CA ALA C 232 6.57 16.33 -45.47
C ALA C 232 7.72 17.22 -45.93
N GLY C 233 8.41 17.80 -44.96
CA GLY C 233 9.51 18.73 -45.22
C GLY C 233 10.84 18.14 -44.77
N LEU C 234 11.87 18.40 -45.56
CA LEU C 234 13.22 17.93 -45.29
C LEU C 234 14.06 19.10 -44.81
N TYR C 235 14.55 19.02 -43.58
CA TYR C 235 15.34 20.08 -42.97
C TYR C 235 16.69 19.54 -42.51
N THR C 236 17.65 20.44 -42.40
CA THR C 236 18.98 20.12 -41.89
C THR C 236 19.32 21.09 -40.76
N TYR C 237 20.23 20.65 -39.88
CA TYR C 237 20.59 21.44 -38.73
C TYR C 237 22.05 21.19 -38.37
N ASP C 238 22.78 22.27 -38.10
CA ASP C 238 24.17 22.21 -37.67
C ASP C 238 24.22 22.56 -36.19
N VAL C 239 24.78 21.65 -35.38
CA VAL C 239 24.74 21.83 -33.93
C VAL C 239 25.68 22.92 -33.45
N LYS C 240 26.70 23.27 -34.23
CA LYS C 240 27.67 24.28 -33.80
C LYS C 240 27.29 25.68 -34.22
N SER C 241 26.59 25.84 -35.35
CA SER C 241 26.11 27.15 -35.78
C SER C 241 24.66 27.39 -35.42
N ASN C 242 23.94 26.35 -34.95
CA ASN C 242 22.51 26.45 -34.63
C ASN C 242 21.71 26.98 -35.82
N LYS C 243 22.09 26.55 -37.01
CA LYS C 243 21.46 27.01 -38.25
C LYS C 243 20.54 25.92 -38.78
N LEU C 244 19.27 26.28 -38.98
CA LEU C 244 18.28 25.39 -39.57
C LEU C 244 18.03 25.82 -41.01
N GLU C 245 18.20 24.88 -41.94
CA GLU C 245 18.06 25.17 -43.37
C GLU C 245 16.91 24.33 -43.93
N ILE C 246 15.94 25.01 -44.53
CA ILE C 246 14.83 24.34 -45.20
C ILE C 246 15.32 23.92 -46.58
N ILE C 247 15.69 22.65 -46.73
CA ILE C 247 16.18 22.19 -48.02
C ILE C 247 15.05 21.73 -48.93
N ILE C 248 13.93 21.27 -48.37
CA ILE C 248 12.72 20.95 -49.13
C ILE C 248 11.54 21.41 -48.31
N SER C 249 10.69 22.25 -48.91
CA SER C 249 9.48 22.68 -48.22
C SER C 249 8.53 21.50 -48.05
N ASP C 250 7.62 21.62 -47.08
CA ASP C 250 6.77 20.52 -46.66
C ASP C 250 5.43 20.48 -47.39
N ASN C 251 5.34 21.07 -48.58
CA ASN C 251 4.11 21.06 -49.35
C ASN C 251 4.28 20.42 -50.73
N LEU C 252 5.43 19.80 -51.00
CA LEU C 252 5.74 19.27 -52.32
C LEU C 252 5.55 17.75 -52.40
N TYR C 253 6.23 17.00 -51.54
CA TYR C 253 6.25 15.54 -51.66
C TYR C 253 6.08 14.89 -50.29
N ASP C 254 5.67 13.62 -50.33
CA ASP C 254 5.81 12.72 -49.21
C ASP C 254 7.12 11.97 -49.35
N ILE C 255 7.87 11.87 -48.25
CA ILE C 255 9.20 11.28 -48.27
C ILE C 255 9.32 10.26 -47.15
N SER C 256 10.18 9.27 -47.37
CA SER C 256 10.34 8.15 -46.44
C SER C 256 11.73 8.03 -45.86
N TYR C 257 12.78 8.20 -46.66
CA TYR C 257 14.14 8.11 -46.16
C TYR C 257 14.95 9.34 -46.57
N ALA C 258 15.82 9.79 -45.68
CA ALA C 258 16.68 10.95 -45.92
C ALA C 258 17.93 10.83 -45.06
N ASN C 259 19.10 10.97 -45.69
CA ASN C 259 20.36 10.86 -44.97
C ASN C 259 21.46 11.48 -45.80
N PHE C 260 22.59 11.76 -45.15
CA PHE C 260 23.76 12.26 -45.83
C PHE C 260 24.50 11.12 -46.52
N ILE C 261 24.83 11.32 -47.79
CA ILE C 261 25.71 10.40 -48.52
C ILE C 261 26.85 11.22 -49.08
N GLU C 262 28.09 10.87 -48.71
CA GLU C 262 29.27 11.63 -49.08
C GLU C 262 29.11 13.10 -48.76
N ASP C 263 29.06 13.94 -49.81
CA ASP C 263 28.96 15.38 -49.66
C ASP C 263 27.54 15.91 -49.89
N LYS C 264 26.61 15.06 -50.29
CA LYS C 264 25.25 15.52 -50.60
C LYS C 264 24.23 14.78 -49.75
N ILE C 265 23.02 14.61 -50.29
CA ILE C 265 21.92 13.98 -49.57
C ILE C 265 21.23 12.99 -50.49
N ILE C 266 21.09 11.75 -50.05
CA ILE C 266 20.32 10.73 -50.75
C ILE C 266 18.94 10.65 -50.10
N CYS C 267 17.91 10.43 -50.91
CA CYS C 267 16.55 10.62 -50.44
C CYS C 267 15.57 9.87 -51.33
N ALA C 268 14.49 9.39 -50.72
CA ALA C 268 13.41 8.69 -51.42
C ALA C 268 12.12 9.47 -51.21
N LEU C 269 11.56 9.98 -52.30
CA LEU C 269 10.37 10.83 -52.23
C LEU C 269 9.29 10.30 -53.17
N SER C 270 8.18 11.04 -53.24
CA SER C 270 7.11 10.80 -54.20
C SER C 270 6.16 11.98 -54.16
N ASP C 271 5.76 12.46 -55.33
CA ASP C 271 4.74 13.48 -55.45
C ASP C 271 3.33 12.90 -55.43
N MET C 272 3.20 11.58 -55.43
CA MET C 272 1.92 10.89 -55.25
C MET C 272 0.91 11.28 -56.30
N LYS C 273 1.36 11.52 -57.53
CA LYS C 273 0.45 11.98 -58.58
C LYS C 273 -0.09 10.85 -59.44
N GLU C 274 0.65 9.75 -59.59
CA GLU C 274 0.16 8.61 -60.36
C GLU C 274 -0.46 7.53 -59.49
N TYR C 275 0.28 7.05 -58.48
CA TYR C 275 -0.17 5.92 -57.67
C TYR C 275 -0.52 6.32 -56.24
N GLY C 276 -0.62 7.62 -55.95
CA GLY C 276 -1.25 8.04 -54.71
C GLY C 276 -0.37 7.89 -53.48
N ILE C 277 -1.04 7.76 -52.33
CA ILE C 277 -0.37 7.75 -51.03
C ILE C 277 0.67 6.63 -50.96
N ASN C 278 0.32 5.44 -51.44
CA ASN C 278 1.18 4.28 -51.34
C ASN C 278 2.06 4.08 -52.57
N GLU C 279 2.32 5.15 -53.33
CA GLU C 279 3.20 5.03 -54.48
C GLU C 279 4.63 4.76 -54.02
N ASN C 280 5.27 3.78 -54.67
CA ASN C 280 6.65 3.46 -54.33
C ASN C 280 7.54 4.68 -54.56
N HIS C 281 8.54 4.84 -53.69
CA HIS C 281 9.36 6.04 -53.67
C HIS C 281 10.60 5.85 -54.54
N LYS C 282 10.77 6.72 -55.53
CA LYS C 282 12.02 6.80 -56.25
C LYS C 282 13.09 7.43 -55.37
N ILE C 283 14.34 7.02 -55.60
CA ILE C 283 15.48 7.54 -54.83
C ILE C 283 16.11 8.66 -55.64
N TYR C 284 16.23 9.83 -55.02
CA TYR C 284 16.80 11.02 -55.64
C TYR C 284 18.10 11.40 -54.94
N LEU C 285 18.76 12.43 -55.47
CA LEU C 285 20.00 12.95 -54.89
C LEU C 285 19.92 14.47 -54.88
N ILE C 286 19.98 15.05 -53.69
CA ILE C 286 19.88 16.50 -53.52
C ILE C 286 21.30 17.07 -53.43
N ASP C 287 21.63 17.97 -54.35
CA ASP C 287 23.00 18.50 -54.42
C ASP C 287 23.12 19.74 -53.53
N SER C 288 24.15 20.55 -53.78
CA SER C 288 24.44 21.68 -52.90
C SER C 288 23.42 22.81 -53.08
N ASN C 289 22.99 23.06 -54.32
CA ASN C 289 22.00 24.09 -54.60
C ASN C 289 20.57 23.62 -54.35
N LYS C 290 20.41 22.52 -53.60
CA LYS C 290 19.11 21.97 -53.25
C LYS C 290 18.30 21.58 -54.49
N ASN C 291 19.00 21.14 -55.54
CA ASN C 291 18.35 20.63 -56.74
C ASN C 291 18.14 19.13 -56.59
N ILE C 292 16.93 18.68 -56.86
CA ILE C 292 16.55 17.27 -56.70
C ILE C 292 16.82 16.56 -58.03
N ASN C 293 17.81 15.67 -58.04
CA ASN C 293 18.20 14.94 -59.24
C ASN C 293 17.93 13.45 -59.04
N LEU C 294 17.20 12.87 -59.98
CA LEU C 294 16.86 11.46 -59.95
C LEU C 294 18.12 10.61 -59.89
N LEU C 295 18.07 9.53 -59.12
CA LEU C 295 19.18 8.58 -59.00
C LEU C 295 18.79 7.15 -59.32
N TYR C 296 17.55 6.73 -59.04
CA TYR C 296 17.13 5.36 -59.31
C TYR C 296 15.62 5.31 -59.32
N GLU C 297 15.05 4.82 -60.41
CA GLU C 297 13.60 4.63 -60.52
C GLU C 297 13.25 3.32 -59.84
N ASN C 298 12.82 3.41 -58.58
CA ASN C 298 12.52 2.25 -57.76
C ASN C 298 11.03 1.96 -57.75
N ASP C 299 10.68 0.68 -57.84
CA ASP C 299 9.29 0.23 -57.86
C ASP C 299 9.02 -0.76 -56.74
N THR C 300 9.55 -0.49 -55.54
CA THR C 300 9.27 -1.29 -54.37
C THR C 300 9.02 -0.37 -53.19
N TRP C 301 8.22 -0.85 -52.24
CA TRP C 301 8.21 -0.24 -50.91
C TRP C 301 9.51 -0.59 -50.21
N LEU C 302 10.16 0.42 -49.63
CA LEU C 302 11.51 0.26 -49.07
C LEU C 302 11.44 -0.33 -47.66
N ALA C 303 10.88 -1.54 -47.57
CA ALA C 303 10.68 -2.18 -46.27
C ALA C 303 10.46 -3.67 -46.47
N CYS C 304 10.61 -4.41 -45.38
CA CYS C 304 10.22 -5.82 -45.35
C CYS C 304 8.72 -5.91 -45.07
N THR C 305 7.98 -6.47 -46.02
CA THR C 305 6.54 -6.62 -45.89
C THR C 305 6.11 -8.08 -45.75
N VAL C 306 7.06 -9.01 -45.72
CA VAL C 306 6.72 -10.41 -45.45
C VAL C 306 6.20 -10.53 -44.03
N GLY C 307 4.92 -10.90 -43.90
CA GLY C 307 4.28 -10.87 -42.61
C GLY C 307 4.60 -12.08 -41.74
N SER C 308 4.43 -11.89 -40.44
CA SER C 308 4.65 -12.91 -39.44
C SER C 308 4.20 -12.38 -38.09
N ASP C 309 3.84 -13.30 -37.19
CA ASP C 309 3.52 -12.96 -35.81
C ASP C 309 4.63 -13.39 -34.85
N CYS C 310 5.83 -13.63 -35.37
CA CYS C 310 6.96 -14.12 -34.59
C CYS C 310 8.11 -13.14 -34.62
N ARG C 311 7.81 -11.85 -34.62
CA ARG C 311 8.79 -10.80 -34.49
C ARG C 311 8.45 -9.94 -33.28
N LEU C 312 9.48 -9.35 -32.68
CA LEU C 312 9.29 -8.39 -31.59
C LEU C 312 10.41 -7.38 -31.65
N GLY C 313 10.06 -6.10 -31.78
CA GLY C 313 11.04 -5.08 -32.04
C GLY C 313 11.50 -5.12 -33.48
N GLY C 314 12.48 -4.29 -33.79
CA GLY C 314 13.00 -4.23 -35.14
C GLY C 314 14.43 -3.73 -35.19
N GLY C 315 14.87 -3.32 -36.36
CA GLY C 315 16.21 -2.81 -36.53
C GLY C 315 16.27 -1.90 -37.74
N LYS C 316 17.44 -1.84 -38.36
CA LYS C 316 17.69 -0.93 -39.47
C LYS C 316 17.35 -1.59 -40.80
N SER C 317 16.57 -0.89 -41.61
CA SER C 317 16.31 -1.29 -42.99
C SER C 317 17.03 -0.40 -44.00
N PHE C 318 17.78 0.58 -43.53
CA PHE C 318 18.58 1.45 -44.38
C PHE C 318 19.96 1.62 -43.76
N LYS C 319 20.98 1.62 -44.61
CA LYS C 319 22.35 1.86 -44.17
C LYS C 319 23.11 2.51 -45.31
N VAL C 320 23.68 3.69 -45.05
CA VAL C 320 24.52 4.38 -46.02
C VAL C 320 25.95 4.33 -45.51
N ILE C 321 26.83 3.68 -46.26
CA ILE C 321 28.24 3.55 -45.92
C ILE C 321 29.06 3.99 -47.12
N GLY C 322 29.94 4.96 -46.93
CA GLY C 322 30.75 5.48 -48.01
C GLY C 322 29.91 6.12 -49.10
N ASN C 323 29.84 5.47 -50.25
CA ASN C 323 29.08 5.98 -51.40
C ASN C 323 27.87 5.13 -51.73
N LYS C 324 27.68 4.00 -51.05
CA LYS C 324 26.58 3.10 -51.33
C LYS C 324 25.48 3.26 -50.29
N LEU C 325 24.23 3.15 -50.74
CA LEU C 325 23.06 3.13 -49.85
C LEU C 325 22.46 1.74 -49.90
N TYR C 326 22.50 1.03 -48.78
CA TYR C 326 21.91 -0.30 -48.67
C TYR C 326 20.46 -0.16 -48.21
N PHE C 327 19.59 -1.00 -48.77
CA PHE C 327 18.16 -0.90 -48.50
C PHE C 327 17.50 -2.25 -48.74
N LEU C 328 16.22 -2.33 -48.35
CA LEU C 328 15.45 -3.56 -48.44
C LEU C 328 14.28 -3.39 -49.40
N SER C 329 13.81 -4.51 -49.92
CA SER C 329 12.70 -4.50 -50.88
C SER C 329 12.09 -5.89 -50.95
N THR C 330 10.78 -5.97 -50.75
CA THR C 330 10.04 -7.22 -50.91
C THR C 330 9.74 -7.42 -52.39
N ILE C 331 10.24 -8.51 -52.96
CA ILE C 331 10.28 -8.68 -54.41
C ILE C 331 9.25 -9.69 -54.91
N ALA C 332 8.92 -10.72 -54.14
CA ALA C 332 7.86 -11.64 -54.55
C ALA C 332 7.14 -12.16 -53.31
N ASP C 333 7.73 -13.14 -52.65
CA ASP C 333 7.36 -13.51 -51.29
C ASP C 333 8.54 -13.39 -50.34
N SER C 334 9.62 -12.73 -50.78
CA SER C 334 10.89 -12.69 -50.07
C SER C 334 11.34 -11.24 -49.94
N VAL C 335 12.42 -11.05 -49.19
CA VAL C 335 13.04 -9.75 -49.00
C VAL C 335 14.40 -9.75 -49.67
N HIS C 336 14.69 -8.68 -50.42
CA HIS C 336 15.98 -8.52 -51.08
C HIS C 336 16.79 -7.46 -50.36
N LEU C 337 18.10 -7.68 -50.31
CA LEU C 337 19.05 -6.71 -49.77
C LEU C 337 19.90 -6.19 -50.92
N SER C 338 19.77 -4.90 -51.22
CA SER C 338 20.40 -4.30 -52.38
C SER C 338 21.19 -3.06 -51.97
N SER C 339 22.03 -2.60 -52.88
CA SER C 339 22.84 -1.40 -52.67
C SER C 339 22.77 -0.52 -53.91
N LEU C 340 23.00 0.78 -53.71
CA LEU C 340 22.96 1.75 -54.78
C LEU C 340 24.00 2.82 -54.50
N ASP C 341 24.93 3.00 -55.43
CA ASP C 341 25.96 4.02 -55.27
C ASP C 341 25.50 5.35 -55.88
N THR C 342 26.27 6.40 -55.60
CA THR C 342 25.94 7.72 -56.12
C THR C 342 26.06 7.80 -57.64
N ASN C 343 26.85 6.92 -58.25
CA ASN C 343 26.89 6.85 -59.71
C ASN C 343 25.58 6.36 -60.28
N GLY C 344 24.85 5.54 -59.52
CA GLY C 344 23.55 5.06 -59.92
C GLY C 344 23.45 3.58 -60.23
N LYS C 345 24.42 2.77 -59.83
CA LYS C 345 24.39 1.34 -60.10
C LYS C 345 23.72 0.59 -58.96
N VAL C 346 22.70 -0.18 -59.29
CA VAL C 346 22.00 -1.01 -58.32
C VAL C 346 22.60 -2.40 -58.33
N GLU C 347 22.76 -2.98 -57.14
CA GLU C 347 23.45 -4.26 -56.99
C GLU C 347 22.72 -5.10 -55.96
N ILE C 348 22.18 -6.24 -56.38
CA ILE C 348 21.52 -7.17 -55.47
C ILE C 348 22.59 -7.92 -54.69
N LEU C 349 22.55 -7.80 -53.37
CA LEU C 349 23.50 -8.51 -52.50
C LEU C 349 22.90 -9.76 -51.87
N SER C 350 21.57 -9.89 -51.84
CA SER C 350 20.92 -11.05 -51.25
C SER C 350 19.56 -11.21 -51.90
N SER C 351 19.39 -12.31 -52.65
CA SER C 351 18.10 -12.62 -53.26
C SER C 351 17.64 -13.99 -52.78
N GLU C 352 17.58 -14.19 -51.47
CA GLU C 352 17.17 -15.46 -50.90
C GLU C 352 15.67 -15.45 -50.63
N ASN C 353 15.16 -16.61 -50.19
CA ASN C 353 13.72 -16.85 -50.11
C ASN C 353 13.07 -16.34 -48.83
N GLY C 354 13.79 -16.37 -47.71
CA GLY C 354 13.19 -15.98 -46.45
C GLY C 354 13.03 -14.47 -46.35
N SER C 355 12.79 -14.03 -45.12
CA SER C 355 12.68 -12.62 -44.80
C SER C 355 14.04 -12.07 -44.36
N ILE C 356 14.26 -10.80 -44.67
CA ILE C 356 15.36 -10.03 -44.09
C ILE C 356 14.71 -8.95 -43.24
N ASP C 357 14.66 -9.18 -41.93
CA ASP C 357 13.90 -8.29 -41.06
C ASP C 357 14.65 -6.99 -40.79
N PHE C 358 15.97 -7.06 -40.58
CA PHE C 358 16.80 -5.88 -40.39
C PHE C 358 18.26 -6.31 -40.44
N PHE C 359 19.13 -5.35 -40.69
CA PHE C 359 20.54 -5.64 -40.92
C PHE C 359 21.39 -4.49 -40.41
N ASP C 360 22.71 -4.70 -40.47
CA ASP C 360 23.69 -3.65 -40.23
C ASP C 360 24.99 -4.04 -40.92
N ILE C 361 25.77 -3.02 -41.28
CA ILE C 361 27.01 -3.21 -42.04
C ILE C 361 28.11 -2.38 -41.39
N ALA C 362 29.33 -2.92 -41.44
CA ALA C 362 30.48 -2.27 -40.81
C ALA C 362 31.55 -1.91 -41.82
N ASN C 363 32.21 -2.91 -42.46
CA ASN C 363 33.28 -2.67 -43.42
C ASN C 363 33.08 -3.63 -44.59
N ASN C 364 32.00 -3.42 -45.34
CA ASN C 364 31.54 -4.30 -46.40
C ASN C 364 31.19 -5.69 -45.88
N GLU C 365 30.94 -5.77 -44.59
CA GLU C 365 30.60 -7.01 -43.90
C GLU C 365 29.15 -6.84 -43.45
N ILE C 366 28.28 -7.73 -43.92
CA ILE C 366 26.84 -7.52 -43.85
C ILE C 366 26.25 -8.62 -42.99
N TYR C 367 25.73 -8.24 -41.83
CA TYR C 367 25.01 -9.13 -40.93
C TYR C 367 23.55 -8.71 -40.88
N TYR C 368 22.67 -9.67 -40.64
CA TYR C 368 21.24 -9.38 -40.60
C TYR C 368 20.53 -10.43 -39.77
N VAL C 369 19.28 -10.10 -39.41
CA VAL C 369 18.36 -11.04 -38.78
C VAL C 369 17.30 -11.38 -39.81
N GLY C 370 17.05 -12.69 -39.99
CA GLY C 370 16.08 -13.12 -40.98
C GLY C 370 15.44 -14.43 -40.58
N MET C 371 14.40 -14.79 -41.32
CA MET C 371 13.63 -16.01 -41.08
C MET C 371 13.74 -16.88 -42.33
N ARG C 372 14.74 -17.76 -42.35
CA ARG C 372 15.05 -18.59 -43.48
C ARG C 372 14.56 -20.02 -43.26
N ASP C 373 14.41 -20.75 -44.38
CA ASP C 373 14.11 -22.19 -44.37
C ASP C 373 12.92 -22.52 -43.46
N TYR C 374 11.98 -21.58 -43.36
CA TYR C 374 10.85 -21.67 -42.43
C TYR C 374 11.33 -21.97 -41.01
N THR C 375 12.30 -21.18 -40.56
CA THR C 375 12.75 -21.20 -39.18
C THR C 375 12.56 -19.82 -38.57
N LEU C 376 12.59 -19.76 -37.24
CA LEU C 376 12.39 -18.49 -36.55
C LEU C 376 13.63 -17.61 -36.71
N GLN C 377 13.59 -16.46 -36.06
CA GLN C 377 14.62 -15.44 -36.27
C GLN C 377 15.99 -15.93 -35.81
N GLU C 378 16.99 -15.76 -36.67
CA GLU C 378 18.38 -16.03 -36.34
C GLU C 378 19.25 -14.94 -36.96
N ILE C 379 20.48 -14.84 -36.47
CA ILE C 379 21.46 -13.90 -37.00
C ILE C 379 22.24 -14.60 -38.11
N TYR C 380 22.39 -13.93 -39.25
CA TYR C 380 23.13 -14.47 -40.37
C TYR C 380 24.14 -13.44 -40.86
N LYS C 381 25.28 -13.94 -41.36
CA LYS C 381 26.25 -13.14 -42.07
C LYS C 381 26.10 -13.42 -43.56
N LEU C 382 26.14 -12.37 -44.37
CA LEU C 382 25.91 -12.47 -45.80
C LEU C 382 27.22 -12.40 -46.55
N GLU C 383 27.46 -13.38 -47.42
CA GLU C 383 28.70 -13.43 -48.20
C GLU C 383 28.40 -14.06 -49.55
N ASN C 384 28.62 -13.30 -50.62
CA ASN C 384 28.49 -13.79 -51.99
C ASN C 384 27.09 -14.34 -52.26
N ASN C 385 26.08 -13.61 -51.83
CA ASN C 385 24.66 -13.96 -51.99
C ASN C 385 24.32 -15.29 -51.34
N SER C 386 25.08 -15.71 -50.34
CA SER C 386 24.72 -16.86 -49.51
C SER C 386 24.69 -16.43 -48.05
N SER C 387 23.96 -17.19 -47.25
CA SER C 387 23.75 -16.88 -45.84
C SER C 387 24.36 -17.97 -44.98
N ILE C 388 25.23 -17.57 -44.05
CA ILE C 388 25.81 -18.48 -43.06
C ILE C 388 25.16 -18.17 -41.72
N LYS C 389 24.57 -19.19 -41.09
CA LYS C 389 23.89 -19.01 -39.83
C LYS C 389 24.90 -18.85 -38.70
N LEU C 390 24.72 -17.81 -37.89
CA LEU C 390 25.65 -17.50 -36.81
C LEU C 390 25.04 -17.61 -35.42
N SER C 391 23.73 -17.82 -35.31
CA SER C 391 23.08 -17.96 -34.01
C SER C 391 22.22 -19.21 -34.00
N SER C 392 21.87 -19.65 -32.79
CA SER C 392 21.11 -20.88 -32.60
C SER C 392 19.98 -20.69 -31.59
N PHE C 393 19.43 -19.47 -31.52
CA PHE C 393 18.50 -19.14 -30.44
C PHE C 393 17.20 -19.94 -30.55
N ASN C 394 16.73 -20.18 -31.76
CA ASN C 394 15.48 -20.90 -31.98
C ASN C 394 15.67 -22.22 -32.70
N GLU C 395 16.92 -22.69 -32.86
CA GLU C 395 17.19 -23.90 -33.61
C GLU C 395 16.53 -25.13 -32.98
N GLU C 396 16.19 -25.07 -31.70
CA GLU C 396 15.57 -26.20 -31.00
C GLU C 396 14.08 -26.31 -31.23
N ILE C 397 13.47 -25.36 -31.95
CA ILE C 397 12.03 -25.39 -32.14
C ILE C 397 11.64 -26.43 -33.20
N ASN C 398 12.25 -26.36 -34.38
CA ASN C 398 11.93 -27.31 -35.43
C ASN C 398 12.39 -28.73 -35.10
N LYS C 399 13.30 -28.89 -34.15
CA LYS C 399 13.70 -30.21 -33.70
C LYS C 399 12.72 -30.81 -32.71
N LYS C 400 12.08 -29.97 -31.88
CA LYS C 400 11.19 -30.44 -30.83
C LYS C 400 9.75 -30.57 -31.30
N TYR C 401 9.28 -29.65 -32.15
CA TYR C 401 7.89 -29.63 -32.58
C TYR C 401 7.78 -29.98 -34.06
N LYS C 402 6.63 -30.52 -34.44
CA LYS C 402 6.38 -30.89 -35.83
C LYS C 402 5.89 -29.66 -36.60
N ILE C 403 6.62 -29.29 -37.63
CA ILE C 403 6.35 -28.07 -38.41
C ILE C 403 6.01 -28.48 -39.84
N SER C 404 4.87 -27.99 -40.33
CA SER C 404 4.40 -28.26 -41.69
C SER C 404 4.83 -27.10 -42.58
N LYS C 405 5.94 -27.27 -43.29
CA LYS C 405 6.43 -26.22 -44.15
C LYS C 405 5.52 -26.07 -45.37
N PRO C 406 5.22 -24.84 -45.78
CA PRO C 406 4.20 -24.63 -46.82
C PRO C 406 4.65 -25.14 -48.18
N GLU C 407 3.66 -25.35 -49.04
CA GLU C 407 3.88 -25.76 -50.42
C GLU C 407 3.68 -24.54 -51.31
N VAL C 408 4.75 -24.10 -51.98
CA VAL C 408 4.74 -22.88 -52.77
C VAL C 408 4.65 -23.23 -54.25
N PHE C 409 3.91 -22.42 -55.00
CA PHE C 409 3.71 -22.67 -56.42
C PHE C 409 3.24 -21.38 -57.09
N ASP C 410 3.63 -21.21 -58.35
CA ASP C 410 3.16 -20.08 -59.12
C ASP C 410 1.67 -20.22 -59.43
N PHE C 411 0.95 -19.11 -59.34
CA PHE C 411 -0.50 -19.09 -59.53
C PHE C 411 -0.88 -17.81 -60.26
N ILE C 412 -1.61 -17.95 -61.36
CA ILE C 412 -2.00 -16.83 -62.20
C ILE C 412 -3.47 -16.53 -61.97
N THR C 413 -3.78 -15.25 -61.74
CA THR C 413 -5.17 -14.80 -61.60
C THR C 413 -5.24 -13.34 -62.02
N ASN C 414 -6.26 -13.02 -62.81
CA ASN C 414 -6.45 -11.68 -63.36
C ASN C 414 -5.22 -11.20 -64.11
N GLY C 415 -4.67 -12.07 -64.94
CA GLY C 415 -3.63 -11.71 -65.88
C GLY C 415 -2.27 -11.42 -65.27
N ASP C 416 -1.99 -11.90 -64.07
CA ASP C 416 -0.70 -11.68 -63.44
C ASP C 416 -0.30 -12.91 -62.64
N THR C 417 1.01 -13.14 -62.55
CA THR C 417 1.57 -14.30 -61.88
C THR C 417 1.96 -13.90 -60.45
N THR C 418 1.12 -14.27 -59.50
CA THR C 418 1.44 -14.17 -58.08
C THR C 418 1.92 -15.56 -57.60
N LYS C 419 1.92 -15.77 -56.29
CA LYS C 419 2.37 -17.03 -55.70
C LYS C 419 1.30 -17.59 -54.78
N GLY C 420 1.19 -18.92 -54.75
CA GLY C 420 0.21 -19.60 -53.94
C GLY C 420 0.88 -20.47 -52.89
N PHE C 421 0.14 -20.74 -51.80
CA PHE C 421 0.68 -21.47 -50.67
C PHE C 421 -0.38 -22.43 -50.15
N VAL C 422 0.07 -23.62 -49.74
CA VAL C 422 -0.80 -24.61 -49.12
C VAL C 422 0.00 -25.30 -48.02
N ILE C 423 -0.48 -25.21 -46.77
CA ILE C 423 0.15 -25.87 -45.64
C ILE C 423 -0.64 -27.14 -45.36
N TYR C 424 0.04 -28.28 -45.48
CA TYR C 424 -0.61 -29.56 -45.22
C TYR C 424 -0.90 -29.72 -43.72
N PRO C 425 -1.94 -30.46 -43.37
CA PRO C 425 -2.15 -30.80 -41.96
C PRO C 425 -1.03 -31.69 -41.44
N ILE C 426 -0.80 -31.60 -40.14
CA ILE C 426 0.28 -32.39 -39.54
C ILE C 426 -0.11 -33.86 -39.54
N ASP C 427 0.86 -34.73 -39.80
CA ASP C 427 0.66 -36.17 -39.92
C ASP C 427 -0.45 -36.47 -40.92
N TYR C 428 -0.21 -36.10 -42.18
CA TYR C 428 -1.23 -36.22 -43.21
C TYR C 428 -1.49 -37.68 -43.53
N ASP C 429 -2.74 -38.10 -43.38
CA ASP C 429 -3.18 -39.44 -43.75
C ASP C 429 -3.73 -39.40 -45.18
N LYS C 430 -3.18 -40.24 -46.05
CA LYS C 430 -3.52 -40.20 -47.46
C LYS C 430 -4.93 -40.68 -47.76
N ASN C 431 -5.61 -41.32 -46.80
CA ASN C 431 -6.92 -41.90 -47.05
C ASN C 431 -8.07 -40.98 -46.66
N LYS C 432 -7.80 -39.84 -46.02
CA LYS C 432 -8.83 -39.02 -45.40
C LYS C 432 -8.89 -37.65 -46.05
N THR C 433 -10.01 -36.96 -45.82
CA THR C 433 -10.24 -35.59 -46.29
C THR C 433 -10.34 -34.66 -45.08
N TYR C 434 -9.92 -33.42 -45.27
CA TYR C 434 -9.63 -32.53 -44.16
C TYR C 434 -10.32 -31.18 -44.29
N PRO C 435 -10.56 -30.50 -43.18
CA PRO C 435 -11.00 -29.10 -43.25
C PRO C 435 -9.83 -28.19 -43.62
N ALA C 436 -10.16 -26.94 -43.92
CA ALA C 436 -9.16 -25.97 -44.35
C ALA C 436 -9.47 -24.60 -43.75
N ILE C 437 -8.51 -23.69 -43.90
CA ILE C 437 -8.62 -22.32 -43.42
C ILE C 437 -8.01 -21.41 -44.47
N LEU C 438 -8.76 -20.40 -44.90
CA LEU C 438 -8.21 -19.34 -45.75
C LEU C 438 -7.72 -18.21 -44.85
N ASP C 439 -6.51 -17.74 -45.11
CA ASP C 439 -5.88 -16.68 -44.33
C ASP C 439 -5.50 -15.54 -45.26
N ILE C 440 -5.96 -14.33 -44.93
CA ILE C 440 -5.68 -13.13 -45.71
C ILE C 440 -4.78 -12.24 -44.86
N HIS C 441 -3.57 -11.94 -45.38
CA HIS C 441 -2.61 -11.20 -44.58
C HIS C 441 -3.14 -9.81 -44.21
N GLY C 442 -3.77 -9.14 -45.15
CA GLY C 442 -4.65 -8.04 -44.83
C GLY C 442 -4.03 -6.73 -44.43
N GLY C 443 -2.87 -6.41 -44.96
CA GLY C 443 -2.36 -5.05 -44.89
C GLY C 443 -2.09 -4.59 -46.30
N PRO C 444 -3.08 -3.91 -46.92
CA PRO C 444 -3.21 -3.92 -48.40
C PRO C 444 -1.96 -4.29 -49.16
N LYS C 445 -0.89 -3.52 -48.96
CA LYS C 445 0.38 -3.76 -49.64
C LYS C 445 1.37 -4.46 -48.69
N THR C 446 1.01 -5.67 -48.28
CA THR C 446 1.91 -6.57 -47.57
C THR C 446 2.01 -7.89 -48.34
N VAL C 447 2.73 -8.85 -47.78
CA VAL C 447 3.09 -10.05 -48.52
C VAL C 447 3.15 -11.24 -47.56
N TYR C 448 2.51 -12.34 -47.97
CA TYR C 448 2.72 -13.64 -47.34
C TYR C 448 3.96 -14.29 -47.93
N GLY C 449 4.75 -14.96 -47.09
CA GLY C 449 5.99 -15.55 -47.54
C GLY C 449 6.20 -16.94 -46.97
N ASP C 450 7.27 -17.57 -47.43
CA ASP C 450 7.71 -18.87 -46.92
C ASP C 450 8.41 -18.67 -45.58
N VAL C 451 7.74 -18.02 -44.65
CA VAL C 451 8.35 -17.56 -43.40
C VAL C 451 7.48 -18.04 -42.23
N TYR C 452 8.14 -18.48 -41.16
CA TYR C 452 7.46 -19.04 -39.99
C TYR C 452 6.34 -18.13 -39.50
N TYR C 453 5.11 -18.64 -39.54
CA TYR C 453 3.93 -17.93 -39.04
C TYR C 453 3.26 -18.85 -38.03
N HIS C 454 3.12 -18.37 -36.78
CA HIS C 454 2.78 -19.26 -35.68
C HIS C 454 1.34 -19.76 -35.78
N GLU C 455 0.37 -18.86 -35.92
CA GLU C 455 -1.04 -19.25 -35.86
C GLU C 455 -1.39 -20.29 -36.90
N MET C 456 -0.77 -20.22 -38.08
CA MET C 456 -1.03 -21.21 -39.12
C MET C 456 -0.47 -22.57 -38.74
N GLN C 457 0.73 -22.60 -38.19
CA GLN C 457 1.32 -23.86 -37.73
C GLN C 457 0.55 -24.43 -36.56
N VAL C 458 0.00 -23.57 -35.70
CA VAL C 458 -0.92 -24.06 -34.68
C VAL C 458 -2.04 -24.85 -35.32
N TRP C 459 -2.64 -24.32 -36.40
CA TRP C 459 -3.79 -24.98 -37.01
C TRP C 459 -3.38 -26.21 -37.82
N ALA C 460 -2.18 -26.21 -38.39
CA ALA C 460 -1.67 -27.43 -39.02
C ALA C 460 -1.56 -28.58 -38.02
N ASN C 461 -1.23 -28.26 -36.76
CA ASN C 461 -1.12 -29.25 -35.71
C ASN C 461 -2.46 -29.66 -35.11
N MET C 462 -3.58 -29.18 -35.65
CA MET C 462 -4.91 -29.65 -35.24
C MET C 462 -5.72 -30.17 -36.43
N GLY C 463 -5.05 -30.69 -37.46
CA GLY C 463 -5.76 -31.31 -38.56
C GLY C 463 -6.38 -30.35 -39.54
N TYR C 464 -5.77 -29.19 -39.76
CA TYR C 464 -6.30 -28.19 -40.67
C TYR C 464 -5.34 -27.99 -41.84
N PHE C 465 -5.86 -28.05 -43.05
CA PHE C 465 -5.20 -27.40 -44.16
C PHE C 465 -5.24 -25.89 -43.94
N VAL C 466 -4.13 -25.22 -44.19
CA VAL C 466 -4.09 -23.77 -44.08
C VAL C 466 -3.55 -23.23 -45.40
N ILE C 467 -4.36 -22.40 -46.06
CA ILE C 467 -4.02 -21.85 -47.37
C ILE C 467 -4.02 -20.33 -47.27
N PHE C 468 -3.27 -19.71 -48.17
CA PHE C 468 -3.13 -18.26 -48.20
C PHE C 468 -2.43 -17.88 -49.49
N THR C 469 -2.59 -16.62 -49.88
CA THR C 469 -2.03 -16.13 -51.13
C THR C 469 -1.85 -14.62 -51.03
N ASN C 470 -1.21 -14.06 -52.07
CA ASN C 470 -0.96 -12.63 -52.18
C ASN C 470 -1.81 -12.07 -53.31
N PRO C 471 -3.04 -11.64 -53.04
CA PRO C 471 -3.91 -11.16 -54.13
C PRO C 471 -3.47 -9.81 -54.68
N HIS C 472 -4.17 -9.32 -55.69
CA HIS C 472 -3.90 -7.98 -56.19
C HIS C 472 -4.10 -6.95 -55.09
N GLY C 473 -3.17 -6.00 -55.01
CA GLY C 473 -3.08 -5.06 -53.91
C GLY C 473 -1.88 -5.32 -53.02
N SER C 474 -1.39 -6.55 -52.99
CA SER C 474 -0.20 -6.89 -52.21
C SER C 474 1.04 -6.24 -52.81
N ASP C 475 2.11 -6.21 -52.02
CA ASP C 475 3.39 -5.71 -52.47
C ASP C 475 4.11 -6.79 -53.27
N GLY C 476 5.29 -6.44 -53.79
CA GLY C 476 6.14 -7.42 -54.44
C GLY C 476 5.99 -7.54 -55.94
N TYR C 477 5.30 -6.59 -56.59
CA TYR C 477 5.26 -6.62 -58.06
C TYR C 477 5.14 -5.22 -58.64
N GLY C 478 5.49 -4.18 -57.89
CA GLY C 478 5.42 -2.83 -58.39
C GLY C 478 4.12 -2.13 -58.07
N ASN C 479 4.04 -0.87 -58.52
CA ASN C 479 2.85 -0.07 -58.27
C ASN C 479 1.63 -0.66 -58.96
N LYS C 480 1.80 -1.15 -60.19
CA LYS C 480 0.66 -1.58 -60.99
C LYS C 480 -0.07 -2.75 -60.34
N PHE C 481 0.66 -3.70 -59.78
CA PHE C 481 0.03 -4.85 -59.15
C PHE C 481 -0.63 -4.47 -57.82
N ALA C 482 -0.05 -3.51 -57.11
CA ALA C 482 -0.58 -3.11 -55.81
C ALA C 482 -1.70 -2.08 -55.90
N ASP C 483 -2.00 -1.57 -57.09
CA ASP C 483 -3.04 -0.55 -57.25
C ASP C 483 -4.40 -1.23 -57.31
N ILE C 484 -5.20 -1.06 -56.27
CA ILE C 484 -6.58 -1.53 -56.25
C ILE C 484 -7.46 -0.40 -55.71
N ARG C 485 -7.05 0.84 -55.97
CA ARG C 485 -7.82 1.99 -55.51
C ARG C 485 -9.17 2.04 -56.23
N GLY C 486 -10.22 2.32 -55.45
CA GLY C 486 -11.56 2.25 -55.99
C GLY C 486 -11.94 0.88 -56.49
N LYS C 487 -11.22 -0.16 -56.07
CA LYS C 487 -11.45 -1.52 -56.55
C LYS C 487 -11.50 -2.54 -55.41
N TYR C 488 -11.59 -2.07 -54.17
CA TYR C 488 -11.74 -2.97 -53.03
C TYR C 488 -12.95 -3.88 -53.24
N GLY C 489 -12.73 -5.18 -53.04
CA GLY C 489 -13.81 -6.14 -53.17
C GLY C 489 -14.18 -6.51 -54.60
N THR C 490 -13.27 -6.31 -55.56
CA THR C 490 -13.52 -6.73 -56.92
C THR C 490 -12.44 -7.70 -57.39
N ILE C 491 -11.33 -7.17 -57.92
CA ILE C 491 -10.29 -8.04 -58.44
C ILE C 491 -9.52 -8.71 -57.31
N ASP C 492 -9.38 -8.03 -56.17
CA ASP C 492 -8.75 -8.67 -55.01
C ASP C 492 -9.66 -9.76 -54.45
N TYR C 493 -10.97 -9.55 -54.49
CA TYR C 493 -11.91 -10.57 -54.07
C TYR C 493 -11.85 -11.78 -54.98
N GLU C 494 -11.81 -11.54 -56.30
CA GLU C 494 -11.74 -12.65 -57.26
C GLU C 494 -10.50 -13.49 -57.04
N ASP C 495 -9.34 -12.84 -56.84
CA ASP C 495 -8.09 -13.57 -56.69
C ASP C 495 -8.15 -14.57 -55.54
N LEU C 496 -8.68 -14.13 -54.39
CA LEU C 496 -8.76 -15.02 -53.24
C LEU C 496 -9.75 -16.15 -53.49
N MET C 497 -10.83 -15.88 -54.23
CA MET C 497 -11.84 -16.90 -54.46
C MET C 497 -11.43 -17.87 -55.57
N ASN C 498 -10.73 -17.39 -56.59
CA ASN C 498 -10.17 -18.30 -57.58
C ASN C 498 -9.09 -19.18 -56.97
N PHE C 499 -8.26 -18.60 -56.09
CA PHE C 499 -7.28 -19.39 -55.36
C PHE C 499 -7.96 -20.37 -54.41
N THR C 500 -9.02 -19.93 -53.74
CA THR C 500 -9.80 -20.83 -52.89
C THR C 500 -10.42 -21.95 -53.71
N ASP C 501 -10.82 -21.67 -54.95
CA ASP C 501 -11.39 -22.70 -55.81
C ASP C 501 -10.33 -23.70 -56.25
N TYR C 502 -9.18 -23.20 -56.73
CA TYR C 502 -8.13 -24.08 -57.22
C TYR C 502 -7.63 -25.02 -56.14
N VAL C 503 -7.49 -24.52 -54.91
CA VAL C 503 -6.96 -25.34 -53.83
C VAL C 503 -7.98 -26.38 -53.38
N LEU C 504 -9.28 -26.09 -53.52
CA LEU C 504 -10.30 -26.99 -52.98
C LEU C 504 -10.43 -28.27 -53.80
N GLU C 505 -10.13 -28.20 -55.10
CA GLU C 505 -10.29 -29.39 -55.95
C GLU C 505 -9.00 -30.18 -56.10
N LYS C 506 -7.84 -29.53 -56.09
CA LYS C 506 -6.58 -30.26 -56.22
C LYS C 506 -6.23 -31.01 -54.94
N TYR C 507 -6.45 -30.38 -53.78
CA TYR C 507 -6.06 -30.95 -52.51
C TYR C 507 -7.24 -31.65 -51.83
N PRO C 508 -6.97 -32.66 -50.99
CA PRO C 508 -8.07 -33.40 -50.33
C PRO C 508 -8.69 -32.62 -49.18
N ILE C 509 -9.46 -31.60 -49.54
CA ILE C 509 -10.13 -30.74 -48.56
C ILE C 509 -11.62 -31.00 -48.61
N ASP C 510 -12.25 -31.02 -47.44
CA ASP C 510 -13.70 -31.11 -47.32
C ASP C 510 -14.28 -29.71 -47.51
N LYS C 511 -14.86 -29.46 -48.69
CA LYS C 511 -15.40 -28.14 -48.99
C LYS C 511 -16.50 -27.72 -48.02
N SER C 512 -17.17 -28.68 -47.38
CA SER C 512 -18.22 -28.36 -46.43
C SER C 512 -17.69 -27.77 -45.13
N ARG C 513 -16.37 -27.82 -44.89
CA ARG C 513 -15.77 -27.35 -43.63
C ARG C 513 -14.53 -26.53 -43.96
N VAL C 514 -14.76 -25.29 -44.41
CA VAL C 514 -13.67 -24.35 -44.71
C VAL C 514 -13.97 -23.04 -44.00
N GLY C 515 -12.98 -22.49 -43.31
CA GLY C 515 -13.12 -21.21 -42.66
C GLY C 515 -12.24 -20.15 -43.27
N VAL C 516 -12.58 -18.88 -43.05
CA VAL C 516 -11.79 -17.77 -43.56
C VAL C 516 -11.48 -16.83 -42.40
N THR C 517 -10.33 -16.18 -42.48
CA THR C 517 -9.95 -15.25 -41.42
C THR C 517 -8.94 -14.23 -41.96
N GLY C 518 -8.91 -13.07 -41.31
CA GLY C 518 -8.09 -11.99 -41.81
C GLY C 518 -8.05 -10.84 -40.81
N GLY C 519 -6.95 -10.10 -40.87
CA GLY C 519 -6.77 -8.94 -40.02
C GLY C 519 -6.59 -7.66 -40.82
N SER C 520 -7.00 -6.54 -40.24
CA SER C 520 -6.96 -5.23 -40.86
C SER C 520 -7.70 -5.25 -42.20
N TYR C 521 -6.99 -5.07 -43.31
CA TYR C 521 -7.63 -5.19 -44.62
C TYR C 521 -8.18 -6.59 -44.83
N GLY C 522 -7.55 -7.60 -44.23
CA GLY C 522 -8.05 -8.95 -44.29
C GLY C 522 -9.25 -9.18 -43.39
N GLY C 523 -9.37 -8.37 -42.34
CA GLY C 523 -10.64 -8.30 -41.64
C GLY C 523 -11.70 -7.60 -42.44
N TYR C 524 -11.31 -6.61 -43.25
CA TYR C 524 -12.23 -6.00 -44.20
C TYR C 524 -12.71 -7.04 -45.23
N MET C 525 -11.76 -7.77 -45.82
CA MET C 525 -12.11 -8.76 -46.83
C MET C 525 -12.96 -9.87 -46.24
N THR C 526 -12.66 -10.29 -45.00
CA THR C 526 -13.47 -11.29 -44.33
C THR C 526 -14.90 -10.81 -44.17
N ASN C 527 -15.07 -9.58 -43.68
CA ASN C 527 -16.42 -9.00 -43.62
C ASN C 527 -17.03 -8.84 -45.00
N TRP C 528 -16.21 -8.56 -46.01
CA TRP C 528 -16.69 -8.49 -47.39
C TRP C 528 -17.13 -9.86 -47.89
N ILE C 529 -16.33 -10.90 -47.59
CA ILE C 529 -16.55 -12.22 -48.17
C ILE C 529 -17.86 -12.82 -47.68
N ILE C 530 -18.15 -12.70 -46.37
CA ILE C 530 -19.35 -13.32 -45.83
C ILE C 530 -20.61 -12.70 -46.44
N GLY C 531 -20.53 -11.44 -46.86
CA GLY C 531 -21.66 -10.81 -47.52
C GLY C 531 -21.79 -11.11 -48.99
N HIS C 532 -20.87 -11.88 -49.57
CA HIS C 532 -20.88 -12.16 -51.00
C HIS C 532 -20.88 -13.64 -51.34
N THR C 533 -20.75 -14.54 -50.36
CA THR C 533 -20.68 -15.96 -50.67
C THR C 533 -21.11 -16.76 -49.46
N ASP C 534 -21.55 -18.00 -49.73
CA ASP C 534 -21.93 -18.95 -48.70
C ASP C 534 -20.90 -20.09 -48.57
N ARG C 535 -19.76 -19.99 -49.25
CA ARG C 535 -18.87 -21.14 -49.36
C ARG C 535 -18.11 -21.43 -48.07
N PHE C 536 -17.86 -20.43 -47.24
CA PHE C 536 -17.17 -20.64 -45.97
C PHE C 536 -18.19 -20.93 -44.87
N LYS C 537 -17.86 -21.92 -44.02
CA LYS C 537 -18.78 -22.30 -42.95
C LYS C 537 -18.61 -21.42 -41.72
N CYS C 538 -17.41 -20.89 -41.48
CA CYS C 538 -17.18 -19.96 -40.38
C CYS C 538 -16.17 -18.92 -40.81
N ALA C 539 -16.06 -17.85 -40.03
CA ALA C 539 -15.19 -16.75 -40.36
C ALA C 539 -14.68 -16.10 -39.07
N ALA C 540 -13.49 -15.53 -39.15
CA ALA C 540 -12.89 -14.79 -38.04
C ALA C 540 -12.42 -13.44 -38.57
N SER C 541 -13.08 -12.38 -38.11
CA SER C 541 -12.82 -11.02 -38.58
C SER C 541 -12.03 -10.29 -37.51
N GLN C 542 -10.74 -10.11 -37.74
CA GLN C 542 -9.84 -9.48 -36.79
C GLN C 542 -9.58 -8.03 -37.18
N ARG C 543 -9.60 -7.14 -36.18
CA ARG C 543 -9.31 -5.70 -36.34
C ARG C 543 -9.83 -5.16 -37.68
N SER C 544 -11.08 -5.47 -37.96
CA SER C 544 -11.62 -5.42 -39.31
C SER C 544 -12.10 -4.02 -39.70
N ILE C 545 -12.57 -3.92 -40.94
CA ILE C 545 -13.20 -2.72 -41.48
C ILE C 545 -14.54 -3.12 -42.07
N SER C 546 -15.57 -2.31 -41.79
CA SER C 546 -16.90 -2.60 -42.28
C SER C 546 -17.65 -1.38 -42.80
N ASN C 547 -17.38 -0.19 -42.29
CA ASN C 547 -18.12 1.02 -42.66
C ASN C 547 -17.09 2.09 -43.01
N TRP C 548 -16.93 2.35 -44.31
CA TRP C 548 -15.91 3.28 -44.77
C TRP C 548 -16.22 4.73 -44.42
N ILE C 549 -17.49 5.07 -44.22
CA ILE C 549 -17.79 6.43 -43.77
C ILE C 549 -17.62 6.54 -42.27
N SER C 550 -17.81 5.45 -41.53
CA SER C 550 -17.52 5.46 -40.09
C SER C 550 -16.02 5.50 -39.84
N LYS C 551 -15.25 4.76 -40.64
CA LYS C 551 -13.81 4.72 -40.47
C LYS C 551 -13.14 6.02 -40.90
N PHE C 552 -13.78 6.80 -41.77
CA PHE C 552 -13.20 8.06 -42.22
C PHE C 552 -12.99 9.02 -41.05
N GLY C 553 -13.95 9.10 -40.14
CA GLY C 553 -13.93 10.08 -39.08
C GLY C 553 -13.46 9.60 -37.72
N THR C 554 -13.05 8.33 -37.60
CA THR C 554 -12.64 7.80 -36.30
C THR C 554 -11.26 7.16 -36.30
N THR C 555 -10.65 6.92 -37.46
CA THR C 555 -9.36 6.24 -37.57
C THR C 555 -8.24 7.27 -37.72
N ASP C 556 -7.08 6.94 -37.14
CA ASP C 556 -5.94 7.85 -37.16
C ASP C 556 -5.57 8.29 -38.58
N ILE C 557 -5.75 7.41 -39.57
CA ILE C 557 -5.42 7.72 -40.95
C ILE C 557 -6.66 7.73 -41.84
N GLY C 558 -7.85 7.64 -41.26
CA GLY C 558 -9.05 7.42 -42.05
C GLY C 558 -9.38 8.58 -42.97
N TYR C 559 -9.18 9.81 -42.51
CA TYR C 559 -9.65 10.96 -43.27
C TYR C 559 -8.86 11.21 -44.56
N TYR C 560 -7.77 10.48 -44.78
CA TYR C 560 -7.04 10.64 -46.04
C TYR C 560 -6.70 9.31 -46.70
N PHE C 561 -6.43 8.26 -45.91
CA PHE C 561 -6.05 6.98 -46.50
C PHE C 561 -7.26 6.25 -47.09
N ASN C 562 -8.44 6.46 -46.50
CA ASN C 562 -9.64 5.81 -47.03
C ASN C 562 -10.01 6.36 -48.40
N ALA C 563 -9.94 7.68 -48.56
CA ALA C 563 -10.28 8.29 -49.84
C ALA C 563 -9.31 7.86 -50.94
N ASP C 564 -8.04 7.62 -50.60
CA ASP C 564 -7.09 7.16 -51.59
C ASP C 564 -7.43 5.77 -52.10
N GLN C 565 -7.77 4.85 -51.19
CA GLN C 565 -7.99 3.46 -51.57
C GLN C 565 -9.37 3.20 -52.16
N ASN C 566 -10.33 4.09 -51.95
CA ASN C 566 -11.67 3.92 -52.49
C ASN C 566 -12.06 4.98 -53.51
N GLN C 567 -11.25 6.03 -53.68
CA GLN C 567 -11.53 7.11 -54.63
C GLN C 567 -12.91 7.71 -54.36
N ALA C 568 -13.28 7.76 -53.08
CA ALA C 568 -14.58 8.27 -52.67
C ALA C 568 -14.45 8.93 -51.31
N THR C 569 -15.56 9.44 -50.80
CA THR C 569 -15.59 10.30 -49.64
C THR C 569 -17.02 10.37 -49.14
N PRO C 570 -17.25 10.46 -47.81
CA PRO C 570 -18.63 10.51 -47.29
C PRO C 570 -19.48 11.59 -47.95
N TRP C 571 -18.84 12.57 -48.58
CA TRP C 571 -19.56 13.67 -49.22
C TRP C 571 -19.38 13.73 -50.73
N ILE C 572 -18.34 13.12 -51.28
CA ILE C 572 -18.12 13.06 -52.72
C ILE C 572 -18.07 11.59 -53.14
N ASN C 573 -18.97 11.21 -54.05
CA ASN C 573 -19.13 9.80 -54.45
C ASN C 573 -19.43 8.93 -53.25
N HIS C 574 -20.39 9.37 -52.43
CA HIS C 574 -20.71 8.68 -51.18
C HIS C 574 -21.17 7.25 -51.43
N ASP C 575 -21.97 7.05 -52.49
CA ASP C 575 -22.48 5.72 -52.78
C ASP C 575 -21.37 4.74 -53.14
N LYS C 576 -20.28 5.24 -53.75
CA LYS C 576 -19.13 4.38 -53.98
C LYS C 576 -18.48 3.97 -52.67
N LEU C 577 -18.30 4.93 -51.75
CA LEU C 577 -17.74 4.60 -50.44
C LEU C 577 -18.67 3.67 -49.67
N TRP C 578 -19.97 3.75 -49.91
CA TRP C 578 -20.90 2.81 -49.30
C TRP C 578 -20.89 1.47 -50.01
N TRP C 579 -20.66 1.45 -51.32
CA TRP C 579 -20.60 0.20 -52.07
C TRP C 579 -19.41 -0.64 -51.67
N HIS C 580 -18.31 -0.01 -51.26
CA HIS C 580 -17.11 -0.73 -50.85
C HIS C 580 -17.14 -1.13 -49.39
N SER C 581 -18.23 -0.86 -48.67
CA SER C 581 -18.32 -1.19 -47.25
C SER C 581 -18.95 -2.57 -47.08
N PRO C 582 -18.29 -3.48 -46.36
CA PRO C 582 -18.91 -4.79 -46.12
C PRO C 582 -20.20 -4.72 -45.33
N LEU C 583 -20.37 -3.68 -44.51
CA LEU C 583 -21.58 -3.54 -43.71
C LEU C 583 -22.82 -3.38 -44.59
N LYS C 584 -22.66 -2.77 -45.77
CA LYS C 584 -23.79 -2.62 -46.68
C LYS C 584 -24.35 -3.96 -47.13
N TYR C 585 -23.49 -4.97 -47.23
CA TYR C 585 -23.87 -6.31 -47.66
C TYR C 585 -24.06 -7.27 -46.50
N ALA C 586 -24.42 -6.76 -45.32
CA ALA C 586 -24.53 -7.57 -44.12
C ALA C 586 -25.90 -8.25 -43.97
N ASP C 587 -26.88 -7.88 -44.79
CA ASP C 587 -28.18 -8.56 -44.77
C ASP C 587 -28.17 -9.85 -45.58
N LYS C 588 -27.07 -10.15 -46.28
CA LYS C 588 -26.90 -11.41 -46.98
C LYS C 588 -25.87 -12.33 -46.31
N ALA C 589 -25.18 -11.84 -45.28
CA ALA C 589 -24.16 -12.64 -44.61
C ALA C 589 -24.81 -13.75 -43.79
N LYS C 590 -24.54 -15.00 -44.17
CA LYS C 590 -25.03 -16.16 -43.43
C LYS C 590 -23.94 -16.91 -42.68
N THR C 591 -22.69 -16.70 -43.03
CA THR C 591 -21.59 -17.42 -42.40
C THR C 591 -21.35 -16.91 -40.99
N PRO C 592 -21.47 -17.73 -39.95
CA PRO C 592 -21.19 -17.27 -38.59
C PRO C 592 -19.76 -16.78 -38.46
N THR C 593 -19.57 -15.73 -37.65
CA THR C 593 -18.31 -15.01 -37.61
C THR C 593 -17.95 -14.66 -36.18
N LEU C 594 -16.66 -14.78 -35.86
CA LEU C 594 -16.10 -14.24 -34.64
C LEU C 594 -15.34 -12.95 -34.95
N PHE C 595 -15.54 -11.94 -34.11
CA PHE C 595 -14.89 -10.65 -34.28
C PHE C 595 -13.87 -10.43 -33.18
N ILE C 596 -12.64 -10.13 -33.56
CA ILE C 596 -11.56 -9.84 -32.63
C ILE C 596 -11.16 -8.38 -32.83
N HIS C 597 -11.20 -7.60 -31.75
CA HIS C 597 -10.94 -6.17 -31.84
C HIS C 597 -10.38 -5.69 -30.50
N SER C 598 -9.50 -4.70 -30.58
CA SER C 598 -8.85 -4.13 -29.41
C SER C 598 -9.37 -2.73 -29.13
N GLU C 599 -9.44 -2.38 -27.86
CA GLU C 599 -10.08 -1.13 -27.47
C GLU C 599 -9.25 0.09 -27.83
N GLU C 600 -7.92 -0.03 -27.80
CA GLU C 600 -7.04 1.06 -28.17
C GLU C 600 -6.46 0.89 -29.57
N ASP C 601 -7.16 0.16 -30.43
CA ASP C 601 -6.81 0.04 -31.84
C ASP C 601 -7.38 1.25 -32.57
N TYR C 602 -6.50 2.13 -33.06
CA TYR C 602 -6.91 3.32 -33.77
C TYR C 602 -6.61 3.28 -35.25
N ARG C 603 -5.85 2.30 -35.72
CA ARG C 603 -5.73 2.06 -37.16
C ARG C 603 -7.02 1.49 -37.71
N CYS C 604 -7.72 0.67 -36.92
CA CYS C 604 -9.07 0.18 -37.25
C CYS C 604 -9.86 0.30 -35.95
N TRP C 605 -10.57 1.42 -35.79
CA TRP C 605 -11.21 1.77 -34.54
C TRP C 605 -12.35 0.80 -34.23
N LEU C 606 -12.70 0.73 -32.94
CA LEU C 606 -13.64 -0.28 -32.44
C LEU C 606 -14.98 -0.26 -33.15
N ALA C 607 -15.37 0.89 -33.71
CA ALA C 607 -16.69 1.00 -34.33
C ALA C 607 -16.85 0.05 -35.51
N GLU C 608 -15.76 -0.32 -36.18
CA GLU C 608 -15.86 -1.21 -37.33
C GLU C 608 -16.24 -2.63 -36.92
N GLY C 609 -15.79 -3.08 -35.75
CA GLY C 609 -16.12 -4.41 -35.29
C GLY C 609 -17.51 -4.52 -34.72
N LEU C 610 -17.93 -3.52 -33.94
CA LEU C 610 -19.25 -3.54 -33.32
C LEU C 610 -20.36 -3.49 -34.36
N GLN C 611 -20.09 -2.89 -35.53
CA GLN C 611 -21.15 -2.70 -36.52
C GLN C 611 -21.47 -4.00 -37.26
N MET C 612 -20.45 -4.77 -37.64
CA MET C 612 -20.72 -6.06 -38.28
C MET C 612 -21.26 -7.07 -37.27
N PHE C 613 -20.82 -6.99 -36.01
CA PHE C 613 -21.35 -7.89 -34.99
C PHE C 613 -22.83 -7.65 -34.77
N THR C 614 -23.22 -6.40 -34.51
CA THR C 614 -24.62 -6.08 -34.31
C THR C 614 -25.43 -6.37 -35.56
N ALA C 615 -24.83 -6.16 -36.74
CA ALA C 615 -25.52 -6.46 -37.99
C ALA C 615 -25.84 -7.96 -38.09
N LEU C 616 -24.87 -8.81 -37.77
CA LEU C 616 -25.09 -10.25 -37.85
C LEU C 616 -26.10 -10.71 -36.82
N LYS C 617 -26.07 -10.13 -35.62
CA LYS C 617 -27.08 -10.46 -34.62
C LYS C 617 -28.46 -9.95 -35.03
N TYR C 618 -28.51 -8.81 -35.72
CA TYR C 618 -29.79 -8.25 -36.15
C TYR C 618 -30.49 -9.17 -37.15
N HIS C 619 -29.73 -9.94 -37.93
CA HIS C 619 -30.28 -10.87 -38.89
C HIS C 619 -30.23 -12.31 -38.41
N GLY C 620 -30.23 -12.52 -37.09
CA GLY C 620 -30.32 -13.84 -36.51
C GLY C 620 -29.14 -14.76 -36.75
N ILE C 621 -28.00 -14.23 -37.17
CA ILE C 621 -26.81 -15.04 -37.42
C ILE C 621 -26.02 -15.17 -36.13
N GLU C 622 -25.36 -16.31 -35.96
CA GLU C 622 -24.51 -16.54 -34.79
C GLU C 622 -23.22 -15.74 -34.95
N ALA C 623 -22.92 -14.90 -33.96
CA ALA C 623 -21.72 -14.07 -34.01
C ALA C 623 -21.22 -13.82 -32.60
N ARG C 624 -19.93 -13.50 -32.50
CA ARG C 624 -19.28 -13.29 -31.21
C ARG C 624 -18.14 -12.30 -31.38
N LEU C 625 -18.02 -11.37 -30.44
CA LEU C 625 -16.94 -10.40 -30.43
C LEU C 625 -16.17 -10.51 -29.12
N CYS C 626 -14.85 -10.44 -29.22
CA CYS C 626 -13.96 -10.41 -28.07
C CYS C 626 -13.17 -9.11 -28.13
N MET C 627 -13.43 -8.21 -27.19
CA MET C 627 -12.75 -6.91 -27.14
C MET C 627 -11.58 -6.99 -26.17
N PHE C 628 -10.41 -6.57 -26.63
CA PHE C 628 -9.17 -6.68 -25.88
C PHE C 628 -8.78 -5.30 -25.35
N ARG C 629 -8.82 -5.15 -24.03
CA ARG C 629 -8.42 -3.90 -23.40
C ARG C 629 -6.90 -3.77 -23.39
N GLY C 630 -6.42 -2.54 -23.43
CA GLY C 630 -5.00 -2.28 -23.32
C GLY C 630 -4.16 -2.73 -24.49
N GLU C 631 -4.77 -3.09 -25.61
CA GLU C 631 -4.05 -3.53 -26.79
C GLU C 631 -4.46 -2.68 -27.99
N ASN C 632 -3.87 -2.95 -29.15
CA ASN C 632 -4.15 -2.18 -30.35
C ASN C 632 -4.05 -3.04 -31.61
N HIS C 633 -3.73 -2.41 -32.73
CA HIS C 633 -3.65 -3.12 -34.01
C HIS C 633 -2.56 -4.19 -34.00
N GLU C 634 -1.52 -3.99 -33.19
CA GLU C 634 -0.40 -4.92 -33.13
C GLU C 634 -0.61 -6.04 -32.10
N LEU C 635 -1.86 -6.35 -31.77
CA LEU C 635 -2.13 -7.35 -30.74
C LEU C 635 -1.59 -8.72 -31.16
N SER C 636 -1.79 -9.10 -32.42
CA SER C 636 -1.31 -10.39 -32.88
C SER C 636 0.21 -10.47 -32.97
N ARG C 637 0.89 -9.32 -33.00
CA ARG C 637 2.33 -9.29 -33.19
C ARG C 637 3.12 -8.92 -31.94
N SER C 638 2.59 -8.05 -31.08
CA SER C 638 3.37 -7.57 -29.94
C SER C 638 2.52 -7.36 -28.68
N GLY C 639 1.32 -7.94 -28.61
CA GLY C 639 0.50 -7.80 -27.43
C GLY C 639 1.05 -8.58 -26.26
N LYS C 640 0.47 -8.31 -25.08
CA LYS C 640 0.86 -9.03 -23.88
C LYS C 640 0.53 -10.52 -24.03
N PRO C 641 1.33 -11.40 -23.44
CA PRO C 641 1.19 -12.85 -23.73
C PRO C 641 -0.19 -13.40 -23.39
N LYS C 642 -0.74 -13.09 -22.22
CA LYS C 642 -2.07 -13.58 -21.87
C LYS C 642 -3.11 -13.14 -22.90
N HIS C 643 -2.96 -11.92 -23.42
CA HIS C 643 -3.88 -11.44 -24.45
C HIS C 643 -3.62 -12.15 -25.77
N ARG C 644 -2.36 -12.40 -26.12
CA ARG C 644 -2.05 -13.12 -27.34
C ARG C 644 -2.60 -14.53 -27.30
N ILE C 645 -2.59 -15.16 -26.13
CA ILE C 645 -3.14 -16.50 -26.00
C ILE C 645 -4.66 -16.47 -26.18
N ARG C 646 -5.32 -15.47 -25.59
CA ARG C 646 -6.78 -15.39 -25.68
C ARG C 646 -7.24 -15.22 -27.12
N ARG C 647 -6.57 -14.35 -27.87
CA ARG C 647 -6.95 -14.14 -29.27
C ARG C 647 -6.83 -15.43 -30.07
N LEU C 648 -5.68 -16.10 -29.94
CA LEU C 648 -5.51 -17.39 -30.59
C LEU C 648 -6.56 -18.39 -30.14
N THR C 649 -6.86 -18.41 -28.84
CA THR C 649 -7.86 -19.34 -28.31
C THR C 649 -9.25 -19.02 -28.87
N GLU C 650 -9.63 -17.74 -28.86
CA GLU C 650 -10.93 -17.35 -29.40
C GLU C 650 -11.06 -17.75 -30.85
N ILE C 651 -10.03 -17.48 -31.65
CA ILE C 651 -10.07 -17.83 -33.07
C ILE C 651 -10.10 -19.34 -33.24
N THR C 652 -9.22 -20.07 -32.53
CA THR C 652 -9.15 -21.51 -32.69
C THR C 652 -10.41 -22.19 -32.19
N ASN C 653 -10.94 -21.74 -31.05
CA ASN C 653 -12.20 -22.29 -30.55
C ASN C 653 -13.34 -22.05 -31.54
N TRP C 654 -13.31 -20.91 -32.24
CA TRP C 654 -14.33 -20.64 -33.23
C TRP C 654 -14.22 -21.58 -34.42
N PHE C 655 -12.99 -21.82 -34.90
CA PHE C 655 -12.79 -22.81 -35.95
C PHE C 655 -13.26 -24.19 -35.49
N GLU C 656 -13.02 -24.51 -34.21
CA GLU C 656 -13.32 -25.86 -33.71
C GLU C 656 -14.82 -26.12 -33.68
N LYS C 657 -15.60 -25.15 -33.20
CA LYS C 657 -17.03 -25.38 -33.02
C LYS C 657 -17.76 -25.64 -34.33
N TYR C 658 -17.22 -25.18 -35.46
CA TYR C 658 -17.91 -25.28 -36.73
C TYR C 658 -17.23 -26.17 -37.76
N LEU C 659 -15.91 -26.33 -37.69
CA LEU C 659 -15.18 -27.06 -38.72
C LEU C 659 -14.79 -28.48 -38.32
N LYS C 660 -15.39 -29.01 -37.25
CA LYS C 660 -15.08 -30.37 -36.83
C LYS C 660 -16.35 -31.20 -36.67
N MET D 1 -27.92 39.15 -2.19
CA MET D 1 -28.07 39.06 -3.64
C MET D 1 -26.74 39.28 -4.35
N GLU D 2 -26.22 38.21 -4.94
CA GLU D 2 -25.01 38.27 -5.75
C GLU D 2 -25.18 37.34 -6.95
N ASN D 3 -24.30 37.51 -7.94
CA ASN D 3 -24.44 36.77 -9.18
C ASN D 3 -24.30 35.27 -8.96
N LEU D 4 -25.06 34.50 -9.73
CA LEU D 4 -24.93 33.04 -9.71
C LEU D 4 -23.71 32.63 -10.52
N LYS D 5 -23.04 31.58 -10.07
CA LYS D 5 -21.76 31.17 -10.63
C LYS D 5 -21.88 29.79 -11.28
N LEU D 6 -20.83 29.44 -12.03
CA LEU D 6 -20.79 28.15 -12.73
C LEU D 6 -20.72 26.98 -11.74
N ASP D 7 -20.05 27.17 -10.61
CA ASP D 7 -19.90 26.13 -9.60
C ASP D 7 -20.83 26.33 -8.41
N SER D 8 -21.96 27.02 -8.62
CA SER D 8 -22.92 27.21 -7.56
C SER D 8 -23.81 26.00 -7.35
N PHE D 9 -23.90 25.11 -8.34
CA PHE D 9 -24.64 23.86 -8.17
C PHE D 9 -23.99 22.96 -7.13
N LEU D 10 -22.74 23.24 -6.74
CA LEU D 10 -22.14 22.55 -5.60
C LEU D 10 -22.93 22.81 -4.32
N GLU D 11 -23.55 23.97 -4.21
CA GLU D 11 -24.32 24.33 -3.02
C GLU D 11 -25.76 23.86 -3.07
N TYR D 12 -26.20 23.30 -4.21
CA TYR D 12 -27.58 22.83 -4.32
C TYR D 12 -27.76 21.52 -3.57
N LYS D 13 -28.91 21.37 -2.92
CA LYS D 13 -29.28 20.13 -2.26
C LYS D 13 -30.29 19.38 -3.14
N PHE D 14 -30.08 18.08 -3.29
CA PHE D 14 -30.92 17.23 -4.11
C PHE D 14 -31.64 16.23 -3.23
N LEU D 15 -32.97 16.21 -3.29
CA LEU D 15 -33.78 15.31 -2.50
C LEU D 15 -34.09 14.05 -3.31
N SER D 16 -34.27 12.94 -2.59
CA SER D 16 -34.53 11.66 -3.25
C SER D 16 -35.10 10.68 -2.24
N ASN D 17 -35.72 9.63 -2.77
CA ASN D 17 -36.21 8.48 -2.00
C ASN D 17 -37.23 8.89 -0.94
N LEU D 18 -38.28 9.55 -1.41
CA LEU D 18 -39.42 9.88 -0.56
C LEU D 18 -40.19 8.62 -0.23
N ASP D 19 -40.36 8.33 1.06
CA ASP D 19 -41.01 7.08 1.45
C ASP D 19 -41.72 7.23 2.79
N PHE D 20 -42.94 6.69 2.86
CA PHE D 20 -43.70 6.60 4.10
C PHE D 20 -43.38 5.30 4.82
N ASN D 21 -43.45 5.35 6.15
CA ASN D 21 -43.72 4.13 6.89
C ASN D 21 -45.22 3.85 6.79
N PRO D 22 -45.62 2.58 6.95
CA PRO D 22 -47.04 2.23 6.72
C PRO D 22 -48.06 3.13 7.42
N ASP D 23 -47.73 3.71 8.57
CA ASP D 23 -48.73 4.50 9.30
C ASP D 23 -48.88 5.92 8.80
N GLY D 24 -47.98 6.39 7.94
CA GLY D 24 -48.06 7.77 7.50
C GLY D 24 -47.75 8.79 8.56
N SER D 25 -47.01 8.40 9.60
CA SER D 25 -46.61 9.35 10.65
C SER D 25 -45.24 9.95 10.39
N ASN D 26 -44.39 9.28 9.61
CA ASN D 26 -43.04 9.76 9.36
C ASN D 26 -42.67 9.55 7.90
N LEU D 27 -41.99 10.54 7.33
CA LEU D 27 -41.53 10.50 5.95
C LEU D 27 -40.01 10.38 5.94
N ALA D 28 -39.50 9.51 5.06
CA ALA D 28 -38.06 9.32 4.89
C ALA D 28 -37.65 9.79 3.51
N PHE D 29 -36.46 10.39 3.42
CA PHE D 29 -35.92 10.85 2.15
C PHE D 29 -34.43 11.09 2.31
N SER D 30 -33.76 11.25 1.18
CA SER D 30 -32.31 11.38 1.14
C SER D 30 -31.93 12.75 0.60
N LEU D 31 -30.88 13.34 1.19
CA LEU D 31 -30.39 14.66 0.82
C LEU D 31 -29.00 14.50 0.23
N SER D 32 -28.92 14.55 -1.11
CA SER D 32 -27.65 14.40 -1.81
C SER D 32 -27.05 15.77 -2.09
N GLU D 33 -25.72 15.86 -2.00
CA GLU D 33 -25.01 17.09 -2.24
C GLU D 33 -23.60 16.77 -2.75
N ALA D 34 -22.95 17.76 -3.34
CA ALA D 34 -21.66 17.56 -3.98
C ALA D 34 -20.52 17.66 -2.97
N ASP D 35 -19.57 16.73 -3.10
CA ASP D 35 -18.30 16.76 -2.36
C ASP D 35 -17.21 17.03 -3.39
N LEU D 36 -16.79 18.29 -3.48
CA LEU D 36 -15.89 18.69 -4.56
C LEU D 36 -14.50 18.08 -4.39
N GLU D 37 -13.98 18.05 -3.16
CA GLU D 37 -12.62 17.56 -2.94
C GLU D 37 -12.51 16.06 -3.20
N ASN D 38 -13.60 15.31 -3.10
CA ASN D 38 -13.57 13.86 -3.33
C ASN D 38 -14.24 13.46 -4.64
N ASN D 39 -14.73 14.41 -5.42
CA ASN D 39 -15.36 14.16 -6.72
C ASN D 39 -16.45 13.10 -6.61
N SER D 40 -17.31 13.27 -5.61
CA SER D 40 -18.43 12.37 -5.38
C SER D 40 -19.56 13.16 -4.72
N TYR D 41 -20.56 12.44 -4.22
CA TYR D 41 -21.72 13.06 -3.60
C TYR D 41 -21.95 12.45 -2.23
N LYS D 42 -22.19 13.30 -1.23
CA LYS D 42 -22.60 12.82 0.08
C LYS D 42 -24.09 12.50 0.06
N HIS D 43 -24.48 11.52 0.89
CA HIS D 43 -25.87 11.05 0.93
C HIS D 43 -26.34 11.04 2.39
N PHE D 44 -27.05 12.09 2.77
CA PHE D 44 -27.71 12.16 4.07
C PHE D 44 -29.08 11.48 4.00
N ILE D 45 -29.50 10.90 5.12
CA ILE D 45 -30.84 10.33 5.27
C ILE D 45 -31.58 11.18 6.27
N TYR D 46 -32.81 11.57 5.92
CA TYR D 46 -33.60 12.51 6.70
C TYR D 46 -34.95 11.90 7.07
N ASN D 47 -35.58 12.51 8.06
CA ASN D 47 -36.93 12.15 8.47
C ASN D 47 -37.74 13.40 8.74
N LEU D 48 -38.99 13.41 8.29
CA LEU D 48 -39.94 14.46 8.60
C LEU D 48 -41.16 13.84 9.28
N ASP D 49 -41.66 14.52 10.30
CA ASP D 49 -42.85 14.08 11.01
C ASP D 49 -44.08 14.62 10.29
N THR D 50 -44.92 13.72 9.77
CA THR D 50 -46.09 14.15 9.02
C THR D 50 -47.06 14.94 9.89
N LYS D 51 -47.08 14.69 11.20
CA LYS D 51 -48.01 15.38 12.09
C LYS D 51 -47.44 16.71 12.56
N ASN D 52 -46.20 16.68 13.05
CA ASN D 52 -45.57 17.84 13.66
C ASN D 52 -44.83 18.71 12.65
N LYS D 53 -44.53 18.18 11.47
CA LYS D 53 -43.86 18.93 10.40
C LYS D 53 -42.47 19.41 10.85
N GLU D 54 -41.70 18.49 11.42
CA GLU D 54 -40.35 18.79 11.86
C GLU D 54 -39.36 17.92 11.10
N ILE D 55 -38.37 18.56 10.50
CA ILE D 55 -37.32 17.89 9.74
C ILE D 55 -36.18 17.51 10.67
N LYS D 56 -35.53 16.39 10.39
CA LYS D 56 -34.35 16.01 11.16
C LYS D 56 -33.45 15.13 10.31
N LYS D 57 -32.16 15.46 10.28
CA LYS D 57 -31.17 14.60 9.64
C LYS D 57 -30.93 13.39 10.52
N LEU D 58 -30.78 12.22 9.90
CA LEU D 58 -30.62 10.98 10.64
C LEU D 58 -29.18 10.49 10.57
N THR D 59 -28.72 10.09 9.40
CA THR D 59 -27.35 9.67 9.21
C THR D 59 -26.44 10.88 8.97
N HIS D 60 -25.14 10.65 9.11
CA HIS D 60 -24.18 11.75 9.00
C HIS D 60 -22.89 11.39 8.28
N SER D 61 -22.56 10.10 8.09
CA SER D 61 -21.30 9.75 7.45
C SER D 61 -21.25 10.26 6.01
N GLY D 62 -22.38 10.21 5.31
CA GLY D 62 -22.47 10.73 3.96
C GLY D 62 -22.46 9.68 2.87
N LYS D 63 -22.80 8.43 3.17
CA LYS D 63 -22.77 7.34 2.20
C LYS D 63 -24.01 6.46 2.35
N GLU D 64 -25.16 7.07 2.61
CA GLU D 64 -26.36 6.29 2.92
C GLU D 64 -27.58 6.87 2.21
N LYS D 65 -28.29 6.01 1.47
CA LYS D 65 -29.61 6.30 0.95
C LYS D 65 -30.58 5.27 1.51
N ASN D 66 -31.75 5.74 1.95
CA ASN D 66 -32.71 4.83 2.56
C ASN D 66 -33.37 3.97 1.49
N SER D 67 -33.41 2.66 1.74
CA SER D 67 -34.04 1.73 0.82
C SER D 67 -35.47 1.42 1.22
N LEU D 68 -35.69 1.08 2.49
CA LEU D 68 -36.98 0.63 2.99
C LEU D 68 -37.27 1.31 4.31
N TRP D 69 -38.41 0.95 4.89
CA TRP D 69 -38.69 1.11 6.31
C TRP D 69 -38.72 -0.30 6.90
N LEU D 70 -37.78 -0.59 7.81
CA LEU D 70 -37.77 -1.90 8.45
C LEU D 70 -39.12 -2.22 9.05
N ASN D 71 -39.63 -1.31 9.87
CA ASN D 71 -41.02 -1.30 10.30
C ASN D 71 -41.42 0.16 10.48
N ASN D 72 -42.47 0.41 11.25
CA ASN D 72 -42.92 1.77 11.49
C ASN D 72 -42.05 2.52 12.49
N ASN D 73 -40.82 2.05 12.73
CA ASN D 73 -39.94 2.74 13.67
C ASN D 73 -38.49 2.80 13.23
N THR D 74 -38.09 2.11 12.16
CA THR D 74 -36.68 1.94 11.83
C THR D 74 -36.50 1.86 10.32
N ILE D 75 -35.54 2.63 9.81
CA ILE D 75 -35.15 2.58 8.41
C ILE D 75 -33.97 1.62 8.30
N LEU D 76 -33.94 0.83 7.24
CA LEU D 76 -32.78 -0.01 6.94
C LEU D 76 -32.21 0.42 5.59
N PHE D 77 -30.93 0.77 5.58
CA PHE D 77 -30.24 1.24 4.39
C PHE D 77 -29.03 0.37 4.11
N SER D 78 -28.65 0.31 2.83
CA SER D 78 -27.44 -0.39 2.44
C SER D 78 -26.23 0.54 2.56
N ALA D 79 -25.14 -0.01 3.05
CA ALA D 79 -23.92 0.77 3.26
C ALA D 79 -22.73 -0.18 3.24
N ASP D 80 -21.54 0.38 3.52
CA ASP D 80 -20.28 -0.36 3.50
C ASP D 80 -19.52 -0.04 4.79
N ARG D 81 -19.84 -0.77 5.86
CA ARG D 81 -19.20 -0.57 7.16
C ARG D 81 -18.51 -1.84 7.65
N ASP D 82 -18.28 -2.80 6.76
CA ASP D 82 -17.58 -4.04 7.09
C ASP D 82 -16.40 -4.18 6.15
N LYS D 83 -15.19 -3.97 6.68
CA LYS D 83 -14.01 -3.92 5.84
C LYS D 83 -13.66 -5.27 5.24
N ASP D 84 -13.90 -6.36 5.98
CA ASP D 84 -13.55 -7.68 5.46
C ASP D 84 -14.43 -8.10 4.29
N ILE D 85 -15.59 -7.48 4.13
CA ILE D 85 -16.43 -7.72 2.96
C ILE D 85 -16.01 -6.82 1.80
N GLU D 86 -15.67 -5.56 2.10
CA GLU D 86 -15.20 -4.65 1.06
C GLU D 86 -13.95 -5.19 0.36
N GLU D 87 -13.08 -5.88 1.10
CA GLU D 87 -11.94 -6.54 0.47
C GLU D 87 -12.36 -7.79 -0.29
N LYS D 88 -13.39 -8.49 0.19
CA LYS D 88 -13.89 -9.64 -0.55
C LYS D 88 -14.58 -9.22 -1.83
N LYS D 89 -15.20 -8.03 -1.86
CA LYS D 89 -15.83 -7.55 -3.08
C LYS D 89 -14.80 -7.17 -4.13
N LYS D 90 -13.67 -6.61 -3.70
CA LYS D 90 -12.61 -6.28 -4.63
C LYS D 90 -12.08 -7.51 -5.34
N LEU D 91 -12.07 -8.66 -4.65
CA LEU D 91 -11.62 -9.90 -5.26
C LEU D 91 -12.65 -10.49 -6.22
N GLY D 92 -13.89 -9.99 -6.20
CA GLY D 92 -14.88 -10.43 -7.16
C GLY D 92 -16.12 -11.06 -6.54
N GLU D 93 -16.22 -11.03 -5.21
CA GLU D 93 -17.37 -11.62 -4.54
C GLU D 93 -18.53 -10.62 -4.51
N THR D 94 -19.73 -11.12 -4.75
CA THR D 94 -20.93 -10.29 -4.79
C THR D 94 -21.58 -10.28 -3.41
N TRP D 95 -21.75 -9.09 -2.84
CA TRP D 95 -22.33 -8.96 -1.51
C TRP D 95 -23.03 -7.61 -1.40
N THR D 96 -24.01 -7.54 -0.50
CA THR D 96 -24.69 -6.30 -0.17
C THR D 96 -25.12 -6.36 1.29
N ILE D 97 -24.86 -5.29 2.04
CA ILE D 97 -25.14 -5.23 3.47
C ILE D 97 -26.20 -4.18 3.71
N PHE D 98 -27.08 -4.45 4.68
CA PHE D 98 -28.12 -3.51 5.08
C PHE D 98 -28.02 -3.24 6.57
N TYR D 99 -28.32 -2.01 6.97
CA TYR D 99 -28.18 -1.54 8.34
C TYR D 99 -29.44 -0.81 8.79
N ALA D 100 -29.89 -1.09 10.01
CA ALA D 100 -31.15 -0.55 10.54
C ALA D 100 -30.87 0.57 11.54
N LEU D 101 -31.61 1.66 11.42
CA LEU D 101 -31.44 2.83 12.28
C LEU D 101 -32.78 3.24 12.90
N ASP D 102 -32.93 2.99 14.20
CA ASP D 102 -34.17 3.28 14.92
C ASP D 102 -34.21 4.73 15.40
N ILE D 103 -35.36 5.38 15.22
CA ILE D 103 -35.48 6.79 15.58
C ILE D 103 -36.19 7.02 16.91
N LYS D 104 -36.95 6.06 17.42
CA LYS D 104 -37.57 6.23 18.72
C LYS D 104 -36.56 5.95 19.84
N ASN D 105 -36.06 4.71 19.90
CA ASN D 105 -35.06 4.37 20.91
C ASN D 105 -33.84 5.28 20.78
N GLY D 106 -33.38 5.51 19.55
CA GLY D 106 -32.21 6.34 19.33
C GLY D 106 -30.97 5.51 19.12
N GLY D 107 -29.81 6.06 19.48
CA GLY D 107 -28.55 5.37 19.29
C GLY D 107 -28.02 5.53 17.88
N GLU D 108 -27.46 4.45 17.32
CA GLU D 108 -26.98 4.48 15.95
C GLU D 108 -27.45 3.25 15.20
N ALA D 109 -26.94 3.06 13.98
CA ALA D 109 -27.38 1.95 13.14
C ALA D 109 -26.62 0.68 13.48
N TYR D 110 -27.30 -0.45 13.32
CA TYR D 110 -26.70 -1.77 13.50
C TYR D 110 -26.86 -2.58 12.24
N GLU D 111 -25.97 -3.55 12.07
CA GLU D 111 -26.04 -4.44 10.91
C GLU D 111 -27.25 -5.36 11.02
N TYR D 112 -27.84 -5.65 9.88
CA TYR D 112 -29.08 -6.44 9.88
C TYR D 112 -29.06 -7.61 8.91
N MET D 113 -28.47 -7.45 7.73
CA MET D 113 -28.57 -8.46 6.69
C MET D 113 -27.26 -8.58 5.92
N LYS D 114 -27.07 -9.76 5.32
CA LYS D 114 -25.97 -10.04 4.42
C LYS D 114 -26.49 -10.88 3.28
N LEU D 115 -26.38 -10.37 2.06
CA LEU D 115 -26.97 -11.03 0.90
C LEU D 115 -25.92 -11.27 -0.17
N PRO D 116 -25.77 -12.51 -0.64
CA PRO D 116 -24.62 -12.83 -1.49
C PRO D 116 -24.80 -12.45 -2.96
N VAL D 117 -25.40 -11.30 -3.20
CA VAL D 117 -25.51 -10.70 -4.53
C VAL D 117 -25.39 -9.19 -4.38
N ASN D 118 -25.34 -8.52 -5.53
CA ASN D 118 -25.33 -7.06 -5.58
C ASN D 118 -26.74 -6.58 -5.87
N VAL D 119 -27.36 -5.98 -4.85
CA VAL D 119 -28.79 -5.65 -4.90
C VAL D 119 -29.00 -4.38 -5.70
N THR D 120 -29.94 -4.40 -6.64
CA THR D 120 -30.28 -3.24 -7.44
C THR D 120 -31.55 -2.52 -6.97
N GLU D 121 -32.46 -3.24 -6.29
CA GLU D 121 -33.68 -2.65 -5.75
C GLU D 121 -34.32 -3.67 -4.82
N ILE D 122 -34.78 -3.19 -3.66
CA ILE D 122 -35.26 -4.05 -2.58
C ILE D 122 -36.70 -3.72 -2.23
N LYS D 123 -37.51 -4.75 -2.03
CA LYS D 123 -38.85 -4.63 -1.49
C LYS D 123 -39.00 -5.62 -0.33
N ILE D 124 -39.88 -5.29 0.60
CA ILE D 124 -39.91 -5.97 1.90
C ILE D 124 -41.28 -6.64 2.08
N ILE D 125 -41.25 -7.96 2.25
CA ILE D 125 -42.48 -8.69 2.55
C ILE D 125 -42.86 -8.52 4.01
N ASP D 126 -41.88 -8.70 4.89
CA ASP D 126 -42.11 -8.77 6.33
C ASP D 126 -40.93 -8.15 7.09
N GLU D 127 -40.48 -8.80 8.16
CA GLU D 127 -39.21 -8.48 8.77
C GLU D 127 -38.16 -9.54 8.50
N ASN D 128 -38.51 -10.61 7.77
CA ASN D 128 -37.61 -11.74 7.57
C ASN D 128 -37.81 -12.40 6.21
N ASN D 129 -38.27 -11.65 5.22
CA ASN D 129 -38.45 -12.13 3.86
C ASN D 129 -38.49 -10.92 2.93
N PHE D 130 -37.73 -10.98 1.85
CA PHE D 130 -37.60 -9.83 0.96
C PHE D 130 -37.67 -10.31 -0.48
N ILE D 131 -38.24 -9.46 -1.34
CA ILE D 131 -38.27 -9.68 -2.78
C ILE D 131 -37.25 -8.75 -3.43
N LEU D 132 -36.46 -9.30 -4.34
CA LEU D 132 -35.19 -8.68 -4.69
C LEU D 132 -34.87 -8.83 -6.16
N THR D 133 -34.52 -7.71 -6.80
CA THR D 133 -33.84 -7.73 -8.09
C THR D 133 -32.37 -7.40 -7.84
N ALA D 134 -31.48 -8.16 -8.48
CA ALA D 134 -30.05 -8.05 -8.18
C ALA D 134 -29.24 -8.43 -9.40
N ASP D 135 -27.93 -8.20 -9.29
CA ASP D 135 -27.01 -8.45 -10.40
C ASP D 135 -26.68 -9.94 -10.46
N PHE D 136 -26.96 -10.56 -11.60
CA PHE D 136 -26.62 -11.95 -11.86
C PHE D 136 -25.84 -12.03 -13.16
N ASP D 137 -24.96 -13.03 -13.23
CA ASP D 137 -24.03 -13.16 -14.35
C ASP D 137 -24.04 -14.61 -14.83
N ASN D 138 -24.45 -14.80 -16.09
CA ASN D 138 -24.47 -16.15 -16.67
C ASN D 138 -23.08 -16.76 -16.70
N ASN D 139 -22.03 -15.94 -16.74
CA ASN D 139 -20.65 -16.41 -16.76
C ASN D 139 -19.94 -16.12 -15.44
N SER D 140 -20.68 -15.97 -14.35
CA SER D 140 -20.07 -15.64 -13.07
C SER D 140 -19.20 -16.77 -12.56
N LEU D 141 -18.07 -16.41 -11.96
CA LEU D 141 -17.27 -17.34 -11.17
C LEU D 141 -17.74 -17.16 -9.72
N ASN D 142 -18.70 -17.99 -9.31
CA ASN D 142 -19.32 -17.87 -8.00
C ASN D 142 -18.26 -17.95 -6.90
N LEU D 143 -17.63 -16.80 -6.63
CA LEU D 143 -16.45 -16.76 -5.77
C LEU D 143 -16.78 -16.97 -4.30
N ASN D 144 -18.03 -16.73 -3.89
CA ASN D 144 -18.40 -16.99 -2.51
C ASN D 144 -18.43 -18.48 -2.21
N ASP D 145 -18.67 -19.30 -3.24
CA ASP D 145 -18.81 -20.75 -3.07
C ASP D 145 -17.54 -21.52 -3.41
N LEU D 146 -16.37 -20.87 -3.34
CA LEU D 146 -15.10 -21.56 -3.50
C LEU D 146 -14.23 -21.25 -2.28
N LYS D 147 -13.31 -22.18 -1.97
CA LYS D 147 -12.57 -22.10 -0.72
C LYS D 147 -11.13 -22.59 -0.80
N GLY D 148 -10.86 -23.59 -1.66
CA GLY D 148 -9.55 -24.21 -1.69
C GLY D 148 -8.55 -23.52 -2.60
N GLY D 149 -7.95 -24.29 -3.51
CA GLY D 149 -7.10 -23.71 -4.53
C GLY D 149 -7.88 -23.12 -5.68
N GLU D 150 -9.05 -23.69 -5.99
CA GLU D 150 -9.93 -23.10 -6.99
C GLU D 150 -10.30 -21.67 -6.61
N ARG D 151 -10.42 -21.40 -5.30
CA ARG D 151 -10.46 -20.03 -4.80
C ARG D 151 -9.32 -19.20 -5.38
N GLU D 152 -8.08 -19.63 -5.13
CA GLU D 152 -6.91 -18.91 -5.64
C GLU D 152 -6.91 -18.86 -7.16
N LYS D 153 -7.33 -19.95 -7.81
CA LYS D 153 -7.35 -19.98 -9.27
C LYS D 153 -8.43 -19.04 -9.83
N ALA D 154 -9.52 -18.86 -9.09
CA ALA D 154 -10.60 -18.00 -9.58
C ALA D 154 -10.27 -16.53 -9.42
N ILE D 155 -9.65 -16.15 -8.30
CA ILE D 155 -9.24 -14.76 -8.09
C ILE D 155 -8.34 -14.30 -9.24
N LYS D 156 -7.41 -15.17 -9.65
CA LYS D 156 -6.55 -14.85 -10.78
C LYS D 156 -7.33 -14.78 -12.08
N GLN D 157 -8.22 -15.75 -12.29
CA GLN D 157 -9.01 -15.78 -13.52
C GLN D 157 -9.92 -14.56 -13.63
N ILE D 158 -10.45 -14.10 -12.49
CA ILE D 158 -11.27 -12.89 -12.50
C ILE D 158 -10.45 -11.68 -12.90
N GLU D 159 -9.20 -11.61 -12.44
CA GLU D 159 -8.35 -10.47 -12.77
C GLU D 159 -8.01 -10.45 -14.25
N GLU D 160 -7.64 -11.60 -14.81
CA GLU D 160 -7.31 -11.66 -16.23
C GLU D 160 -8.52 -11.34 -17.09
N ASN D 161 -9.71 -11.77 -16.68
CA ASN D 161 -10.92 -11.55 -17.45
C ASN D 161 -11.28 -10.06 -17.54
N LYS D 162 -10.78 -9.23 -16.62
CA LYS D 162 -11.02 -7.79 -16.71
C LYS D 162 -10.51 -7.22 -18.02
N ASP D 163 -9.44 -7.78 -18.57
CA ASP D 163 -8.82 -7.29 -19.79
C ASP D 163 -9.67 -7.55 -21.03
N TYR D 164 -10.82 -8.22 -20.91
CA TYR D 164 -11.63 -8.55 -22.06
C TYR D 164 -13.10 -8.30 -21.78
N GLU D 165 -13.83 -7.99 -22.86
CA GLU D 165 -15.28 -7.97 -22.85
C GLU D 165 -15.75 -8.81 -24.04
N VAL D 166 -16.64 -9.77 -23.77
CA VAL D 166 -17.11 -10.70 -24.78
C VAL D 166 -18.57 -10.38 -25.09
N LEU D 167 -18.92 -10.34 -26.37
CA LEU D 167 -20.24 -9.95 -26.83
C LEU D 167 -20.84 -11.07 -27.68
N ASP D 168 -22.03 -11.53 -27.29
CA ASP D 168 -22.79 -12.45 -28.11
C ASP D 168 -24.29 -12.16 -28.10
N GLU D 169 -24.73 -11.13 -27.40
CA GLU D 169 -26.08 -10.61 -27.50
C GLU D 169 -26.04 -9.29 -28.25
N ILE D 170 -27.17 -8.91 -28.84
CA ILE D 170 -27.22 -7.70 -29.65
C ILE D 170 -27.29 -6.43 -28.79
N PRO D 171 -27.82 -6.46 -27.54
CA PRO D 171 -27.61 -5.28 -26.67
C PRO D 171 -26.56 -5.59 -25.61
N PHE D 172 -25.28 -5.39 -25.95
CA PHE D 172 -24.22 -5.88 -25.08
C PHE D 172 -23.91 -4.95 -23.92
N TRP D 173 -24.15 -3.64 -24.06
CA TRP D 173 -24.00 -2.73 -22.94
C TRP D 173 -25.28 -1.94 -22.76
N SER D 174 -25.34 -1.20 -21.64
CA SER D 174 -26.48 -0.35 -21.32
C SER D 174 -25.95 0.89 -20.62
N ASN D 175 -26.35 2.06 -21.11
CA ASN D 175 -25.78 3.31 -20.61
C ASN D 175 -26.02 3.45 -19.11
N GLY D 176 -24.98 3.91 -18.41
CA GLY D 176 -25.02 4.02 -16.97
C GLY D 176 -24.78 2.73 -16.22
N ASN D 177 -24.49 1.64 -16.92
CA ASN D 177 -24.27 0.35 -16.26
C ASN D 177 -23.20 -0.50 -16.96
N GLY D 178 -22.46 0.06 -17.91
CA GLY D 178 -21.36 -0.67 -18.52
C GLY D 178 -21.81 -1.84 -19.38
N PHE D 179 -20.85 -2.72 -19.66
CA PHE D 179 -21.13 -3.92 -20.44
C PHE D 179 -22.09 -4.84 -19.68
N ARG D 180 -23.03 -5.44 -20.41
CA ARG D 180 -24.03 -6.29 -19.79
C ARG D 180 -24.29 -7.55 -20.62
N ASN D 181 -23.31 -7.99 -21.39
CA ASN D 181 -23.48 -9.19 -22.21
C ASN D 181 -23.59 -10.42 -21.30
N LYS D 182 -24.74 -11.10 -21.38
CA LYS D 182 -25.06 -12.26 -20.56
C LYS D 182 -25.14 -11.92 -19.07
N LYS D 183 -25.30 -10.63 -18.73
CA LYS D 183 -25.59 -10.19 -17.38
C LYS D 183 -27.01 -9.66 -17.34
N ARG D 184 -27.75 -10.03 -16.29
CA ARG D 184 -29.18 -9.72 -16.20
C ARG D 184 -29.50 -9.08 -14.87
N ASN D 185 -30.73 -8.59 -14.76
CA ASN D 185 -31.28 -8.04 -13.52
C ASN D 185 -32.24 -9.08 -12.96
N ARG D 186 -31.67 -10.05 -12.26
CA ARG D 186 -32.41 -11.23 -11.82
C ARG D 186 -33.24 -10.95 -10.58
N LEU D 187 -34.42 -11.54 -10.53
CA LEU D 187 -35.31 -11.40 -9.39
C LEU D 187 -35.10 -12.53 -8.39
N TYR D 188 -35.07 -12.18 -7.11
CA TYR D 188 -34.79 -13.12 -6.04
C TYR D 188 -35.75 -12.91 -4.88
N HIS D 189 -36.01 -13.99 -4.14
CA HIS D 189 -36.61 -13.91 -2.82
C HIS D 189 -35.58 -14.36 -1.78
N PHE D 190 -35.52 -13.65 -0.66
CA PHE D 190 -34.56 -13.93 0.39
C PHE D 190 -35.29 -14.19 1.70
N ASP D 191 -34.96 -15.30 2.34
CA ASP D 191 -35.51 -15.66 3.65
C ASP D 191 -34.39 -15.53 4.68
N LYS D 192 -34.34 -14.39 5.36
CA LYS D 192 -33.31 -14.16 6.37
C LYS D 192 -33.38 -15.17 7.50
N SER D 193 -34.60 -15.59 7.88
CA SER D 193 -34.76 -16.61 8.90
C SER D 193 -33.91 -17.83 8.61
N ASN D 194 -33.92 -18.30 7.35
CA ASN D 194 -33.12 -19.46 6.98
C ASN D 194 -31.90 -19.10 6.16
N ASN D 195 -31.65 -17.80 5.94
CA ASN D 195 -30.57 -17.32 5.08
C ASN D 195 -30.58 -18.07 3.74
N LYS D 196 -31.66 -17.85 3.00
CA LYS D 196 -31.91 -18.56 1.75
C LYS D 196 -32.31 -17.57 0.67
N LEU D 197 -31.63 -17.62 -0.47
CA LEU D 197 -31.87 -16.73 -1.60
C LEU D 197 -32.37 -17.57 -2.78
N THR D 198 -33.64 -17.39 -3.14
CA THR D 198 -34.28 -18.21 -4.16
C THR D 198 -34.43 -17.44 -5.46
N PRO D 199 -34.03 -18.02 -6.60
CA PRO D 199 -34.22 -17.34 -7.88
C PRO D 199 -35.66 -17.44 -8.37
N ILE D 200 -36.14 -16.37 -8.98
CA ILE D 200 -37.51 -16.32 -9.49
C ILE D 200 -37.47 -16.29 -11.02
N SER D 201 -37.09 -15.15 -11.59
CA SER D 201 -36.89 -15.09 -13.03
C SER D 201 -35.65 -15.89 -13.40
N ASP D 202 -35.74 -16.63 -14.51
CA ASP D 202 -34.67 -17.55 -14.89
C ASP D 202 -33.50 -16.76 -15.48
N GLU D 203 -32.54 -17.48 -16.05
CA GLU D 203 -31.19 -16.98 -16.28
C GLU D 203 -31.11 -15.87 -17.33
N TYR D 204 -32.17 -15.61 -18.08
CA TYR D 204 -32.06 -14.72 -19.23
C TYR D 204 -33.13 -13.63 -19.22
N THR D 205 -33.59 -13.21 -18.05
CA THR D 205 -34.69 -12.28 -17.94
C THR D 205 -34.26 -11.03 -17.19
N ASN D 206 -34.46 -9.87 -17.81
CA ASN D 206 -34.23 -8.57 -17.17
C ASN D 206 -35.54 -8.12 -16.53
N VAL D 207 -35.60 -8.14 -15.20
CA VAL D 207 -36.76 -7.60 -14.50
C VAL D 207 -36.67 -6.07 -14.60
N GLU D 208 -37.50 -5.49 -15.46
CA GLU D 208 -37.49 -4.06 -15.67
C GLU D 208 -38.29 -3.31 -14.61
N SER D 209 -39.21 -4.00 -13.92
CA SER D 209 -39.97 -3.46 -12.81
C SER D 209 -40.66 -4.63 -12.13
N PHE D 210 -40.93 -4.47 -10.84
CA PHE D 210 -41.60 -5.52 -10.09
C PHE D 210 -42.33 -4.91 -8.90
N ASN D 211 -43.49 -5.48 -8.59
CA ASN D 211 -44.29 -5.07 -7.44
C ASN D 211 -44.72 -6.32 -6.69
N ILE D 212 -45.16 -6.12 -5.45
CA ILE D 212 -45.39 -7.21 -4.52
C ILE D 212 -46.62 -6.90 -3.67
N LYS D 213 -47.46 -7.91 -3.48
CA LYS D 213 -48.73 -7.76 -2.77
C LYS D 213 -48.64 -8.24 -1.32
N GLU D 214 -48.84 -9.54 -1.10
CA GLU D 214 -48.74 -10.15 0.22
C GLU D 214 -47.50 -11.02 0.21
N ASN D 215 -47.60 -12.29 -0.18
CA ASN D 215 -46.45 -13.09 -0.57
C ASN D 215 -46.46 -13.39 -2.07
N LYS D 216 -47.19 -12.61 -2.87
CA LYS D 216 -47.25 -12.72 -4.31
C LYS D 216 -46.49 -11.56 -4.94
N VAL D 217 -45.89 -11.80 -6.11
CA VAL D 217 -45.00 -10.83 -6.75
C VAL D 217 -45.47 -10.64 -8.19
N ILE D 218 -45.59 -9.38 -8.62
CA ILE D 218 -45.85 -9.08 -10.01
C ILE D 218 -44.61 -8.37 -10.57
N PHE D 219 -44.07 -8.89 -11.67
CA PHE D 219 -42.79 -8.39 -12.19
C PHE D 219 -42.79 -8.35 -13.71
N VAL D 220 -42.15 -7.30 -14.25
CA VAL D 220 -41.92 -7.15 -15.69
C VAL D 220 -40.75 -8.05 -16.10
N GLY D 221 -40.86 -8.67 -17.27
CA GLY D 221 -39.82 -9.57 -17.71
C GLY D 221 -39.55 -9.56 -19.20
N ARG D 222 -38.30 -9.29 -19.58
CA ARG D 222 -37.85 -9.38 -20.96
C ARG D 222 -36.79 -10.47 -21.04
N THR D 223 -37.12 -11.55 -21.74
CA THR D 223 -36.24 -12.72 -21.85
C THR D 223 -35.66 -12.78 -23.26
N TYR D 224 -34.34 -13.01 -23.32
CA TYR D 224 -33.62 -13.17 -24.57
C TYR D 224 -32.27 -13.79 -24.26
N LYS D 225 -31.65 -14.36 -25.28
CA LYS D 225 -30.25 -14.77 -25.19
C LYS D 225 -29.43 -14.47 -26.44
N ASP D 226 -30.05 -14.16 -27.57
CA ASP D 226 -29.36 -13.67 -28.75
C ASP D 226 -29.76 -12.26 -29.13
N LYS D 227 -31.02 -11.88 -28.94
CA LYS D 227 -31.52 -10.61 -29.46
C LYS D 227 -32.73 -10.20 -28.62
N GLN D 228 -32.57 -9.14 -27.82
CA GLN D 228 -33.68 -8.62 -27.04
C GLN D 228 -34.75 -8.07 -27.98
N ALA D 229 -35.96 -8.59 -27.87
CA ALA D 229 -37.05 -8.19 -28.74
C ALA D 229 -37.79 -6.99 -28.14
N LEU D 230 -38.71 -6.45 -28.94
CA LEU D 230 -39.41 -5.21 -28.61
C LEU D 230 -40.53 -5.40 -27.58
N THR D 231 -40.80 -6.63 -27.16
CA THR D 231 -41.93 -6.91 -26.27
C THR D 231 -41.45 -7.46 -24.95
N ALA D 232 -42.21 -7.15 -23.89
CA ALA D 232 -41.92 -7.60 -22.54
C ALA D 232 -43.04 -8.47 -22.03
N GLY D 233 -42.70 -9.42 -21.14
CA GLY D 233 -43.66 -10.38 -20.63
C GLY D 233 -44.03 -10.13 -19.18
N LEU D 234 -45.22 -10.59 -18.80
CA LEU D 234 -45.76 -10.42 -17.46
C LEU D 234 -45.95 -11.79 -16.83
N TYR D 235 -45.26 -12.05 -15.73
CA TYR D 235 -45.37 -13.29 -14.98
C TYR D 235 -45.72 -12.96 -13.54
N THR D 236 -46.17 -13.97 -12.78
CA THR D 236 -46.41 -13.79 -11.34
C THR D 236 -45.73 -14.92 -10.56
N TYR D 237 -45.60 -14.71 -9.25
CA TYR D 237 -44.86 -15.68 -8.41
C TYR D 237 -45.28 -15.50 -6.96
N ASP D 238 -46.05 -16.44 -6.43
CA ASP D 238 -46.31 -16.53 -5.00
C ASP D 238 -45.14 -17.25 -4.34
N VAL D 239 -44.60 -16.63 -3.28
CA VAL D 239 -43.39 -17.16 -2.65
C VAL D 239 -43.65 -18.55 -2.07
N LYS D 240 -44.67 -18.66 -1.21
CA LYS D 240 -44.98 -19.94 -0.59
C LYS D 240 -45.35 -20.99 -1.63
N SER D 241 -46.25 -20.65 -2.55
CA SER D 241 -46.66 -21.59 -3.57
C SER D 241 -45.57 -21.85 -4.59
N ASN D 242 -44.58 -20.97 -4.69
CA ASN D 242 -43.43 -21.10 -5.59
C ASN D 242 -43.85 -21.49 -7.01
N LYS D 243 -44.98 -20.95 -7.46
CA LYS D 243 -45.47 -21.20 -8.80
C LYS D 243 -45.21 -20.00 -9.70
N LEU D 244 -44.78 -20.28 -10.93
CA LEU D 244 -44.58 -19.26 -11.94
C LEU D 244 -45.60 -19.47 -13.06
N GLU D 245 -46.39 -18.44 -13.34
CA GLU D 245 -47.53 -18.53 -14.25
C GLU D 245 -47.30 -17.58 -15.42
N ILE D 246 -47.15 -18.14 -16.62
CA ILE D 246 -47.09 -17.33 -17.83
C ILE D 246 -48.45 -16.69 -18.05
N ILE D 247 -48.55 -15.40 -17.74
CA ILE D 247 -49.81 -14.67 -17.88
C ILE D 247 -49.93 -14.18 -19.31
N ILE D 248 -49.20 -13.12 -19.65
CA ILE D 248 -49.12 -12.63 -21.02
C ILE D 248 -47.87 -13.21 -21.64
N SER D 249 -48.03 -14.00 -22.71
CA SER D 249 -46.87 -14.51 -23.41
C SER D 249 -46.08 -13.34 -24.00
N ASP D 250 -44.80 -13.61 -24.31
CA ASP D 250 -43.76 -12.59 -24.38
C ASP D 250 -43.60 -11.91 -25.74
N ASN D 251 -44.62 -11.94 -26.60
CA ASN D 251 -44.45 -11.41 -27.96
C ASN D 251 -45.46 -10.33 -28.33
N LEU D 252 -46.17 -9.74 -27.38
CA LEU D 252 -47.30 -8.87 -27.72
C LEU D 252 -47.12 -7.43 -27.26
N TYR D 253 -46.91 -7.17 -25.98
CA TYR D 253 -47.00 -5.81 -25.45
C TYR D 253 -45.76 -5.45 -24.66
N ASP D 254 -45.64 -4.16 -24.34
CA ASP D 254 -44.64 -3.62 -23.43
C ASP D 254 -45.34 -3.02 -22.23
N ILE D 255 -44.83 -3.30 -21.03
CA ILE D 255 -45.49 -2.88 -19.80
C ILE D 255 -44.57 -1.94 -19.02
N SER D 256 -45.20 -1.07 -18.21
CA SER D 256 -44.47 -0.07 -17.45
C SER D 256 -44.68 -0.22 -15.95
N TYR D 257 -45.92 -0.14 -15.47
CA TYR D 257 -46.19 -0.21 -14.02
C TYR D 257 -46.47 -1.65 -13.59
N ALA D 258 -47.62 -2.18 -13.99
CA ALA D 258 -47.95 -3.61 -13.81
C ALA D 258 -48.00 -4.00 -12.33
N ASN D 259 -48.74 -3.24 -11.54
CA ASN D 259 -48.89 -3.53 -10.12
C ASN D 259 -50.26 -4.12 -9.82
N PHE D 260 -50.33 -4.96 -8.80
CA PHE D 260 -51.61 -5.45 -8.30
C PHE D 260 -52.43 -4.29 -7.77
N ILE D 261 -53.76 -4.38 -7.92
CA ILE D 261 -54.65 -3.31 -7.52
C ILE D 261 -55.50 -3.77 -6.32
N GLU D 262 -56.60 -4.47 -6.59
CA GLU D 262 -57.49 -4.93 -5.52
C GLU D 262 -57.37 -6.44 -5.36
N ASP D 263 -58.05 -7.17 -6.25
CA ASP D 263 -57.88 -8.60 -6.39
C ASP D 263 -57.44 -8.99 -7.79
N LYS D 264 -57.27 -8.01 -8.68
CA LYS D 264 -56.84 -8.24 -10.06
C LYS D 264 -55.50 -7.54 -10.30
N ILE D 265 -55.24 -7.12 -11.54
CA ILE D 265 -54.00 -6.43 -11.87
C ILE D 265 -54.32 -5.22 -12.74
N ILE D 266 -53.75 -4.07 -12.40
CA ILE D 266 -53.78 -2.90 -13.26
C ILE D 266 -52.42 -2.76 -13.92
N CYS D 267 -52.41 -2.44 -15.21
CA CYS D 267 -51.19 -2.53 -15.98
C CYS D 267 -51.26 -1.60 -17.20
N ALA D 268 -50.14 -0.95 -17.50
CA ALA D 268 -50.04 -0.07 -18.66
C ALA D 268 -49.27 -0.80 -19.76
N LEU D 269 -49.93 -1.01 -20.90
CA LEU D 269 -49.38 -1.82 -21.98
C LEU D 269 -49.36 -0.99 -23.26
N SER D 270 -48.93 -1.65 -24.35
CA SER D 270 -49.12 -1.17 -25.71
C SER D 270 -48.55 -2.15 -26.73
N ASP D 271 -49.41 -2.62 -27.64
CA ASP D 271 -48.91 -3.17 -28.90
C ASP D 271 -48.47 -2.02 -29.78
N MET D 272 -47.19 -1.99 -30.15
CA MET D 272 -46.61 -0.86 -30.87
C MET D 272 -46.99 -0.86 -32.35
N LYS D 273 -48.22 -1.23 -32.68
CA LYS D 273 -48.64 -1.34 -34.07
C LYS D 273 -49.00 0.01 -34.68
N GLU D 274 -49.50 0.95 -33.87
CA GLU D 274 -49.99 2.23 -34.38
C GLU D 274 -48.88 3.29 -34.38
N TYR D 275 -48.45 3.70 -33.19
CA TYR D 275 -47.54 4.84 -33.05
C TYR D 275 -46.11 4.45 -32.72
N GLY D 276 -45.80 3.16 -32.65
CA GLY D 276 -44.43 2.71 -32.55
C GLY D 276 -43.98 2.38 -31.14
N ILE D 277 -42.65 2.26 -31.02
CA ILE D 277 -42.04 1.86 -29.75
C ILE D 277 -42.45 2.79 -28.63
N ASN D 278 -42.46 4.09 -28.90
CA ASN D 278 -42.74 5.11 -27.90
C ASN D 278 -44.22 5.51 -27.88
N GLU D 279 -45.11 4.65 -28.37
CA GLU D 279 -46.53 4.92 -28.31
C GLU D 279 -47.01 4.98 -26.86
N ASN D 280 -47.80 6.01 -26.55
CA ASN D 280 -48.29 6.18 -25.19
C ASN D 280 -49.02 4.94 -24.70
N HIS D 281 -48.85 4.62 -23.43
CA HIS D 281 -49.33 3.36 -22.86
C HIS D 281 -50.74 3.55 -22.32
N LYS D 282 -51.71 2.88 -22.95
CA LYS D 282 -53.02 2.75 -22.34
C LYS D 282 -52.95 1.79 -21.16
N ILE D 283 -53.95 1.91 -20.28
CA ILE D 283 -53.98 1.12 -19.04
C ILE D 283 -55.13 0.15 -19.12
N TYR D 284 -54.83 -1.14 -18.92
CA TYR D 284 -55.82 -2.21 -18.91
C TYR D 284 -55.93 -2.83 -17.53
N LEU D 285 -56.94 -3.67 -17.36
CA LEU D 285 -57.13 -4.49 -16.18
C LEU D 285 -57.08 -5.95 -16.59
N ILE D 286 -56.27 -6.74 -15.91
CA ILE D 286 -56.12 -8.16 -16.23
C ILE D 286 -56.58 -8.99 -15.04
N ASP D 287 -57.24 -10.11 -15.34
CA ASP D 287 -57.50 -11.16 -14.37
C ASP D 287 -57.94 -12.40 -15.13
N SER D 288 -57.48 -13.57 -14.69
CA SER D 288 -57.73 -14.82 -15.40
C SER D 288 -57.35 -14.71 -16.87
N ASN D 289 -56.31 -13.91 -17.15
CA ASN D 289 -55.82 -13.63 -18.50
C ASN D 289 -56.86 -12.89 -19.33
N LYS D 290 -57.56 -11.95 -18.70
CA LYS D 290 -58.45 -11.02 -19.40
C LYS D 290 -57.72 -9.71 -19.65
N ASN D 291 -56.73 -9.76 -20.55
CA ASN D 291 -55.93 -8.59 -20.84
C ASN D 291 -56.65 -7.55 -21.70
N ILE D 292 -57.77 -7.93 -22.33
CA ILE D 292 -58.49 -7.00 -23.19
C ILE D 292 -59.23 -5.94 -22.38
N ASN D 293 -59.53 -6.22 -21.12
CA ASN D 293 -60.33 -5.31 -20.30
C ASN D 293 -59.65 -3.95 -20.16
N LEU D 294 -60.05 -3.01 -21.02
CA LEU D 294 -59.49 -1.66 -21.01
C LEU D 294 -60.33 -0.76 -20.12
N LEU D 295 -59.67 -0.03 -19.21
CA LEU D 295 -60.37 0.88 -18.31
C LEU D 295 -60.10 2.34 -18.59
N TYR D 296 -59.05 2.67 -19.35
CA TYR D 296 -58.72 4.07 -19.64
C TYR D 296 -57.78 4.13 -20.83
N GLU D 297 -58.16 4.88 -21.86
CA GLU D 297 -57.27 5.14 -22.99
C GLU D 297 -56.38 6.34 -22.63
N ASN D 298 -55.12 6.06 -22.32
CA ASN D 298 -54.17 7.09 -21.94
C ASN D 298 -53.37 7.54 -23.15
N ASP D 299 -53.18 8.85 -23.26
CA ASP D 299 -52.46 9.46 -24.38
C ASP D 299 -51.26 10.27 -23.89
N THR D 300 -50.67 9.87 -22.77
CA THR D 300 -49.51 10.56 -22.20
C THR D 300 -48.46 9.52 -21.82
N TRP D 301 -47.21 9.98 -21.78
CA TRP D 301 -46.15 9.19 -21.17
C TRP D 301 -46.21 9.37 -19.66
N LEU D 302 -46.26 8.26 -18.94
CA LEU D 302 -46.54 8.28 -17.50
C LEU D 302 -45.24 8.46 -16.72
N ALA D 303 -44.71 9.68 -16.78
CA ALA D 303 -43.46 10.03 -16.11
C ALA D 303 -43.32 11.54 -16.10
N CYS D 304 -42.39 12.02 -15.27
CA CYS D 304 -42.02 13.43 -15.24
C CYS D 304 -40.89 13.64 -16.25
N THR D 305 -41.23 14.19 -17.42
CA THR D 305 -40.27 14.39 -18.49
C THR D 305 -39.84 15.85 -18.63
N VAL D 306 -39.92 16.61 -17.54
CA VAL D 306 -39.54 18.02 -17.54
C VAL D 306 -38.07 18.08 -17.12
N GLY D 307 -37.18 18.15 -18.11
CA GLY D 307 -35.76 18.01 -17.84
C GLY D 307 -35.20 19.13 -16.98
N SER D 308 -34.06 18.82 -16.36
CA SER D 308 -33.36 19.72 -15.46
C SER D 308 -31.99 19.13 -15.16
N ASP D 309 -31.02 20.00 -14.87
CA ASP D 309 -29.71 19.56 -14.42
C ASP D 309 -29.54 19.70 -12.90
N CYS D 310 -30.65 19.81 -12.17
CA CYS D 310 -30.60 19.94 -10.72
C CYS D 310 -31.36 18.80 -10.06
N ARG D 311 -31.10 17.57 -10.48
CA ARG D 311 -31.68 16.38 -9.89
C ARG D 311 -30.58 15.37 -9.61
N LEU D 312 -30.73 14.62 -8.52
CA LEU D 312 -29.80 13.53 -8.20
C LEU D 312 -30.62 12.41 -7.56
N GLY D 313 -30.86 11.35 -8.32
CA GLY D 313 -31.66 10.24 -7.85
C GLY D 313 -33.15 10.48 -8.02
N GLY D 314 -33.90 9.42 -8.28
CA GLY D 314 -35.33 9.50 -8.48
C GLY D 314 -36.11 9.06 -7.27
N GLY D 315 -37.35 8.67 -7.50
CA GLY D 315 -38.23 8.22 -6.43
C GLY D 315 -39.45 7.52 -6.97
N LYS D 316 -40.57 7.71 -6.27
CA LYS D 316 -41.82 7.03 -6.60
C LYS D 316 -42.61 7.84 -7.61
N SER D 317 -42.74 7.32 -8.82
CA SER D 317 -43.52 7.98 -9.87
C SER D 317 -44.95 7.46 -9.94
N PHE D 318 -45.24 6.32 -9.32
CA PHE D 318 -46.57 5.74 -9.30
C PHE D 318 -46.93 5.34 -7.88
N LYS D 319 -48.20 4.99 -7.69
CA LYS D 319 -48.70 4.41 -6.45
C LYS D 319 -50.10 3.88 -6.63
N VAL D 320 -50.37 2.76 -5.98
CA VAL D 320 -51.66 2.10 -6.04
C VAL D 320 -52.05 1.77 -4.59
N ILE D 321 -52.78 2.69 -3.95
CA ILE D 321 -53.31 2.48 -2.61
C ILE D 321 -54.80 2.17 -2.75
N GLY D 322 -55.18 0.95 -2.37
CA GLY D 322 -56.59 0.60 -2.37
C GLY D 322 -57.17 0.38 -3.76
N ASN D 323 -58.07 1.28 -4.16
CA ASN D 323 -58.78 1.14 -5.44
C ASN D 323 -58.27 2.08 -6.51
N LYS D 324 -57.67 3.20 -6.15
CA LYS D 324 -57.23 4.21 -7.09
C LYS D 324 -55.73 4.10 -7.35
N LEU D 325 -55.35 4.26 -8.62
CA LEU D 325 -53.95 4.30 -9.02
C LEU D 325 -53.53 5.75 -9.16
N TYR D 326 -52.57 6.17 -8.35
CA TYR D 326 -52.04 7.53 -8.41
C TYR D 326 -50.81 7.53 -9.30
N PHE D 327 -50.87 8.29 -10.40
CA PHE D 327 -49.82 8.26 -11.41
C PHE D 327 -49.55 9.67 -11.92
N LEU D 328 -48.31 9.90 -12.35
CA LEU D 328 -47.89 11.18 -12.89
C LEU D 328 -47.93 11.16 -14.42
N SER D 329 -47.96 12.35 -15.00
CA SER D 329 -47.91 12.51 -16.45
C SER D 329 -47.56 13.95 -16.78
N THR D 330 -46.99 14.14 -17.97
CA THR D 330 -46.61 15.46 -18.47
C THR D 330 -47.58 15.86 -19.57
N ILE D 331 -48.16 17.05 -19.43
CA ILE D 331 -49.24 17.52 -20.29
C ILE D 331 -48.82 18.68 -21.17
N ALA D 332 -48.06 19.62 -20.62
CA ALA D 332 -47.58 20.75 -21.41
C ALA D 332 -46.11 21.01 -21.09
N ASP D 333 -45.88 21.87 -20.10
CA ASP D 333 -44.56 22.06 -19.50
C ASP D 333 -44.60 21.69 -18.03
N SER D 334 -45.53 20.80 -17.68
CA SER D 334 -45.92 20.58 -16.29
C SER D 334 -46.18 19.10 -16.04
N VAL D 335 -46.07 18.72 -14.78
CA VAL D 335 -46.32 17.35 -14.32
C VAL D 335 -47.66 17.33 -13.59
N HIS D 336 -48.54 16.43 -14.01
CA HIS D 336 -49.87 16.29 -13.43
C HIS D 336 -49.94 15.04 -12.57
N LEU D 337 -50.65 15.14 -11.45
CA LEU D 337 -50.90 14.02 -10.56
C LEU D 337 -52.36 13.61 -10.72
N SER D 338 -52.59 12.35 -11.08
CA SER D 338 -53.93 11.90 -11.45
C SER D 338 -54.21 10.52 -10.85
N SER D 339 -55.50 10.21 -10.75
CA SER D 339 -55.98 8.93 -10.25
C SER D 339 -56.74 8.19 -11.35
N LEU D 340 -56.97 6.91 -11.11
CA LEU D 340 -57.65 6.05 -12.07
C LEU D 340 -58.10 4.80 -11.32
N ASP D 341 -59.36 4.79 -10.89
CA ASP D 341 -59.84 3.78 -9.96
C ASP D 341 -60.45 2.59 -10.70
N THR D 342 -61.17 1.74 -9.98
CA THR D 342 -61.69 0.50 -10.55
C THR D 342 -62.88 0.71 -11.48
N ASN D 343 -63.62 1.80 -11.33
CA ASN D 343 -64.76 2.09 -12.18
C ASN D 343 -64.37 2.88 -13.43
N GLY D 344 -63.09 3.27 -13.55
CA GLY D 344 -62.63 4.06 -14.66
C GLY D 344 -62.61 5.55 -14.44
N LYS D 345 -62.93 6.01 -13.23
CA LYS D 345 -63.04 7.43 -12.94
C LYS D 345 -61.65 8.03 -12.76
N VAL D 346 -61.25 8.90 -13.69
CA VAL D 346 -60.01 9.66 -13.59
C VAL D 346 -60.31 10.96 -12.86
N GLU D 347 -59.36 11.40 -12.05
CA GLU D 347 -59.46 12.70 -11.39
C GLU D 347 -58.07 13.33 -11.36
N ILE D 348 -58.05 14.66 -11.49
CA ILE D 348 -56.81 15.43 -11.52
C ILE D 348 -56.54 15.93 -10.10
N LEU D 349 -55.46 15.45 -9.49
CA LEU D 349 -55.17 15.78 -8.11
C LEU D 349 -54.26 16.98 -7.95
N SER D 350 -53.44 17.28 -8.96
CA SER D 350 -52.59 18.46 -8.92
C SER D 350 -52.29 18.90 -10.34
N SER D 351 -52.74 20.10 -10.71
CA SER D 351 -52.51 20.67 -12.02
C SER D 351 -51.55 21.86 -11.97
N GLU D 352 -50.77 21.99 -10.90
CA GLU D 352 -49.92 23.15 -10.70
C GLU D 352 -48.83 23.21 -11.77
N ASN D 353 -48.14 24.35 -11.81
CA ASN D 353 -47.27 24.68 -12.94
C ASN D 353 -46.02 23.80 -12.98
N GLY D 354 -45.25 23.80 -11.89
CA GLY D 354 -43.94 23.18 -11.90
C GLY D 354 -43.92 21.68 -12.07
N SER D 355 -42.77 21.06 -11.75
CA SER D 355 -42.60 19.63 -11.87
C SER D 355 -42.95 18.92 -10.56
N ILE D 356 -43.55 17.75 -10.69
CA ILE D 356 -43.75 16.82 -9.58
C ILE D 356 -42.82 15.64 -9.85
N ASP D 357 -41.63 15.68 -9.27
CA ASP D 357 -40.61 14.69 -9.57
C ASP D 357 -41.02 13.30 -9.08
N PHE D 358 -41.31 13.16 -7.79
CA PHE D 358 -41.79 11.91 -7.25
C PHE D 358 -42.53 12.20 -5.95
N PHE D 359 -43.52 11.35 -5.63
CA PHE D 359 -44.49 11.64 -4.57
C PHE D 359 -44.60 10.47 -3.61
N ASP D 360 -45.26 10.70 -2.47
CA ASP D 360 -45.72 9.58 -1.68
C ASP D 360 -47.05 9.88 -1.00
N ILE D 361 -47.88 8.84 -0.84
CA ILE D 361 -49.21 8.92 -0.22
C ILE D 361 -49.33 7.79 0.79
N ALA D 362 -50.12 8.04 1.85
CA ALA D 362 -50.36 7.06 2.91
C ALA D 362 -51.85 6.96 3.27
N ASN D 363 -52.35 7.97 4.00
CA ASN D 363 -53.72 7.97 4.50
C ASN D 363 -54.57 8.96 3.74
N ASN D 364 -54.52 8.90 2.41
CA ASN D 364 -55.12 9.93 1.55
C ASN D 364 -54.54 11.31 1.83
N GLU D 365 -53.32 11.34 2.35
CA GLU D 365 -52.51 12.54 2.44
C GLU D 365 -51.33 12.38 1.49
N ILE D 366 -51.14 13.36 0.62
CA ILE D 366 -50.20 13.24 -0.50
C ILE D 366 -49.03 14.18 -0.26
N TYR D 367 -47.84 13.60 -0.16
CA TYR D 367 -46.58 14.34 -0.09
C TYR D 367 -45.78 14.08 -1.36
N TYR D 368 -45.07 15.10 -1.82
CA TYR D 368 -44.20 14.95 -2.97
C TYR D 368 -43.06 15.95 -2.86
N VAL D 369 -42.07 15.77 -3.74
CA VAL D 369 -40.98 16.71 -3.91
C VAL D 369 -40.98 17.17 -5.36
N GLY D 370 -40.88 18.48 -5.55
CA GLY D 370 -40.92 19.01 -6.91
C GLY D 370 -40.29 20.38 -6.95
N MET D 371 -40.36 20.98 -8.13
CA MET D 371 -39.76 22.29 -8.38
C MET D 371 -40.87 23.23 -8.84
N ARG D 372 -41.28 24.13 -7.94
CA ARG D 372 -42.32 25.11 -8.21
C ARG D 372 -41.76 26.51 -8.09
N ASP D 373 -42.48 27.48 -8.66
CA ASP D 373 -42.11 28.89 -8.61
C ASP D 373 -40.69 29.11 -9.09
N TYR D 374 -40.23 28.27 -10.02
CA TYR D 374 -38.86 28.27 -10.51
C TYR D 374 -37.86 28.27 -9.35
N THR D 375 -38.01 27.27 -8.48
CA THR D 375 -37.11 27.06 -7.36
C THR D 375 -36.64 25.62 -7.33
N LEU D 376 -35.58 25.38 -6.58
CA LEU D 376 -35.01 24.04 -6.50
C LEU D 376 -35.91 23.13 -5.66
N GLN D 377 -35.52 21.86 -5.59
CA GLN D 377 -36.38 20.82 -5.03
C GLN D 377 -36.70 21.07 -3.56
N GLU D 378 -37.99 20.98 -3.23
CA GLU D 378 -38.45 20.98 -1.84
C GLU D 378 -39.60 19.99 -1.71
N ILE D 379 -39.94 19.66 -0.46
CA ILE D 379 -40.99 18.70 -0.15
C ILE D 379 -42.30 19.45 0.08
N TYR D 380 -43.38 18.94 -0.49
CA TYR D 380 -44.67 19.62 -0.45
C TYR D 380 -45.77 18.67 0.01
N LYS D 381 -46.72 19.21 0.77
CA LYS D 381 -47.97 18.54 1.08
C LYS D 381 -49.04 19.03 0.12
N LEU D 382 -49.78 18.11 -0.48
CA LEU D 382 -50.73 18.43 -1.55
C LEU D 382 -52.15 18.24 -1.04
N GLU D 383 -52.89 19.34 -0.93
CA GLU D 383 -54.27 19.32 -0.45
C GLU D 383 -55.13 20.18 -1.36
N ASN D 384 -56.11 19.54 -2.02
CA ASN D 384 -57.10 20.22 -2.84
C ASN D 384 -56.45 21.12 -3.90
N ASN D 385 -55.53 20.52 -4.67
CA ASN D 385 -54.95 21.11 -5.87
C ASN D 385 -54.05 22.31 -5.59
N SER D 386 -53.47 22.40 -4.40
CA SER D 386 -52.52 23.47 -4.10
C SER D 386 -51.50 22.95 -3.09
N SER D 387 -50.23 23.26 -3.34
CA SER D 387 -49.13 22.71 -2.55
C SER D 387 -48.68 23.70 -1.49
N ILE D 388 -48.60 23.22 -0.24
CA ILE D 388 -48.05 23.99 0.87
C ILE D 388 -46.63 23.51 1.11
N LYS D 389 -45.68 24.43 1.13
CA LYS D 389 -44.28 24.07 1.23
C LYS D 389 -43.93 23.61 2.64
N LEU D 390 -43.05 22.63 2.73
CA LEU D 390 -42.66 22.07 4.02
C LEU D 390 -41.16 22.07 4.26
N SER D 391 -40.36 21.71 3.26
CA SER D 391 -38.91 21.75 3.40
C SER D 391 -38.36 23.09 2.91
N SER D 392 -37.16 23.42 3.37
CA SER D 392 -36.54 24.71 3.09
C SER D 392 -35.05 24.55 2.87
N PHE D 393 -34.67 23.51 2.10
CA PHE D 393 -33.25 23.20 1.93
C PHE D 393 -32.58 24.18 0.98
N ASN D 394 -33.25 24.53 -0.12
CA ASN D 394 -32.64 25.34 -1.18
C ASN D 394 -33.18 26.76 -1.22
N GLU D 395 -33.95 27.18 -0.21
CA GLU D 395 -34.57 28.50 -0.25
C GLU D 395 -33.56 29.63 -0.26
N GLU D 396 -32.36 29.41 0.27
CA GLU D 396 -31.36 30.47 0.32
C GLU D 396 -30.65 30.69 -1.01
N ILE D 397 -30.66 29.71 -1.91
CA ILE D 397 -30.07 29.90 -3.23
C ILE D 397 -30.79 31.01 -3.97
N ASN D 398 -32.11 31.01 -3.93
CA ASN D 398 -32.89 32.02 -4.63
C ASN D 398 -32.86 33.37 -3.91
N LYS D 399 -32.50 33.41 -2.64
CA LYS D 399 -32.40 34.65 -1.89
C LYS D 399 -30.97 35.14 -1.76
N LYS D 400 -29.98 34.34 -2.16
CA LYS D 400 -28.59 34.78 -2.21
C LYS D 400 -28.13 35.11 -3.62
N TYR D 401 -28.72 34.46 -4.63
CA TYR D 401 -28.29 34.63 -6.01
C TYR D 401 -29.40 35.23 -6.85
N LYS D 402 -29.00 35.98 -7.88
CA LYS D 402 -29.94 36.63 -8.80
C LYS D 402 -30.37 35.61 -9.86
N ILE D 403 -31.64 35.24 -9.83
CA ILE D 403 -32.20 34.27 -10.76
C ILE D 403 -33.12 35.00 -11.72
N SER D 404 -32.98 34.71 -13.01
CA SER D 404 -33.84 35.27 -14.05
C SER D 404 -34.88 34.22 -14.43
N LYS D 405 -36.14 34.48 -14.10
CA LYS D 405 -37.18 33.50 -14.31
C LYS D 405 -37.72 33.56 -15.74
N PRO D 406 -38.09 32.42 -16.30
CA PRO D 406 -38.48 32.39 -17.73
C PRO D 406 -39.79 33.09 -17.99
N GLU D 407 -39.82 33.87 -19.06
CA GLU D 407 -41.08 34.37 -19.60
C GLU D 407 -41.72 33.28 -20.45
N VAL D 408 -42.96 32.93 -20.12
CA VAL D 408 -43.68 31.83 -20.77
C VAL D 408 -44.78 32.42 -21.64
N PHE D 409 -44.99 31.81 -22.81
CA PHE D 409 -46.01 32.27 -23.73
C PHE D 409 -46.40 31.12 -24.65
N ASP D 410 -47.57 31.26 -25.27
CA ASP D 410 -48.01 30.30 -26.27
C ASP D 410 -47.29 30.56 -27.59
N PHE D 411 -47.01 29.49 -28.32
CA PHE D 411 -46.34 29.60 -29.61
C PHE D 411 -46.99 28.65 -30.61
N ILE D 412 -47.40 29.19 -31.75
CA ILE D 412 -48.07 28.43 -32.80
C ILE D 412 -47.06 28.17 -33.92
N THR D 413 -46.97 26.91 -34.34
CA THR D 413 -46.07 26.53 -35.43
C THR D 413 -46.48 25.16 -35.95
N ASN D 414 -46.59 25.05 -37.27
CA ASN D 414 -46.94 23.79 -37.94
C ASN D 414 -48.27 23.23 -37.45
N GLY D 415 -49.26 24.12 -37.32
CA GLY D 415 -50.62 23.68 -37.05
C GLY D 415 -50.93 23.29 -35.63
N ASP D 416 -50.05 23.59 -34.69
CA ASP D 416 -50.30 23.32 -33.27
C ASP D 416 -49.73 24.46 -32.44
N THR D 417 -50.14 24.53 -31.18
CA THR D 417 -49.67 25.55 -30.26
C THR D 417 -48.97 24.88 -29.08
N THR D 418 -47.68 25.17 -28.93
CA THR D 418 -46.87 24.65 -27.84
C THR D 418 -46.37 25.82 -27.00
N LYS D 419 -45.46 25.53 -26.07
CA LYS D 419 -44.91 26.54 -25.18
C LYS D 419 -43.59 27.09 -25.72
N GLY D 420 -43.36 28.37 -25.45
CA GLY D 420 -42.11 29.03 -25.79
C GLY D 420 -41.57 29.81 -24.60
N PHE D 421 -40.28 29.67 -24.31
CA PHE D 421 -39.69 30.25 -23.12
C PHE D 421 -38.56 31.20 -23.49
N VAL D 422 -38.47 32.30 -22.75
CA VAL D 422 -37.37 33.26 -22.89
C VAL D 422 -36.91 33.67 -21.50
N ILE D 423 -35.61 33.57 -21.25
CA ILE D 423 -35.02 34.00 -19.99
C ILE D 423 -34.21 35.27 -20.27
N TYR D 424 -34.60 36.36 -19.62
CA TYR D 424 -33.92 37.62 -19.82
C TYR D 424 -32.54 37.58 -19.16
N PRO D 425 -31.57 38.32 -19.70
CA PRO D 425 -30.25 38.38 -19.06
C PRO D 425 -30.33 39.04 -17.69
N ILE D 426 -29.27 38.82 -16.90
CA ILE D 426 -29.19 39.43 -15.59
C ILE D 426 -28.89 40.92 -15.73
N ASP D 427 -29.58 41.73 -14.92
CA ASP D 427 -29.48 43.19 -14.99
C ASP D 427 -29.88 43.68 -16.38
N TYR D 428 -31.12 43.35 -16.75
CA TYR D 428 -31.61 43.53 -18.10
C TYR D 428 -31.95 44.99 -18.40
N ASP D 429 -31.88 45.34 -19.68
CA ASP D 429 -32.16 46.70 -20.14
C ASP D 429 -32.60 46.62 -21.59
N LYS D 430 -33.85 46.98 -21.86
CA LYS D 430 -34.37 46.91 -23.23
C LYS D 430 -33.72 47.92 -24.16
N ASN D 431 -32.91 48.84 -23.63
CA ASN D 431 -32.20 49.80 -24.48
C ASN D 431 -30.93 49.21 -25.05
N LYS D 432 -30.27 48.30 -24.34
CA LYS D 432 -29.06 47.66 -24.80
C LYS D 432 -29.38 46.33 -25.47
N THR D 433 -28.50 45.91 -26.37
CA THR D 433 -28.65 44.65 -27.10
C THR D 433 -27.79 43.56 -26.45
N TYR D 434 -28.21 42.32 -26.64
CA TYR D 434 -27.63 41.20 -25.91
C TYR D 434 -27.45 39.99 -26.81
N PRO D 435 -26.49 39.12 -26.49
CA PRO D 435 -26.39 37.83 -27.18
C PRO D 435 -27.42 36.84 -26.62
N ALA D 436 -27.57 35.72 -27.33
CA ALA D 436 -28.58 34.73 -26.97
C ALA D 436 -28.06 33.33 -27.22
N ILE D 437 -28.71 32.36 -26.58
CA ILE D 437 -28.40 30.94 -26.73
C ILE D 437 -29.72 30.19 -26.85
N LEU D 438 -29.87 29.41 -27.92
CA LEU D 438 -31.03 28.55 -28.09
C LEU D 438 -30.72 27.18 -27.51
N ASP D 439 -31.44 26.80 -26.46
CA ASP D 439 -31.29 25.49 -25.84
C ASP D 439 -32.36 24.54 -26.37
N ILE D 440 -31.96 23.31 -26.64
CA ILE D 440 -32.83 22.29 -27.24
C ILE D 440 -32.85 21.11 -26.28
N HIS D 441 -34.02 20.82 -25.71
CA HIS D 441 -34.09 19.73 -24.73
C HIS D 441 -33.80 18.41 -25.41
N GLY D 442 -32.91 17.63 -24.81
CA GLY D 442 -32.25 16.55 -25.50
C GLY D 442 -33.02 15.25 -25.56
N GLY D 443 -34.08 15.10 -24.80
CA GLY D 443 -34.93 13.96 -24.96
C GLY D 443 -35.63 14.05 -26.30
N PRO D 444 -35.72 12.92 -27.03
CA PRO D 444 -36.52 12.94 -28.26
C PRO D 444 -37.96 13.32 -27.98
N LYS D 445 -38.52 12.80 -26.89
CA LYS D 445 -39.89 13.09 -26.47
C LYS D 445 -39.87 13.47 -24.99
N THR D 446 -39.28 14.64 -24.70
CA THR D 446 -39.31 15.19 -23.35
C THR D 446 -39.83 16.63 -23.39
N VAL D 447 -39.64 17.38 -22.31
CA VAL D 447 -40.30 18.67 -22.15
C VAL D 447 -39.37 19.64 -21.43
N TYR D 448 -39.31 20.87 -21.93
CA TYR D 448 -38.78 22.01 -21.20
C TYR D 448 -39.91 22.70 -20.46
N GLY D 449 -39.68 23.05 -19.19
CA GLY D 449 -40.71 23.64 -18.36
C GLY D 449 -40.20 24.86 -17.61
N ASP D 450 -41.13 25.49 -16.89
CA ASP D 450 -40.82 26.60 -16.00
C ASP D 450 -40.13 26.08 -14.75
N VAL D 451 -39.04 25.35 -14.93
CA VAL D 451 -38.37 24.63 -13.86
C VAL D 451 -36.90 25.02 -13.85
N TYR D 452 -36.38 25.26 -12.65
CA TYR D 452 -34.99 25.68 -12.45
C TYR D 452 -34.02 24.80 -13.23
N TYR D 453 -33.27 25.42 -14.14
CA TYR D 453 -32.24 24.74 -14.93
C TYR D 453 -30.94 25.51 -14.75
N HIS D 454 -29.96 24.88 -14.11
CA HIS D 454 -28.77 25.59 -13.65
C HIS D 454 -27.94 26.13 -14.82
N GLU D 455 -27.78 25.33 -15.87
CA GLU D 455 -26.94 25.78 -16.99
C GLU D 455 -27.54 26.98 -17.70
N MET D 456 -28.87 27.08 -17.74
CA MET D 456 -29.50 28.25 -18.33
C MET D 456 -29.31 29.48 -17.44
N GLN D 457 -29.37 29.29 -16.12
CA GLN D 457 -29.19 30.42 -15.21
C GLN D 457 -27.75 30.89 -15.19
N VAL D 458 -26.79 29.99 -15.38
CA VAL D 458 -25.38 30.39 -15.43
C VAL D 458 -25.17 31.36 -16.59
N TRP D 459 -25.64 31.00 -17.78
CA TRP D 459 -25.50 31.87 -18.94
C TRP D 459 -26.34 33.13 -18.80
N ALA D 460 -27.47 33.06 -18.07
CA ALA D 460 -28.25 34.25 -17.80
C ALA D 460 -27.49 35.23 -16.92
N ASN D 461 -26.66 34.72 -16.00
CA ASN D 461 -25.90 35.55 -15.08
C ASN D 461 -24.63 36.12 -15.72
N MET D 462 -24.37 35.84 -16.99
CA MET D 462 -23.20 36.37 -17.68
C MET D 462 -23.57 37.25 -18.87
N GLY D 463 -24.83 37.63 -19.00
CA GLY D 463 -25.25 38.55 -20.03
C GLY D 463 -25.87 37.94 -21.27
N TYR D 464 -26.48 36.77 -21.16
CA TYR D 464 -27.08 36.10 -22.30
C TYR D 464 -28.59 36.00 -22.15
N PHE D 465 -29.29 36.06 -23.28
CA PHE D 465 -30.62 35.51 -23.37
C PHE D 465 -30.51 34.00 -23.51
N VAL D 466 -31.41 33.27 -22.85
CA VAL D 466 -31.48 31.82 -22.97
C VAL D 466 -32.90 31.46 -23.36
N ILE D 467 -33.07 30.95 -24.57
CA ILE D 467 -34.39 30.68 -25.14
C ILE D 467 -34.51 29.20 -25.45
N PHE D 468 -35.74 28.70 -25.40
CA PHE D 468 -36.01 27.29 -25.63
C PHE D 468 -37.51 27.10 -25.80
N THR D 469 -37.88 25.99 -26.46
CA THR D 469 -39.27 25.71 -26.77
C THR D 469 -39.49 24.20 -26.80
N ASN D 470 -40.74 23.81 -27.00
CA ASN D 470 -41.15 22.40 -27.08
C ASN D 470 -41.64 22.10 -28.50
N PRO D 471 -40.77 21.65 -29.38
CA PRO D 471 -41.15 21.44 -30.78
C PRO D 471 -41.97 20.16 -30.95
N HIS D 472 -42.38 19.92 -32.19
CA HIS D 472 -43.02 18.66 -32.53
C HIS D 472 -42.07 17.50 -32.24
N GLY D 473 -42.61 16.43 -31.67
CA GLY D 473 -41.81 15.35 -31.14
C GLY D 473 -41.64 15.38 -29.64
N SER D 474 -41.94 16.50 -29.00
CA SER D 474 -41.85 16.63 -27.55
C SER D 474 -43.01 15.89 -26.88
N ASP D 475 -42.87 15.71 -25.56
CA ASP D 475 -43.92 15.12 -24.76
C ASP D 475 -45.03 16.13 -24.49
N GLY D 476 -46.18 15.63 -24.03
CA GLY D 476 -47.22 16.50 -23.55
C GLY D 476 -48.52 16.48 -24.33
N TYR D 477 -48.45 16.51 -25.66
CA TYR D 477 -49.63 16.67 -26.49
C TYR D 477 -50.02 15.40 -27.23
N GLY D 478 -49.70 14.24 -26.65
CA GLY D 478 -50.17 12.98 -27.18
C GLY D 478 -49.25 12.37 -28.21
N ASN D 479 -49.68 11.21 -28.73
CA ASN D 479 -48.93 10.54 -29.79
C ASN D 479 -48.83 11.41 -31.04
N LYS D 480 -49.93 12.11 -31.37
CA LYS D 480 -49.99 12.87 -32.61
C LYS D 480 -48.89 13.93 -32.66
N PHE D 481 -48.81 14.77 -31.63
CA PHE D 481 -47.82 15.85 -31.62
C PHE D 481 -46.39 15.33 -31.47
N ALA D 482 -46.23 14.18 -30.82
CA ALA D 482 -44.91 13.64 -30.55
C ALA D 482 -44.41 12.67 -31.63
N ASP D 483 -45.21 12.45 -32.68
CA ASP D 483 -44.86 11.49 -33.73
C ASP D 483 -44.13 12.22 -34.84
N ILE D 484 -42.81 12.05 -34.91
CA ILE D 484 -42.01 12.60 -35.99
C ILE D 484 -41.16 11.48 -36.59
N ARG D 485 -41.67 10.26 -36.52
CA ARG D 485 -40.97 9.11 -37.09
C ARG D 485 -40.82 9.30 -38.60
N GLY D 486 -39.57 9.28 -39.08
CA GLY D 486 -39.30 9.58 -40.47
C GLY D 486 -39.37 11.05 -40.82
N LYS D 487 -39.59 11.93 -39.85
CA LYS D 487 -39.64 13.37 -40.07
C LYS D 487 -38.52 14.10 -39.33
N TYR D 488 -37.49 13.37 -38.90
CA TYR D 488 -36.40 13.97 -38.15
C TYR D 488 -35.67 15.00 -39.01
N GLY D 489 -35.66 16.25 -38.54
CA GLY D 489 -35.02 17.34 -39.26
C GLY D 489 -35.94 18.15 -40.14
N THR D 490 -37.23 17.80 -40.20
CA THR D 490 -38.17 18.53 -41.05
C THR D 490 -39.04 19.47 -40.21
N ILE D 491 -40.13 18.95 -39.64
CA ILE D 491 -41.02 19.81 -38.86
C ILE D 491 -40.38 20.17 -37.52
N ASP D 492 -39.62 19.26 -36.93
CA ASP D 492 -38.96 19.56 -35.65
C ASP D 492 -37.94 20.67 -35.82
N TYR D 493 -37.09 20.57 -36.85
CA TYR D 493 -36.15 21.64 -37.15
C TYR D 493 -36.88 22.93 -37.54
N GLU D 494 -38.02 22.81 -38.20
CA GLU D 494 -38.81 23.99 -38.54
C GLU D 494 -39.35 24.67 -37.29
N ASP D 495 -39.84 23.88 -36.33
CA ASP D 495 -40.39 24.45 -35.09
C ASP D 495 -39.35 25.29 -34.37
N LEU D 496 -38.14 24.76 -34.21
CA LEU D 496 -37.10 25.48 -33.49
C LEU D 496 -36.65 26.72 -34.25
N MET D 497 -36.54 26.63 -35.57
CA MET D 497 -36.15 27.79 -36.36
C MET D 497 -37.25 28.84 -36.39
N ASN D 498 -38.51 28.40 -36.48
CA ASN D 498 -39.62 29.33 -36.38
C ASN D 498 -39.63 30.02 -35.02
N PHE D 499 -39.37 29.25 -33.95
CA PHE D 499 -39.32 29.85 -32.62
C PHE D 499 -38.14 30.79 -32.47
N THR D 500 -37.02 30.50 -33.14
CA THR D 500 -35.86 31.38 -33.06
C THR D 500 -36.13 32.70 -33.78
N ASP D 501 -36.83 32.67 -34.90
CA ASP D 501 -37.17 33.89 -35.62
C ASP D 501 -38.08 34.79 -34.78
N TYR D 502 -39.12 34.20 -34.19
CA TYR D 502 -40.06 34.98 -33.39
C TYR D 502 -39.37 35.69 -32.24
N VAL D 503 -38.42 35.02 -31.58
CA VAL D 503 -37.71 35.63 -30.47
C VAL D 503 -36.82 36.76 -30.96
N LEU D 504 -36.18 36.58 -32.12
CA LEU D 504 -35.20 37.54 -32.60
C LEU D 504 -35.82 38.87 -33.01
N GLU D 505 -37.15 38.93 -33.18
CA GLU D 505 -37.83 40.18 -33.47
C GLU D 505 -38.41 40.84 -32.22
N LYS D 506 -39.05 40.05 -31.35
CA LYS D 506 -39.63 40.62 -30.14
C LYS D 506 -38.55 41.10 -29.17
N TYR D 507 -37.51 40.31 -28.98
CA TYR D 507 -36.55 40.60 -27.92
C TYR D 507 -35.29 41.24 -28.50
N PRO D 508 -34.70 42.20 -27.77
CA PRO D 508 -33.51 42.91 -28.30
C PRO D 508 -32.27 42.03 -28.30
N ILE D 509 -32.18 41.14 -29.29
CA ILE D 509 -31.08 40.19 -29.41
C ILE D 509 -30.23 40.58 -30.60
N ASP D 510 -28.93 40.74 -30.38
CA ASP D 510 -27.98 40.87 -31.47
C ASP D 510 -28.00 39.58 -32.28
N LYS D 511 -28.48 39.66 -33.53
CA LYS D 511 -28.62 38.47 -34.36
C LYS D 511 -27.28 37.89 -34.78
N SER D 512 -26.17 38.59 -34.55
CA SER D 512 -24.86 38.12 -34.94
C SER D 512 -24.17 37.29 -33.85
N ARG D 513 -24.76 37.21 -32.65
CA ARG D 513 -24.17 36.48 -31.52
C ARG D 513 -25.24 35.57 -30.92
N VAL D 514 -25.61 34.53 -31.67
CA VAL D 514 -26.63 33.58 -31.25
C VAL D 514 -26.04 32.18 -31.29
N GLY D 515 -25.98 31.53 -30.13
CA GLY D 515 -25.49 30.18 -30.05
C GLY D 515 -26.62 29.17 -29.95
N VAL D 516 -26.29 27.91 -30.27
CA VAL D 516 -27.22 26.80 -30.20
C VAL D 516 -26.52 25.63 -29.51
N THR D 517 -27.26 24.93 -28.65
CA THR D 517 -26.69 23.79 -27.96
C THR D 517 -27.81 22.87 -27.49
N GLY D 518 -27.49 21.59 -27.37
CA GLY D 518 -28.41 20.59 -26.88
C GLY D 518 -27.74 19.23 -26.75
N GLY D 519 -28.23 18.40 -25.83
CA GLY D 519 -27.72 17.05 -25.68
C GLY D 519 -28.60 16.03 -26.39
N SER D 520 -28.11 14.80 -26.45
CA SER D 520 -28.82 13.66 -27.05
C SER D 520 -29.52 14.05 -28.35
N TYR D 521 -30.86 14.07 -28.34
CA TYR D 521 -31.60 14.52 -29.52
C TYR D 521 -31.25 15.96 -29.87
N GLY D 522 -31.15 16.83 -28.87
CA GLY D 522 -30.71 18.19 -29.12
C GLY D 522 -29.32 18.26 -29.71
N GLY D 523 -28.45 17.32 -29.33
CA GLY D 523 -27.15 17.24 -29.96
C GLY D 523 -27.25 16.84 -31.42
N TYR D 524 -28.14 15.89 -31.72
CA TYR D 524 -28.49 15.62 -33.12
C TYR D 524 -29.01 16.88 -33.79
N MET D 525 -29.95 17.56 -33.12
CA MET D 525 -30.50 18.79 -33.67
C MET D 525 -29.44 19.86 -33.83
N THR D 526 -28.46 19.91 -32.91
CA THR D 526 -27.35 20.84 -33.06
C THR D 526 -26.50 20.48 -34.28
N ASN D 527 -26.20 19.20 -34.44
CA ASN D 527 -25.46 18.75 -35.63
C ASN D 527 -26.27 19.00 -36.90
N TRP D 528 -27.59 18.82 -36.84
CA TRP D 528 -28.44 19.04 -38.01
C TRP D 528 -28.52 20.54 -38.34
N ILE D 529 -28.58 21.39 -37.32
CA ILE D 529 -28.79 22.82 -37.55
C ILE D 529 -27.58 23.43 -38.25
N ILE D 530 -26.38 23.13 -37.76
CA ILE D 530 -25.18 23.71 -38.34
C ILE D 530 -24.98 23.27 -39.78
N GLY D 531 -25.54 22.13 -40.16
CA GLY D 531 -25.47 21.67 -41.53
C GLY D 531 -26.56 22.18 -42.44
N HIS D 532 -27.52 22.95 -41.91
CA HIS D 532 -28.62 23.45 -42.71
C HIS D 532 -28.84 24.96 -42.59
N THR D 533 -28.18 25.63 -41.66
CA THR D 533 -28.27 27.07 -41.56
C THR D 533 -26.94 27.63 -41.07
N ASP D 534 -26.69 28.90 -41.39
CA ASP D 534 -25.52 29.62 -40.94
C ASP D 534 -25.89 30.73 -39.94
N ARG D 535 -27.05 30.62 -39.31
CA ARG D 535 -27.57 31.69 -38.47
C ARG D 535 -27.02 31.67 -37.04
N PHE D 536 -26.29 30.64 -36.65
CA PHE D 536 -25.67 30.57 -35.34
C PHE D 536 -24.17 30.74 -35.47
N LYS D 537 -23.61 31.66 -34.69
CA LYS D 537 -22.17 31.94 -34.80
C LYS D 537 -21.34 30.83 -34.17
N CYS D 538 -21.88 30.13 -33.18
CA CYS D 538 -21.18 29.01 -32.58
C CYS D 538 -22.20 28.01 -32.05
N ALA D 539 -21.76 26.78 -31.85
CA ALA D 539 -22.63 25.69 -31.42
C ALA D 539 -21.89 24.81 -30.44
N ALA D 540 -22.66 24.01 -29.69
CA ALA D 540 -22.11 23.11 -28.66
C ALA D 540 -22.92 21.82 -28.69
N SER D 541 -22.47 20.88 -29.52
CA SER D 541 -23.10 19.57 -29.59
C SER D 541 -22.60 18.69 -28.44
N GLN D 542 -23.52 17.98 -27.80
CA GLN D 542 -23.17 17.13 -26.67
C GLN D 542 -23.95 15.83 -26.73
N ARG D 543 -23.29 14.74 -26.30
CA ARG D 543 -23.85 13.38 -26.27
C ARG D 543 -24.77 13.12 -27.47
N SER D 544 -24.24 13.42 -28.66
CA SER D 544 -25.06 13.67 -29.83
C SER D 544 -25.08 12.48 -30.79
N ILE D 545 -25.92 12.61 -31.81
CA ILE D 545 -26.03 11.65 -32.91
C ILE D 545 -25.49 12.32 -34.17
N SER D 546 -24.96 11.51 -35.08
CA SER D 546 -24.37 12.06 -36.30
C SER D 546 -24.52 11.13 -37.50
N ASN D 547 -24.36 9.83 -37.28
CA ASN D 547 -24.39 8.84 -38.35
C ASN D 547 -25.36 7.74 -37.93
N TRP D 548 -26.60 7.81 -38.44
CA TRP D 548 -27.65 6.91 -37.99
C TRP D 548 -27.30 5.45 -38.27
N ILE D 549 -26.55 5.17 -39.33
CA ILE D 549 -26.27 3.77 -39.67
C ILE D 549 -25.20 3.19 -38.75
N SER D 550 -24.28 4.01 -38.26
CA SER D 550 -23.27 3.53 -37.31
C SER D 550 -23.77 3.53 -35.87
N LYS D 551 -24.63 4.48 -35.52
CA LYS D 551 -25.33 4.40 -34.24
C LYS D 551 -26.20 3.16 -34.17
N PHE D 552 -26.67 2.67 -35.33
CA PHE D 552 -27.50 1.47 -35.37
C PHE D 552 -26.78 0.29 -34.73
N GLY D 553 -25.54 0.06 -35.11
CA GLY D 553 -24.79 -1.10 -34.68
C GLY D 553 -23.87 -0.91 -33.49
N THR D 554 -23.92 0.24 -32.82
CA THR D 554 -23.04 0.49 -31.68
C THR D 554 -23.76 0.98 -30.43
N THR D 555 -25.06 1.25 -30.49
CA THR D 555 -25.80 1.86 -29.40
C THR D 555 -26.69 0.82 -28.72
N ASP D 556 -26.86 0.98 -27.39
CA ASP D 556 -27.59 -0.01 -26.61
C ASP D 556 -29.03 -0.17 -27.07
N ILE D 557 -29.61 0.88 -27.66
CA ILE D 557 -30.97 0.83 -28.21
C ILE D 557 -31.00 0.99 -29.72
N GLY D 558 -29.84 1.16 -30.36
CA GLY D 558 -29.82 1.62 -31.73
C GLY D 558 -30.50 0.70 -32.72
N TYR D 559 -30.38 -0.61 -32.52
CA TYR D 559 -30.83 -1.56 -33.54
C TYR D 559 -32.35 -1.61 -33.68
N TYR D 560 -33.09 -1.12 -32.69
CA TYR D 560 -34.55 -1.04 -32.79
C TYR D 560 -35.09 0.37 -32.70
N PHE D 561 -34.44 1.25 -31.94
CA PHE D 561 -34.93 2.63 -31.81
C PHE D 561 -34.73 3.40 -33.12
N ASN D 562 -33.55 3.30 -33.72
CA ASN D 562 -33.24 4.08 -34.92
C ASN D 562 -34.20 3.78 -36.06
N ALA D 563 -34.69 2.55 -36.14
CA ALA D 563 -35.66 2.21 -37.19
C ALA D 563 -37.03 2.78 -36.89
N ASP D 564 -37.44 2.78 -35.63
CA ASP D 564 -38.74 3.30 -35.24
C ASP D 564 -38.85 4.81 -35.45
N GLN D 565 -37.73 5.52 -35.50
CA GLN D 565 -37.73 6.97 -35.58
C GLN D 565 -37.40 7.51 -36.96
N ASN D 566 -36.87 6.68 -37.87
CA ASN D 566 -36.56 7.11 -39.21
C ASN D 566 -37.24 6.27 -40.28
N GLN D 567 -38.01 5.24 -39.89
CA GLN D 567 -38.68 4.34 -40.82
C GLN D 567 -37.71 3.75 -41.84
N ALA D 568 -36.43 3.70 -41.50
CA ALA D 568 -35.39 3.23 -42.40
C ALA D 568 -34.41 2.37 -41.61
N THR D 569 -33.39 1.88 -42.31
CA THR D 569 -32.50 0.85 -41.80
C THR D 569 -31.27 0.80 -42.72
N PRO D 570 -30.07 0.47 -42.21
CA PRO D 570 -28.88 0.41 -43.07
C PRO D 570 -29.06 -0.43 -44.33
N TRP D 571 -30.01 -1.37 -44.31
CA TRP D 571 -30.26 -2.22 -45.47
C TRP D 571 -31.65 -2.05 -46.07
N ILE D 572 -32.58 -1.41 -45.38
CA ILE D 572 -33.91 -1.16 -45.89
C ILE D 572 -34.06 0.36 -46.04
N ASN D 573 -34.03 0.84 -47.28
CA ASN D 573 -34.10 2.26 -47.61
C ASN D 573 -32.97 3.02 -46.91
N HIS D 574 -31.74 2.71 -47.36
CA HIS D 574 -30.55 3.31 -46.76
C HIS D 574 -30.52 4.82 -46.97
N ASP D 575 -31.00 5.28 -48.13
CA ASP D 575 -30.94 6.71 -48.45
C ASP D 575 -31.72 7.54 -47.45
N LYS D 576 -32.84 7.01 -46.93
CA LYS D 576 -33.63 7.76 -45.97
C LYS D 576 -32.91 7.87 -44.62
N LEU D 577 -32.42 6.74 -44.11
CA LEU D 577 -31.66 6.78 -42.86
C LEU D 577 -30.43 7.66 -43.01
N TRP D 578 -29.76 7.60 -44.16
CA TRP D 578 -28.66 8.51 -44.43
C TRP D 578 -29.15 9.95 -44.60
N TRP D 579 -30.40 10.13 -45.03
CA TRP D 579 -30.92 11.49 -45.22
C TRP D 579 -31.07 12.21 -43.88
N HIS D 580 -31.56 11.52 -42.85
CA HIS D 580 -31.73 12.11 -41.54
C HIS D 580 -30.44 12.13 -40.73
N SER D 581 -29.31 11.77 -41.35
CA SER D 581 -28.02 11.76 -40.64
C SER D 581 -27.35 13.11 -40.80
N PRO D 582 -27.06 13.83 -39.71
CA PRO D 582 -26.47 15.17 -39.84
C PRO D 582 -25.09 15.19 -40.48
N LEU D 583 -24.33 14.10 -40.39
CA LEU D 583 -23.00 14.08 -40.98
C LEU D 583 -23.06 14.18 -42.51
N LYS D 584 -24.19 13.86 -43.12
CA LYS D 584 -24.33 13.98 -44.56
C LYS D 584 -24.12 15.42 -45.03
N TYR D 585 -24.42 16.40 -44.17
CA TYR D 585 -24.31 17.80 -44.52
C TYR D 585 -23.13 18.50 -43.85
N ALA D 586 -22.26 17.75 -43.18
CA ALA D 586 -21.15 18.36 -42.45
C ALA D 586 -20.19 19.11 -43.37
N ASP D 587 -20.23 18.84 -44.68
CA ASP D 587 -19.45 19.61 -45.63
C ASP D 587 -20.06 20.96 -45.96
N LYS D 588 -21.27 21.25 -45.46
CA LYS D 588 -21.86 22.57 -45.58
C LYS D 588 -21.76 23.37 -44.28
N ALA D 589 -21.49 22.71 -43.16
CA ALA D 589 -21.45 23.38 -41.88
C ALA D 589 -20.25 24.32 -41.79
N LYS D 590 -20.51 25.60 -41.52
CA LYS D 590 -19.46 26.58 -41.32
C LYS D 590 -19.35 27.05 -39.87
N THR D 591 -20.31 26.69 -39.03
CA THR D 591 -20.37 27.20 -37.66
C THR D 591 -19.36 26.47 -36.79
N PRO D 592 -18.49 27.18 -36.08
CA PRO D 592 -17.60 26.53 -35.11
C PRO D 592 -18.40 25.81 -34.03
N THR D 593 -18.04 24.55 -33.77
CA THR D 593 -18.82 23.69 -32.90
C THR D 593 -17.92 23.04 -31.87
N LEU D 594 -18.35 23.05 -30.60
CA LEU D 594 -17.72 22.29 -29.54
C LEU D 594 -18.51 21.01 -29.30
N PHE D 595 -17.79 19.91 -29.13
CA PHE D 595 -18.40 18.59 -28.96
C PHE D 595 -18.13 18.09 -27.55
N ILE D 596 -19.20 17.85 -26.80
CA ILE D 596 -19.12 17.18 -25.50
C ILE D 596 -19.52 15.72 -25.70
N HIS D 597 -18.73 14.82 -25.13
CA HIS D 597 -19.07 13.40 -25.23
C HIS D 597 -18.36 12.65 -24.10
N SER D 598 -18.85 11.45 -23.84
CA SER D 598 -18.35 10.61 -22.76
C SER D 598 -17.94 9.25 -23.30
N GLU D 599 -16.98 8.63 -22.63
CA GLU D 599 -16.46 7.35 -23.10
C GLU D 599 -17.44 6.21 -22.84
N GLU D 600 -18.16 6.27 -21.72
CA GLU D 600 -19.13 5.25 -21.36
C GLU D 600 -20.56 5.66 -21.70
N ASP D 601 -20.73 6.61 -22.61
CA ASP D 601 -22.04 6.99 -23.12
C ASP D 601 -22.43 5.97 -24.18
N TYR D 602 -23.29 5.02 -23.80
CA TYR D 602 -23.74 3.97 -24.71
C TYR D 602 -25.14 4.22 -25.26
N ARG D 603 -25.80 5.31 -24.84
CA ARG D 603 -27.02 5.75 -25.48
C ARG D 603 -26.72 6.50 -26.78
N CYS D 604 -25.61 7.21 -26.83
CA CYS D 604 -25.09 7.82 -28.05
C CYS D 604 -23.59 7.57 -28.05
N TRP D 605 -23.14 6.58 -28.81
CA TRP D 605 -21.77 6.09 -28.73
C TRP D 605 -20.79 7.20 -29.12
N LEU D 606 -19.56 7.06 -28.61
CA LEU D 606 -18.52 8.05 -28.83
C LEU D 606 -18.25 8.29 -30.31
N ALA D 607 -18.46 7.26 -31.15
CA ALA D 607 -18.17 7.40 -32.58
C ALA D 607 -18.96 8.52 -33.21
N GLU D 608 -20.21 8.72 -32.76
CA GLU D 608 -21.05 9.78 -33.34
C GLU D 608 -20.42 11.16 -33.13
N GLY D 609 -19.78 11.38 -31.98
CA GLY D 609 -19.15 12.67 -31.74
C GLY D 609 -17.87 12.85 -32.54
N LEU D 610 -17.02 11.81 -32.59
CA LEU D 610 -15.76 11.92 -33.30
C LEU D 610 -15.97 12.20 -34.78
N GLN D 611 -17.04 11.64 -35.36
CA GLN D 611 -17.27 11.79 -36.80
C GLN D 611 -17.58 13.24 -37.16
N MET D 612 -18.51 13.87 -36.44
CA MET D 612 -18.85 15.27 -36.71
C MET D 612 -17.65 16.18 -36.46
N PHE D 613 -16.82 15.86 -35.46
CA PHE D 613 -15.63 16.66 -35.20
C PHE D 613 -14.61 16.50 -36.32
N THR D 614 -14.36 15.25 -36.74
CA THR D 614 -13.47 15.01 -37.87
C THR D 614 -14.05 15.62 -39.14
N ALA D 615 -15.37 15.56 -39.29
CA ALA D 615 -16.01 16.12 -40.48
C ALA D 615 -15.84 17.63 -40.57
N LEU D 616 -15.73 18.31 -39.43
CA LEU D 616 -15.55 19.75 -39.43
C LEU D 616 -14.10 20.13 -39.66
N LYS D 617 -13.18 19.50 -38.93
CA LYS D 617 -11.76 19.82 -39.09
C LYS D 617 -11.27 19.49 -40.49
N TYR D 618 -11.86 18.48 -41.12
CA TYR D 618 -11.48 18.13 -42.49
C TYR D 618 -11.82 19.24 -43.47
N HIS D 619 -12.86 20.02 -43.18
CA HIS D 619 -13.26 21.14 -44.03
C HIS D 619 -12.74 22.48 -43.52
N GLY D 620 -11.86 22.46 -42.51
CA GLY D 620 -11.21 23.67 -42.04
C GLY D 620 -11.99 24.49 -41.06
N ILE D 621 -13.13 24.02 -40.59
CA ILE D 621 -13.92 24.76 -39.61
C ILE D 621 -13.34 24.53 -38.22
N GLU D 622 -13.30 25.60 -37.42
CA GLU D 622 -12.82 25.47 -36.05
C GLU D 622 -13.74 24.58 -35.25
N ALA D 623 -13.16 23.64 -34.50
CA ALA D 623 -13.94 22.71 -33.70
C ALA D 623 -13.09 22.25 -32.53
N ARG D 624 -13.74 21.58 -31.58
CA ARG D 624 -13.09 21.13 -30.36
C ARG D 624 -13.96 20.07 -29.71
N LEU D 625 -13.33 18.96 -29.32
CA LEU D 625 -14.02 17.86 -28.65
C LEU D 625 -13.39 17.64 -27.28
N CYS D 626 -14.24 17.49 -26.27
CA CYS D 626 -13.80 17.16 -24.91
C CYS D 626 -14.42 15.83 -24.53
N MET D 627 -13.61 14.78 -24.52
CA MET D 627 -14.05 13.44 -24.16
C MET D 627 -13.94 13.28 -22.65
N PHE D 628 -15.01 12.77 -22.04
CA PHE D 628 -15.09 12.63 -20.58
C PHE D 628 -14.99 11.15 -20.21
N ARG D 629 -13.91 10.79 -19.54
CA ARG D 629 -13.71 9.43 -19.09
C ARG D 629 -14.57 9.15 -17.85
N GLY D 630 -14.99 7.89 -17.71
CA GLY D 630 -15.71 7.45 -16.54
C GLY D 630 -17.08 8.08 -16.36
N GLU D 631 -17.59 8.70 -17.41
CA GLU D 631 -18.93 9.29 -17.40
C GLU D 631 -19.72 8.75 -18.58
N ASN D 632 -21.01 9.02 -18.58
CA ASN D 632 -21.92 8.43 -19.57
C ASN D 632 -22.88 9.50 -20.05
N HIS D 633 -24.04 9.05 -20.56
CA HIS D 633 -25.02 9.94 -21.17
C HIS D 633 -25.66 10.89 -20.17
N GLU D 634 -25.60 10.59 -18.87
CA GLU D 634 -26.21 11.41 -17.84
C GLU D 634 -25.21 12.33 -17.16
N LEU D 635 -24.11 12.67 -17.85
CA LEU D 635 -23.09 13.51 -17.24
C LEU D 635 -23.64 14.88 -16.84
N SER D 636 -24.54 15.43 -17.65
CA SER D 636 -25.08 16.76 -17.36
C SER D 636 -25.90 16.77 -16.08
N ARG D 637 -26.49 15.64 -15.70
CA ARG D 637 -27.40 15.58 -14.57
C ARG D 637 -26.85 14.85 -13.36
N SER D 638 -26.08 13.78 -13.55
CA SER D 638 -25.63 12.96 -12.43
C SER D 638 -24.14 12.70 -12.40
N GLY D 639 -23.36 13.32 -13.28
CA GLY D 639 -21.93 13.06 -13.33
C GLY D 639 -21.21 13.53 -12.07
N LYS D 640 -19.96 13.10 -11.97
CA LYS D 640 -19.13 13.50 -10.84
C LYS D 640 -18.92 15.01 -10.85
N PRO D 641 -18.82 15.63 -9.66
CA PRO D 641 -18.83 17.11 -9.58
C PRO D 641 -17.82 17.80 -10.50
N LYS D 642 -16.54 17.45 -10.40
CA LYS D 642 -15.53 18.10 -11.22
C LYS D 642 -15.81 17.93 -12.70
N HIS D 643 -16.26 16.74 -13.12
CA HIS D 643 -16.57 16.51 -14.51
C HIS D 643 -17.78 17.33 -14.96
N ARG D 644 -18.73 17.57 -14.05
CA ARG D 644 -19.83 18.48 -14.37
C ARG D 644 -19.32 19.92 -14.52
N ILE D 645 -18.32 20.30 -13.74
CA ILE D 645 -17.74 21.64 -13.87
C ILE D 645 -17.03 21.77 -15.22
N ARG D 646 -16.25 20.76 -15.59
CA ARG D 646 -15.52 20.81 -16.85
C ARG D 646 -16.47 20.90 -18.04
N ARG D 647 -17.56 20.14 -18.00
CA ARG D 647 -18.55 20.20 -19.08
C ARG D 647 -19.16 21.59 -19.19
N LEU D 648 -19.54 22.17 -18.04
CA LEU D 648 -20.09 23.52 -18.05
C LEU D 648 -19.05 24.54 -18.50
N THR D 649 -17.81 24.41 -18.01
CA THR D 649 -16.77 25.37 -18.34
C THR D 649 -16.42 25.30 -19.82
N GLU D 650 -16.39 24.11 -20.40
CA GLU D 650 -16.09 23.96 -21.82
C GLU D 650 -17.16 24.62 -22.68
N ILE D 651 -18.43 24.32 -22.42
CA ILE D 651 -19.52 24.93 -23.18
C ILE D 651 -19.51 26.44 -22.99
N THR D 652 -19.30 26.90 -21.76
CA THR D 652 -19.34 28.33 -21.49
C THR D 652 -18.21 29.07 -22.17
N ASN D 653 -16.97 28.55 -22.05
CA ASN D 653 -15.84 29.19 -22.71
C ASN D 653 -16.01 29.20 -24.22
N TRP D 654 -16.74 28.23 -24.77
CA TRP D 654 -17.03 28.22 -26.21
C TRP D 654 -17.95 29.37 -26.58
N PHE D 655 -19.01 29.58 -25.78
CA PHE D 655 -19.90 30.71 -26.02
C PHE D 655 -19.18 32.03 -25.81
N GLU D 656 -18.37 32.13 -24.76
CA GLU D 656 -17.71 33.38 -24.44
C GLU D 656 -16.70 33.77 -25.51
N LYS D 657 -16.08 32.79 -26.17
CA LYS D 657 -15.09 33.11 -27.20
C LYS D 657 -15.73 33.77 -28.40
N TYR D 658 -16.85 33.23 -28.88
CA TYR D 658 -17.44 33.69 -30.13
C TYR D 658 -18.58 34.69 -29.95
N LEU D 659 -19.26 34.70 -28.81
CA LEU D 659 -20.47 35.50 -28.64
C LEU D 659 -20.26 36.78 -27.85
N LYS D 660 -19.05 37.04 -27.35
CA LYS D 660 -18.81 38.25 -26.58
C LYS D 660 -17.86 39.20 -27.31
#